data_9KXY
#
_entry.id   9KXY
#
_cell.length_a   1.00
_cell.length_b   1.00
_cell.length_c   1.00
_cell.angle_alpha   90.00
_cell.angle_beta   90.00
_cell.angle_gamma   90.00
#
_symmetry.space_group_name_H-M   'P 1'
#
loop_
_entity.id
_entity.type
_entity.pdbx_description
1 polymer 'Sodium-dependent neutral amino acid transporter B(0)AT1'
2 polymer 'Angiotensin-converting enzyme 2'
3 branched 2-acetamido-2-deoxy-beta-D-glucopyranose-(1-4)-2-acetamido-2-deoxy-beta-D-glucopyranose
4 non-polymer 3-(3-bromophenyl)-~{N}-ethyl-propanamide
5 water water
#
loop_
_entity_poly.entity_id
_entity_poly.type
_entity_poly.pdbx_seq_one_letter_code
_entity_poly.pdbx_strand_id
1 'polypeptide(L)'
;MADYKDDDDKSGPDEVDASGRVRLVLPNPGLDARIPSLAELETIEQEEASSRPKWDNKAQYMLTCLGFCVGLGNVWRFPY
LCQSHGGGAFMIPFLILLVLEGIPLLYLEFAIGQRLRRGSLGVWSSIHPALKGLGLASMLTSFMVGLYYNTIISWIMWYL
FNSFQEPLPWSDCPLNENQTGYVDECARSSPVDYFWYRETLNISTSISDSGSIQWWMLLCLACAWSVLYMCTIRGIETTG
KAVYITSTLPYVVLTIFLIRGLTLKGATNGIVFLFTPNVTELAQPDTWLDAGAQVFFSFSLAFGGLISFSSYNSVHNNCE
KDSVIVSIINGFTSVYVAIVVYSVIGFRATQRYDDCFSTNILTLINGFDLPEGNVTQENFVDMQQRCNASDPAAYAQLVF
QTCDINAFLSEAVEGTGLAFIVFTEAITKMPLSPLWSVLFFIMLFCLGLSSMFGNMEGVVVPLQDLRVIPPKWPKEVLTG
LICLGTFLIGFIFTLNSGQYWLSLLDSYAGSIPLLIIAFCEMFSVVYVYGVDRFNKDIEFMIGHKPNIFWQVTWRVVSPL
LMLIIFLFFFVVEVSQELTYSIWDPGYEEFPKSQKISYPNWVYVVVVIVAGVPSLTIPGYAIYKLIRNHCQKPGDHQGLV
STLSTASMNGDLKY
;
A,C
2 'polypeptide(L)'
;MRSSSSWLLLSLVAVTAAQSTIEEQAKTFLDKFNHEAEDLFYQSSLASWNYNTNITEENVQNMNNAGDKWSAFLKEQSTL
AQMYPLQEIQNLTVKLQLQALQQNGSSVLSEDKSKRLNTILNTMSTIYSTGKVCNPDNPQECLLLEPGLNEIMANSLDYN
ERLWAWESWRSEVGKQLRPLYEEYVVLKNEMARANHYEDYGDYWRGDYEVNGVDGYDYSRGQLIEDVEHTFEEIKPLYEH
LHAYVRAKLMNAYPSYISPIGCLPAHLLGDMWGRFWTNLYSLTVPFGQKPNIDVTDAMVDQAWDAQRIFKEAEKFFVSVG
LPNMTQGFWENSMLTDPGNVQKAVCHPTAWDLGKGDFRILMCTKVTMDDFLTAHHEMGHIQYDMAYAAQPFLLRNGANEG
FHEAVGEIMSLSAATPKHLKSIGLLSPDFQEDNETEINFLLKQALTIVGTLPFTYMLEKWRWMVFKGEIPKDQWMKKWWE
MKREIVGVVEPVPHDETYCDPASLFHVSNDYSFIRYYTRTLYQFQFQEALCQAAKHEGPLHKCDISNSTEAGQKLFNMLR
LGKSEPWTLALENVVGAKNMNVRPLLNYFEPLFTWLKDQNKNSFVGWSTDWSPYADQSIKVRISLKSALGDKAYEWNDNE
MYLFRSSVAYAMRQYFLKVKNQMILFGEEDVRVANLKPRISFNFFVTAPKNVSDIIPRTEVEKAIRMSRSRINDAFRLND
NSLEFLGIQPTLGPPNQPPVSIWLIVFGVVMGVIVVGIVILIFTGIRDRKKKNKARSGENPYASIDISKGENNPGFQNTD
DVQTSF
;
B,D
#
# COMPACT_ATOMS: atom_id res chain seq x y z
N VAL A 25 -32.55 -81.99 -19.71
CA VAL A 25 -32.57 -82.99 -18.58
C VAL A 25 -34.03 -83.22 -18.12
N LEU A 26 -34.77 -82.14 -17.89
CA LEU A 26 -36.25 -82.15 -17.63
C LEU A 26 -37.00 -82.30 -18.97
N PRO A 27 -38.30 -82.71 -18.99
CA PRO A 27 -39.06 -82.87 -20.25
C PRO A 27 -39.08 -81.62 -21.16
N ASN A 28 -38.50 -81.76 -22.37
CA ASN A 28 -38.47 -80.75 -23.47
C ASN A 28 -38.77 -81.47 -24.79
N PRO A 29 -40.04 -81.93 -25.02
CA PRO A 29 -40.40 -82.68 -26.24
C PRO A 29 -40.64 -81.74 -27.44
N GLY A 30 -39.88 -81.94 -28.53
CA GLY A 30 -39.97 -81.19 -29.78
C GLY A 30 -39.07 -79.97 -29.79
N LEU A 31 -37.87 -80.08 -29.24
CA LEU A 31 -36.87 -78.98 -29.27
C LEU A 31 -36.52 -78.68 -30.73
N ASP A 32 -36.49 -79.70 -31.59
CA ASP A 32 -36.27 -79.53 -33.04
C ASP A 32 -37.52 -78.92 -33.65
N ALA A 33 -37.48 -78.57 -34.95
CA ALA A 33 -38.52 -77.79 -35.64
C ALA A 33 -38.82 -76.51 -34.82
N ARG A 34 -37.80 -75.98 -34.15
CA ARG A 34 -37.95 -74.77 -33.29
C ARG A 34 -36.56 -74.13 -33.16
N ILE A 35 -35.52 -74.96 -33.04
CA ILE A 35 -34.12 -74.46 -32.97
C ILE A 35 -33.43 -74.83 -34.28
N PRO A 36 -32.57 -73.94 -34.86
CA PRO A 36 -31.76 -74.29 -36.04
C PRO A 36 -30.99 -75.59 -35.79
N SER A 37 -31.01 -76.53 -36.73
CA SER A 37 -30.18 -77.77 -36.70
C SER A 37 -28.72 -77.40 -36.98
N LEU A 38 -27.76 -78.09 -36.35
CA LEU A 38 -26.29 -77.86 -36.49
C LEU A 38 -25.86 -78.08 -37.96
N ALA A 39 -26.42 -79.09 -38.64
CA ALA A 39 -26.24 -79.35 -40.09
C ALA A 39 -26.66 -78.14 -40.95
N GLU A 40 -27.77 -77.47 -40.60
CA GLU A 40 -28.30 -76.27 -41.32
C GLU A 40 -27.50 -74.99 -40.98
N LEU A 41 -26.86 -74.89 -39.81
CA LEU A 41 -26.17 -73.65 -39.31
C LEU A 41 -25.07 -73.18 -40.27
N GLU A 42 -24.36 -74.08 -40.94
CA GLU A 42 -23.38 -73.73 -42.02
C GLU A 42 -24.14 -73.08 -43.19
N THR A 43 -25.29 -73.66 -43.58
CA THR A 43 -26.13 -73.20 -44.72
C THR A 43 -27.04 -72.01 -44.35
N ILE A 44 -27.07 -71.51 -43.09
CA ILE A 44 -27.92 -70.35 -42.64
C ILE A 44 -27.10 -69.03 -42.57
N GLU A 45 -25.82 -69.00 -42.97
CA GLU A 45 -24.87 -67.85 -42.78
C GLU A 45 -24.77 -67.05 -44.08
N GLN A 46 -24.39 -67.70 -45.19
CA GLN A 46 -24.19 -67.06 -46.52
C GLN A 46 -25.53 -66.56 -47.10
N GLU A 47 -26.64 -67.27 -46.86
CA GLU A 47 -28.02 -66.91 -47.32
C GLU A 47 -28.58 -65.73 -46.51
N GLU A 48 -28.32 -65.66 -45.19
CA GLU A 48 -28.87 -64.61 -44.27
C GLU A 48 -27.94 -63.39 -44.22
N ALA A 49 -27.40 -62.92 -45.36
CA ALA A 49 -26.69 -61.62 -45.50
C ALA A 49 -27.70 -60.47 -45.45
N SER A 50 -28.83 -60.61 -46.14
CA SER A 50 -30.04 -59.73 -46.06
C SER A 50 -31.00 -60.22 -44.96
N SER A 51 -31.86 -59.31 -44.46
CA SER A 51 -32.98 -59.50 -43.50
C SER A 51 -32.53 -59.61 -42.02
N ARG A 52 -31.22 -59.73 -41.74
CA ARG A 52 -30.62 -59.69 -40.37
C ARG A 52 -29.34 -58.87 -40.48
N PRO A 53 -28.97 -58.02 -39.48
CA PRO A 53 -27.79 -57.16 -39.61
C PRO A 53 -26.49 -57.89 -39.27
N LYS A 54 -25.34 -57.27 -39.57
CA LYS A 54 -23.99 -57.89 -39.50
C LYS A 54 -22.96 -56.88 -38.99
N TRP A 55 -22.02 -57.33 -38.15
CA TRP A 55 -20.91 -56.51 -37.63
C TRP A 55 -19.94 -56.22 -38.77
N ASP A 56 -19.61 -54.94 -38.99
CA ASP A 56 -18.65 -54.46 -40.03
C ASP A 56 -17.25 -55.03 -39.74
N ASN A 57 -16.82 -55.01 -38.47
CA ASN A 57 -15.55 -55.62 -37.96
C ASN A 57 -15.86 -56.59 -36.81
N LYS A 58 -14.83 -57.32 -36.36
CA LYS A 58 -14.81 -58.03 -35.06
C LYS A 58 -14.70 -57.01 -33.92
N ALA A 59 -13.81 -56.02 -34.05
CA ALA A 59 -13.55 -54.94 -33.05
C ALA A 59 -14.82 -54.10 -32.80
N GLN A 60 -15.60 -53.78 -33.84
CA GLN A 60 -16.89 -53.03 -33.77
C GLN A 60 -17.94 -53.78 -32.91
N TYR A 61 -17.83 -55.10 -32.74
CA TYR A 61 -18.66 -55.92 -31.82
C TYR A 61 -18.05 -55.91 -30.41
N MET A 62 -16.74 -56.11 -30.29
CA MET A 62 -16.03 -56.15 -28.99
C MET A 62 -16.14 -54.80 -28.27
N LEU A 63 -15.95 -53.69 -28.97
CA LEU A 63 -16.18 -52.31 -28.45
C LEU A 63 -17.62 -52.16 -27.94
N THR A 64 -18.62 -52.56 -28.75
CA THR A 64 -20.06 -52.48 -28.38
C THR A 64 -20.39 -53.32 -27.12
N CYS A 65 -19.74 -54.45 -26.89
CA CYS A 65 -19.90 -55.27 -25.66
C CYS A 65 -19.21 -54.59 -24.47
N LEU A 66 -17.99 -54.11 -24.68
CA LEU A 66 -17.15 -53.49 -23.61
C LEU A 66 -17.88 -52.23 -23.10
N GLY A 67 -18.20 -51.32 -24.03
CA GLY A 67 -19.01 -50.11 -23.82
C GLY A 67 -20.28 -50.35 -23.03
N PHE A 68 -21.02 -51.41 -23.34
CA PHE A 68 -22.26 -51.78 -22.60
C PHE A 68 -21.92 -52.39 -21.22
N CYS A 69 -20.71 -52.95 -21.02
CA CYS A 69 -20.24 -53.57 -19.75
C CYS A 69 -19.54 -52.53 -18.86
N VAL A 70 -18.69 -51.67 -19.43
CA VAL A 70 -17.87 -50.67 -18.69
C VAL A 70 -18.73 -49.43 -18.42
N GLY A 71 -19.65 -49.08 -19.32
CA GLY A 71 -20.56 -47.95 -19.19
C GLY A 71 -21.77 -48.18 -18.30
N LEU A 72 -22.21 -49.41 -18.07
CA LEU A 72 -23.41 -49.73 -17.27
C LEU A 72 -23.02 -50.00 -15.80
N GLY A 73 -21.76 -50.33 -15.51
CA GLY A 73 -21.20 -50.56 -14.16
C GLY A 73 -20.52 -49.33 -13.57
N ASN A 74 -19.62 -48.69 -14.34
CA ASN A 74 -18.71 -47.64 -13.84
C ASN A 74 -19.27 -46.24 -14.10
N VAL A 75 -20.36 -46.07 -14.84
CA VAL A 75 -21.04 -44.73 -14.99
C VAL A 75 -21.45 -44.17 -13.64
N TRP A 76 -21.77 -45.04 -12.65
CA TRP A 76 -22.27 -44.58 -11.34
C TRP A 76 -22.31 -45.70 -10.29
N ARG A 77 -23.01 -46.80 -10.56
CA ARG A 77 -23.20 -47.86 -9.52
C ARG A 77 -21.87 -48.29 -8.89
N PHE A 78 -20.97 -48.86 -9.68
CA PHE A 78 -19.70 -49.44 -9.13
C PHE A 78 -19.02 -48.38 -8.28
N PRO A 79 -18.65 -47.19 -8.84
CA PRO A 79 -17.94 -46.15 -8.08
C PRO A 79 -18.66 -45.82 -6.76
N TYR A 80 -19.98 -45.73 -6.77
CA TYR A 80 -20.82 -45.45 -5.58
C TYR A 80 -20.67 -46.57 -4.53
N LEU A 81 -20.88 -47.82 -4.92
CA LEU A 81 -20.81 -48.99 -3.99
C LEU A 81 -19.40 -49.11 -3.40
N CYS A 82 -18.37 -48.88 -4.23
CA CYS A 82 -16.95 -48.94 -3.80
C CYS A 82 -16.74 -47.99 -2.62
N GLN A 83 -17.11 -46.72 -2.80
CA GLN A 83 -16.96 -45.67 -1.75
C GLN A 83 -17.95 -45.92 -0.61
N SER A 84 -19.13 -46.48 -0.88
CA SER A 84 -20.18 -46.67 0.16
C SER A 84 -19.71 -47.72 1.16
N HIS A 85 -19.11 -48.81 0.67
CA HIS A 85 -18.59 -49.91 1.54
C HIS A 85 -17.16 -49.61 2.02
N GLY A 86 -16.59 -48.45 1.67
CA GLY A 86 -15.24 -48.05 2.09
C GLY A 86 -14.14 -48.62 1.20
N GLY A 87 -14.45 -49.46 0.19
CA GLY A 87 -13.46 -49.96 -0.78
C GLY A 87 -12.73 -51.19 -0.22
N GLY A 88 -12.32 -52.12 -1.09
CA GLY A 88 -11.68 -53.38 -0.70
C GLY A 88 -12.66 -54.34 -0.04
N ALA A 89 -13.27 -53.92 1.06
CA ALA A 89 -14.40 -54.62 1.72
C ALA A 89 -15.53 -54.97 0.73
N PHE A 90 -15.75 -54.13 -0.29
CA PHE A 90 -16.76 -54.38 -1.37
C PHE A 90 -16.09 -55.02 -2.58
N MET A 91 -14.94 -54.50 -3.00
CA MET A 91 -14.22 -55.01 -4.21
C MET A 91 -13.96 -56.51 -4.03
N ILE A 92 -13.35 -56.93 -2.90
CA ILE A 92 -12.99 -58.36 -2.67
C ILE A 92 -14.22 -59.22 -3.02
N PRO A 93 -15.37 -59.08 -2.32
CA PRO A 93 -16.56 -59.89 -2.62
C PRO A 93 -16.99 -59.79 -4.09
N PHE A 94 -17.00 -58.57 -4.63
CA PHE A 94 -17.37 -58.31 -6.04
C PHE A 94 -16.48 -59.13 -6.98
N LEU A 95 -15.15 -59.07 -6.79
CA LEU A 95 -14.17 -59.78 -7.67
C LEU A 95 -14.36 -61.29 -7.53
N ILE A 96 -14.45 -61.80 -6.31
CA ILE A 96 -14.71 -63.25 -6.03
C ILE A 96 -15.93 -63.68 -6.87
N LEU A 97 -17.01 -62.90 -6.83
CA LEU A 97 -18.25 -63.17 -7.61
C LEU A 97 -18.07 -62.83 -9.10
N LEU A 98 -17.13 -61.98 -9.48
CA LEU A 98 -16.85 -61.64 -10.92
C LEU A 98 -16.36 -62.90 -11.66
N VAL A 99 -15.60 -63.77 -10.97
CA VAL A 99 -14.93 -64.97 -11.54
C VAL A 99 -15.85 -66.21 -11.40
N LEU A 100 -16.62 -66.32 -10.32
CA LEU A 100 -17.41 -67.53 -10.00
C LEU A 100 -18.80 -67.46 -10.66
N GLU A 101 -19.49 -66.33 -10.59
CA GLU A 101 -20.85 -66.14 -11.20
C GLU A 101 -20.81 -65.33 -12.50
N GLY A 102 -19.82 -64.43 -12.67
CA GLY A 102 -19.76 -63.49 -13.80
C GLY A 102 -19.31 -64.16 -15.06
N ILE A 103 -18.03 -64.56 -15.10
CA ILE A 103 -17.34 -65.21 -16.27
C ILE A 103 -18.25 -66.30 -16.85
N PRO A 104 -18.77 -67.30 -16.05
CA PRO A 104 -19.67 -68.34 -16.55
C PRO A 104 -20.81 -67.73 -17.38
N LEU A 105 -21.62 -66.87 -16.75
CA LEU A 105 -22.87 -66.37 -17.39
C LEU A 105 -22.52 -65.43 -18.56
N LEU A 106 -21.33 -64.80 -18.60
CA LEU A 106 -20.91 -63.99 -19.79
C LEU A 106 -20.58 -64.90 -20.96
N TYR A 107 -19.99 -66.07 -20.70
CA TYR A 107 -19.69 -67.07 -21.75
C TYR A 107 -21.00 -67.68 -22.23
N LEU A 108 -21.85 -68.15 -21.30
CA LEU A 108 -23.13 -68.83 -21.64
C LEU A 108 -23.94 -67.96 -22.61
N GLU A 109 -24.21 -66.70 -22.25
CA GLU A 109 -25.08 -65.79 -23.04
C GLU A 109 -24.56 -65.66 -24.49
N PHE A 110 -23.28 -65.34 -24.65
CA PHE A 110 -22.69 -65.19 -26.01
C PHE A 110 -22.91 -66.45 -26.83
N ALA A 111 -22.58 -67.60 -26.26
CA ALA A 111 -22.72 -68.90 -26.96
C ALA A 111 -24.19 -69.12 -27.36
N ILE A 112 -25.14 -68.93 -26.43
CA ILE A 112 -26.57 -69.21 -26.71
C ILE A 112 -27.10 -68.25 -27.79
N GLY A 113 -26.57 -67.02 -27.86
CA GLY A 113 -26.94 -66.07 -28.91
C GLY A 113 -26.35 -66.43 -30.25
N GLN A 114 -25.08 -66.84 -30.29
CA GLN A 114 -24.36 -67.21 -31.55
C GLN A 114 -24.91 -68.53 -32.11
N ARG A 115 -25.43 -69.42 -31.26
CA ARG A 115 -25.94 -70.77 -31.62
C ARG A 115 -27.39 -70.66 -32.13
N LEU A 116 -28.26 -69.99 -31.37
CA LEU A 116 -29.72 -69.90 -31.69
C LEU A 116 -30.00 -68.74 -32.65
N ARG A 117 -29.02 -67.88 -33.00
CA ARG A 117 -29.13 -66.85 -34.06
C ARG A 117 -30.22 -65.79 -33.76
N ARG A 118 -30.82 -65.77 -32.58
CA ARG A 118 -32.03 -64.98 -32.22
C ARG A 118 -31.60 -64.02 -31.10
N GLY A 119 -32.30 -62.90 -30.94
CA GLY A 119 -32.17 -62.01 -29.76
C GLY A 119 -32.68 -62.68 -28.49
N SER A 120 -32.58 -62.00 -27.35
CA SER A 120 -32.93 -62.51 -26.00
C SER A 120 -34.30 -63.21 -26.03
N LEU A 121 -35.34 -62.59 -26.61
CA LEU A 121 -36.73 -63.13 -26.59
C LEU A 121 -36.84 -64.40 -27.44
N GLY A 122 -36.21 -64.43 -28.62
CA GLY A 122 -36.17 -65.63 -29.50
C GLY A 122 -35.44 -66.81 -28.86
N VAL A 123 -34.30 -66.58 -28.18
CA VAL A 123 -33.44 -67.63 -27.56
C VAL A 123 -34.23 -68.42 -26.52
N TRP A 124 -34.98 -67.75 -25.65
CA TRP A 124 -35.77 -68.41 -24.57
C TRP A 124 -37.07 -68.98 -25.15
N SER A 125 -37.58 -68.48 -26.28
CA SER A 125 -38.74 -69.07 -27.01
C SER A 125 -38.35 -70.39 -27.68
N SER A 126 -37.22 -70.39 -28.40
CA SER A 126 -36.65 -71.56 -29.13
C SER A 126 -36.31 -72.67 -28.14
N ILE A 127 -35.49 -72.38 -27.12
CA ILE A 127 -35.09 -73.32 -26.02
C ILE A 127 -36.34 -74.04 -25.47
N HIS A 128 -37.39 -73.29 -25.12
CA HIS A 128 -38.66 -73.84 -24.58
C HIS A 128 -39.84 -72.87 -24.83
N PRO A 129 -41.05 -73.34 -25.25
CA PRO A 129 -42.14 -72.43 -25.64
C PRO A 129 -42.69 -71.59 -24.46
N ALA A 130 -42.94 -72.23 -23.31
CA ALA A 130 -43.43 -71.59 -22.06
C ALA A 130 -42.33 -70.72 -21.40
N LEU A 131 -41.04 -70.84 -21.78
CA LEU A 131 -39.94 -69.95 -21.30
C LEU A 131 -39.95 -68.61 -22.07
N LYS A 132 -41.08 -67.89 -22.08
CA LYS A 132 -41.24 -66.56 -22.74
C LYS A 132 -40.93 -65.46 -21.73
N GLY A 133 -41.44 -65.59 -20.49
CA GLY A 133 -41.23 -64.67 -19.35
C GLY A 133 -39.80 -64.19 -19.22
N LEU A 134 -38.80 -65.08 -19.41
CA LEU A 134 -37.35 -64.75 -19.34
C LEU A 134 -37.04 -63.58 -20.31
N GLY A 135 -37.27 -63.77 -21.62
CA GLY A 135 -37.11 -62.75 -22.67
C GLY A 135 -37.95 -61.51 -22.43
N LEU A 136 -39.20 -61.67 -21.96
CA LEU A 136 -40.13 -60.55 -21.64
C LEU A 136 -39.58 -59.75 -20.46
N ALA A 137 -39.31 -60.40 -19.32
CA ALA A 137 -38.69 -59.80 -18.11
C ALA A 137 -37.41 -59.05 -18.47
N SER A 138 -36.53 -59.67 -19.26
CA SER A 138 -35.28 -59.06 -19.80
C SER A 138 -35.58 -57.75 -20.55
N MET A 139 -36.67 -57.70 -21.33
CA MET A 139 -37.12 -56.48 -22.05
C MET A 139 -37.65 -55.45 -21.04
N LEU A 140 -38.44 -55.85 -20.05
CA LEU A 140 -39.00 -54.93 -19.00
C LEU A 140 -37.85 -54.34 -18.17
N THR A 141 -36.96 -55.17 -17.63
CA THR A 141 -35.78 -54.74 -16.82
C THR A 141 -34.91 -53.80 -17.67
N SER A 142 -34.68 -54.12 -18.94
CA SER A 142 -33.84 -53.29 -19.85
C SER A 142 -34.50 -51.92 -20.07
N PHE A 143 -35.82 -51.90 -20.32
CA PHE A 143 -36.65 -50.66 -20.41
C PHE A 143 -36.52 -49.82 -19.12
N MET A 144 -36.77 -50.44 -17.96
CA MET A 144 -36.87 -49.80 -16.61
C MET A 144 -35.52 -49.16 -16.25
N VAL A 145 -34.43 -49.92 -16.40
CA VAL A 145 -33.06 -49.43 -16.03
C VAL A 145 -32.67 -48.32 -17.00
N GLY A 146 -32.95 -48.45 -18.29
CA GLY A 146 -32.67 -47.40 -19.29
C GLY A 146 -33.51 -46.13 -19.10
N LEU A 147 -34.69 -46.24 -18.50
CA LEU A 147 -35.62 -45.09 -18.24
C LEU A 147 -34.91 -44.12 -17.30
N TYR A 148 -34.49 -44.58 -16.10
CA TYR A 148 -33.85 -43.69 -15.09
C TYR A 148 -32.35 -43.53 -15.37
N TYR A 149 -31.70 -44.35 -16.21
CA TYR A 149 -30.26 -44.13 -16.54
C TYR A 149 -30.11 -42.97 -17.53
N ASN A 150 -31.14 -42.61 -18.29
CA ASN A 150 -31.02 -41.48 -19.26
C ASN A 150 -31.28 -40.16 -18.53
N THR A 151 -32.01 -40.16 -17.40
CA THR A 151 -32.10 -39.03 -16.45
C THR A 151 -30.72 -38.71 -15.86
N ILE A 152 -29.98 -39.73 -15.42
CA ILE A 152 -28.59 -39.58 -14.89
C ILE A 152 -27.72 -39.00 -16.01
N ILE A 153 -27.95 -39.40 -17.25
CA ILE A 153 -27.22 -38.82 -18.43
C ILE A 153 -27.63 -37.36 -18.60
N SER A 154 -28.91 -37.02 -18.39
CA SER A 154 -29.42 -35.63 -18.44
C SER A 154 -28.69 -34.79 -17.38
N TRP A 155 -28.72 -35.25 -16.12
CA TRP A 155 -27.98 -34.63 -14.99
C TRP A 155 -26.51 -34.46 -15.34
N ILE A 156 -25.86 -35.52 -15.82
CA ILE A 156 -24.42 -35.47 -16.24
C ILE A 156 -24.24 -34.34 -17.27
N MET A 157 -25.13 -34.22 -18.26
CA MET A 157 -24.89 -33.23 -19.35
C MET A 157 -25.28 -31.83 -18.82
N TRP A 158 -26.27 -31.68 -17.93
CA TRP A 158 -26.52 -30.40 -17.19
C TRP A 158 -25.18 -29.86 -16.68
N TYR A 159 -24.48 -30.63 -15.83
CA TYR A 159 -23.15 -30.27 -15.26
C TYR A 159 -22.17 -29.97 -16.41
N LEU A 160 -22.12 -30.83 -17.42
CA LEU A 160 -21.23 -30.65 -18.61
C LEU A 160 -21.47 -29.26 -19.20
N PHE A 161 -22.72 -28.92 -19.50
CA PHE A 161 -23.07 -27.57 -20.03
C PHE A 161 -22.59 -26.49 -19.04
N ASN A 162 -22.89 -26.65 -17.75
CA ASN A 162 -22.52 -25.66 -16.71
C ASN A 162 -21.00 -25.72 -16.42
N SER A 163 -20.19 -26.54 -17.13
CA SER A 163 -18.73 -26.75 -16.89
C SER A 163 -17.88 -25.90 -17.85
N PHE A 164 -18.33 -24.71 -18.29
CA PHE A 164 -17.57 -23.82 -19.22
C PHE A 164 -17.48 -22.39 -18.65
N GLN A 165 -16.90 -22.26 -17.46
CA GLN A 165 -16.75 -20.99 -16.69
C GLN A 165 -15.53 -21.08 -15.78
N GLU A 166 -14.60 -20.11 -15.83
CA GLU A 166 -13.41 -20.01 -14.92
C GLU A 166 -13.85 -20.16 -13.46
N PRO A 167 -14.90 -19.45 -12.95
CA PRO A 167 -15.55 -19.80 -11.68
C PRO A 167 -16.66 -20.84 -11.94
N LEU A 168 -16.37 -22.12 -11.68
CA LEU A 168 -17.38 -23.21 -11.81
C LEU A 168 -18.61 -22.82 -10.99
N PRO A 169 -19.85 -22.85 -11.54
CA PRO A 169 -21.04 -22.35 -10.82
C PRO A 169 -21.33 -22.94 -9.42
N TRP A 170 -20.72 -24.08 -9.09
CA TRP A 170 -20.75 -24.77 -7.77
C TRP A 170 -19.51 -24.42 -6.92
N SER A 171 -18.63 -23.51 -7.35
CA SER A 171 -17.39 -23.12 -6.61
C SER A 171 -17.68 -22.10 -5.50
N ASP A 172 -18.74 -21.32 -5.63
CA ASP A 172 -19.12 -20.25 -4.66
C ASP A 172 -20.64 -20.14 -4.54
N CYS A 173 -21.11 -19.67 -3.38
CA CYS A 173 -22.54 -19.42 -3.10
C CYS A 173 -23.06 -18.23 -3.91
N PRO A 174 -24.39 -18.07 -4.05
CA PRO A 174 -24.99 -16.81 -4.53
C PRO A 174 -25.23 -15.80 -3.39
N TYR A 182 -24.18 -14.23 2.09
CA TYR A 182 -24.34 -15.60 1.53
C TYR A 182 -25.74 -16.14 1.88
N VAL A 183 -26.40 -16.83 0.93
CA VAL A 183 -27.72 -17.53 1.12
C VAL A 183 -27.61 -18.47 2.34
N ASP A 184 -28.70 -18.61 3.11
CA ASP A 184 -28.69 -19.43 4.36
C ASP A 184 -28.39 -20.90 4.03
N GLU A 185 -29.16 -21.50 3.12
CA GLU A 185 -29.04 -22.93 2.76
C GLU A 185 -27.58 -23.20 2.37
N CYS A 186 -27.10 -22.51 1.34
CA CYS A 186 -25.70 -22.53 0.82
C CYS A 186 -24.63 -22.29 1.92
N ALA A 187 -24.97 -21.61 3.02
CA ALA A 187 -24.06 -21.38 4.18
C ALA A 187 -24.01 -22.65 5.03
N ARG A 188 -25.15 -23.11 5.54
CA ARG A 188 -25.21 -24.42 6.26
C ARG A 188 -24.69 -25.52 5.33
N SER A 189 -25.17 -25.56 4.09
CA SER A 189 -24.69 -26.52 3.04
C SER A 189 -23.35 -26.03 2.49
N SER A 190 -22.83 -26.66 1.43
CA SER A 190 -21.65 -26.21 0.66
C SER A 190 -22.06 -25.56 -0.66
N PRO A 191 -21.21 -24.67 -1.25
CA PRO A 191 -21.43 -24.16 -2.61
C PRO A 191 -21.68 -25.28 -3.63
N VAL A 192 -21.18 -26.48 -3.34
CA VAL A 192 -21.46 -27.72 -4.12
C VAL A 192 -22.83 -28.29 -3.73
N ASP A 193 -23.14 -28.47 -2.44
CA ASP A 193 -24.43 -29.10 -2.04
C ASP A 193 -25.61 -28.24 -2.50
N TYR A 194 -25.46 -26.91 -2.44
CA TYR A 194 -26.47 -25.93 -2.90
C TYR A 194 -26.71 -26.06 -4.41
N PHE A 195 -25.63 -26.11 -5.22
CA PHE A 195 -25.73 -26.28 -6.70
C PHE A 195 -26.50 -27.57 -7.04
N TRP A 196 -26.25 -28.65 -6.30
CA TRP A 196 -26.91 -29.96 -6.55
C TRP A 196 -28.38 -29.88 -6.11
N TYR A 197 -28.65 -29.59 -4.85
CA TYR A 197 -30.04 -29.70 -4.32
C TYR A 197 -30.90 -28.49 -4.73
N ARG A 198 -30.33 -27.30 -4.87
CA ARG A 198 -31.12 -26.07 -5.17
C ARG A 198 -31.02 -25.74 -6.66
N GLU A 199 -29.82 -25.39 -7.12
CA GLU A 199 -29.62 -24.78 -8.48
C GLU A 199 -29.98 -25.82 -9.56
N THR A 200 -29.73 -27.12 -9.33
CA THR A 200 -29.97 -28.24 -10.30
C THR A 200 -31.30 -28.94 -10.00
N LEU A 201 -31.42 -29.63 -8.87
CA LEU A 201 -32.63 -30.44 -8.55
C LEU A 201 -33.78 -29.56 -8.08
N ASN A 202 -33.52 -28.42 -7.41
CA ASN A 202 -34.59 -27.64 -6.74
C ASN A 202 -35.41 -28.62 -5.89
N ILE A 203 -34.73 -29.54 -5.20
CA ILE A 203 -35.38 -30.71 -4.56
C ILE A 203 -36.42 -30.22 -3.54
N SER A 204 -37.54 -30.91 -3.42
CA SER A 204 -38.57 -30.71 -2.35
C SER A 204 -38.21 -31.56 -1.12
N THR A 205 -38.96 -31.41 -0.03
CA THR A 205 -38.72 -32.11 1.27
C THR A 205 -39.10 -33.60 1.19
N SER A 206 -39.99 -34.04 0.29
CA SER A 206 -40.51 -35.44 0.24
C SER A 206 -40.96 -35.84 -1.17
N ILE A 207 -41.02 -37.15 -1.43
CA ILE A 207 -41.58 -37.75 -2.69
C ILE A 207 -43.07 -37.35 -2.82
N SER A 208 -43.78 -37.19 -1.68
CA SER A 208 -45.15 -36.63 -1.56
C SER A 208 -45.23 -35.25 -2.23
N ASP A 209 -44.45 -34.27 -1.74
CA ASP A 209 -44.42 -32.88 -2.26
C ASP A 209 -43.73 -32.87 -3.63
N SER A 210 -44.51 -33.03 -4.71
CA SER A 210 -44.03 -33.13 -6.12
C SER A 210 -44.46 -31.88 -6.89
N GLY A 211 -43.57 -30.90 -7.06
CA GLY A 211 -43.90 -29.63 -7.75
C GLY A 211 -43.91 -29.78 -9.26
N SER A 212 -43.76 -28.68 -10.01
CA SER A 212 -43.90 -28.64 -11.50
C SER A 212 -42.68 -29.31 -12.17
N ILE A 213 -42.72 -29.42 -13.51
CA ILE A 213 -41.62 -29.97 -14.35
C ILE A 213 -40.53 -28.89 -14.45
N GLN A 214 -39.46 -29.00 -13.65
CA GLN A 214 -38.24 -28.14 -13.72
C GLN A 214 -37.81 -28.04 -15.19
N TRP A 215 -37.87 -26.84 -15.77
CA TRP A 215 -37.81 -26.61 -17.23
C TRP A 215 -36.38 -26.91 -17.74
N TRP A 216 -35.36 -26.34 -17.11
CA TRP A 216 -33.91 -26.51 -17.44
C TRP A 216 -33.52 -28.00 -17.35
N MET A 217 -34.11 -28.76 -16.42
CA MET A 217 -34.00 -30.24 -16.35
C MET A 217 -34.70 -30.91 -17.55
N LEU A 218 -35.88 -30.44 -17.97
CA LEU A 218 -36.58 -30.99 -19.17
C LEU A 218 -35.73 -30.80 -20.43
N LEU A 219 -35.13 -29.61 -20.64
CA LEU A 219 -34.25 -29.35 -21.82
C LEU A 219 -33.13 -30.40 -21.88
N CYS A 220 -32.47 -30.63 -20.76
CA CYS A 220 -31.35 -31.60 -20.64
C CYS A 220 -31.85 -33.03 -20.87
N LEU A 221 -33.05 -33.37 -20.37
CA LEU A 221 -33.70 -34.68 -20.58
C LEU A 221 -33.95 -34.91 -22.07
N ALA A 222 -34.52 -33.90 -22.74
CA ALA A 222 -34.76 -33.86 -24.20
C ALA A 222 -33.44 -34.08 -24.94
N CYS A 223 -32.39 -33.34 -24.55
CA CYS A 223 -31.03 -33.43 -25.16
C CYS A 223 -30.49 -34.86 -25.05
N ALA A 224 -30.67 -35.53 -23.89
CA ALA A 224 -30.21 -36.91 -23.61
C ALA A 224 -30.92 -37.92 -24.53
N TRP A 225 -32.26 -38.03 -24.44
CA TRP A 225 -33.08 -38.95 -25.29
C TRP A 225 -32.84 -38.69 -26.78
N SER A 226 -32.66 -37.42 -27.18
CA SER A 226 -32.42 -36.97 -28.59
C SER A 226 -31.11 -37.58 -29.14
N VAL A 227 -29.99 -37.34 -28.47
CA VAL A 227 -28.66 -37.89 -28.91
C VAL A 227 -28.69 -39.43 -28.88
N LEU A 228 -29.51 -40.02 -28.01
CA LEU A 228 -29.73 -41.48 -28.01
C LEU A 228 -30.33 -41.91 -29.36
N TYR A 229 -31.44 -41.28 -29.77
CA TYR A 229 -32.10 -41.51 -31.09
C TYR A 229 -31.08 -41.30 -32.21
N MET A 230 -30.34 -40.20 -32.19
CA MET A 230 -29.27 -39.89 -33.19
C MET A 230 -28.32 -41.08 -33.34
N CYS A 231 -27.96 -41.80 -32.26
CA CYS A 231 -26.96 -42.91 -32.29
C CYS A 231 -27.61 -44.31 -32.44
N THR A 232 -28.91 -44.51 -32.17
CA THR A 232 -29.59 -45.85 -32.26
C THR A 232 -30.71 -45.82 -33.32
N ILE A 233 -30.53 -45.04 -34.39
CA ILE A 233 -31.56 -44.76 -35.45
C ILE A 233 -31.86 -46.08 -36.23
N ARG A 234 -30.88 -46.70 -36.87
CA ARG A 234 -31.02 -47.99 -37.62
C ARG A 234 -30.59 -49.19 -36.77
N GLY A 235 -30.16 -49.00 -35.52
CA GLY A 235 -29.70 -50.08 -34.62
C GLY A 235 -28.19 -50.27 -34.70
N ILE A 236 -27.72 -51.51 -34.84
CA ILE A 236 -26.29 -51.89 -34.58
C ILE A 236 -25.32 -51.23 -35.57
N GLU A 237 -25.76 -50.99 -36.83
CA GLU A 237 -24.94 -50.37 -37.92
C GLU A 237 -24.51 -48.97 -37.48
N THR A 238 -25.48 -48.10 -37.20
CA THR A 238 -25.27 -46.69 -36.75
C THR A 238 -24.57 -46.63 -35.38
N THR A 239 -24.90 -47.52 -34.43
CA THR A 239 -24.29 -47.54 -33.06
C THR A 239 -22.85 -48.02 -33.16
N GLY A 240 -22.57 -49.03 -34.01
CA GLY A 240 -21.23 -49.54 -34.36
C GLY A 240 -20.22 -48.45 -34.72
N LYS A 241 -20.66 -47.40 -35.42
CA LYS A 241 -19.84 -46.20 -35.77
C LYS A 241 -19.82 -45.17 -34.61
N ALA A 242 -20.81 -45.18 -33.70
CA ALA A 242 -20.81 -44.41 -32.43
C ALA A 242 -19.80 -44.99 -31.43
N VAL A 243 -19.73 -46.32 -31.27
CA VAL A 243 -18.96 -46.98 -30.17
C VAL A 243 -17.43 -46.83 -30.34
N TYR A 244 -16.90 -46.27 -31.44
CA TYR A 244 -15.45 -45.95 -31.57
C TYR A 244 -15.09 -44.91 -30.49
N ILE A 245 -15.58 -43.67 -30.62
CA ILE A 245 -15.29 -42.55 -29.65
C ILE A 245 -15.89 -42.88 -28.26
N THR A 246 -17.13 -43.39 -28.22
CA THR A 246 -17.94 -43.62 -27.00
C THR A 246 -17.29 -44.70 -26.11
N SER A 247 -16.77 -45.79 -26.69
CA SER A 247 -16.10 -46.87 -25.91
C SER A 247 -14.62 -46.58 -25.66
N THR A 248 -13.99 -45.58 -26.29
CA THR A 248 -12.52 -45.28 -26.16
C THR A 248 -12.27 -44.04 -25.27
N LEU A 249 -13.06 -42.96 -25.40
CA LEU A 249 -12.93 -41.70 -24.60
C LEU A 249 -12.93 -42.00 -23.10
N PRO A 250 -13.94 -42.71 -22.52
CA PRO A 250 -13.95 -43.03 -21.08
C PRO A 250 -12.58 -43.48 -20.57
N TYR A 251 -11.93 -44.39 -21.30
CA TYR A 251 -10.55 -44.90 -21.04
C TYR A 251 -9.53 -43.76 -21.12
N VAL A 252 -9.29 -43.17 -22.30
CA VAL A 252 -8.25 -42.10 -22.50
C VAL A 252 -8.36 -41.11 -21.32
N VAL A 253 -9.57 -40.64 -21.01
CA VAL A 253 -9.87 -39.67 -19.91
C VAL A 253 -9.65 -40.32 -18.53
N LEU A 254 -10.01 -41.59 -18.34
CA LEU A 254 -9.79 -42.29 -17.04
C LEU A 254 -8.29 -42.42 -16.71
N THR A 255 -7.42 -42.52 -17.73
CA THR A 255 -5.94 -42.61 -17.58
C THR A 255 -5.37 -41.22 -17.25
N ILE A 256 -5.82 -40.17 -17.96
CA ILE A 256 -5.49 -38.73 -17.64
C ILE A 256 -5.78 -38.46 -16.15
N PHE A 257 -6.94 -38.91 -15.67
CA PHE A 257 -7.38 -38.74 -14.25
C PHE A 257 -6.59 -39.62 -13.28
N LEU A 258 -5.79 -40.61 -13.74
CA LEU A 258 -4.83 -41.33 -12.86
C LEU A 258 -3.58 -40.48 -12.66
N ILE A 259 -2.98 -39.94 -13.73
CA ILE A 259 -1.70 -39.16 -13.65
C ILE A 259 -1.95 -37.91 -12.78
N ARG A 260 -3.13 -37.29 -12.92
CA ARG A 260 -3.53 -36.12 -12.11
C ARG A 260 -3.96 -36.62 -10.72
N GLY A 261 -4.78 -37.68 -10.65
CA GLY A 261 -5.17 -38.37 -9.41
C GLY A 261 -4.01 -38.56 -8.44
N LEU A 262 -2.90 -39.15 -8.91
CA LEU A 262 -1.74 -39.57 -8.07
C LEU A 262 -0.78 -38.41 -7.76
N THR A 263 -0.84 -37.29 -8.49
CA THR A 263 -0.14 -36.01 -8.18
C THR A 263 -0.88 -35.26 -7.04
N LEU A 264 -2.17 -35.55 -6.80
CA LEU A 264 -2.94 -34.92 -5.69
C LEU A 264 -2.36 -35.38 -4.34
N LYS A 265 -2.14 -34.41 -3.42
CA LYS A 265 -1.52 -34.61 -2.08
C LYS A 265 -2.08 -35.86 -1.38
N GLY A 266 -3.39 -35.91 -1.18
CA GLY A 266 -4.01 -37.00 -0.40
C GLY A 266 -4.25 -38.26 -1.21
N ALA A 267 -3.85 -38.32 -2.49
CA ALA A 267 -4.14 -39.47 -3.39
C ALA A 267 -3.61 -40.77 -2.76
N THR A 268 -2.36 -40.77 -2.34
CA THR A 268 -1.69 -41.98 -1.77
C THR A 268 -2.45 -42.43 -0.51
N ASN A 269 -2.81 -41.47 0.35
CA ASN A 269 -3.55 -41.76 1.61
C ASN A 269 -4.87 -42.44 1.25
N GLY A 270 -5.60 -41.88 0.26
CA GLY A 270 -6.88 -42.46 -0.20
C GLY A 270 -6.72 -43.87 -0.74
N ILE A 271 -5.64 -44.11 -1.48
CA ILE A 271 -5.37 -45.46 -2.09
C ILE A 271 -5.05 -46.44 -0.96
N VAL A 272 -3.91 -46.29 -0.28
CA VAL A 272 -3.53 -47.11 0.90
C VAL A 272 -4.80 -47.47 1.70
N PHE A 273 -5.79 -46.55 1.78
CA PHE A 273 -7.07 -46.80 2.49
C PHE A 273 -7.76 -48.05 1.96
N LEU A 274 -8.05 -48.11 0.65
CA LEU A 274 -8.78 -49.28 0.07
C LEU A 274 -7.94 -50.56 0.25
N PHE A 275 -6.61 -50.46 0.11
CA PHE A 275 -5.71 -51.63 0.24
C PHE A 275 -5.83 -52.30 1.62
N THR A 276 -6.13 -51.54 2.70
CA THR A 276 -6.43 -52.10 4.03
C THR A 276 -7.94 -52.20 4.17
N PRO A 277 -8.62 -53.31 3.75
CA PRO A 277 -10.08 -53.38 3.79
C PRO A 277 -10.65 -53.66 5.20
N ASN A 278 -11.99 -53.72 5.30
CA ASN A 278 -12.69 -53.92 6.60
C ASN A 278 -13.34 -55.29 6.60
N VAL A 279 -12.77 -56.24 7.35
CA VAL A 279 -13.36 -57.59 7.59
C VAL A 279 -14.83 -57.45 8.02
N THR A 280 -15.18 -56.32 8.68
CA THR A 280 -16.56 -56.01 9.07
C THR A 280 -17.48 -56.03 7.84
N GLU A 281 -17.14 -55.26 6.82
CA GLU A 281 -17.95 -55.22 5.57
C GLU A 281 -17.69 -56.51 4.81
N LEU A 282 -16.42 -56.97 4.78
CA LEU A 282 -16.10 -58.30 4.17
C LEU A 282 -17.04 -59.37 4.72
N ALA A 283 -17.45 -59.26 5.98
CA ALA A 283 -18.47 -60.13 6.57
C ALA A 283 -19.90 -59.57 6.42
N GLN A 284 -20.11 -58.27 6.18
CA GLN A 284 -21.47 -57.66 6.07
C GLN A 284 -22.28 -58.40 5.00
N PRO A 285 -23.49 -58.92 5.30
CA PRO A 285 -24.28 -59.64 4.30
C PRO A 285 -24.71 -58.73 3.14
N ASP A 286 -25.16 -57.49 3.46
CA ASP A 286 -25.52 -56.48 2.43
C ASP A 286 -24.34 -56.29 1.47
N THR A 287 -23.11 -56.12 1.98
CA THR A 287 -21.87 -56.04 1.15
C THR A 287 -21.89 -57.14 0.07
N TRP A 288 -22.18 -58.39 0.45
CA TRP A 288 -22.26 -59.52 -0.52
C TRP A 288 -23.43 -59.34 -1.49
N LEU A 289 -24.61 -58.90 -1.02
CA LEU A 289 -25.77 -58.66 -1.91
C LEU A 289 -25.40 -57.59 -2.95
N ASP A 290 -24.94 -56.41 -2.52
CA ASP A 290 -24.54 -55.27 -3.41
C ASP A 290 -23.40 -55.69 -4.35
N ALA A 291 -22.45 -56.52 -3.89
CA ALA A 291 -21.38 -57.14 -4.72
C ALA A 291 -22.01 -58.07 -5.75
N GLY A 292 -22.98 -58.90 -5.35
CA GLY A 292 -23.74 -59.83 -6.21
C GLY A 292 -24.41 -59.12 -7.36
N ALA A 293 -25.36 -58.23 -7.03
CA ALA A 293 -26.14 -57.40 -8.00
C ALA A 293 -25.23 -56.55 -8.92
N GLN A 294 -24.02 -56.20 -8.47
CA GLN A 294 -23.04 -55.41 -9.28
C GLN A 294 -22.37 -56.27 -10.35
N VAL A 295 -22.21 -57.58 -10.12
CA VAL A 295 -21.68 -58.53 -11.15
C VAL A 295 -22.62 -58.49 -12.36
N PHE A 296 -23.92 -58.59 -12.14
CA PHE A 296 -24.95 -58.56 -13.24
C PHE A 296 -25.05 -57.18 -13.89
N PHE A 297 -24.53 -56.12 -13.25
CA PHE A 297 -24.50 -54.73 -13.79
C PHE A 297 -23.19 -54.47 -14.55
N SER A 298 -22.05 -54.82 -13.96
CA SER A 298 -20.70 -54.65 -14.56
C SER A 298 -20.51 -55.58 -15.76
N PHE A 299 -21.25 -56.70 -15.85
CA PHE A 299 -21.19 -57.66 -16.99
C PHE A 299 -22.40 -57.54 -17.92
N SER A 300 -23.33 -56.60 -17.71
CA SER A 300 -24.53 -56.37 -18.56
C SER A 300 -25.32 -57.68 -18.78
N LEU A 301 -25.32 -58.57 -17.79
CA LEU A 301 -25.98 -59.91 -17.86
C LEU A 301 -27.43 -59.73 -17.45
N ALA A 302 -28.32 -60.59 -17.93
CA ALA A 302 -29.78 -60.63 -17.63
C ALA A 302 -30.53 -59.36 -18.11
N PHE A 303 -29.90 -58.52 -18.94
CA PHE A 303 -30.52 -57.42 -19.73
C PHE A 303 -30.83 -57.95 -21.14
N GLY A 304 -30.10 -58.96 -21.63
CA GLY A 304 -30.37 -59.65 -22.89
C GLY A 304 -29.92 -58.88 -24.13
N GLY A 305 -29.24 -57.73 -23.96
CA GLY A 305 -28.67 -56.94 -25.06
C GLY A 305 -27.36 -57.50 -25.59
N LEU A 306 -26.70 -58.41 -24.84
CA LEU A 306 -25.45 -59.10 -25.27
C LEU A 306 -25.77 -60.33 -26.12
N ILE A 307 -26.84 -61.09 -25.78
CA ILE A 307 -27.32 -62.25 -26.56
C ILE A 307 -27.53 -61.79 -28.00
N SER A 308 -28.29 -60.72 -28.20
CA SER A 308 -28.53 -60.12 -29.55
C SER A 308 -27.19 -59.77 -30.21
N PHE A 309 -26.26 -59.20 -29.45
CA PHE A 309 -24.93 -58.79 -29.98
C PHE A 309 -24.19 -59.99 -30.56
N SER A 310 -24.12 -61.08 -29.81
CA SER A 310 -23.46 -62.33 -30.28
C SER A 310 -24.24 -62.91 -31.47
N SER A 311 -25.57 -62.76 -31.49
CA SER A 311 -26.44 -63.30 -32.56
C SER A 311 -26.15 -62.68 -33.93
N TYR A 312 -25.27 -61.68 -34.06
CA TYR A 312 -24.83 -61.12 -35.38
C TYR A 312 -23.38 -61.51 -35.72
N ASN A 313 -22.72 -62.39 -34.96
CA ASN A 313 -21.36 -62.91 -35.29
C ASN A 313 -21.49 -64.04 -36.32
N SER A 314 -20.36 -64.43 -36.92
CA SER A 314 -20.20 -65.74 -37.62
C SER A 314 -20.51 -66.88 -36.65
N VAL A 315 -21.15 -67.93 -37.14
CA VAL A 315 -21.49 -69.18 -36.37
C VAL A 315 -20.18 -69.85 -35.87
N HIS A 316 -19.06 -69.71 -36.60
CA HIS A 316 -17.75 -70.30 -36.25
C HIS A 316 -16.81 -69.28 -35.58
N ASN A 317 -17.34 -68.21 -34.94
CA ASN A 317 -16.50 -67.23 -34.19
C ASN A 317 -16.17 -67.81 -32.80
N ASN A 318 -14.96 -67.56 -32.29
CA ASN A 318 -14.53 -68.04 -30.94
C ASN A 318 -15.20 -67.16 -29.88
N CYS A 319 -16.41 -67.55 -29.45
CA CYS A 319 -17.20 -66.88 -28.38
C CYS A 319 -16.69 -67.25 -26.97
N GLU A 320 -15.85 -68.27 -26.80
CA GLU A 320 -15.16 -68.63 -25.52
C GLU A 320 -14.02 -67.65 -25.23
N LYS A 321 -13.30 -67.21 -26.25
CA LYS A 321 -12.15 -66.27 -26.17
C LYS A 321 -12.66 -64.83 -25.97
N ASP A 322 -13.73 -64.44 -26.69
CA ASP A 322 -14.38 -63.11 -26.58
C ASP A 322 -14.84 -62.86 -25.13
N SER A 323 -15.51 -63.84 -24.51
CA SER A 323 -16.04 -63.75 -23.12
C SER A 323 -14.87 -63.50 -22.15
N VAL A 324 -13.78 -64.24 -22.30
CA VAL A 324 -12.57 -64.14 -21.43
C VAL A 324 -11.93 -62.75 -21.60
N ILE A 325 -11.75 -62.27 -22.84
CA ILE A 325 -11.13 -60.94 -23.13
C ILE A 325 -11.99 -59.85 -22.46
N VAL A 326 -13.31 -59.88 -22.71
CA VAL A 326 -14.28 -58.88 -22.17
C VAL A 326 -14.20 -58.93 -20.63
N SER A 327 -14.27 -60.11 -20.03
CA SER A 327 -14.23 -60.29 -18.55
C SER A 327 -12.93 -59.75 -17.97
N ILE A 328 -11.78 -60.03 -18.59
CA ILE A 328 -10.45 -59.58 -18.11
C ILE A 328 -10.42 -58.05 -18.15
N ILE A 329 -10.86 -57.41 -19.23
CA ILE A 329 -10.93 -55.91 -19.29
C ILE A 329 -11.92 -55.41 -18.21
N ASN A 330 -13.05 -56.10 -18.00
CA ASN A 330 -14.09 -55.70 -17.00
C ASN A 330 -13.54 -55.74 -15.56
N GLY A 331 -12.86 -56.82 -15.17
CA GLY A 331 -12.18 -56.94 -13.87
C GLY A 331 -11.09 -55.88 -13.68
N PHE A 332 -10.33 -55.58 -14.72
CA PHE A 332 -9.21 -54.62 -14.72
C PHE A 332 -9.75 -53.21 -14.53
N THR A 333 -10.78 -52.82 -15.28
CA THR A 333 -11.32 -51.43 -15.27
C THR A 333 -11.98 -51.14 -13.92
N SER A 334 -12.64 -52.11 -13.28
CA SER A 334 -13.16 -51.99 -11.88
C SER A 334 -12.05 -51.47 -10.96
N VAL A 335 -10.91 -52.16 -10.94
CA VAL A 335 -9.76 -51.82 -10.05
C VAL A 335 -9.19 -50.45 -10.48
N TYR A 336 -9.04 -50.23 -11.78
CA TYR A 336 -8.57 -48.95 -12.37
C TYR A 336 -9.48 -47.77 -12.00
N VAL A 337 -10.78 -47.99 -11.86
CA VAL A 337 -11.81 -46.97 -11.48
C VAL A 337 -11.69 -46.75 -9.97
N ALA A 338 -11.65 -47.81 -9.16
CA ALA A 338 -11.52 -47.72 -7.67
C ALA A 338 -10.26 -46.92 -7.30
N ILE A 339 -9.17 -47.08 -8.06
CA ILE A 339 -7.90 -46.31 -7.84
C ILE A 339 -8.17 -44.82 -8.12
N VAL A 340 -8.73 -44.49 -9.28
CA VAL A 340 -9.01 -43.06 -9.67
C VAL A 340 -10.04 -42.46 -8.68
N VAL A 341 -10.97 -43.24 -8.12
CA VAL A 341 -11.95 -42.77 -7.10
C VAL A 341 -11.25 -42.45 -5.78
N TYR A 342 -10.41 -43.35 -5.29
CA TYR A 342 -9.82 -43.22 -3.93
C TYR A 342 -8.66 -42.23 -3.97
N SER A 343 -7.95 -42.04 -5.09
CA SER A 343 -7.06 -40.86 -5.29
C SER A 343 -7.78 -39.59 -4.87
N VAL A 344 -8.89 -39.26 -5.54
CA VAL A 344 -9.66 -38.01 -5.32
C VAL A 344 -10.23 -38.06 -3.89
N ILE A 345 -10.78 -39.18 -3.44
CA ILE A 345 -11.33 -39.26 -2.05
C ILE A 345 -10.20 -38.89 -1.07
N GLY A 346 -9.04 -39.53 -1.19
CA GLY A 346 -7.88 -39.27 -0.31
C GLY A 346 -7.47 -37.81 -0.31
N PHE A 347 -7.31 -37.23 -1.50
CA PHE A 347 -7.02 -35.78 -1.72
C PHE A 347 -8.03 -34.90 -0.94
N ARG A 348 -9.30 -35.10 -1.12
CA ARG A 348 -10.33 -34.27 -0.43
C ARG A 348 -10.26 -34.52 1.08
N ALA A 349 -10.06 -35.80 1.47
CA ALA A 349 -10.06 -36.15 2.91
C ALA A 349 -8.89 -35.45 3.59
N THR A 350 -7.70 -35.49 2.97
CA THR A 350 -6.50 -34.73 3.41
C THR A 350 -6.85 -33.24 3.51
N GLN A 351 -7.49 -32.68 2.48
CA GLN A 351 -7.86 -31.24 2.42
C GLN A 351 -8.68 -30.90 3.67
N ARG A 352 -9.71 -31.70 3.96
CA ARG A 352 -10.64 -31.43 5.08
C ARG A 352 -9.88 -31.61 6.40
N TYR A 353 -8.99 -32.61 6.48
CA TYR A 353 -8.14 -32.85 7.68
C TYR A 353 -7.27 -31.62 7.97
N ASP A 354 -6.59 -31.10 6.94
CA ASP A 354 -5.69 -29.93 7.10
C ASP A 354 -6.49 -28.68 7.43
N ASP A 355 -7.65 -28.49 6.79
CA ASP A 355 -8.49 -27.30 7.04
C ASP A 355 -9.10 -27.37 8.43
N CYS A 356 -9.20 -28.55 9.04
CA CYS A 356 -9.76 -28.75 10.41
C CYS A 356 -8.64 -28.45 11.41
N PHE A 357 -7.48 -29.11 11.26
CA PHE A 357 -6.30 -28.86 12.12
C PHE A 357 -5.92 -27.36 12.06
N SER A 358 -5.99 -26.76 10.87
CA SER A 358 -5.73 -25.31 10.64
C SER A 358 -6.67 -24.47 11.51
N THR A 359 -7.97 -24.78 11.45
CA THR A 359 -9.01 -24.02 12.20
C THR A 359 -8.84 -24.28 13.69
N ASN A 360 -8.47 -25.49 14.09
CA ASN A 360 -8.14 -25.80 15.50
C ASN A 360 -6.89 -25.02 15.90
N ILE A 361 -5.94 -24.84 14.99
CA ILE A 361 -4.77 -23.93 15.24
C ILE A 361 -5.27 -22.49 15.39
N LEU A 362 -6.14 -22.01 14.51
CA LEU A 362 -6.56 -20.59 14.54
C LEU A 362 -7.22 -20.27 15.88
N THR A 363 -8.10 -21.14 16.40
CA THR A 363 -8.82 -20.94 17.69
C THR A 363 -7.81 -20.65 18.82
N LEU A 364 -6.81 -21.51 18.98
CA LEU A 364 -5.80 -21.41 20.09
C LEU A 364 -5.08 -20.05 19.96
N ILE A 365 -4.57 -19.74 18.77
CA ILE A 365 -3.80 -18.49 18.49
C ILE A 365 -4.71 -17.27 18.76
N ASN A 366 -5.98 -17.31 18.38
CA ASN A 366 -6.92 -16.17 18.48
C ASN A 366 -7.50 -16.07 19.88
N GLY A 367 -7.24 -17.01 20.80
CA GLY A 367 -7.64 -16.90 22.22
C GLY A 367 -6.49 -16.67 23.17
N PHE A 368 -5.25 -16.80 22.73
CA PHE A 368 -4.05 -16.63 23.59
C PHE A 368 -3.08 -15.60 22.99
N ASP A 369 -3.17 -15.36 21.70
CA ASP A 369 -2.37 -14.33 20.99
C ASP A 369 -0.91 -14.81 20.95
N LEU A 370 -0.70 -16.00 20.39
CA LEU A 370 0.67 -16.56 20.26
C LEU A 370 1.16 -16.15 18.89
N PRO A 371 2.50 -16.06 18.62
CA PRO A 371 2.98 -15.75 17.28
C PRO A 371 2.39 -16.71 16.25
N GLU A 372 1.80 -16.16 15.18
CA GLU A 372 1.30 -16.95 14.02
C GLU A 372 2.44 -17.84 13.52
N GLY A 373 2.15 -19.12 13.29
CA GLY A 373 3.16 -20.11 12.83
C GLY A 373 3.97 -20.72 13.97
N ASN A 374 3.91 -20.18 15.19
CA ASN A 374 4.53 -20.81 16.38
C ASN A 374 3.90 -22.18 16.66
N VAL A 375 2.57 -22.32 16.51
CA VAL A 375 1.86 -23.62 16.67
C VAL A 375 1.74 -24.29 15.30
N THR A 376 2.13 -25.56 15.20
CA THR A 376 2.08 -26.35 13.94
C THR A 376 1.21 -27.59 14.12
N GLN A 377 1.00 -28.35 13.04
CA GLN A 377 0.21 -29.61 13.08
C GLN A 377 0.96 -30.65 13.93
N GLU A 378 2.24 -30.42 14.31
CA GLU A 378 3.03 -31.28 15.22
C GLU A 378 2.92 -30.80 16.68
N ASN A 379 3.36 -29.59 16.99
CA ASN A 379 3.40 -29.08 18.40
C ASN A 379 2.03 -28.50 18.79
N PHE A 380 1.00 -29.32 18.81
CA PHE A 380 -0.41 -28.88 19.07
C PHE A 380 -0.84 -29.38 20.44
N VAL A 381 -0.81 -30.70 20.66
CA VAL A 381 -1.37 -31.32 21.90
C VAL A 381 -0.57 -30.85 23.12
N ASP A 382 0.75 -30.75 23.00
CA ASP A 382 1.61 -30.08 24.02
C ASP A 382 1.29 -28.57 24.09
N MET A 383 1.12 -27.93 22.93
CA MET A 383 0.91 -26.45 22.87
C MET A 383 -0.32 -26.08 23.70
N GLN A 384 -1.49 -26.60 23.34
CA GLN A 384 -2.77 -26.33 24.06
C GLN A 384 -2.59 -26.68 25.54
N GLN A 385 -1.92 -27.81 25.83
CA GLN A 385 -1.69 -28.30 27.21
C GLN A 385 -1.03 -27.16 28.02
N ARG A 386 0.17 -26.72 27.60
CA ARG A 386 0.91 -25.66 28.33
C ARG A 386 0.04 -24.40 28.36
N CYS A 387 -0.54 -23.99 27.22
CA CYS A 387 -1.38 -22.76 27.12
C CYS A 387 -2.40 -22.76 28.26
N ASN A 388 -3.09 -23.88 28.47
CA ASN A 388 -4.16 -24.03 29.48
C ASN A 388 -3.56 -24.10 30.89
N ALA A 389 -2.49 -24.88 31.07
CA ALA A 389 -1.73 -24.91 32.35
C ALA A 389 -1.49 -23.45 32.77
N SER A 390 -1.20 -22.60 31.77
CA SER A 390 -1.08 -21.12 31.97
C SER A 390 -2.42 -20.45 32.32
N ASP A 391 -3.44 -20.41 31.43
CA ASP A 391 -4.66 -19.60 31.73
C ASP A 391 -6.00 -20.35 31.64
N PRO A 392 -6.21 -21.43 32.42
CA PRO A 392 -7.39 -22.31 32.22
C PRO A 392 -8.75 -21.58 32.27
N ALA A 393 -8.81 -20.37 32.83
CA ALA A 393 -9.99 -19.47 32.84
C ALA A 393 -10.61 -19.33 31.44
N ALA A 394 -9.82 -19.05 30.41
CA ALA A 394 -10.34 -18.75 29.05
C ALA A 394 -10.11 -19.95 28.11
N TYR A 395 -9.26 -20.92 28.46
CA TYR A 395 -8.93 -22.05 27.55
C TYR A 395 -10.19 -22.82 27.16
N ALA A 396 -11.08 -23.07 28.13
CA ALA A 396 -12.40 -23.73 27.95
C ALA A 396 -13.17 -23.09 26.80
N GLN A 397 -13.17 -21.76 26.74
CA GLN A 397 -13.93 -20.97 25.73
C GLN A 397 -13.43 -21.31 24.31
N LEU A 398 -12.17 -21.76 24.15
CA LEU A 398 -11.60 -22.08 22.82
C LEU A 398 -12.48 -23.04 22.03
N VAL A 399 -12.97 -24.11 22.64
CA VAL A 399 -13.89 -25.08 21.98
C VAL A 399 -13.22 -25.61 20.71
N PHE A 400 -12.12 -26.35 20.87
CA PHE A 400 -11.40 -26.99 19.75
C PHE A 400 -12.28 -28.09 19.13
N GLN A 401 -12.17 -28.31 17.84
CA GLN A 401 -12.81 -29.43 17.10
C GLN A 401 -11.95 -30.68 17.28
N THR A 402 -12.53 -31.84 17.01
CA THR A 402 -11.87 -33.17 17.11
C THR A 402 -11.88 -33.77 15.71
N CYS A 403 -10.71 -34.05 15.13
CA CYS A 403 -10.61 -34.58 13.75
C CYS A 403 -9.30 -35.34 13.52
N ASP A 404 -9.41 -36.40 12.72
CA ASP A 404 -8.32 -37.30 12.29
C ASP A 404 -8.59 -37.64 10.82
N ILE A 405 -7.53 -37.74 10.02
CA ILE A 405 -7.59 -38.03 8.55
C ILE A 405 -8.46 -39.29 8.29
N ASN A 406 -8.30 -40.35 9.09
CA ASN A 406 -9.01 -41.65 8.92
C ASN A 406 -10.50 -41.41 8.78
N ALA A 407 -11.12 -40.74 9.75
CA ALA A 407 -12.58 -40.43 9.75
C ALA A 407 -12.98 -39.85 8.38
N PHE A 408 -12.20 -38.89 7.86
CA PHE A 408 -12.48 -38.24 6.55
C PHE A 408 -12.55 -39.31 5.45
N LEU A 409 -11.59 -40.23 5.44
CA LEU A 409 -11.50 -41.31 4.42
C LEU A 409 -12.69 -42.28 4.57
N SER A 410 -13.44 -42.26 5.66
CA SER A 410 -14.63 -43.10 5.92
C SER A 410 -15.95 -42.32 5.78
N GLU A 411 -15.92 -41.04 5.37
CA GLU A 411 -17.15 -40.30 4.92
C GLU A 411 -17.67 -40.96 3.64
N ALA A 412 -18.94 -41.35 3.60
CA ALA A 412 -19.59 -41.95 2.42
C ALA A 412 -20.68 -40.99 1.95
N VAL A 413 -20.54 -40.47 0.74
CA VAL A 413 -21.59 -39.64 0.06
C VAL A 413 -22.63 -40.63 -0.49
N GLU A 414 -23.92 -40.32 -0.31
CA GLU A 414 -25.05 -41.19 -0.76
C GLU A 414 -25.50 -40.73 -2.16
N GLY A 415 -26.21 -41.61 -2.90
CA GLY A 415 -26.83 -41.35 -4.21
C GLY A 415 -25.81 -41.17 -5.34
N THR A 416 -25.92 -40.07 -6.11
CA THR A 416 -25.03 -39.66 -7.22
C THR A 416 -23.91 -38.73 -6.72
N GLY A 417 -23.75 -38.57 -5.40
CA GLY A 417 -22.91 -37.53 -4.80
C GLY A 417 -21.42 -37.66 -5.16
N LEU A 418 -20.94 -38.87 -5.47
CA LEU A 418 -19.51 -39.05 -5.81
C LEU A 418 -19.13 -38.20 -7.05
N ALA A 419 -20.04 -37.95 -7.99
CA ALA A 419 -19.74 -37.20 -9.24
C ALA A 419 -20.18 -35.75 -9.10
N PHE A 420 -21.37 -35.50 -8.55
CA PHE A 420 -21.97 -34.13 -8.50
C PHE A 420 -21.55 -33.38 -7.24
N ILE A 421 -20.75 -33.98 -6.35
CA ILE A 421 -20.31 -33.35 -5.07
C ILE A 421 -18.82 -33.60 -4.88
N VAL A 422 -18.41 -34.85 -4.61
CA VAL A 422 -17.00 -35.18 -4.24
C VAL A 422 -16.07 -34.73 -5.38
N PHE A 423 -16.27 -35.24 -6.59
CA PHE A 423 -15.37 -34.94 -7.75
C PHE A 423 -15.54 -33.48 -8.14
N THR A 424 -16.78 -32.98 -8.18
CA THR A 424 -17.09 -31.60 -8.65
C THR A 424 -16.36 -30.58 -7.75
N GLU A 425 -16.31 -30.85 -6.44
CA GLU A 425 -15.61 -30.00 -5.44
C GLU A 425 -14.11 -30.12 -5.66
N ALA A 426 -13.55 -31.33 -5.50
CA ALA A 426 -12.10 -31.60 -5.66
C ALA A 426 -11.58 -30.91 -6.92
N ILE A 427 -12.36 -30.96 -8.01
CA ILE A 427 -12.03 -30.28 -9.29
C ILE A 427 -11.79 -28.77 -9.05
N THR A 428 -12.65 -28.11 -8.27
CA THR A 428 -12.55 -26.64 -8.01
C THR A 428 -11.26 -26.27 -7.26
N LYS A 429 -10.65 -27.21 -6.52
CA LYS A 429 -9.35 -27.03 -5.80
C LYS A 429 -8.17 -27.59 -6.64
N MET A 430 -8.35 -27.83 -7.95
CA MET A 430 -7.30 -28.30 -8.89
C MET A 430 -7.18 -27.27 -10.00
N PRO A 431 -5.98 -26.68 -10.31
CA PRO A 431 -5.86 -25.76 -11.45
C PRO A 431 -6.21 -26.46 -12.78
N LEU A 432 -6.79 -25.73 -13.74
CA LEU A 432 -7.57 -26.25 -14.92
C LEU A 432 -8.87 -26.95 -14.43
N SER A 433 -9.46 -26.50 -13.31
CA SER A 433 -10.82 -26.87 -12.82
C SER A 433 -11.82 -27.00 -13.98
N PRO A 434 -12.02 -25.98 -14.86
CA PRO A 434 -12.91 -26.11 -16.02
C PRO A 434 -12.60 -27.32 -16.94
N LEU A 435 -11.34 -27.51 -17.34
CA LEU A 435 -10.90 -28.68 -18.16
C LEU A 435 -11.23 -29.97 -17.38
N TRP A 436 -10.72 -30.06 -16.15
CA TRP A 436 -11.02 -31.20 -15.22
C TRP A 436 -12.54 -31.44 -15.09
N SER A 437 -13.35 -30.37 -15.13
CA SER A 437 -14.84 -30.49 -15.17
C SER A 437 -15.30 -31.09 -16.51
N VAL A 438 -14.81 -30.60 -17.65
CA VAL A 438 -15.35 -31.00 -19.00
C VAL A 438 -14.89 -32.43 -19.31
N LEU A 439 -13.59 -32.74 -19.10
CA LEU A 439 -13.03 -34.11 -19.24
C LEU A 439 -13.83 -35.12 -18.42
N PHE A 440 -14.12 -34.81 -17.15
CA PHE A 440 -14.79 -35.73 -16.20
C PHE A 440 -16.25 -35.97 -16.62
N PHE A 441 -16.98 -34.95 -17.06
CA PHE A 441 -18.42 -35.09 -17.43
C PHE A 441 -18.61 -35.55 -18.88
N ILE A 442 -17.61 -35.43 -19.76
CA ILE A 442 -17.60 -36.10 -21.12
C ILE A 442 -17.41 -37.61 -20.93
N MET A 443 -16.48 -38.02 -20.06
CA MET A 443 -16.16 -39.45 -19.82
C MET A 443 -17.35 -40.14 -19.10
N LEU A 444 -18.16 -39.39 -18.35
CA LEU A 444 -19.36 -39.91 -17.66
C LEU A 444 -20.54 -39.96 -18.64
N PHE A 445 -20.60 -39.05 -19.62
CA PHE A 445 -21.64 -39.08 -20.69
C PHE A 445 -21.38 -40.30 -21.57
N CYS A 446 -20.20 -40.36 -22.19
CA CYS A 446 -19.70 -41.49 -23.03
C CYS A 446 -20.04 -42.82 -22.36
N LEU A 447 -19.60 -43.00 -21.10
CA LEU A 447 -19.91 -44.21 -20.27
C LEU A 447 -21.42 -44.44 -20.19
N GLY A 448 -22.22 -43.39 -19.95
CA GLY A 448 -23.68 -43.51 -19.85
C GLY A 448 -24.34 -43.81 -21.18
N LEU A 449 -23.76 -43.29 -22.27
CA LEU A 449 -24.31 -43.39 -23.65
C LEU A 449 -24.09 -44.81 -24.17
N SER A 450 -22.85 -45.29 -24.10
CA SER A 450 -22.49 -46.70 -24.43
C SER A 450 -23.33 -47.69 -23.59
N SER A 451 -23.68 -47.37 -22.33
CA SER A 451 -24.59 -48.21 -21.52
C SER A 451 -26.00 -48.21 -22.12
N MET A 452 -26.46 -47.04 -22.59
CA MET A 452 -27.82 -46.88 -23.20
C MET A 452 -27.93 -47.71 -24.48
N PHE A 453 -26.88 -47.78 -25.30
CA PHE A 453 -26.87 -48.58 -26.57
C PHE A 453 -27.29 -50.02 -26.31
N GLY A 454 -26.70 -50.69 -25.32
CA GLY A 454 -27.10 -52.06 -24.96
C GLY A 454 -28.47 -52.14 -24.33
N ASN A 455 -28.90 -51.11 -23.60
CA ASN A 455 -30.25 -51.04 -22.98
C ASN A 455 -31.31 -50.85 -24.06
N MET A 456 -31.02 -50.06 -25.11
CA MET A 456 -31.94 -49.84 -26.27
C MET A 456 -32.12 -51.12 -27.09
N GLU A 457 -31.04 -51.90 -27.28
CA GLU A 457 -31.04 -53.22 -27.99
C GLU A 457 -31.89 -54.26 -27.25
N GLY A 458 -32.02 -54.18 -25.92
CA GLY A 458 -32.80 -55.13 -25.10
C GLY A 458 -34.27 -54.79 -24.98
N VAL A 459 -34.75 -53.72 -25.64
CA VAL A 459 -36.18 -53.28 -25.69
C VAL A 459 -36.66 -53.18 -27.16
N VAL A 460 -35.84 -52.69 -28.09
CA VAL A 460 -36.12 -52.52 -29.55
C VAL A 460 -36.26 -53.91 -30.20
N VAL A 461 -35.30 -54.81 -29.95
CA VAL A 461 -35.22 -56.15 -30.60
C VAL A 461 -36.40 -57.00 -30.14
N PRO A 462 -36.65 -57.22 -28.81
CA PRO A 462 -37.82 -57.98 -28.35
C PRO A 462 -39.19 -57.47 -28.87
N LEU A 463 -39.28 -56.18 -29.21
CA LEU A 463 -40.44 -55.56 -29.93
C LEU A 463 -40.51 -56.01 -31.39
N GLN A 464 -39.38 -55.97 -32.13
CA GLN A 464 -39.31 -56.43 -33.56
C GLN A 464 -39.63 -57.93 -33.68
N ASP A 465 -39.28 -58.73 -32.66
CA ASP A 465 -39.54 -60.20 -32.61
C ASP A 465 -41.00 -60.47 -32.25
N LEU A 466 -41.64 -59.66 -31.39
CA LEU A 466 -43.11 -59.69 -31.17
C LEU A 466 -43.80 -59.06 -32.40
N GLU A 476 -35.80 -47.02 -37.01
CA GLU A 476 -35.98 -45.53 -37.04
C GLU A 476 -37.36 -45.17 -36.46
N VAL A 477 -38.46 -45.71 -37.02
CA VAL A 477 -39.85 -45.42 -36.56
C VAL A 477 -40.00 -46.01 -35.15
N LEU A 478 -39.96 -47.35 -35.04
CA LEU A 478 -40.09 -48.10 -33.74
C LEU A 478 -39.11 -47.51 -32.72
N THR A 479 -37.83 -47.36 -33.10
CA THR A 479 -36.76 -46.66 -32.32
C THR A 479 -37.34 -45.33 -31.78
N GLY A 480 -37.86 -44.50 -32.68
CA GLY A 480 -38.40 -43.14 -32.38
C GLY A 480 -39.58 -43.20 -31.44
N LEU A 481 -40.55 -44.09 -31.69
CA LEU A 481 -41.71 -44.38 -30.79
C LEU A 481 -41.20 -44.67 -29.36
N ILE A 482 -40.18 -45.53 -29.23
CA ILE A 482 -39.54 -45.89 -27.92
C ILE A 482 -38.76 -44.68 -27.36
N CYS A 483 -37.98 -43.96 -28.19
CA CYS A 483 -37.20 -42.74 -27.79
C CYS A 483 -38.11 -41.61 -27.28
N LEU A 484 -39.35 -41.49 -27.77
CA LEU A 484 -40.32 -40.39 -27.39
C LEU A 484 -41.25 -40.86 -26.26
N GLY A 485 -41.75 -42.11 -26.30
CA GLY A 485 -42.60 -42.71 -25.25
C GLY A 485 -41.92 -42.68 -23.90
N THR A 486 -40.67 -43.13 -23.85
CA THR A 486 -39.80 -43.15 -22.63
C THR A 486 -39.52 -41.72 -22.18
N PHE A 487 -39.06 -40.85 -23.09
CA PHE A 487 -38.77 -39.40 -22.83
C PHE A 487 -39.98 -38.75 -22.12
N LEU A 488 -41.20 -39.02 -22.58
CA LEU A 488 -42.47 -38.62 -21.91
C LEU A 488 -42.55 -39.21 -20.48
N ILE A 489 -42.25 -40.50 -20.28
CA ILE A 489 -42.27 -41.16 -18.94
C ILE A 489 -41.13 -40.56 -18.06
N GLY A 490 -40.01 -40.12 -18.65
CA GLY A 490 -38.89 -39.44 -17.96
C GLY A 490 -39.23 -38.11 -17.30
N PHE A 491 -40.42 -37.53 -17.51
CA PHE A 491 -40.90 -36.25 -16.88
C PHE A 491 -41.05 -36.38 -15.36
N ILE A 492 -41.42 -37.56 -14.83
CA ILE A 492 -41.47 -37.82 -13.35
C ILE A 492 -40.15 -37.43 -12.66
N PHE A 493 -38.99 -37.54 -13.33
CA PHE A 493 -37.65 -37.18 -12.78
C PHE A 493 -37.30 -35.70 -12.97
N THR A 494 -38.05 -34.91 -13.74
CA THR A 494 -37.88 -33.42 -13.84
C THR A 494 -38.76 -32.68 -12.82
N LEU A 495 -39.57 -33.39 -12.00
CA LEU A 495 -40.33 -32.78 -10.87
C LEU A 495 -39.34 -32.27 -9.80
N ASN A 496 -39.88 -31.56 -8.80
CA ASN A 496 -39.06 -31.13 -7.62
C ASN A 496 -38.70 -32.37 -6.80
N SER A 497 -39.54 -33.41 -6.78
CA SER A 497 -39.23 -34.69 -6.09
C SER A 497 -38.72 -35.75 -7.07
N GLY A 498 -38.36 -35.36 -8.29
CA GLY A 498 -37.75 -36.21 -9.35
C GLY A 498 -36.66 -37.14 -8.86
N GLN A 499 -35.75 -36.57 -8.07
CA GLN A 499 -34.61 -37.31 -7.48
C GLN A 499 -35.14 -38.45 -6.60
N TYR A 500 -36.15 -38.19 -5.78
CA TYR A 500 -36.74 -39.24 -4.90
C TYR A 500 -37.32 -40.36 -5.77
N TRP A 501 -37.98 -40.00 -6.88
CA TRP A 501 -38.55 -40.95 -7.87
C TRP A 501 -37.42 -41.83 -8.43
N LEU A 502 -36.35 -41.19 -8.92
CA LEU A 502 -35.18 -41.92 -9.50
C LEU A 502 -34.56 -42.83 -8.43
N SER A 503 -34.31 -42.31 -7.22
CA SER A 503 -33.65 -43.07 -6.12
C SER A 503 -34.32 -44.45 -5.97
N LEU A 504 -35.64 -44.44 -5.76
CA LEU A 504 -36.44 -45.67 -5.49
C LEU A 504 -36.35 -46.59 -6.70
N LEU A 505 -36.75 -46.08 -7.87
CA LEU A 505 -36.78 -46.87 -9.14
C LEU A 505 -35.42 -47.55 -9.35
N ASP A 506 -34.33 -46.81 -9.13
CA ASP A 506 -32.96 -47.34 -9.25
C ASP A 506 -32.76 -48.55 -8.33
N SER A 507 -33.09 -48.41 -7.05
CA SER A 507 -32.79 -49.47 -6.03
C SER A 507 -33.53 -50.75 -6.41
N TYR A 508 -34.86 -50.66 -6.57
CA TYR A 508 -35.71 -51.84 -6.85
C TYR A 508 -35.50 -52.38 -8.27
N ALA A 509 -35.12 -51.54 -9.24
CA ALA A 509 -34.82 -51.99 -10.61
C ALA A 509 -33.75 -53.10 -10.55
N GLY A 510 -32.68 -52.86 -9.79
CA GLY A 510 -31.57 -53.81 -9.56
C GLY A 510 -31.77 -54.69 -8.35
N SER A 511 -32.68 -54.34 -7.44
CA SER A 511 -32.93 -55.10 -6.17
C SER A 511 -33.17 -56.60 -6.45
N ILE A 512 -33.96 -56.92 -7.47
CA ILE A 512 -34.47 -58.31 -7.74
C ILE A 512 -34.60 -58.54 -9.25
N PRO A 513 -35.34 -57.72 -10.05
CA PRO A 513 -35.55 -57.97 -11.48
C PRO A 513 -34.31 -58.48 -12.22
N LEU A 514 -33.18 -57.77 -12.08
CA LEU A 514 -31.90 -58.14 -12.75
C LEU A 514 -31.47 -59.54 -12.31
N LEU A 515 -31.33 -59.75 -11.00
CA LEU A 515 -30.76 -60.98 -10.37
C LEU A 515 -31.47 -62.23 -10.92
N ILE A 516 -32.80 -62.27 -10.83
CA ILE A 516 -33.61 -63.50 -11.10
C ILE A 516 -33.34 -63.93 -12.55
N ILE A 517 -33.43 -62.98 -13.48
CA ILE A 517 -33.26 -63.26 -14.95
C ILE A 517 -31.95 -64.04 -15.12
N ALA A 518 -30.86 -63.60 -14.51
CA ALA A 518 -29.50 -64.21 -14.65
C ALA A 518 -29.55 -65.70 -14.30
N PHE A 519 -30.06 -66.01 -13.12
CA PHE A 519 -30.21 -67.41 -12.60
C PHE A 519 -31.09 -68.22 -13.55
N CYS A 520 -32.22 -67.68 -14.00
CA CYS A 520 -33.12 -68.37 -14.96
C CYS A 520 -32.36 -68.74 -16.23
N GLU A 521 -31.62 -67.80 -16.81
CA GLU A 521 -30.82 -68.01 -18.06
C GLU A 521 -29.88 -69.19 -17.84
N MET A 522 -29.04 -69.12 -16.80
CA MET A 522 -28.04 -70.17 -16.43
C MET A 522 -28.75 -71.53 -16.27
N PHE A 523 -29.81 -71.58 -15.45
CA PHE A 523 -30.60 -72.81 -15.13
C PHE A 523 -31.15 -73.44 -16.43
N SER A 524 -31.88 -72.66 -17.25
CA SER A 524 -32.57 -73.16 -18.46
C SER A 524 -31.53 -73.81 -19.37
N VAL A 525 -30.55 -73.03 -19.84
CA VAL A 525 -29.52 -73.51 -20.82
C VAL A 525 -28.91 -74.83 -20.29
N VAL A 526 -28.56 -74.88 -19.02
CA VAL A 526 -27.88 -76.05 -18.39
C VAL A 526 -28.81 -77.26 -18.36
N TYR A 527 -30.11 -77.10 -18.06
CA TYR A 527 -31.02 -78.27 -17.86
C TYR A 527 -32.09 -78.30 -18.96
N VAL A 528 -32.92 -77.28 -19.05
CA VAL A 528 -34.07 -77.22 -20.02
C VAL A 528 -33.54 -77.51 -21.43
N TYR A 529 -32.44 -76.88 -21.82
CA TYR A 529 -31.73 -77.07 -23.11
C TYR A 529 -30.67 -78.18 -23.01
N GLY A 530 -30.12 -78.47 -21.82
CA GLY A 530 -29.12 -79.53 -21.61
C GLY A 530 -27.72 -78.97 -21.82
N VAL A 531 -26.92 -78.91 -20.74
CA VAL A 531 -25.49 -78.50 -20.72
C VAL A 531 -24.68 -79.36 -21.71
N ASP A 532 -24.92 -80.68 -21.74
CA ASP A 532 -24.21 -81.64 -22.64
C ASP A 532 -24.50 -81.28 -24.11
N ARG A 533 -25.77 -81.03 -24.45
CA ARG A 533 -26.08 -80.56 -25.82
C ARG A 533 -25.41 -79.21 -26.01
N PHE A 534 -25.62 -78.29 -25.06
CA PHE A 534 -24.96 -76.95 -25.10
C PHE A 534 -23.46 -77.13 -25.35
N ASN A 535 -22.86 -78.22 -24.88
CA ASN A 535 -21.44 -78.58 -25.16
C ASN A 535 -21.25 -78.98 -26.64
N LYS A 536 -22.03 -79.95 -27.15
CA LYS A 536 -21.83 -80.48 -28.54
C LYS A 536 -21.86 -79.31 -29.55
N ASP A 537 -22.81 -78.39 -29.41
CA ASP A 537 -22.94 -77.21 -30.32
C ASP A 537 -21.68 -76.32 -30.23
N ILE A 538 -21.24 -75.98 -29.02
CA ILE A 538 -20.01 -75.17 -28.78
C ILE A 538 -18.86 -75.84 -29.55
N GLU A 539 -18.71 -77.16 -29.38
CA GLU A 539 -17.71 -78.02 -30.10
C GLU A 539 -17.85 -77.87 -31.62
N PHE A 540 -19.07 -77.80 -32.17
CA PHE A 540 -19.31 -77.43 -33.60
C PHE A 540 -18.68 -76.06 -33.91
N MET A 541 -18.90 -75.04 -33.06
CA MET A 541 -18.53 -73.62 -33.35
C MET A 541 -17.03 -73.35 -33.12
N ILE A 542 -16.42 -73.85 -32.02
CA ILE A 542 -15.00 -73.56 -31.61
C ILE A 542 -14.07 -74.77 -31.84
N GLY A 543 -14.58 -76.00 -31.99
CA GLY A 543 -13.78 -77.21 -32.26
C GLY A 543 -13.25 -77.86 -30.99
N HIS A 544 -13.86 -77.61 -29.82
CA HIS A 544 -13.45 -78.22 -28.53
C HIS A 544 -14.53 -78.07 -27.45
N LYS A 545 -14.80 -79.14 -26.69
CA LYS A 545 -15.71 -79.10 -25.51
C LYS A 545 -15.05 -78.19 -24.46
N PRO A 546 -15.79 -77.24 -23.83
CA PRO A 546 -15.21 -76.31 -22.84
C PRO A 546 -14.50 -77.00 -21.66
N ASN A 547 -13.54 -76.31 -21.04
CA ASN A 547 -12.78 -76.83 -19.86
C ASN A 547 -13.76 -77.17 -18.73
N ILE A 548 -13.28 -78.00 -17.80
CA ILE A 548 -14.01 -78.38 -16.55
C ILE A 548 -14.51 -77.13 -15.82
N PHE A 549 -13.73 -76.06 -15.75
CA PHE A 549 -14.10 -74.73 -15.17
C PHE A 549 -15.54 -74.38 -15.55
N TRP A 550 -15.82 -74.29 -16.86
CA TRP A 550 -17.16 -73.91 -17.38
C TRP A 550 -18.21 -74.90 -16.84
N GLN A 551 -17.91 -76.20 -16.96
CA GLN A 551 -18.83 -77.30 -16.56
C GLN A 551 -19.17 -77.15 -15.08
N VAL A 552 -18.14 -77.06 -14.23
CA VAL A 552 -18.32 -77.02 -12.75
C VAL A 552 -19.07 -75.74 -12.40
N THR A 553 -18.64 -74.60 -12.95
CA THR A 553 -19.26 -73.27 -12.66
C THR A 553 -20.69 -73.27 -13.18
N TRP A 554 -20.97 -73.89 -14.34
CA TRP A 554 -22.31 -73.90 -14.96
C TRP A 554 -23.26 -74.91 -14.30
N ARG A 555 -22.79 -76.11 -13.94
CA ARG A 555 -23.67 -77.21 -13.44
C ARG A 555 -24.09 -76.92 -11.99
N VAL A 556 -23.13 -76.54 -11.12
CA VAL A 556 -23.30 -76.58 -9.63
C VAL A 556 -23.03 -75.20 -8.98
N VAL A 557 -21.86 -74.56 -9.20
CA VAL A 557 -21.40 -73.42 -8.35
C VAL A 557 -22.27 -72.16 -8.62
N SER A 558 -22.29 -71.65 -9.85
CA SER A 558 -22.94 -70.36 -10.21
C SER A 558 -24.43 -70.37 -9.83
N PRO A 559 -25.24 -71.39 -10.23
CA PRO A 559 -26.64 -71.47 -9.79
C PRO A 559 -26.76 -71.29 -8.26
N LEU A 560 -25.96 -72.07 -7.53
CA LEU A 560 -25.91 -72.03 -6.04
C LEU A 560 -25.58 -70.60 -5.56
N LEU A 561 -24.52 -70.01 -6.12
CA LEU A 561 -24.07 -68.64 -5.73
C LEU A 561 -25.22 -67.63 -5.95
N MET A 562 -25.88 -67.72 -7.11
CA MET A 562 -27.04 -66.85 -7.45
C MET A 562 -28.11 -67.00 -6.38
N LEU A 563 -28.45 -68.24 -6.00
CA LEU A 563 -29.44 -68.51 -4.93
C LEU A 563 -29.00 -67.85 -3.61
N ILE A 564 -27.71 -67.92 -3.28
CA ILE A 564 -27.14 -67.36 -2.02
C ILE A 564 -27.39 -65.84 -2.01
N ILE A 565 -27.04 -65.16 -3.11
CA ILE A 565 -27.20 -63.68 -3.20
C ILE A 565 -28.69 -63.35 -3.11
N PHE A 566 -29.55 -64.16 -3.73
CA PHE A 566 -31.02 -63.94 -3.69
C PHE A 566 -31.50 -64.01 -2.24
N LEU A 567 -31.04 -65.01 -1.47
CA LEU A 567 -31.35 -65.06 -0.02
C LEU A 567 -30.88 -63.76 0.66
N PHE A 568 -29.66 -63.32 0.33
CA PHE A 568 -29.07 -62.07 0.88
C PHE A 568 -30.05 -60.89 0.76
N PHE A 569 -30.74 -60.74 -0.37
CA PHE A 569 -31.79 -59.69 -0.55
C PHE A 569 -32.82 -59.78 0.59
N PHE A 570 -33.39 -60.94 0.83
CA PHE A 570 -34.47 -61.12 1.86
C PHE A 570 -34.10 -60.44 3.20
N VAL A 571 -32.80 -60.39 3.56
CA VAL A 571 -32.28 -59.60 4.72
C VAL A 571 -32.75 -58.13 4.63
N VAL A 572 -32.70 -57.52 3.45
CA VAL A 572 -33.16 -56.11 3.26
C VAL A 572 -34.67 -56.10 3.41
N GLU A 573 -35.41 -56.98 2.72
CA GLU A 573 -36.87 -57.07 2.91
C GLU A 573 -37.18 -57.08 4.41
N VAL A 574 -36.31 -57.70 5.21
CA VAL A 574 -36.40 -57.69 6.70
C VAL A 574 -36.12 -56.28 7.27
N SER A 575 -34.90 -55.75 7.17
CA SER A 575 -34.47 -54.51 7.89
C SER A 575 -34.62 -53.25 7.03
N GLN A 576 -34.63 -53.36 5.69
CA GLN A 576 -34.72 -52.21 4.76
C GLN A 576 -36.19 -52.02 4.34
N GLU A 577 -36.83 -50.93 4.79
CA GLU A 577 -38.29 -50.68 4.56
C GLU A 577 -38.54 -49.20 4.20
N LEU A 578 -38.18 -48.79 2.99
CA LEU A 578 -38.54 -47.47 2.40
C LEU A 578 -38.07 -46.26 3.22
N THR A 579 -37.11 -46.42 4.13
CA THR A 579 -36.48 -45.29 4.87
C THR A 579 -35.53 -44.61 3.88
N TYR A 580 -35.69 -43.30 3.63
CA TYR A 580 -34.90 -42.58 2.59
C TYR A 580 -34.44 -41.22 3.13
N SER A 581 -33.38 -40.70 2.52
CA SER A 581 -32.76 -39.42 2.91
C SER A 581 -33.50 -38.29 2.20
N ILE A 582 -33.78 -37.21 2.92
CA ILE A 582 -34.41 -35.96 2.40
C ILE A 582 -33.48 -34.79 2.72
N TRP A 583 -33.64 -33.70 1.96
CA TRP A 583 -32.90 -32.43 2.09
C TRP A 583 -33.93 -31.35 2.40
N ASP A 584 -34.29 -31.21 3.68
CA ASP A 584 -35.20 -30.13 4.18
C ASP A 584 -34.32 -29.00 4.70
N PRO A 585 -34.06 -27.89 3.92
CA PRO A 585 -33.31 -26.75 4.43
C PRO A 585 -33.96 -26.09 5.66
N GLY A 586 -33.15 -25.74 6.67
CA GLY A 586 -33.59 -24.97 7.83
C GLY A 586 -34.08 -25.87 8.94
N TYR A 587 -34.50 -27.12 8.68
CA TYR A 587 -34.76 -28.16 9.72
C TYR A 587 -33.51 -28.33 10.60
N GLU A 588 -33.74 -28.63 11.88
CA GLU A 588 -32.68 -28.81 12.91
C GLU A 588 -31.59 -29.73 12.33
N GLU A 589 -30.33 -29.30 12.41
CA GLU A 589 -29.16 -30.02 11.83
C GLU A 589 -29.43 -30.25 10.33
N PHE A 590 -29.60 -29.16 9.58
CA PHE A 590 -29.85 -29.18 8.11
C PHE A 590 -28.68 -29.85 7.39
N PRO A 591 -27.40 -29.44 7.58
CA PRO A 591 -26.27 -30.15 6.97
C PRO A 591 -26.28 -31.64 7.34
N LYS A 592 -26.75 -31.99 8.55
CA LYS A 592 -26.85 -33.40 9.01
C LYS A 592 -27.97 -34.09 8.26
N SER A 593 -27.84 -35.40 8.04
CA SER A 593 -28.82 -36.23 7.30
C SER A 593 -30.18 -36.29 8.05
N GLN A 594 -31.21 -36.76 7.35
CA GLN A 594 -32.52 -37.19 7.88
C GLN A 594 -32.74 -38.66 7.48
N LYS A 595 -33.87 -39.27 7.86
CA LYS A 595 -34.27 -40.63 7.39
C LYS A 595 -35.78 -40.83 7.58
N ILE A 596 -36.60 -40.15 6.77
CA ILE A 596 -38.09 -40.33 6.74
C ILE A 596 -38.40 -41.59 5.93
N SER A 597 -39.56 -42.21 6.16
CA SER A 597 -40.03 -43.45 5.46
C SER A 597 -40.97 -43.07 4.31
N TYR A 598 -40.86 -43.74 3.16
CA TYR A 598 -41.73 -43.51 1.96
C TYR A 598 -43.18 -43.78 2.35
N PRO A 599 -44.18 -42.98 1.89
CA PRO A 599 -45.60 -43.22 2.20
C PRO A 599 -46.07 -44.66 1.94
N ASN A 600 -47.09 -45.13 2.67
CA ASN A 600 -47.62 -46.52 2.57
C ASN A 600 -48.13 -46.85 1.15
N TRP A 601 -48.49 -45.86 0.31
CA TRP A 601 -48.75 -45.99 -1.15
C TRP A 601 -47.53 -46.50 -1.94
N VAL A 602 -46.29 -46.21 -1.51
CA VAL A 602 -45.01 -46.47 -2.25
C VAL A 602 -44.86 -47.97 -2.59
N TYR A 603 -45.42 -48.87 -1.77
CA TYR A 603 -45.39 -50.34 -1.95
C TYR A 603 -45.96 -50.61 -3.35
N VAL A 604 -47.09 -49.96 -3.70
CA VAL A 604 -47.70 -50.02 -5.07
C VAL A 604 -46.60 -49.79 -6.13
N VAL A 605 -45.74 -48.78 -5.95
CA VAL A 605 -44.58 -48.48 -6.84
C VAL A 605 -43.53 -49.61 -6.71
N VAL A 606 -43.25 -50.13 -5.50
CA VAL A 606 -42.21 -51.20 -5.26
C VAL A 606 -42.66 -52.53 -5.89
N VAL A 607 -43.88 -53.00 -5.59
CA VAL A 607 -44.43 -54.32 -6.03
C VAL A 607 -44.44 -54.42 -7.57
N ILE A 608 -44.50 -53.29 -8.32
CA ILE A 608 -44.47 -53.27 -9.82
C ILE A 608 -43.01 -53.26 -10.29
N VAL A 609 -42.19 -52.26 -9.93
CA VAL A 609 -40.77 -52.12 -10.43
C VAL A 609 -39.94 -53.40 -10.17
N ALA A 610 -40.16 -54.11 -9.05
CA ALA A 610 -39.42 -55.32 -8.64
C ALA A 610 -40.19 -56.60 -9.00
N GLY A 611 -41.49 -56.65 -8.67
CA GLY A 611 -42.33 -57.86 -8.81
C GLY A 611 -42.71 -58.16 -10.25
N VAL A 612 -43.19 -57.17 -11.02
CA VAL A 612 -43.75 -57.38 -12.40
C VAL A 612 -42.78 -58.22 -13.26
N PRO A 613 -41.54 -57.78 -13.60
CA PRO A 613 -40.68 -58.51 -14.54
C PRO A 613 -40.38 -59.89 -13.93
N SER A 614 -39.89 -59.92 -12.69
CA SER A 614 -39.63 -61.15 -11.89
C SER A 614 -40.78 -62.15 -12.04
N LEU A 615 -42.02 -61.72 -11.75
CA LEU A 615 -43.23 -62.59 -11.77
C LEU A 615 -43.65 -62.95 -13.20
N THR A 616 -43.20 -62.26 -14.26
CA THR A 616 -43.51 -62.62 -15.67
C THR A 616 -42.97 -64.03 -16.02
N ILE A 617 -41.83 -64.43 -15.44
CA ILE A 617 -41.13 -65.73 -15.71
C ILE A 617 -42.00 -66.89 -15.19
N PRO A 618 -42.47 -66.93 -13.90
CA PRO A 618 -43.50 -67.89 -13.50
C PRO A 618 -44.82 -67.63 -14.23
N GLY A 619 -45.33 -66.38 -14.22
CA GLY A 619 -46.63 -65.93 -14.77
C GLY A 619 -46.95 -66.48 -16.15
N TYR A 620 -46.07 -66.25 -17.14
CA TYR A 620 -46.20 -66.73 -18.54
C TYR A 620 -46.11 -68.26 -18.55
N ALA A 621 -45.14 -68.86 -17.85
CA ALA A 621 -44.92 -70.34 -17.76
C ALA A 621 -46.24 -71.03 -17.39
N ILE A 622 -46.94 -70.54 -16.35
CA ILE A 622 -48.26 -71.07 -15.88
C ILE A 622 -49.31 -70.85 -16.99
N TYR A 623 -49.44 -69.61 -17.51
CA TYR A 623 -50.38 -69.21 -18.60
C TYR A 623 -50.26 -70.15 -19.82
N LYS A 624 -49.02 -70.54 -20.20
CA LYS A 624 -48.76 -71.43 -21.36
C LYS A 624 -49.15 -72.89 -21.04
N LEU A 625 -48.99 -73.36 -19.79
CA LEU A 625 -49.44 -74.72 -19.35
C LEU A 625 -50.99 -74.83 -19.27
N ILE A 626 -51.75 -73.72 -19.18
CA ILE A 626 -53.25 -73.69 -19.13
C ILE A 626 -53.86 -73.17 -20.45
N ARG A 627 -53.07 -72.84 -21.50
CA ARG A 627 -53.55 -72.51 -22.87
C ARG A 627 -53.43 -73.77 -23.76
CA THR B 21 45.16 -2.36 70.05
C THR B 21 44.41 -1.68 68.90
N ILE B 22 44.04 -2.46 67.89
CA ILE B 22 43.15 -2.08 66.73
C ILE B 22 41.90 -1.33 67.24
N GLU B 23 41.14 -1.95 68.13
CA GLU B 23 39.88 -1.36 68.67
C GLU B 23 40.22 -0.03 69.35
N GLU B 24 41.30 0.01 70.13
CA GLU B 24 41.74 1.22 70.88
C GLU B 24 42.05 2.36 69.90
N GLN B 25 42.86 2.07 68.88
CA GLN B 25 43.27 3.10 67.87
C GLN B 25 42.03 3.54 67.08
N ALA B 26 41.10 2.63 66.78
CA ALA B 26 39.83 3.00 66.12
C ALA B 26 39.06 3.99 67.01
N LYS B 27 38.96 3.68 68.32
CA LYS B 27 38.25 4.54 69.31
C LYS B 27 38.89 5.92 69.32
N THR B 28 40.20 6.02 69.61
CA THR B 28 40.91 7.34 69.68
C THR B 28 40.58 8.16 68.44
N PHE B 29 40.69 7.53 67.26
CA PHE B 29 40.31 8.14 65.95
C PHE B 29 38.89 8.72 66.06
N LEU B 30 37.92 7.86 66.37
CA LEU B 30 36.49 8.27 66.42
C LEU B 30 36.33 9.41 67.42
N ASP B 31 36.93 9.31 68.61
CA ASP B 31 36.81 10.35 69.67
C ASP B 31 37.28 11.68 69.10
N LYS B 32 38.50 11.74 68.56
CA LYS B 32 39.08 13.00 68.03
C LYS B 32 38.17 13.52 66.92
N PHE B 33 37.74 12.64 66.00
CA PHE B 33 36.79 12.98 64.91
C PHE B 33 35.53 13.61 65.52
N ASN B 34 34.89 12.92 66.48
CA ASN B 34 33.60 13.37 67.08
C ASN B 34 33.78 14.81 67.58
N HIS B 35 34.81 15.08 68.40
CA HIS B 35 35.05 16.43 69.00
C HIS B 35 35.09 17.46 67.86
N GLU B 36 36.09 17.30 66.97
CA GLU B 36 36.35 18.25 65.86
C GLU B 36 35.03 18.42 65.09
N ALA B 37 34.43 17.29 64.65
CA ALA B 37 33.17 17.23 63.87
C ALA B 37 32.16 18.19 64.51
N GLU B 38 31.78 17.96 65.78
CA GLU B 38 30.69 18.71 66.45
C GLU B 38 30.87 20.22 66.24
N ASP B 39 32.03 20.76 66.62
CA ASP B 39 32.32 22.22 66.57
C ASP B 39 32.26 22.70 65.13
N LEU B 40 32.99 22.03 64.25
CA LEU B 40 32.99 22.34 62.79
C LEU B 40 31.60 22.13 62.18
N PHE B 41 30.79 21.21 62.72
CA PHE B 41 29.40 20.94 62.26
C PHE B 41 28.47 22.06 62.72
N TYR B 42 28.61 22.50 63.97
CA TYR B 42 27.79 23.59 64.55
C TYR B 42 27.71 24.74 63.51
N GLN B 43 28.89 25.19 63.07
CA GLN B 43 29.08 26.26 62.06
C GLN B 43 28.11 26.01 60.91
N SER B 44 28.29 24.90 60.18
CA SER B 44 27.47 24.51 59.00
C SER B 44 25.98 24.70 59.35
N SER B 45 25.53 24.03 60.41
CA SER B 45 24.10 24.05 60.83
C SER B 45 23.67 25.50 61.10
N LEU B 46 24.37 26.18 62.00
CA LEU B 46 24.09 27.60 62.38
C LEU B 46 24.07 28.45 61.10
N ALA B 47 25.13 28.38 60.30
CA ALA B 47 25.26 29.14 59.04
C ALA B 47 23.97 29.02 58.22
N SER B 48 23.53 27.79 57.96
CA SER B 48 22.29 27.52 57.18
C SER B 48 21.07 28.10 57.92
N TRP B 49 20.97 27.88 59.23
CA TRP B 49 19.87 28.48 60.05
C TRP B 49 19.82 30.00 59.80
N ASN B 50 20.95 30.68 59.84
CA ASN B 50 21.03 32.16 59.63
C ASN B 50 20.47 32.50 58.24
N TYR B 51 20.87 31.77 57.21
CA TYR B 51 20.36 31.95 55.82
C TYR B 51 18.87 31.61 55.75
N ASN B 52 18.45 30.57 56.48
CA ASN B 52 17.01 30.17 56.55
C ASN B 52 16.20 31.26 57.25
N THR B 53 16.83 32.06 58.10
CA THR B 53 16.21 33.19 58.85
C THR B 53 16.34 34.49 58.06
N ASN B 54 17.32 34.61 57.15
CA ASN B 54 17.56 35.86 56.37
C ASN B 54 18.12 35.52 54.99
N ILE B 55 17.41 35.86 53.91
CA ILE B 55 17.82 35.48 52.52
C ILE B 55 18.65 36.67 51.99
N THR B 56 19.95 36.67 52.24
CA THR B 56 20.93 37.64 51.65
C THR B 56 21.99 36.87 50.89
N GLU B 57 22.50 37.44 49.79
CA GLU B 57 23.61 36.86 48.98
C GLU B 57 24.77 36.50 49.92
N GLU B 58 25.14 37.43 50.81
CA GLU B 58 26.15 37.21 51.89
C GLU B 58 25.82 35.90 52.63
N ASN B 59 24.59 35.75 53.09
CA ASN B 59 24.15 34.55 53.86
C ASN B 59 24.20 33.29 52.99
N VAL B 60 24.07 33.40 51.67
CA VAL B 60 24.18 32.23 50.73
C VAL B 60 25.60 31.67 50.94
N GLN B 61 26.62 32.44 50.54
CA GLN B 61 28.05 32.06 50.65
C GLN B 61 28.34 31.59 52.09
N ASN B 62 27.81 32.28 53.10
CA ASN B 62 28.01 31.94 54.54
C ASN B 62 27.85 30.43 54.74
N MET B 63 26.68 29.87 54.40
CA MET B 63 26.42 28.42 54.59
C MET B 63 27.16 27.62 53.53
N ASN B 64 27.23 28.13 52.29
CA ASN B 64 27.92 27.45 51.17
C ASN B 64 29.32 27.03 51.63
N ASN B 65 30.14 28.01 52.02
CA ASN B 65 31.55 27.79 52.46
C ASN B 65 31.54 26.77 53.60
N ALA B 66 30.75 27.02 54.65
CA ALA B 66 30.62 26.14 55.84
C ALA B 66 30.35 24.70 55.38
N GLY B 67 29.35 24.52 54.51
CA GLY B 67 28.96 23.22 53.91
C GLY B 67 30.16 22.51 53.31
N ASP B 68 30.87 23.21 52.42
CA ASP B 68 32.07 22.67 51.72
C ASP B 68 33.06 22.23 52.80
N LYS B 69 33.45 23.16 53.69
CA LYS B 69 34.43 22.89 54.77
C LYS B 69 33.97 21.65 55.55
N TRP B 70 32.70 21.62 55.94
CA TRP B 70 32.11 20.51 56.74
C TRP B 70 32.23 19.20 55.97
N SER B 71 31.67 19.15 54.77
CA SER B 71 31.70 17.94 53.90
C SER B 71 33.15 17.48 53.70
N ALA B 72 34.06 18.40 53.34
CA ALA B 72 35.50 18.11 53.12
C ALA B 72 36.07 17.41 54.34
N PHE B 73 35.86 18.00 55.53
CA PHE B 73 36.35 17.46 56.84
C PHE B 73 35.98 15.99 56.91
N LEU B 74 34.67 15.71 56.78
CA LEU B 74 34.11 14.35 56.88
C LEU B 74 34.83 13.42 55.90
N LYS B 75 34.90 13.83 54.62
CA LYS B 75 35.54 13.05 53.52
C LYS B 75 36.91 12.56 54.01
N GLU B 76 37.73 13.48 54.50
CA GLU B 76 39.11 13.15 54.98
C GLU B 76 39.00 12.06 56.05
N GLN B 77 38.20 12.30 57.08
CA GLN B 77 38.06 11.38 58.25
C GLN B 77 37.50 10.03 57.77
N SER B 78 36.60 10.02 56.78
CA SER B 78 36.09 8.78 56.15
C SER B 78 37.26 7.89 55.71
N THR B 79 38.21 8.45 54.97
CA THR B 79 39.41 7.71 54.47
C THR B 79 40.19 7.15 55.67
N LEU B 80 40.32 7.92 56.73
CA LEU B 80 41.11 7.56 57.95
C LEU B 80 40.34 6.49 58.75
N ALA B 81 39.02 6.38 58.59
CA ALA B 81 38.18 5.35 59.25
C ALA B 81 38.54 3.96 58.71
N GLN B 82 38.68 3.82 57.40
CA GLN B 82 39.04 2.52 56.74
C GLN B 82 40.24 1.85 57.41
N MET B 83 41.19 2.62 57.98
CA MET B 83 42.32 2.10 58.79
C MET B 83 41.88 1.20 59.97
N TYR B 84 40.58 1.11 60.32
CA TYR B 84 40.08 0.30 61.44
C TYR B 84 38.99 -0.67 60.98
N PRO B 85 39.35 -1.84 60.38
CA PRO B 85 38.37 -2.86 59.98
C PRO B 85 37.58 -3.35 61.20
N LEU B 86 36.23 -3.35 61.08
CA LEU B 86 35.32 -3.77 62.19
C LEU B 86 35.52 -5.24 62.53
N GLN B 87 36.21 -6.00 61.68
CA GLN B 87 36.52 -7.43 61.86
C GLN B 87 37.25 -7.60 63.19
N GLU B 88 38.09 -6.64 63.58
CA GLU B 88 38.84 -6.66 64.84
C GLU B 88 38.19 -5.70 65.85
N ILE B 89 37.10 -5.02 65.47
CA ILE B 89 36.38 -4.07 66.37
C ILE B 89 35.24 -4.84 67.04
N GLN B 90 35.26 -4.94 68.36
CA GLN B 90 34.23 -5.73 69.12
C GLN B 90 33.19 -4.77 69.68
N ASN B 91 33.62 -3.67 70.33
CA ASN B 91 32.68 -2.64 70.85
C ASN B 91 31.74 -2.20 69.72
N LEU B 92 30.43 -2.31 69.95
CA LEU B 92 29.41 -1.94 68.95
C LEU B 92 29.43 -0.42 68.74
N THR B 93 29.49 0.36 69.81
CA THR B 93 29.41 1.86 69.75
C THR B 93 30.46 2.36 68.73
N VAL B 94 31.72 1.97 68.93
CA VAL B 94 32.84 2.30 67.99
C VAL B 94 32.52 1.72 66.61
N LYS B 95 32.17 0.43 66.57
CA LYS B 95 31.88 -0.28 65.30
C LYS B 95 30.83 0.51 64.50
N LEU B 96 29.71 0.85 65.14
CA LEU B 96 28.60 1.60 64.49
C LEU B 96 29.18 2.86 63.85
N GLN B 97 29.82 3.72 64.67
CA GLN B 97 30.36 5.01 64.19
C GLN B 97 31.35 4.75 63.05
N LEU B 98 32.28 3.80 63.25
CA LEU B 98 33.32 3.47 62.23
C LEU B 98 32.65 3.09 60.91
N GLN B 99 31.69 2.17 60.94
CA GLN B 99 30.99 1.70 59.71
C GLN B 99 30.19 2.87 59.11
N ALA B 100 29.65 3.77 59.91
CA ALA B 100 28.94 4.97 59.43
C ALA B 100 29.91 6.00 58.81
N LEU B 101 31.22 5.86 59.01
CA LEU B 101 32.29 6.70 58.39
C LEU B 101 33.03 5.94 57.29
N GLN B 102 33.12 4.61 57.37
CA GLN B 102 33.86 3.77 56.38
C GLN B 102 33.10 3.68 55.05
N GLN B 103 31.83 4.07 54.98
CA GLN B 103 31.04 4.09 53.71
C GLN B 103 31.79 4.95 52.69
N ASN B 104 32.09 4.40 51.51
CA ASN B 104 32.70 5.15 50.38
C ASN B 104 31.60 5.88 49.60
N GLY B 105 30.51 5.18 49.28
CA GLY B 105 29.39 5.72 48.48
C GLY B 105 29.82 6.01 47.04
N SER B 106 29.40 7.14 46.48
CA SER B 106 29.67 7.51 45.07
C SER B 106 31.16 7.79 44.84
N SER B 107 31.96 8.05 45.88
CA SER B 107 33.45 8.09 45.80
C SER B 107 34.00 6.82 45.10
N VAL B 108 33.35 5.66 45.31
CA VAL B 108 33.72 4.39 44.62
C VAL B 108 33.59 4.54 43.09
N LEU B 109 32.68 5.37 42.58
CA LEU B 109 32.46 5.55 41.12
C LEU B 109 33.63 6.33 40.52
N SER B 110 34.00 6.00 39.27
CA SER B 110 35.06 6.71 38.49
C SER B 110 34.71 8.20 38.35
N GLU B 111 35.70 9.08 38.34
CA GLU B 111 35.46 10.56 38.30
C GLU B 111 34.44 10.88 37.20
N ASP B 112 34.73 10.45 35.98
CA ASP B 112 33.82 10.62 34.81
C ASP B 112 32.42 10.07 35.15
N LYS B 113 32.34 8.81 35.57
CA LYS B 113 31.07 8.12 35.94
C LYS B 113 30.33 8.99 36.97
N SER B 114 31.02 9.37 38.06
CA SER B 114 30.43 10.17 39.16
C SER B 114 29.85 11.47 38.56
N LYS B 115 30.67 12.19 37.80
CA LYS B 115 30.26 13.48 37.19
C LYS B 115 28.99 13.28 36.35
N ARG B 116 29.01 12.28 35.46
CA ARG B 116 27.85 11.93 34.59
C ARG B 116 26.62 11.75 35.48
N LEU B 117 26.73 10.87 36.49
CA LEU B 117 25.61 10.61 37.44
C LEU B 117 25.12 11.92 38.03
N ASN B 118 26.04 12.72 38.59
CA ASN B 118 25.68 14.04 39.20
C ASN B 118 24.90 14.87 38.18
N THR B 119 25.40 15.01 36.97
CA THR B 119 24.73 15.76 35.88
C THR B 119 23.30 15.26 35.68
N ILE B 120 23.12 13.93 35.50
CA ILE B 120 21.78 13.28 35.33
C ILE B 120 20.89 13.75 36.47
N LEU B 121 21.38 13.63 37.71
CA LEU B 121 20.60 14.02 38.90
C LEU B 121 20.15 15.48 38.77
N ASN B 122 21.08 16.37 38.45
CA ASN B 122 20.77 17.82 38.32
C ASN B 122 19.72 17.99 37.23
N THR B 123 19.94 17.38 36.07
CA THR B 123 19.02 17.51 34.92
C THR B 123 17.63 17.07 35.35
N MET B 124 17.52 15.87 35.91
CA MET B 124 16.20 15.29 36.35
C MET B 124 15.51 16.29 37.29
N SER B 125 16.23 16.74 38.31
CA SER B 125 15.73 17.76 39.28
C SER B 125 15.25 19.02 38.56
N THR B 126 16.09 19.56 37.69
CA THR B 126 15.76 20.79 36.90
C THR B 126 14.46 20.58 36.11
N ILE B 127 14.35 19.47 35.36
CA ILE B 127 13.14 19.15 34.52
C ILE B 127 11.93 19.19 35.46
N TYR B 128 11.95 18.41 36.55
CA TYR B 128 10.79 18.34 37.48
C TYR B 128 10.43 19.72 38.01
N SER B 129 11.42 20.54 38.38
CA SER B 129 11.18 21.88 38.98
C SER B 129 10.77 22.89 37.91
N THR B 130 11.44 22.96 36.77
CA THR B 130 11.17 23.99 35.74
C THR B 130 10.29 23.48 34.60
N GLY B 131 9.75 22.26 34.60
CA GLY B 131 8.94 21.78 33.46
C GLY B 131 7.53 22.38 33.47
N LYS B 132 7.12 22.97 32.37
CA LYS B 132 5.79 23.63 32.21
C LYS B 132 4.98 22.89 31.16
N VAL B 133 3.68 23.09 31.22
CA VAL B 133 2.63 22.46 30.36
C VAL B 133 1.78 23.61 29.84
N CYS B 134 1.85 23.89 28.56
CA CYS B 134 1.03 24.95 27.89
C CYS B 134 -0.38 24.45 27.64
N ASN B 135 -1.38 25.32 27.78
CA ASN B 135 -2.79 25.01 27.43
C ASN B 135 -2.90 24.74 25.94
N PRO B 136 -3.60 23.67 25.49
CA PRO B 136 -3.72 23.39 24.05
C PRO B 136 -4.37 24.54 23.28
N ASP B 137 -5.41 25.15 23.86
CA ASP B 137 -6.10 26.34 23.29
C ASP B 137 -5.10 27.49 23.16
N ASN B 138 -4.57 27.99 24.28
CA ASN B 138 -3.60 29.12 24.24
C ASN B 138 -2.22 28.59 24.62
N PRO B 139 -1.29 28.49 23.64
CA PRO B 139 0.10 28.09 23.92
C PRO B 139 0.87 29.06 24.79
N GLN B 140 0.40 30.30 24.88
CA GLN B 140 1.08 31.35 25.67
C GLN B 140 0.90 31.07 27.17
N GLU B 141 -0.16 30.39 27.60
CA GLU B 141 -0.38 30.08 29.06
C GLU B 141 0.22 28.70 29.36
N CYS B 142 1.39 28.65 30.01
CA CYS B 142 2.11 27.37 30.29
C CYS B 142 2.26 27.22 31.81
N LEU B 143 1.59 26.22 32.38
CA LEU B 143 1.60 25.98 33.85
C LEU B 143 2.73 25.04 34.25
N LEU B 144 3.45 25.35 35.32
CA LEU B 144 4.40 24.39 35.93
C LEU B 144 3.60 23.49 36.88
N LEU B 145 4.26 22.55 37.53
CA LEU B 145 3.58 21.58 38.44
C LEU B 145 3.27 22.23 39.79
N GLU B 146 4.27 22.86 40.44
CA GLU B 146 4.15 23.31 41.87
C GLU B 146 2.78 23.96 42.09
N PRO B 147 2.46 25.12 41.45
CA PRO B 147 1.17 25.79 41.68
C PRO B 147 0.08 25.40 40.64
N GLY B 148 0.27 25.61 39.33
CA GLY B 148 -0.78 25.50 38.29
C GLY B 148 -1.32 24.10 38.15
N LEU B 149 -0.45 23.15 37.89
CA LEU B 149 -0.95 21.75 37.66
C LEU B 149 -1.48 21.21 38.99
N ASN B 150 -0.81 21.48 40.12
CA ASN B 150 -1.24 20.95 41.44
C ASN B 150 -2.62 21.49 41.82
N GLU B 151 -2.87 22.79 41.69
CA GLU B 151 -4.21 23.38 42.02
C GLU B 151 -5.30 22.71 41.17
N ILE B 152 -5.00 22.40 39.90
CA ILE B 152 -6.01 21.70 39.05
C ILE B 152 -6.29 20.31 39.64
N MET B 153 -5.19 19.57 39.88
CA MET B 153 -5.30 18.16 40.33
C MET B 153 -5.91 18.13 41.73
N ALA B 154 -5.78 19.18 42.53
CA ALA B 154 -6.33 19.27 43.90
C ALA B 154 -7.73 19.86 43.95
N ASN B 155 -8.13 20.70 43.00
CA ASN B 155 -9.38 21.50 43.10
C ASN B 155 -10.26 21.18 41.90
N SER B 156 -9.76 21.39 40.67
CA SER B 156 -10.53 21.15 39.42
C SER B 156 -11.30 19.84 39.52
N LEU B 157 -12.61 19.90 39.36
CA LEU B 157 -13.52 18.73 39.32
C LEU B 157 -14.00 18.45 37.88
N ASP B 158 -13.24 18.86 36.87
CA ASP B 158 -13.60 18.67 35.44
C ASP B 158 -12.81 17.47 34.94
N TYR B 159 -13.49 16.38 34.59
CA TYR B 159 -12.85 15.17 34.01
C TYR B 159 -11.87 15.60 32.92
N ASN B 160 -12.30 16.46 31.98
CA ASN B 160 -11.46 16.85 30.83
C ASN B 160 -10.23 17.61 31.34
N GLU B 161 -10.43 18.61 32.19
CA GLU B 161 -9.32 19.46 32.70
C GLU B 161 -8.30 18.57 33.47
N ARG B 162 -8.82 17.73 34.36
CA ARG B 162 -7.98 16.84 35.16
C ARG B 162 -7.20 15.92 34.22
N LEU B 163 -7.90 15.30 33.26
CA LEU B 163 -7.24 14.39 32.28
C LEU B 163 -6.13 15.14 31.53
N TRP B 164 -6.42 16.35 31.09
CA TRP B 164 -5.43 17.19 30.41
C TRP B 164 -4.18 17.31 31.32
N ALA B 165 -4.32 17.86 32.52
CA ALA B 165 -3.17 18.12 33.43
C ALA B 165 -2.36 16.85 33.59
N TRP B 166 -3.01 15.76 34.03
CA TRP B 166 -2.37 14.43 34.28
C TRP B 166 -1.58 13.99 33.05
N GLU B 167 -2.29 13.82 31.95
CA GLU B 167 -1.67 13.31 30.70
C GLU B 167 -0.54 14.26 30.26
N SER B 168 -0.78 15.56 30.23
CA SER B 168 0.18 16.57 29.71
C SER B 168 1.45 16.52 30.57
N TRP B 169 1.31 16.45 31.90
CA TRP B 169 2.49 16.35 32.78
C TRP B 169 3.35 15.14 32.35
N ARG B 170 2.76 13.95 32.25
CA ARG B 170 3.56 12.74 31.88
C ARG B 170 4.11 12.87 30.46
N SER B 171 3.30 13.35 29.52
CA SER B 171 3.70 13.52 28.09
C SER B 171 4.83 14.55 27.91
N GLU B 172 4.95 15.58 28.72
CA GLU B 172 5.93 16.66 28.50
C GLU B 172 7.16 16.39 29.33
N VAL B 173 6.99 16.17 30.63
CA VAL B 173 8.14 16.04 31.57
C VAL B 173 8.49 14.55 31.65
N GLY B 174 7.49 13.68 31.70
CA GLY B 174 7.81 12.26 31.93
C GLY B 174 8.70 11.70 30.83
N LYS B 175 8.44 12.05 29.56
CA LYS B 175 9.33 11.62 28.46
C LYS B 175 10.77 12.16 28.66
N GLN B 176 10.90 13.44 29.01
CA GLN B 176 12.23 14.04 29.23
C GLN B 176 13.05 13.30 30.28
N LEU B 177 12.39 12.62 31.23
CA LEU B 177 13.08 11.87 32.31
C LEU B 177 13.38 10.43 31.88
N ARG B 178 12.62 9.85 30.94
CA ARG B 178 12.82 8.42 30.56
C ARG B 178 14.30 8.11 30.33
N PRO B 179 14.98 8.69 29.31
CA PRO B 179 16.38 8.34 29.04
C PRO B 179 17.30 8.58 30.25
N LEU B 180 17.13 9.72 30.93
CA LEU B 180 17.94 10.07 32.12
C LEU B 180 17.77 8.98 33.17
N TYR B 181 16.52 8.62 33.47
CA TYR B 181 16.24 7.63 34.54
C TYR B 181 16.97 6.30 34.23
N GLU B 182 16.91 5.89 32.96
CA GLU B 182 17.61 4.69 32.47
C GLU B 182 19.11 4.74 32.82
N GLU B 183 19.82 5.76 32.36
CA GLU B 183 21.26 5.95 32.71
C GLU B 183 21.41 5.95 34.24
N TYR B 184 20.59 6.74 34.95
CA TYR B 184 20.63 6.86 36.43
C TYR B 184 20.66 5.46 37.04
N VAL B 185 19.72 4.61 36.63
CA VAL B 185 19.60 3.22 37.17
C VAL B 185 20.95 2.49 37.03
N VAL B 186 21.51 2.55 35.82
CA VAL B 186 22.79 1.85 35.48
C VAL B 186 23.90 2.32 36.43
N LEU B 187 24.15 3.63 36.44
CA LEU B 187 25.23 4.22 37.29
C LEU B 187 24.98 3.89 38.75
N LYS B 188 23.73 4.06 39.23
CA LYS B 188 23.38 3.82 40.64
C LYS B 188 23.72 2.35 40.98
N ASN B 189 23.30 1.40 40.13
CA ASN B 189 23.59 -0.03 40.40
C ASN B 189 25.09 -0.26 40.49
N GLU B 190 25.84 0.21 39.49
CA GLU B 190 27.33 0.12 39.48
C GLU B 190 27.86 0.56 40.85
N MET B 191 27.51 1.78 41.27
CA MET B 191 28.03 2.35 42.52
C MET B 191 27.75 1.40 43.68
N ALA B 192 26.52 0.98 43.84
CA ALA B 192 26.11 0.10 44.98
C ALA B 192 26.83 -1.25 44.89
N ARG B 193 26.90 -1.85 43.69
CA ARG B 193 27.64 -3.11 43.45
C ARG B 193 29.10 -2.94 43.90
N ALA B 194 29.71 -1.83 43.50
CA ALA B 194 31.09 -1.50 43.91
C ALA B 194 31.13 -1.21 45.42
N ASN B 195 30.05 -0.71 46.02
CA ASN B 195 29.92 -0.59 47.50
C ASN B 195 29.46 -1.92 48.13
N HIS B 196 29.65 -3.06 47.47
CA HIS B 196 29.30 -4.41 47.98
C HIS B 196 27.80 -4.48 48.26
N TYR B 197 26.98 -4.37 47.21
CA TYR B 197 25.51 -4.51 47.30
C TYR B 197 24.97 -5.20 46.05
N GLU B 198 23.90 -5.94 46.18
CA GLU B 198 23.30 -6.68 45.03
C GLU B 198 22.92 -5.62 43.96
N ASP B 199 22.23 -4.55 44.38
CA ASP B 199 21.71 -3.48 43.49
C ASP B 199 21.52 -2.19 44.29
N TYR B 200 21.04 -1.12 43.62
CA TYR B 200 20.75 0.15 44.33
C TYR B 200 19.58 -0.07 45.30
N GLY B 201 18.65 -0.98 45.00
CA GLY B 201 17.55 -1.34 45.89
C GLY B 201 18.08 -1.92 47.19
N ASP B 202 19.01 -2.86 47.08
CA ASP B 202 19.67 -3.48 48.25
C ASP B 202 20.40 -2.38 49.02
N TYR B 203 21.10 -1.50 48.29
CA TYR B 203 21.80 -0.34 48.90
C TYR B 203 20.81 0.40 49.82
N TRP B 204 19.60 0.68 49.33
CA TRP B 204 18.54 1.41 50.06
C TRP B 204 17.94 0.58 51.20
N ARG B 205 17.85 -0.75 51.09
CA ARG B 205 17.33 -1.63 52.16
C ARG B 205 18.39 -1.84 53.28
N GLY B 206 19.63 -1.39 53.11
CA GLY B 206 20.66 -1.37 54.17
C GLY B 206 20.31 -0.54 55.38
N ASP B 207 19.40 0.43 55.28
CA ASP B 207 18.98 1.28 56.43
C ASP B 207 18.46 0.38 57.57
N TYR B 208 17.54 -0.53 57.26
CA TYR B 208 16.84 -1.38 58.26
C TYR B 208 17.69 -2.61 58.62
N GLU B 209 18.96 -2.72 58.17
CA GLU B 209 19.74 -3.97 58.26
C GLU B 209 20.48 -3.95 59.59
N VAL B 210 20.32 -5.01 60.39
CA VAL B 210 20.97 -5.13 61.72
C VAL B 210 21.76 -6.45 61.76
N ASN B 211 22.99 -6.41 62.25
CA ASN B 211 23.92 -7.59 62.32
C ASN B 211 24.66 -7.56 63.65
N GLY B 212 25.19 -8.72 64.06
CA GLY B 212 25.97 -8.92 65.29
C GLY B 212 25.22 -8.57 66.57
N VAL B 213 23.91 -8.79 66.61
CA VAL B 213 23.05 -8.56 67.81
C VAL B 213 22.21 -9.81 68.05
N ASP B 214 22.02 -10.21 69.31
CA ASP B 214 21.35 -11.48 69.69
C ASP B 214 19.83 -11.28 69.54
N GLY B 215 19.21 -11.88 68.52
CA GLY B 215 17.76 -11.80 68.26
C GLY B 215 17.30 -10.48 67.69
N TYR B 216 18.12 -9.43 67.62
CA TYR B 216 17.76 -8.09 67.09
C TYR B 216 18.28 -7.92 65.66
N ASP B 217 18.89 -8.97 65.07
CA ASP B 217 19.44 -8.89 63.70
C ASP B 217 18.31 -8.85 62.69
N TYR B 218 18.52 -8.16 61.57
CA TYR B 218 17.48 -7.94 60.54
C TYR B 218 18.16 -7.87 59.17
N SER B 219 17.72 -8.69 58.22
CA SER B 219 18.32 -8.75 56.86
C SER B 219 17.71 -7.68 55.96
N ARG B 220 18.45 -7.23 54.96
CA ARG B 220 17.95 -6.24 53.97
C ARG B 220 16.79 -6.87 53.19
N GLY B 221 16.93 -8.13 52.78
CA GLY B 221 15.84 -8.91 52.14
C GLY B 221 14.62 -9.06 53.03
N GLN B 222 14.84 -9.24 54.34
CA GLN B 222 13.73 -9.36 55.35
C GLN B 222 12.72 -8.23 55.17
N LEU B 223 13.21 -7.00 55.00
CA LEU B 223 12.37 -5.80 54.79
C LEU B 223 11.29 -6.10 53.75
N ILE B 224 11.69 -6.62 52.60
CA ILE B 224 10.79 -6.92 51.44
C ILE B 224 9.66 -7.82 51.95
N GLU B 225 10.04 -8.95 52.53
CA GLU B 225 9.11 -9.99 53.06
C GLU B 225 8.14 -9.30 54.03
N ASP B 226 8.68 -8.59 55.03
CA ASP B 226 7.88 -7.90 56.07
C ASP B 226 6.88 -6.95 55.42
N VAL B 227 7.35 -6.10 54.50
CA VAL B 227 6.50 -5.06 53.85
C VAL B 227 5.34 -5.81 53.19
N GLU B 228 5.68 -6.83 52.38
CA GLU B 228 4.67 -7.57 51.57
C GLU B 228 3.70 -8.24 52.54
N HIS B 229 4.18 -8.94 53.55
CA HIS B 229 3.34 -9.65 54.56
C HIS B 229 2.35 -8.67 55.18
N THR B 230 2.85 -7.56 55.72
CA THR B 230 2.02 -6.54 56.38
C THR B 230 0.98 -6.02 55.37
N PHE B 231 1.41 -5.75 54.14
CA PHE B 231 0.54 -5.19 53.09
C PHE B 231 -0.67 -6.11 52.89
N GLU B 232 -0.46 -7.43 52.88
CA GLU B 232 -1.57 -8.40 52.68
C GLU B 232 -2.64 -8.25 53.78
N GLU B 233 -2.25 -7.89 54.97
CA GLU B 233 -3.16 -7.75 56.13
C GLU B 233 -3.97 -6.46 56.00
N ILE B 234 -3.48 -5.43 55.30
CA ILE B 234 -4.21 -4.14 55.14
C ILE B 234 -5.13 -4.25 53.94
N LYS B 235 -4.79 -5.03 52.91
CA LYS B 235 -5.60 -5.17 51.65
C LYS B 235 -7.09 -5.10 51.94
N PRO B 236 -7.70 -5.98 52.77
CA PRO B 236 -9.14 -5.92 53.06
C PRO B 236 -9.70 -4.52 53.36
N LEU B 237 -9.11 -3.83 54.34
CA LEU B 237 -9.54 -2.47 54.73
C LEU B 237 -9.45 -1.54 53.51
N TYR B 238 -8.32 -1.55 52.80
CA TYR B 238 -8.10 -0.67 51.62
C TYR B 238 -9.19 -0.98 50.56
N GLU B 239 -9.50 -2.26 50.34
CA GLU B 239 -10.51 -2.67 49.34
C GLU B 239 -11.85 -2.01 49.65
N HIS B 240 -12.27 -2.02 50.89
CA HIS B 240 -13.52 -1.37 51.33
C HIS B 240 -13.43 0.14 51.10
N LEU B 241 -12.32 0.76 51.51
CA LEU B 241 -12.08 2.22 51.27
C LEU B 241 -12.20 2.48 49.75
N HIS B 242 -11.50 1.69 48.94
CA HIS B 242 -11.53 1.84 47.47
C HIS B 242 -12.97 1.77 46.96
N ALA B 243 -13.71 0.73 47.36
CA ALA B 243 -15.12 0.49 46.92
C ALA B 243 -15.99 1.70 47.31
N TYR B 244 -15.90 2.13 48.56
CA TYR B 244 -16.61 3.36 49.03
C TYR B 244 -16.28 4.57 48.14
N VAL B 245 -14.99 4.85 47.96
CA VAL B 245 -14.54 6.05 47.17
C VAL B 245 -15.08 5.90 45.73
N ARG B 246 -14.94 4.69 45.18
CA ARG B 246 -15.42 4.41 43.80
C ARG B 246 -16.88 4.83 43.66
N ALA B 247 -17.72 4.34 44.58
CA ALA B 247 -19.17 4.67 44.59
C ALA B 247 -19.38 6.19 44.57
N LYS B 248 -18.72 6.90 45.48
CA LYS B 248 -18.83 8.38 45.57
C LYS B 248 -18.32 9.06 44.28
N LEU B 249 -17.19 8.59 43.76
CA LEU B 249 -16.59 9.17 42.55
C LEU B 249 -17.52 8.95 41.36
N MET B 250 -18.26 7.82 41.35
CA MET B 250 -19.27 7.54 40.29
C MET B 250 -20.32 8.67 40.22
N ASN B 251 -20.70 9.22 41.36
CA ASN B 251 -21.67 10.34 41.45
C ASN B 251 -20.99 11.62 40.94
N ALA B 252 -19.80 11.94 41.44
CA ALA B 252 -19.02 13.13 41.03
C ALA B 252 -18.67 13.07 39.54
N TYR B 253 -18.38 11.90 38.99
CA TYR B 253 -17.99 11.70 37.57
C TYR B 253 -18.88 10.59 37.00
N PRO B 254 -20.15 10.92 36.60
CA PRO B 254 -21.04 9.91 36.01
C PRO B 254 -20.55 9.52 34.60
N SER B 255 -20.88 8.31 34.17
CA SER B 255 -20.48 7.76 32.85
C SER B 255 -18.95 7.79 32.67
N TYR B 256 -18.20 7.63 33.76
CA TYR B 256 -16.72 7.72 33.77
C TYR B 256 -16.08 6.59 34.56
N ILE B 257 -16.75 6.04 35.55
CA ILE B 257 -16.22 5.01 36.46
C ILE B 257 -17.12 3.79 36.36
N SER B 258 -16.49 2.63 36.19
CA SER B 258 -17.15 1.31 36.30
C SER B 258 -17.25 0.93 37.77
N PRO B 259 -18.44 0.51 38.27
CA PRO B 259 -18.61 0.12 39.67
C PRO B 259 -17.83 -1.15 40.07
N ILE B 260 -17.30 -1.87 39.10
CA ILE B 260 -16.49 -3.10 39.32
C ILE B 260 -15.06 -2.92 38.86
N GLY B 261 -14.71 -1.79 38.24
CA GLY B 261 -13.39 -1.56 37.66
C GLY B 261 -12.48 -0.79 38.61
N CYS B 262 -11.26 -0.50 38.14
CA CYS B 262 -10.28 0.34 38.87
C CYS B 262 -10.71 1.80 38.81
N LEU B 263 -9.94 2.69 39.44
CA LEU B 263 -10.24 4.15 39.52
C LEU B 263 -9.35 4.88 38.50
N PRO B 264 -9.93 5.73 37.62
CA PRO B 264 -9.13 6.56 36.73
C PRO B 264 -8.09 7.35 37.56
N ALA B 265 -6.82 7.29 37.14
CA ALA B 265 -5.67 7.84 37.92
C ALA B 265 -5.78 9.37 38.03
N HIS B 266 -6.40 10.04 37.05
CA HIS B 266 -6.55 11.54 37.03
C HIS B 266 -7.72 12.05 37.89
N LEU B 267 -8.33 11.20 38.71
CA LEU B 267 -9.47 11.62 39.58
C LEU B 267 -9.19 11.39 41.06
N LEU B 268 -7.93 11.18 41.45
CA LEU B 268 -7.58 10.71 42.83
C LEU B 268 -7.30 11.89 43.75
N GLY B 269 -7.52 13.11 43.30
CA GLY B 269 -7.39 14.34 44.10
C GLY B 269 -6.01 14.97 44.06
N ASP B 270 -5.06 14.39 43.36
CA ASP B 270 -3.68 14.93 43.21
C ASP B 270 -3.09 14.42 41.91
N MET B 271 -1.86 14.83 41.61
CA MET B 271 -1.24 14.50 40.31
C MET B 271 -0.96 13.01 40.20
N TRP B 272 -0.48 12.37 41.24
CA TRP B 272 -0.05 10.94 41.24
C TRP B 272 -1.04 10.03 41.94
N GLY B 273 -1.99 10.52 42.72
CA GLY B 273 -2.83 9.72 43.63
C GLY B 273 -2.05 9.23 44.86
N ARG B 274 -0.93 9.84 45.24
CA ARG B 274 -0.17 9.52 46.47
C ARG B 274 -1.10 9.54 47.69
N PHE B 275 -1.84 10.62 47.91
CA PHE B 275 -2.87 10.73 48.98
C PHE B 275 -4.27 10.87 48.34
N TRP B 276 -5.33 10.50 49.03
CA TRP B 276 -6.74 10.72 48.56
C TRP B 276 -7.38 11.85 49.34
N THR B 277 -6.59 12.68 50.02
CA THR B 277 -7.05 13.71 50.98
C THR B 277 -8.01 14.69 50.29
N ASN B 278 -7.69 15.12 49.08
CA ASN B 278 -8.52 16.04 48.28
C ASN B 278 -9.80 15.38 47.76
N LEU B 279 -10.03 14.08 47.92
CA LEU B 279 -11.36 13.45 47.61
C LEU B 279 -12.36 13.59 48.76
N TYR B 280 -11.99 14.16 49.91
CA TYR B 280 -12.90 14.22 51.09
C TYR B 280 -14.19 15.00 50.77
N SER B 281 -14.10 16.17 50.14
CA SER B 281 -15.27 16.96 49.63
C SER B 281 -16.31 16.06 48.93
N LEU B 282 -15.86 15.03 48.22
CA LEU B 282 -16.73 14.14 47.43
C LEU B 282 -17.04 12.85 48.21
N THR B 283 -16.40 12.59 49.34
CA THR B 283 -16.57 11.31 50.07
C THR B 283 -16.97 11.56 51.53
N VAL B 284 -17.34 12.80 51.92
CA VAL B 284 -17.61 13.11 53.36
C VAL B 284 -18.73 12.16 53.78
N PRO B 285 -18.53 11.26 54.80
CA PRO B 285 -19.56 10.29 55.21
C PRO B 285 -20.86 11.03 55.60
N PHE B 286 -20.75 12.12 56.39
CA PHE B 286 -21.89 12.91 56.89
C PHE B 286 -21.65 14.39 56.60
N GLY B 287 -21.97 14.82 55.36
CA GLY B 287 -21.90 16.22 54.92
C GLY B 287 -22.43 17.20 55.96
N GLN B 288 -23.63 16.91 56.51
CA GLN B 288 -24.29 17.76 57.55
C GLN B 288 -23.36 17.92 58.77
N LYS B 289 -22.61 16.88 59.14
CA LYS B 289 -21.71 16.90 60.32
C LYS B 289 -20.39 17.57 59.91
N PRO B 290 -19.97 18.68 60.58
CA PRO B 290 -18.67 19.33 60.33
C PRO B 290 -17.56 18.65 61.15
N ASN B 291 -16.38 19.27 61.23
CA ASN B 291 -15.24 18.76 62.03
C ASN B 291 -14.74 19.86 62.96
N ILE B 292 -14.13 19.46 64.08
CA ILE B 292 -13.64 20.39 65.13
C ILE B 292 -12.58 21.31 64.50
N ASP B 293 -12.71 22.63 64.71
CA ASP B 293 -11.73 23.62 64.22
C ASP B 293 -11.51 24.65 65.30
N VAL B 294 -10.73 24.33 66.32
CA VAL B 294 -10.50 25.24 67.48
C VAL B 294 -9.72 26.50 67.07
N THR B 295 -9.55 26.74 65.77
CA THR B 295 -8.90 28.00 65.27
C THR B 295 -9.68 29.24 65.73
N ASP B 296 -11.01 29.22 65.65
CA ASP B 296 -11.86 30.37 66.08
C ASP B 296 -11.67 30.61 67.57
N ALA B 297 -11.76 29.55 68.39
CA ALA B 297 -11.54 29.66 69.85
C ALA B 297 -10.13 30.24 70.10
N MET B 298 -9.13 29.77 69.35
CA MET B 298 -7.73 30.26 69.46
C MET B 298 -7.72 31.78 69.29
N VAL B 299 -8.29 32.27 68.16
CA VAL B 299 -8.28 33.74 67.85
C VAL B 299 -9.10 34.45 68.93
N ASP B 300 -10.25 33.87 69.31
CA ASP B 300 -11.17 34.44 70.33
C ASP B 300 -10.43 34.59 71.65
N GLN B 301 -9.61 33.60 72.03
CA GLN B 301 -8.82 33.63 73.29
C GLN B 301 -7.44 34.24 73.01
N ALA B 302 -7.24 34.94 71.88
CA ALA B 302 -5.96 35.55 71.48
C ALA B 302 -4.79 34.56 71.63
N TRP B 303 -4.84 33.47 70.86
CA TRP B 303 -3.77 32.42 70.85
C TRP B 303 -2.67 32.83 69.87
N ASP B 304 -1.65 33.55 70.34
CA ASP B 304 -0.45 33.88 69.51
C ASP B 304 0.40 32.60 69.31
N ALA B 305 1.33 32.68 68.38
CA ALA B 305 2.26 31.56 68.07
C ALA B 305 2.95 31.12 69.37
N GLN B 306 3.48 32.05 70.16
CA GLN B 306 4.21 31.73 71.43
C GLN B 306 3.26 30.97 72.37
N ARG B 307 2.03 31.45 72.55
CA ARG B 307 0.99 30.78 73.37
C ARG B 307 0.83 29.33 72.90
N ILE B 308 0.57 29.13 71.60
CA ILE B 308 0.30 27.77 71.05
C ILE B 308 1.54 26.88 71.29
N PHE B 309 2.74 27.44 71.14
CA PHE B 309 4.02 26.70 71.36
C PHE B 309 4.11 26.28 72.83
N LYS B 310 3.78 27.18 73.75
CA LYS B 310 3.77 26.87 75.20
C LYS B 310 2.82 25.69 75.44
N GLU B 311 1.62 25.71 74.86
CA GLU B 311 0.66 24.57 74.95
C GLU B 311 1.35 23.27 74.54
N ALA B 312 2.08 23.30 73.41
CA ALA B 312 2.88 22.14 72.95
C ALA B 312 3.82 21.74 74.10
N GLU B 313 4.66 22.68 74.57
CA GLU B 313 5.63 22.44 75.68
C GLU B 313 4.89 21.79 76.85
N LYS B 314 3.78 22.40 77.28
CA LYS B 314 2.94 21.92 78.40
C LYS B 314 2.61 20.44 78.17
N PHE B 315 2.08 20.12 76.99
CA PHE B 315 1.69 18.72 76.62
C PHE B 315 2.85 17.76 76.92
N PHE B 316 4.02 18.05 76.37
CA PHE B 316 5.22 17.16 76.50
C PHE B 316 5.60 17.03 77.98
N VAL B 317 5.64 18.17 78.68
CA VAL B 317 5.99 18.20 80.14
C VAL B 317 4.93 17.37 80.88
N SER B 318 3.66 17.46 80.47
CA SER B 318 2.55 16.69 81.10
C SER B 318 2.83 15.19 81.01
N VAL B 319 3.41 14.74 79.90
CA VAL B 319 3.74 13.29 79.69
C VAL B 319 5.12 13.01 80.29
N GLY B 320 5.82 14.02 80.84
CA GLY B 320 7.08 13.87 81.57
C GLY B 320 8.27 14.01 80.64
N LEU B 321 8.23 14.94 79.68
CA LEU B 321 9.35 15.17 78.73
C LEU B 321 10.07 16.46 79.12
N PRO B 322 11.43 16.52 79.02
CA PRO B 322 12.18 17.69 79.50
C PRO B 322 11.67 19.02 78.95
N ASN B 323 11.71 20.04 79.80
CA ASN B 323 11.20 21.42 79.51
C ASN B 323 11.94 21.98 78.30
N MET B 324 11.26 22.73 77.44
CA MET B 324 11.91 23.34 76.24
C MET B 324 13.10 24.19 76.71
N THR B 325 14.26 24.04 76.07
CA THR B 325 15.49 24.83 76.36
C THR B 325 15.11 26.32 76.33
N GLN B 326 15.51 27.09 77.34
CA GLN B 326 15.38 28.58 77.33
C GLN B 326 15.91 29.11 75.99
N GLY B 327 17.09 28.61 75.57
CA GLY B 327 17.71 28.89 74.26
C GLY B 327 16.72 28.78 73.11
N PHE B 328 15.93 27.70 73.08
CA PHE B 328 14.87 27.47 72.06
C PHE B 328 14.02 28.75 71.99
N TRP B 329 13.43 29.12 73.13
CA TRP B 329 12.53 30.30 73.24
C TRP B 329 13.27 31.54 72.76
N GLU B 330 14.55 31.68 73.15
CA GLU B 330 15.41 32.84 72.77
C GLU B 330 15.54 32.89 71.25
N ASN B 331 16.18 31.88 70.66
CA ASN B 331 16.51 31.83 69.20
C ASN B 331 15.61 30.78 68.57
N SER B 332 14.53 31.19 67.91
CA SER B 332 13.61 30.29 67.17
C SER B 332 12.60 31.12 66.37
N MET B 333 12.53 30.93 65.05
CA MET B 333 11.49 31.58 64.21
C MET B 333 10.16 30.88 64.51
N LEU B 334 9.37 31.47 65.39
CA LEU B 334 8.03 30.91 65.77
C LEU B 334 6.92 31.67 65.05
N THR B 335 7.22 32.53 64.09
CA THR B 335 6.21 33.37 63.39
C THR B 335 6.80 33.88 62.06
N ASP B 336 6.11 34.77 61.34
CA ASP B 336 6.58 35.39 60.09
C ASP B 336 7.42 36.63 60.42
N PRO B 337 8.60 36.84 59.77
CA PRO B 337 9.37 38.07 59.95
C PRO B 337 8.55 39.30 59.56
N GLY B 338 7.88 39.26 58.41
CA GLY B 338 6.99 40.36 57.96
C GLY B 338 7.74 41.59 57.51
N ASN B 339 8.65 42.13 58.33
CA ASN B 339 9.51 43.29 58.00
C ASN B 339 10.39 42.97 56.79
N VAL B 340 11.14 43.95 56.31
CA VAL B 340 12.15 43.80 55.20
C VAL B 340 12.82 42.42 55.35
N GLN B 341 13.18 42.03 56.58
CA GLN B 341 13.71 40.69 56.87
C GLN B 341 12.92 39.62 56.08
N LYS B 342 13.60 38.87 55.22
CA LYS B 342 12.99 37.82 54.37
C LYS B 342 13.49 36.45 54.83
N ALA B 343 12.59 35.55 55.22
CA ALA B 343 12.93 34.19 55.67
C ALA B 343 12.05 33.14 55.00
N VAL B 344 12.59 31.93 54.80
CA VAL B 344 11.80 30.74 54.37
C VAL B 344 10.82 30.38 55.50
N CYS B 345 9.72 29.73 55.18
CA CYS B 345 8.67 29.35 56.17
C CYS B 345 8.12 27.95 55.86
N HIS B 346 8.92 26.95 56.22
CA HIS B 346 8.51 25.52 56.35
C HIS B 346 8.75 25.06 57.79
N PRO B 347 7.72 24.57 58.53
CA PRO B 347 7.91 24.06 59.90
C PRO B 347 9.07 23.06 59.94
N THR B 348 10.10 23.38 60.72
CA THR B 348 11.37 22.60 60.77
C THR B 348 11.98 22.71 62.17
N ALA B 349 12.33 21.57 62.75
CA ALA B 349 13.09 21.49 64.02
C ALA B 349 14.58 21.50 63.66
N TRP B 350 15.42 22.20 64.42
CA TRP B 350 16.87 22.35 64.13
C TRP B 350 17.69 21.84 65.31
N ASP B 351 18.54 20.82 65.08
CA ASP B 351 19.55 20.41 66.07
C ASP B 351 20.89 21.02 65.64
N LEU B 352 21.04 22.35 65.77
CA LEU B 352 22.29 23.06 65.35
C LEU B 352 23.53 22.43 66.00
N GLY B 353 23.38 21.80 67.17
CA GLY B 353 24.45 21.05 67.85
C GLY B 353 24.85 21.79 69.11
N LYS B 354 25.76 21.20 69.90
CA LYS B 354 26.34 21.84 71.12
C LYS B 354 25.17 22.38 71.98
N GLY B 355 24.15 21.55 72.17
CA GLY B 355 22.89 21.87 72.86
C GLY B 355 22.14 23.07 72.25
N ASP B 356 21.93 23.06 70.93
CA ASP B 356 21.17 24.13 70.23
C ASP B 356 19.97 23.50 69.50
N PHE B 357 18.75 23.80 69.96
CA PHE B 357 17.47 23.21 69.47
C PHE B 357 16.54 24.35 69.11
N ARG B 358 16.34 24.60 67.81
CA ARG B 358 15.53 25.77 67.35
C ARG B 358 14.39 25.26 66.47
N ILE B 359 13.33 26.05 66.36
CA ILE B 359 12.18 25.78 65.43
C ILE B 359 11.98 27.00 64.54
N LEU B 360 11.94 26.78 63.22
CA LEU B 360 11.68 27.85 62.22
C LEU B 360 10.34 27.59 61.55
N MET B 361 9.37 28.50 61.72
CA MET B 361 8.06 28.40 61.00
C MET B 361 7.25 29.69 61.07
N CYS B 362 6.62 30.08 59.96
CA CYS B 362 5.66 31.21 59.88
C CYS B 362 4.36 30.74 60.55
N THR B 363 4.34 30.70 61.88
CA THR B 363 3.17 30.20 62.65
C THR B 363 2.02 31.21 62.56
N LYS B 364 0.77 30.74 62.49
CA LYS B 364 -0.46 31.56 62.53
C LYS B 364 -1.40 31.01 63.60
N VAL B 365 -2.48 31.74 63.88
CA VAL B 365 -3.51 31.35 64.90
C VAL B 365 -4.44 30.38 64.17
N THR B 366 -4.05 29.11 64.07
CA THR B 366 -4.82 28.06 63.34
C THR B 366 -4.67 26.73 64.04
N MET B 367 -5.76 25.94 64.08
CA MET B 367 -5.76 24.57 64.64
C MET B 367 -4.61 23.77 64.00
N ASP B 368 -4.47 23.84 62.67
CA ASP B 368 -3.37 23.20 61.90
C ASP B 368 -2.03 23.59 62.52
N ASP B 369 -1.77 24.90 62.64
CA ASP B 369 -0.48 25.39 63.18
C ASP B 369 -0.28 24.85 64.60
N PHE B 370 -1.36 24.82 65.40
CA PHE B 370 -1.34 24.26 66.78
C PHE B 370 -0.78 22.83 66.72
N LEU B 371 -1.37 22.00 65.86
CA LEU B 371 -0.96 20.57 65.72
C LEU B 371 0.45 20.47 65.13
N THR B 372 0.74 21.32 64.15
CA THR B 372 2.11 21.40 63.56
C THR B 372 3.16 21.71 64.65
N ALA B 373 2.83 22.63 65.57
CA ALA B 373 3.71 22.98 66.70
C ALA B 373 4.04 21.69 67.47
N HIS B 374 3.02 20.91 67.83
CA HIS B 374 3.21 19.63 68.55
C HIS B 374 4.15 18.72 67.74
N HIS B 375 3.87 18.59 66.43
CA HIS B 375 4.66 17.72 65.50
C HIS B 375 6.14 18.14 65.52
N GLU B 376 6.39 19.43 65.25
CA GLU B 376 7.77 19.98 65.22
C GLU B 376 8.45 19.78 66.58
N MET B 377 7.76 20.15 67.66
CA MET B 377 8.31 20.03 69.03
C MET B 377 8.61 18.56 69.37
N GLY B 378 7.78 17.64 68.89
CA GLY B 378 8.03 16.18 68.98
C GLY B 378 9.43 15.81 68.46
N HIS B 379 9.79 16.33 67.29
CA HIS B 379 11.13 16.10 66.68
C HIS B 379 12.20 16.66 67.63
N ILE B 380 12.01 17.91 68.09
CA ILE B 380 12.95 18.57 69.03
C ILE B 380 13.16 17.65 70.25
N GLN B 381 12.06 17.14 70.82
CA GLN B 381 12.16 16.24 72.00
C GLN B 381 13.07 15.04 71.66
N TYR B 382 12.85 14.40 70.51
CA TYR B 382 13.68 13.27 70.04
C TYR B 382 15.14 13.69 69.94
N ASP B 383 15.38 14.83 69.27
CA ASP B 383 16.75 15.39 69.12
C ASP B 383 17.38 15.52 70.52
N MET B 384 16.71 16.27 71.40
CA MET B 384 17.22 16.52 72.78
C MET B 384 17.54 15.18 73.46
N ALA B 385 16.65 14.20 73.33
CA ALA B 385 16.81 12.89 73.98
C ALA B 385 18.10 12.19 73.49
N TYR B 386 18.35 12.17 72.17
CA TYR B 386 19.54 11.46 71.63
C TYR B 386 20.71 12.42 71.51
N ALA B 387 20.60 13.66 71.97
CA ALA B 387 21.67 14.68 71.89
C ALA B 387 22.94 14.24 72.65
N ALA B 388 22.77 13.47 73.73
CA ALA B 388 23.86 12.91 74.55
C ALA B 388 24.52 11.68 73.89
N GLN B 389 24.11 11.24 72.71
CA GLN B 389 24.70 10.05 72.03
C GLN B 389 25.95 10.49 71.28
N PRO B 390 26.85 9.55 70.86
CA PRO B 390 27.97 9.85 69.97
C PRO B 390 27.48 10.65 68.76
N PHE B 391 28.21 11.68 68.36
CA PHE B 391 27.83 12.60 67.25
C PHE B 391 27.17 11.81 66.09
N LEU B 392 27.80 10.71 65.65
CA LEU B 392 27.28 9.89 64.52
C LEU B 392 26.05 9.06 64.91
N LEU B 393 25.89 8.72 66.19
CA LEU B 393 24.74 7.93 66.67
C LEU B 393 23.60 8.82 67.20
N ARG B 394 23.54 10.08 66.77
CA ARG B 394 22.47 11.04 67.14
C ARG B 394 21.48 11.12 65.97
N ASN B 395 20.59 10.14 65.87
CA ASN B 395 19.50 10.14 64.85
C ASN B 395 18.45 9.09 65.20
N GLY B 396 17.29 9.13 64.56
CA GLY B 396 16.23 8.11 64.72
C GLY B 396 16.73 6.71 64.39
N ALA B 397 16.35 5.70 65.18
CA ALA B 397 16.78 4.31 65.01
C ALA B 397 16.82 3.91 63.52
N ASN B 398 15.74 4.14 62.77
CA ASN B 398 15.72 3.98 61.28
C ASN B 398 15.19 5.29 60.66
N GLU B 399 15.02 5.31 59.36
CA GLU B 399 14.47 6.44 58.57
C GLU B 399 12.97 6.68 58.82
N GLY B 400 12.22 5.79 59.47
CA GLY B 400 10.77 5.91 59.72
C GLY B 400 10.46 6.12 61.17
N PHE B 401 11.48 6.31 62.04
CA PHE B 401 11.31 6.46 63.50
C PHE B 401 11.00 7.93 63.79
N HIS B 402 11.82 8.85 63.30
CA HIS B 402 11.75 10.30 63.66
C HIS B 402 10.37 10.87 63.30
N GLU B 403 9.95 10.70 62.04
CA GLU B 403 8.64 11.22 61.59
C GLU B 403 7.53 10.66 62.50
N ALA B 404 7.47 9.33 62.62
CA ALA B 404 6.42 8.70 63.46
C ALA B 404 6.30 9.44 64.79
N VAL B 405 7.43 9.75 65.43
CA VAL B 405 7.40 10.45 66.75
C VAL B 405 6.53 11.71 66.59
N GLY B 406 6.86 12.55 65.60
CA GLY B 406 6.10 13.79 65.32
C GLY B 406 4.61 13.51 65.13
N GLU B 407 4.31 12.45 64.38
CA GLU B 407 2.92 12.09 64.01
C GLU B 407 2.08 11.75 65.24
N ILE B 408 2.57 10.88 66.12
CA ILE B 408 1.80 10.51 67.36
C ILE B 408 1.54 11.75 68.22
N MET B 409 2.43 12.74 68.22
CA MET B 409 2.20 14.01 68.98
C MET B 409 0.96 14.69 68.44
N SER B 410 0.92 14.98 67.14
CA SER B 410 -0.26 15.62 66.50
C SER B 410 -1.52 14.80 66.78
N LEU B 411 -1.42 13.46 66.70
CA LEU B 411 -2.56 12.55 66.99
C LEU B 411 -3.19 12.89 68.35
N SER B 412 -2.41 12.81 69.43
CA SER B 412 -2.92 13.02 70.82
C SER B 412 -3.45 14.45 70.97
N ALA B 413 -2.78 15.43 70.37
CA ALA B 413 -3.15 16.86 70.47
C ALA B 413 -4.45 17.12 69.73
N ALA B 414 -4.71 16.43 68.62
CA ALA B 414 -5.92 16.65 67.78
C ALA B 414 -7.18 16.23 68.53
N THR B 415 -7.08 15.25 69.42
CA THR B 415 -8.25 14.64 70.09
C THR B 415 -9.10 15.76 70.72
N PRO B 416 -10.43 15.81 70.50
CA PRO B 416 -11.29 16.82 71.12
C PRO B 416 -11.10 16.91 72.64
N LYS B 417 -10.95 15.76 73.30
CA LYS B 417 -10.49 15.67 74.72
C LYS B 417 -9.37 16.68 75.01
N HIS B 418 -8.26 16.59 74.24
CA HIS B 418 -7.06 17.44 74.44
C HIS B 418 -7.48 18.90 74.31
N LEU B 419 -8.21 19.23 73.25
CA LEU B 419 -8.61 20.62 72.92
C LEU B 419 -9.51 21.14 74.06
N LYS B 420 -10.45 20.30 74.49
CA LYS B 420 -11.37 20.65 75.60
C LYS B 420 -10.57 20.89 76.90
N SER B 421 -9.45 20.20 77.13
CA SER B 421 -8.58 20.48 78.30
C SER B 421 -7.54 21.54 77.96
N ILE B 422 -7.23 21.78 76.67
CA ILE B 422 -6.35 22.91 76.24
C ILE B 422 -7.13 24.23 76.35
N GLY B 423 -8.45 24.16 76.60
CA GLY B 423 -9.32 25.33 76.78
C GLY B 423 -9.67 25.93 75.44
N LEU B 424 -9.87 25.10 74.41
CA LEU B 424 -10.29 25.57 73.05
C LEU B 424 -11.65 25.00 72.63
N LEU B 425 -12.03 23.81 73.08
CA LEU B 425 -13.28 23.15 72.65
C LEU B 425 -14.20 22.99 73.86
N SER B 426 -15.22 23.84 74.01
CA SER B 426 -16.12 23.82 75.21
C SER B 426 -16.49 22.36 75.52
N PRO B 427 -16.06 21.76 76.67
CA PRO B 427 -16.29 20.34 76.93
C PRO B 427 -17.78 19.96 77.01
N ASP B 428 -18.66 20.93 77.27
CA ASP B 428 -20.14 20.80 77.15
C ASP B 428 -20.58 20.21 75.79
N PHE B 429 -19.82 20.44 74.70
CA PHE B 429 -20.07 19.77 73.39
C PHE B 429 -19.96 18.23 73.55
N GLN B 430 -20.66 17.48 72.72
CA GLN B 430 -20.63 15.99 72.68
C GLN B 430 -20.15 15.53 71.31
N GLU B 431 -19.03 14.80 71.27
CA GLU B 431 -18.44 14.22 70.03
C GLU B 431 -19.44 13.24 69.41
N ASP B 432 -19.83 13.47 68.15
CA ASP B 432 -20.84 12.64 67.42
C ASP B 432 -20.09 11.52 66.72
N ASN B 433 -20.57 10.28 66.87
CA ASN B 433 -20.04 9.11 66.11
C ASN B 433 -19.99 9.40 64.59
N GLU B 434 -20.96 10.15 64.06
CA GLU B 434 -20.97 10.60 62.64
C GLU B 434 -19.72 11.46 62.38
N THR B 435 -19.46 12.43 63.24
CA THR B 435 -18.23 13.28 63.12
C THR B 435 -17.01 12.37 63.29
N GLU B 436 -17.05 11.34 64.13
CA GLU B 436 -15.94 10.36 64.28
C GLU B 436 -15.75 9.59 62.95
N ILE B 437 -16.81 9.07 62.35
CA ILE B 437 -16.71 8.41 61.03
C ILE B 437 -16.13 9.42 60.02
N ASN B 438 -16.62 10.66 60.07
CA ASN B 438 -16.10 11.77 59.24
C ASN B 438 -14.57 11.88 59.40
N PHE B 439 -14.10 12.02 60.63
CA PHE B 439 -12.66 12.14 61.01
C PHE B 439 -11.92 10.92 60.48
N LEU B 440 -12.43 9.74 60.77
CA LEU B 440 -11.71 8.48 60.43
C LEU B 440 -11.57 8.37 58.92
N LEU B 441 -12.60 8.67 58.15
CA LEU B 441 -12.50 8.62 56.67
C LEU B 441 -11.43 9.59 56.19
N LYS B 442 -11.42 10.82 56.70
CA LYS B 442 -10.45 11.86 56.28
C LYS B 442 -9.02 11.32 56.51
N GLN B 443 -8.77 10.78 57.68
CA GLN B 443 -7.48 10.14 58.01
C GLN B 443 -7.16 8.97 57.07
N ALA B 444 -8.14 8.10 56.80
CA ALA B 444 -7.94 6.93 55.92
C ALA B 444 -7.57 7.40 54.51
N LEU B 445 -8.17 8.52 54.04
CA LEU B 445 -7.84 9.13 52.73
C LEU B 445 -6.36 9.48 52.67
N THR B 446 -5.78 9.96 53.78
CA THR B 446 -4.32 10.27 53.81
C THR B 446 -3.46 9.04 54.17
N ILE B 447 -3.83 8.28 55.17
CA ILE B 447 -2.99 7.17 55.74
C ILE B 447 -3.11 5.90 54.87
N VAL B 448 -4.31 5.34 54.80
CA VAL B 448 -4.53 4.03 54.11
C VAL B 448 -4.34 4.25 52.62
N GLY B 449 -4.78 5.40 52.09
CA GLY B 449 -4.70 5.72 50.66
C GLY B 449 -3.28 5.74 50.12
N THR B 450 -2.30 6.15 50.91
CA THR B 450 -0.89 6.17 50.45
C THR B 450 -0.24 4.78 50.58
N LEU B 451 -0.75 3.86 51.41
CA LEU B 451 -0.06 2.57 51.65
C LEU B 451 0.11 1.76 50.36
N PRO B 452 -0.93 1.42 49.57
CA PRO B 452 -0.73 0.73 48.29
C PRO B 452 0.16 1.52 47.33
N PHE B 453 -0.08 2.81 47.17
CA PHE B 453 0.76 3.68 46.31
C PHE B 453 2.24 3.49 46.74
N THR B 454 2.56 3.72 48.00
CA THR B 454 3.95 3.64 48.50
C THR B 454 4.52 2.22 48.25
N TYR B 455 3.77 1.20 48.66
CA TYR B 455 4.18 -0.22 48.47
C TYR B 455 4.49 -0.44 46.99
N MET B 456 3.55 -0.17 46.11
CA MET B 456 3.70 -0.47 44.67
C MET B 456 4.91 0.30 44.09
N LEU B 457 5.06 1.57 44.41
CA LEU B 457 6.20 2.36 43.91
C LEU B 457 7.55 1.73 44.32
N GLU B 458 7.74 1.47 45.59
CA GLU B 458 9.03 0.85 46.04
C GLU B 458 9.21 -0.53 45.40
N LYS B 459 8.15 -1.34 45.34
CA LYS B 459 8.19 -2.67 44.69
C LYS B 459 8.73 -2.54 43.26
N TRP B 460 8.12 -1.63 42.50
CA TRP B 460 8.54 -1.35 41.10
C TRP B 460 10.03 -0.96 41.04
N ARG B 461 10.45 -0.02 41.87
CA ARG B 461 11.84 0.46 41.88
C ARG B 461 12.79 -0.69 42.22
N TRP B 462 12.47 -1.42 43.28
CA TRP B 462 13.27 -2.59 43.71
C TRP B 462 13.46 -3.56 42.55
N MET B 463 12.36 -3.96 41.91
CA MET B 463 12.39 -4.92 40.78
C MET B 463 13.23 -4.34 39.61
N VAL B 464 13.02 -3.06 39.30
CA VAL B 464 13.75 -2.34 38.22
C VAL B 464 15.24 -2.36 38.56
N PHE B 465 15.63 -1.98 39.77
CA PHE B 465 17.07 -1.90 40.14
C PHE B 465 17.70 -3.29 40.09
N LYS B 466 16.99 -4.33 40.53
CA LYS B 466 17.55 -5.70 40.48
C LYS B 466 17.41 -6.31 39.09
N GLY B 467 16.76 -5.65 38.14
CA GLY B 467 16.64 -6.11 36.76
C GLY B 467 15.42 -6.98 36.53
N GLU B 468 14.69 -7.42 37.57
CA GLU B 468 13.41 -8.18 37.45
C GLU B 468 12.54 -7.54 36.37
N ILE B 469 12.41 -6.20 36.35
CA ILE B 469 11.67 -5.48 35.27
C ILE B 469 12.71 -4.99 34.24
N PRO B 470 12.73 -5.55 33.01
CA PRO B 470 13.54 -5.02 31.92
C PRO B 470 13.05 -3.65 31.42
N LYS B 471 13.92 -2.91 30.71
CA LYS B 471 13.59 -1.56 30.18
C LYS B 471 12.33 -1.61 29.31
N ASP B 472 12.22 -2.60 28.45
CA ASP B 472 11.08 -2.71 27.51
C ASP B 472 9.77 -2.99 28.26
N GLN B 473 9.80 -3.34 29.55
CA GLN B 473 8.59 -3.65 30.34
C GLN B 473 8.42 -2.68 31.52
N TRP B 474 9.19 -1.58 31.60
CA TRP B 474 9.12 -0.61 32.73
C TRP B 474 7.71 -0.05 32.88
N MET B 475 7.19 0.55 31.83
CA MET B 475 5.83 1.12 31.81
C MET B 475 4.80 0.03 31.84
N LYS B 476 5.08 -1.09 31.19
CA LYS B 476 4.16 -2.25 31.14
C LYS B 476 3.84 -2.72 32.57
N LYS B 477 4.87 -2.99 33.35
CA LYS B 477 4.67 -3.55 34.70
C LYS B 477 4.17 -2.44 35.63
N TRP B 478 4.68 -1.20 35.49
CA TRP B 478 4.18 -0.05 36.27
C TRP B 478 2.64 -0.05 36.26
N TRP B 479 2.02 -0.06 35.08
CA TRP B 479 0.55 0.05 35.00
C TRP B 479 -0.14 -1.27 35.38
N GLU B 480 0.49 -2.42 35.13
CA GLU B 480 -0.03 -3.72 35.62
C GLU B 480 -0.09 -3.68 37.16
N MET B 481 0.98 -3.25 37.80
CA MET B 481 1.06 -3.21 39.29
C MET B 481 0.04 -2.19 39.82
N LYS B 482 -0.08 -1.04 39.14
CA LYS B 482 -1.06 0.00 39.51
C LYS B 482 -2.46 -0.61 39.51
N ARG B 483 -2.79 -1.32 38.44
CA ARG B 483 -4.14 -1.89 38.27
C ARG B 483 -4.38 -2.98 39.32
N GLU B 484 -3.36 -3.74 39.70
CA GLU B 484 -3.50 -4.92 40.61
C GLU B 484 -3.42 -4.51 42.07
N ILE B 485 -2.32 -3.86 42.47
CA ILE B 485 -2.06 -3.52 43.89
C ILE B 485 -2.94 -2.32 44.26
N VAL B 486 -2.85 -1.21 43.54
CA VAL B 486 -3.46 0.08 43.94
C VAL B 486 -4.90 0.09 43.45
N GLY B 487 -5.22 -0.70 42.45
CA GLY B 487 -6.55 -0.60 41.84
C GLY B 487 -6.77 0.74 41.16
N VAL B 488 -5.80 1.20 40.42
CA VAL B 488 -5.90 2.50 39.69
C VAL B 488 -5.60 2.21 38.24
N VAL B 489 -6.38 2.78 37.32
CA VAL B 489 -6.22 2.48 35.86
C VAL B 489 -5.78 3.80 35.18
N GLU B 490 -4.92 3.73 34.18
CA GLU B 490 -4.43 4.87 33.38
C GLU B 490 -5.59 5.30 32.45
N PRO B 491 -5.95 6.59 32.38
CA PRO B 491 -7.00 7.04 31.45
C PRO B 491 -6.54 6.97 29.99
N VAL B 492 -5.25 6.95 29.74
CA VAL B 492 -4.62 6.87 28.39
C VAL B 492 -3.52 5.82 28.47
N PRO B 493 -3.40 4.88 27.49
CA PRO B 493 -2.30 3.91 27.49
C PRO B 493 -0.94 4.59 27.25
N HIS B 494 0.06 4.27 28.06
CA HIS B 494 1.41 4.89 28.09
C HIS B 494 2.43 3.81 27.74
N ASP B 495 3.10 3.93 26.60
CA ASP B 495 4.15 2.98 26.14
C ASP B 495 5.51 3.27 26.80
N GLU B 496 6.56 2.57 26.37
CA GLU B 496 7.92 2.71 26.98
C GLU B 496 8.63 4.02 26.58
N THR B 497 8.02 4.93 25.85
CA THR B 497 8.49 6.34 25.72
C THR B 497 8.16 7.14 26.98
N TYR B 498 7.25 6.69 27.84
CA TYR B 498 6.85 7.37 29.09
C TYR B 498 7.74 6.94 30.25
N CYS B 499 7.83 7.75 31.31
CA CYS B 499 8.42 7.38 32.62
C CYS B 499 7.56 7.91 33.77
N ASP B 500 6.33 7.45 33.84
CA ASP B 500 5.32 7.92 34.84
C ASP B 500 5.89 7.98 36.25
N PRO B 501 6.50 6.88 36.76
CA PRO B 501 7.17 6.92 38.06
C PRO B 501 8.11 8.13 38.17
N ALA B 502 8.97 8.38 37.17
CA ALA B 502 9.92 9.52 37.26
C ALA B 502 9.20 10.88 37.40
N SER B 503 7.98 11.03 36.91
CA SER B 503 7.16 12.24 37.09
C SER B 503 6.93 12.56 38.58
N LEU B 504 7.07 11.62 39.51
CA LEU B 504 6.97 11.95 40.96
C LEU B 504 8.31 12.47 41.47
N PHE B 505 8.30 13.43 42.41
CA PHE B 505 9.51 14.12 42.98
C PHE B 505 10.57 13.10 43.44
N HIS B 506 10.23 12.23 44.38
CA HIS B 506 11.15 11.29 45.06
C HIS B 506 11.94 10.47 44.04
N VAL B 507 11.22 9.98 43.03
CA VAL B 507 11.83 9.17 41.95
C VAL B 507 12.81 10.04 41.18
N SER B 508 12.38 11.20 40.74
CA SER B 508 13.19 12.09 39.89
C SER B 508 14.30 12.72 40.74
N ASN B 509 14.18 12.75 42.08
CA ASN B 509 15.14 13.37 43.01
C ASN B 509 15.85 12.33 43.86
N ASP B 510 15.88 11.06 43.40
CA ASP B 510 16.70 10.00 44.05
C ASP B 510 16.44 10.00 45.57
N TYR B 511 15.24 9.67 45.98
CA TYR B 511 14.88 9.51 47.41
C TYR B 511 14.22 8.15 47.59
N SER B 512 14.59 7.42 48.62
CA SER B 512 13.84 6.20 49.05
C SER B 512 12.38 6.58 49.39
N PHE B 513 11.48 5.60 49.37
CA PHE B 513 10.03 5.81 49.60
C PHE B 513 9.48 4.89 50.66
N ILE B 514 10.11 3.74 50.91
CA ILE B 514 9.61 2.76 51.88
C ILE B 514 9.58 3.38 53.28
N ARG B 515 10.39 4.40 53.57
CA ARG B 515 10.31 5.21 54.83
C ARG B 515 8.83 5.48 55.18
N TYR B 516 8.03 5.96 54.22
CA TYR B 516 6.64 6.40 54.42
C TYR B 516 5.81 5.21 54.91
N TYR B 517 5.88 4.10 54.19
CA TYR B 517 5.20 2.83 54.55
C TYR B 517 5.55 2.47 56.01
N THR B 518 6.83 2.31 56.29
CA THR B 518 7.31 1.78 57.59
C THR B 518 6.90 2.79 58.66
N ARG B 519 7.14 4.07 58.42
CA ARG B 519 6.76 5.12 59.40
C ARG B 519 5.29 4.94 59.80
N THR B 520 4.39 4.85 58.83
CA THR B 520 2.95 4.73 59.12
C THR B 520 2.74 3.61 60.13
N LEU B 521 3.24 2.42 59.83
CA LEU B 521 3.11 1.28 60.76
C LEU B 521 3.68 1.63 62.14
N TYR B 522 4.93 2.04 62.19
CA TYR B 522 5.61 2.41 63.45
C TYR B 522 4.74 3.37 64.27
N GLN B 523 4.27 4.42 63.63
CA GLN B 523 3.43 5.47 64.28
C GLN B 523 2.30 4.82 65.06
N PHE B 524 1.54 3.97 64.41
CA PHE B 524 0.35 3.33 65.04
C PHE B 524 0.79 2.39 66.15
N GLN B 525 1.84 1.60 65.90
CA GLN B 525 2.43 0.72 66.94
C GLN B 525 2.77 1.58 68.16
N PHE B 526 3.51 2.66 67.97
CA PHE B 526 3.93 3.58 69.06
C PHE B 526 2.67 4.08 69.78
N GLN B 527 1.76 4.68 69.04
CA GLN B 527 0.54 5.31 69.62
C GLN B 527 -0.14 4.28 70.53
N GLU B 528 -0.45 3.11 69.99
CA GLU B 528 -1.13 2.04 70.77
C GLU B 528 -0.35 1.74 72.06
N ALA B 529 0.91 1.38 71.94
CA ALA B 529 1.77 1.02 73.11
C ALA B 529 1.66 2.14 74.16
N LEU B 530 1.87 3.37 73.73
CA LEU B 530 1.86 4.54 74.64
C LEU B 530 0.48 4.71 75.28
N CYS B 531 -0.59 4.49 74.50
CA CYS B 531 -1.97 4.61 75.02
C CYS B 531 -2.26 3.50 76.03
N GLN B 532 -1.70 2.31 75.81
CA GLN B 532 -1.82 1.18 76.77
C GLN B 532 -1.24 1.64 78.10
N ALA B 533 -0.07 2.28 78.08
CA ALA B 533 0.56 2.91 79.28
C ALA B 533 -0.35 4.02 79.82
N ALA B 534 -0.93 4.84 78.94
CA ALA B 534 -1.90 5.88 79.34
C ALA B 534 -3.20 5.24 79.86
N LYS B 535 -3.40 3.93 79.69
CA LYS B 535 -4.58 3.18 80.21
C LYS B 535 -5.82 3.78 79.54
N HIS B 536 -5.85 3.70 78.21
CA HIS B 536 -7.01 4.12 77.38
C HIS B 536 -8.07 3.01 77.43
N GLU B 537 -9.34 3.38 77.58
CA GLU B 537 -10.46 2.44 77.68
C GLU B 537 -11.34 2.52 76.42
N GLY B 538 -11.32 3.63 75.66
CA GLY B 538 -12.22 3.86 74.52
C GLY B 538 -11.57 3.43 73.21
N PRO B 539 -12.20 3.74 72.03
CA PRO B 539 -11.59 3.59 70.72
C PRO B 539 -10.23 4.32 70.66
N LEU B 540 -9.19 3.62 70.22
CA LEU B 540 -7.82 4.17 70.06
C LEU B 540 -7.84 5.47 69.26
N HIS B 541 -8.71 5.63 68.27
CA HIS B 541 -8.82 6.87 67.45
C HIS B 541 -9.03 8.11 68.33
N LYS B 542 -9.51 7.97 69.57
CA LYS B 542 -9.80 9.11 70.49
C LYS B 542 -9.02 8.89 71.77
N CYS B 543 -7.69 8.79 71.66
CA CYS B 543 -6.78 8.55 72.81
C CYS B 543 -5.82 9.72 72.98
N ASP B 544 -5.74 10.23 74.21
CA ASP B 544 -4.87 11.37 74.57
C ASP B 544 -3.83 10.85 75.58
N ILE B 545 -2.58 10.74 75.14
CA ILE B 545 -1.45 10.27 75.99
C ILE B 545 -0.98 11.38 76.94
N SER B 546 -1.54 12.60 76.88
CA SER B 546 -1.20 13.72 77.80
C SER B 546 -1.43 13.31 79.26
N ASN B 547 -0.59 13.82 80.19
CA ASN B 547 -0.68 13.54 81.65
C ASN B 547 -0.41 12.05 81.92
N SER B 548 0.52 11.44 81.18
CA SER B 548 0.97 10.03 81.41
C SER B 548 2.50 9.95 81.33
N THR B 549 3.14 9.91 82.50
CA THR B 549 4.61 9.71 82.65
C THR B 549 5.01 8.35 82.08
N GLU B 550 4.23 7.29 82.36
CA GLU B 550 4.49 5.89 81.92
C GLU B 550 4.67 5.86 80.40
N ALA B 551 3.74 6.47 79.66
CA ALA B 551 3.81 6.57 78.18
C ALA B 551 5.10 7.33 77.83
N GLY B 552 5.34 8.47 78.48
CA GLY B 552 6.56 9.28 78.29
C GLY B 552 7.81 8.44 78.51
N GLN B 553 7.82 7.61 79.56
CA GLN B 553 9.01 6.80 79.96
C GLN B 553 9.36 5.86 78.80
N LYS B 554 8.38 5.06 78.38
CA LYS B 554 8.57 4.09 77.25
C LYS B 554 9.11 4.87 76.06
N LEU B 555 8.40 5.93 75.67
CA LEU B 555 8.78 6.83 74.54
C LEU B 555 10.24 7.24 74.72
N PHE B 556 10.56 7.79 75.90
CA PHE B 556 11.92 8.29 76.23
C PHE B 556 12.96 7.16 76.05
N ASN B 557 12.66 5.97 76.57
CA ASN B 557 13.57 4.80 76.49
C ASN B 557 14.09 4.69 75.05
N MET B 558 13.19 4.65 74.07
CA MET B 558 13.58 4.64 72.64
C MET B 558 14.20 6.01 72.28
N LEU B 559 13.59 7.09 72.73
CA LEU B 559 14.03 8.46 72.33
C LEU B 559 15.53 8.64 72.60
N ARG B 560 15.95 8.37 73.84
CA ARG B 560 17.36 8.54 74.27
C ARG B 560 18.27 7.55 73.53
N LEU B 561 17.77 6.38 73.13
CA LEU B 561 18.64 5.38 72.44
C LEU B 561 19.37 6.01 71.23
N GLY B 562 18.66 6.67 70.33
CA GLY B 562 19.21 7.19 69.05
C GLY B 562 19.54 6.06 68.11
N LYS B 563 20.72 6.06 67.48
CA LYS B 563 21.19 4.94 66.60
C LYS B 563 22.09 3.99 67.39
N SER B 564 22.37 4.25 68.68
CA SER B 564 23.24 3.37 69.50
C SER B 564 22.78 1.90 69.46
N GLU B 565 21.49 1.64 69.46
CA GLU B 565 20.92 0.28 69.49
C GLU B 565 20.25 -0.05 68.15
N PRO B 566 20.02 -1.35 67.83
CA PRO B 566 19.20 -1.73 66.67
C PRO B 566 17.77 -1.16 66.73
N TRP B 567 17.18 -0.85 65.58
CA TRP B 567 15.78 -0.33 65.54
C TRP B 567 14.83 -1.40 66.10
N THR B 568 15.12 -2.68 65.84
CA THR B 568 14.37 -3.84 66.40
C THR B 568 14.35 -3.72 67.94
N LEU B 569 15.48 -3.39 68.55
CA LEU B 569 15.58 -3.20 70.03
C LEU B 569 14.78 -1.96 70.44
N ALA B 570 14.98 -0.84 69.75
CA ALA B 570 14.24 0.43 70.04
C ALA B 570 12.72 0.18 69.97
N LEU B 571 12.25 -0.60 68.97
CA LEU B 571 10.83 -1.01 68.91
C LEU B 571 10.41 -1.70 70.22
N GLU B 572 11.15 -2.74 70.61
CA GLU B 572 10.93 -3.42 71.91
C GLU B 572 10.94 -2.42 73.08
N ASN B 573 11.74 -1.35 72.97
CA ASN B 573 11.76 -0.28 73.99
C ASN B 573 10.35 0.33 74.18
N VAL B 574 9.57 0.53 73.11
CA VAL B 574 8.22 1.17 73.20
C VAL B 574 7.16 0.09 72.96
N VAL B 575 7.05 -0.38 71.72
CA VAL B 575 5.97 -1.32 71.27
C VAL B 575 6.29 -2.68 71.90
N GLY B 576 7.59 -2.99 72.15
CA GLY B 576 7.93 -4.31 72.69
C GLY B 576 8.27 -5.34 71.61
N ALA B 577 8.05 -5.04 70.34
CA ALA B 577 8.27 -5.94 69.18
C ALA B 577 9.63 -5.62 68.54
N LYS B 578 10.00 -6.33 67.49
CA LYS B 578 11.24 -6.06 66.69
C LYS B 578 10.92 -5.73 65.23
N ASN B 579 9.68 -5.94 64.79
CA ASN B 579 9.26 -5.77 63.38
C ASN B 579 7.97 -4.96 63.37
N MET B 580 7.61 -4.44 62.18
CA MET B 580 6.46 -3.54 62.00
C MET B 580 5.20 -4.42 61.96
N ASN B 581 4.23 -4.17 62.84
CA ASN B 581 2.92 -4.85 62.81
C ASN B 581 1.86 -3.86 62.36
N VAL B 582 0.97 -4.28 61.46
CA VAL B 582 -0.13 -3.39 61.00
C VAL B 582 -1.38 -3.51 61.87
N ARG B 583 -1.46 -4.51 62.77
CA ARG B 583 -2.61 -4.64 63.72
C ARG B 583 -3.02 -3.30 64.32
N PRO B 584 -2.15 -2.52 65.00
CA PRO B 584 -2.53 -1.22 65.54
C PRO B 584 -3.14 -0.24 64.52
N LEU B 585 -2.58 -0.17 63.31
CA LEU B 585 -3.19 0.66 62.23
C LEU B 585 -4.64 0.19 61.99
N LEU B 586 -4.84 -1.11 61.83
CA LEU B 586 -6.20 -1.69 61.58
C LEU B 586 -7.09 -1.35 62.79
N ASN B 587 -6.56 -1.54 64.00
CA ASN B 587 -7.30 -1.23 65.27
C ASN B 587 -7.78 0.23 65.24
N TYR B 588 -6.92 1.14 64.82
CA TYR B 588 -7.25 2.58 64.73
C TYR B 588 -8.44 2.79 63.79
N PHE B 589 -8.46 2.13 62.63
CA PHE B 589 -9.52 2.33 61.60
C PHE B 589 -10.63 1.27 61.73
N GLU B 590 -10.61 0.46 62.80
CA GLU B 590 -11.65 -0.60 63.04
C GLU B 590 -13.08 -0.03 63.00
N PRO B 591 -13.40 1.08 63.71
CA PRO B 591 -14.70 1.72 63.60
C PRO B 591 -15.10 2.03 62.15
N LEU B 592 -14.19 2.70 61.44
CA LEU B 592 -14.41 3.01 60.01
C LEU B 592 -14.61 1.73 59.22
N PHE B 593 -13.78 0.73 59.44
CA PHE B 593 -13.89 -0.53 58.65
C PHE B 593 -15.32 -1.07 58.78
N THR B 594 -15.76 -1.27 60.03
CA THR B 594 -17.13 -1.81 60.25
C THR B 594 -18.12 -0.98 59.42
N TRP B 595 -18.06 0.34 59.55
CA TRP B 595 -18.96 1.28 58.82
C TRP B 595 -18.84 1.03 57.31
N LEU B 596 -17.61 1.04 56.77
CA LEU B 596 -17.39 0.86 55.31
C LEU B 596 -18.05 -0.44 54.85
N LYS B 597 -17.84 -1.53 55.58
CA LYS B 597 -18.44 -2.83 55.19
C LYS B 597 -19.96 -2.70 54.94
N ASP B 598 -20.66 -2.00 55.86
CA ASP B 598 -22.11 -1.70 55.75
C ASP B 598 -22.39 -0.95 54.43
N GLN B 599 -21.65 0.10 54.17
CA GLN B 599 -21.84 0.94 52.96
C GLN B 599 -21.50 0.11 51.71
N ASN B 600 -20.56 -0.83 51.82
CA ASN B 600 -20.11 -1.63 50.66
C ASN B 600 -20.86 -2.96 50.61
N LYS B 601 -21.95 -3.12 51.37
CA LYS B 601 -22.77 -4.38 51.34
C LYS B 601 -23.33 -4.56 49.92
N ASN B 602 -24.09 -3.57 49.44
CA ASN B 602 -24.67 -3.57 48.07
C ASN B 602 -23.57 -3.51 47.00
N SER B 603 -22.52 -2.73 47.22
CA SER B 603 -21.39 -2.52 46.26
C SER B 603 -20.56 -3.79 46.12
N PHE B 604 -19.85 -3.93 44.99
CA PHE B 604 -18.79 -4.95 44.76
C PHE B 604 -17.45 -4.51 45.38
N VAL B 605 -17.05 -5.17 46.46
CA VAL B 605 -15.77 -4.91 47.14
C VAL B 605 -14.71 -5.63 46.31
N GLY B 606 -14.00 -4.84 45.53
CA GLY B 606 -12.83 -5.25 44.73
C GLY B 606 -12.86 -4.58 43.38
N TRP B 607 -11.87 -4.87 42.56
CA TRP B 607 -11.77 -4.30 41.20
C TRP B 607 -11.30 -5.37 40.21
N SER B 608 -11.67 -5.16 38.96
CA SER B 608 -11.21 -5.99 37.83
C SER B 608 -10.11 -5.22 37.11
N THR B 609 -8.97 -5.87 36.93
CA THR B 609 -7.77 -5.28 36.32
C THR B 609 -7.90 -5.35 34.79
N ASP B 610 -9.09 -5.26 34.20
CA ASP B 610 -9.31 -5.32 32.72
C ASP B 610 -10.06 -4.10 32.23
N TRP B 611 -11.03 -3.55 32.97
CA TRP B 611 -11.76 -2.32 32.59
C TRP B 611 -10.75 -1.16 32.45
N SER B 612 -10.86 -0.43 31.36
CA SER B 612 -10.09 0.79 31.09
C SER B 612 -11.02 1.90 30.65
N PRO B 613 -10.75 3.18 30.97
CA PRO B 613 -11.58 4.29 30.50
C PRO B 613 -11.66 4.44 28.98
N TYR B 614 -10.79 3.77 28.23
CA TYR B 614 -10.68 3.87 26.75
C TYR B 614 -11.03 2.57 26.05
N ALA B 615 -11.20 1.44 26.77
CA ALA B 615 -11.63 0.14 26.18
C ALA B 615 -12.91 0.24 25.34
N ASP B 616 -13.88 1.07 25.75
CA ASP B 616 -15.20 1.17 25.07
C ASP B 616 -15.01 1.52 23.59
N GLN B 617 -14.22 2.53 23.25
CA GLN B 617 -14.05 2.92 21.82
C GLN B 617 -12.80 2.29 21.20
N SER B 618 -12.19 1.31 21.86
CA SER B 618 -10.98 0.66 21.35
C SER B 618 -11.36 -0.38 20.27
N ILE B 619 -10.75 -0.34 19.10
CA ILE B 619 -10.89 -1.37 18.03
C ILE B 619 -9.74 -2.39 18.13
N LYS B 620 -10.05 -3.66 18.37
CA LYS B 620 -8.99 -4.73 18.32
C LYS B 620 -8.59 -4.99 16.85
N VAL B 621 -7.31 -5.17 16.59
CA VAL B 621 -6.76 -5.41 15.23
C VAL B 621 -5.86 -6.64 15.23
N ARG B 622 -6.16 -7.66 14.42
CA ARG B 622 -5.25 -8.84 14.22
C ARG B 622 -4.55 -8.68 12.88
N ILE B 623 -3.29 -9.06 12.78
CA ILE B 623 -2.47 -8.85 11.55
C ILE B 623 -1.87 -10.21 11.26
N SER B 624 -2.06 -10.72 10.02
CA SER B 624 -1.57 -12.06 9.60
C SER B 624 -0.64 -11.95 8.36
N LEU B 625 0.59 -11.51 8.59
CA LEU B 625 1.61 -11.31 7.51
C LEU B 625 1.85 -12.69 6.87
N LYS B 626 2.33 -13.65 7.65
CA LYS B 626 2.69 -15.01 7.13
C LYS B 626 1.49 -15.68 6.45
N SER B 627 0.27 -15.52 6.96
CA SER B 627 -0.99 -15.97 6.31
C SER B 627 -1.11 -15.42 4.88
N ALA B 628 -0.81 -14.14 4.66
CA ALA B 628 -0.94 -13.49 3.33
C ALA B 628 0.40 -13.41 2.63
N LEU B 629 1.52 -13.65 3.30
CA LEU B 629 2.85 -13.43 2.69
C LEU B 629 3.65 -14.74 2.68
N GLY B 630 3.57 -15.58 3.70
CA GLY B 630 4.39 -16.78 3.87
C GLY B 630 5.86 -16.41 3.86
N ASP B 631 6.61 -16.75 2.81
CA ASP B 631 8.00 -16.26 2.63
C ASP B 631 7.98 -14.75 2.38
N LYS B 632 9.14 -14.08 2.43
CA LYS B 632 9.25 -12.61 2.23
C LYS B 632 8.25 -11.84 3.13
N ALA B 633 7.86 -12.41 4.28
CA ALA B 633 6.89 -11.83 5.23
C ALA B 633 7.75 -10.95 6.15
N TYR B 634 7.72 -9.63 5.94
CA TYR B 634 8.49 -8.63 6.74
C TYR B 634 8.15 -8.78 8.23
N GLU B 635 9.10 -8.51 9.12
CA GLU B 635 8.84 -8.54 10.60
C GLU B 635 8.14 -7.24 11.00
N TRP B 636 6.96 -7.33 11.64
CA TRP B 636 6.23 -6.18 12.22
C TRP B 636 7.08 -5.60 13.35
N ASN B 637 7.64 -4.40 13.15
CA ASN B 637 8.45 -3.66 14.13
C ASN B 637 7.69 -2.37 14.51
N ASP B 638 8.35 -1.51 15.28
CA ASP B 638 7.79 -0.18 15.64
C ASP B 638 7.53 0.63 14.36
N ASN B 639 8.44 0.52 13.37
CA ASN B 639 8.26 1.25 12.10
C ASN B 639 6.93 0.85 11.44
N GLU B 640 6.62 -0.45 11.43
CA GLU B 640 5.36 -0.96 10.88
C GLU B 640 4.21 -0.39 11.69
N MET B 641 4.36 -0.38 13.00
CA MET B 641 3.35 0.25 13.88
C MET B 641 3.18 1.76 13.57
N TYR B 642 4.26 2.51 13.54
CA TYR B 642 4.27 3.93 13.09
C TYR B 642 3.48 4.08 11.78
N LEU B 643 3.82 3.25 10.79
CA LEU B 643 3.07 3.26 9.50
C LEU B 643 1.57 3.03 9.70
N PHE B 644 1.23 2.08 10.58
CA PHE B 644 -0.18 1.77 10.85
C PHE B 644 -0.92 2.99 11.41
N ARG B 645 -0.35 3.61 12.44
CA ARG B 645 -0.96 4.80 13.10
C ARG B 645 -1.15 5.91 12.07
N SER B 646 -0.13 6.12 11.24
CA SER B 646 -0.20 7.09 10.12
C SER B 646 -1.36 6.74 9.14
N SER B 647 -1.46 5.46 8.75
CA SER B 647 -2.57 4.96 7.87
C SER B 647 -3.96 5.23 8.48
N VAL B 648 -4.12 4.97 9.77
CA VAL B 648 -5.40 5.23 10.48
C VAL B 648 -5.69 6.73 10.48
N ALA B 649 -4.68 7.54 10.78
CA ALA B 649 -4.82 9.01 10.78
C ALA B 649 -5.27 9.48 9.39
N TYR B 650 -4.64 8.93 8.36
CA TYR B 650 -5.02 9.26 6.95
C TYR B 650 -6.50 8.97 6.72
N ALA B 651 -6.95 7.80 7.15
CA ALA B 651 -8.36 7.39 6.98
C ALA B 651 -9.30 8.34 7.73
N MET B 652 -9.00 8.61 8.99
CA MET B 652 -9.85 9.52 9.83
C MET B 652 -9.98 10.85 9.07
N ARG B 653 -8.85 11.41 8.64
CA ARG B 653 -8.87 12.68 7.87
C ARG B 653 -9.83 12.58 6.67
N GLN B 654 -9.69 11.52 5.87
CA GLN B 654 -10.50 11.34 4.63
C GLN B 654 -11.97 11.30 5.03
N TYR B 655 -12.28 10.42 5.99
CA TYR B 655 -13.69 10.22 6.42
C TYR B 655 -14.29 11.58 6.82
N PHE B 656 -13.58 12.31 7.67
CA PHE B 656 -14.07 13.61 8.20
C PHE B 656 -14.23 14.61 7.05
N LEU B 657 -13.19 14.78 6.25
CA LEU B 657 -13.24 15.74 5.12
C LEU B 657 -14.31 15.36 4.08
N LYS B 658 -14.67 14.09 3.94
CA LYS B 658 -15.65 13.63 2.92
C LYS B 658 -17.04 13.64 3.56
N VAL B 659 -17.28 12.76 4.54
CA VAL B 659 -18.62 12.62 5.18
C VAL B 659 -18.95 13.92 5.92
N LYS B 660 -18.04 14.46 6.73
CA LYS B 660 -18.32 15.66 7.56
C LYS B 660 -17.81 16.93 6.86
N ASN B 661 -17.14 16.80 5.70
CA ASN B 661 -16.49 17.97 5.08
C ASN B 661 -15.62 18.73 6.09
N GLN B 662 -15.08 18.04 7.10
CA GLN B 662 -14.32 18.68 8.22
C GLN B 662 -12.84 18.37 8.01
N MET B 663 -12.04 19.40 7.72
CA MET B 663 -10.58 19.19 7.61
C MET B 663 -9.94 19.09 9.01
N ILE B 664 -10.04 17.93 9.67
CA ILE B 664 -9.47 17.65 11.02
C ILE B 664 -8.07 17.05 10.83
N LEU B 665 -7.02 17.67 11.35
CA LEU B 665 -5.61 17.22 11.12
C LEU B 665 -5.23 16.09 12.07
N PHE B 666 -5.73 14.88 11.80
CA PHE B 666 -5.43 13.69 12.64
C PHE B 666 -3.97 13.28 12.37
N GLY B 667 -3.17 13.06 13.41
CA GLY B 667 -1.78 12.56 13.32
C GLY B 667 -1.63 11.20 13.99
N GLU B 668 -0.54 10.50 13.66
CA GLU B 668 -0.25 9.16 14.24
C GLU B 668 -0.31 9.19 15.78
N GLU B 669 0.04 10.30 16.40
CA GLU B 669 -0.08 10.54 17.87
C GLU B 669 -1.52 10.47 18.38
N ASP B 670 -2.50 10.84 17.55
CA ASP B 670 -3.94 10.74 17.98
C ASP B 670 -4.39 9.26 18.05
N VAL B 671 -3.68 8.37 17.33
CA VAL B 671 -3.99 6.92 17.26
C VAL B 671 -3.34 6.29 18.50
N ARG B 672 -4.12 6.00 19.53
CA ARG B 672 -3.63 5.49 20.83
C ARG B 672 -3.73 3.97 20.82
N VAL B 673 -2.61 3.28 20.68
CA VAL B 673 -2.49 1.80 20.60
C VAL B 673 -2.26 1.23 22.01
N ALA B 674 -2.77 0.05 22.29
CA ALA B 674 -2.66 -0.66 23.60
C ALA B 674 -2.69 -2.19 23.42
N ASN B 675 -2.17 -2.91 24.42
CA ASN B 675 -2.18 -4.40 24.49
C ASN B 675 -1.51 -5.01 23.25
N LEU B 676 -0.31 -4.57 22.91
CA LEU B 676 0.38 -5.11 21.69
C LEU B 676 0.84 -6.55 22.00
N LYS B 677 0.56 -7.52 21.12
CA LYS B 677 0.87 -8.95 21.38
C LYS B 677 1.66 -9.52 20.22
N PRO B 678 2.45 -10.61 20.44
CA PRO B 678 3.22 -11.24 19.36
C PRO B 678 2.35 -11.81 18.24
N ARG B 679 1.06 -12.10 18.51
CA ARG B 679 0.04 -12.35 17.44
C ARG B 679 -0.06 -11.18 16.45
N ILE B 680 0.55 -10.03 16.76
CA ILE B 680 0.44 -8.76 16.03
C ILE B 680 -1.00 -8.27 16.23
N SER B 681 -1.68 -8.67 17.31
CA SER B 681 -2.97 -8.10 17.75
C SER B 681 -2.73 -6.92 18.70
N PHE B 682 -3.51 -5.85 18.55
CA PHE B 682 -3.48 -4.68 19.44
C PHE B 682 -4.84 -4.00 19.46
N ASN B 683 -5.05 -3.15 20.46
CA ASN B 683 -6.31 -2.37 20.61
C ASN B 683 -5.96 -0.91 20.37
N PHE B 684 -6.62 -0.25 19.41
CA PHE B 684 -6.37 1.22 19.19
C PHE B 684 -7.70 1.98 19.35
N PHE B 685 -7.57 3.25 19.74
CA PHE B 685 -8.63 4.27 19.67
C PHE B 685 -8.05 5.60 19.20
N VAL B 686 -8.87 6.41 18.55
CA VAL B 686 -8.47 7.71 17.94
C VAL B 686 -8.97 8.82 18.87
N THR B 687 -8.15 9.85 19.07
CA THR B 687 -8.55 11.07 19.82
C THR B 687 -8.54 12.27 18.87
N ALA B 688 -9.12 13.39 19.30
CA ALA B 688 -9.05 14.69 18.59
C ALA B 688 -7.58 15.10 18.43
N PRO B 689 -7.21 15.78 17.31
CA PRO B 689 -5.86 16.23 17.01
C PRO B 689 -5.11 16.84 18.19
N LYS B 690 -5.74 17.66 19.03
CA LYS B 690 -5.02 18.19 20.24
C LYS B 690 -5.90 18.13 21.50
N ASN B 691 -6.73 17.09 21.66
CA ASN B 691 -7.65 16.99 22.83
C ASN B 691 -7.74 15.52 23.27
N VAL B 692 -6.87 15.13 24.19
CA VAL B 692 -6.84 13.78 24.85
C VAL B 692 -8.26 13.39 25.33
N SER B 693 -8.99 14.33 25.92
CA SER B 693 -10.37 14.07 26.38
C SER B 693 -11.27 13.70 25.22
N ASP B 694 -11.16 14.41 24.08
CA ASP B 694 -12.06 14.16 22.92
C ASP B 694 -11.62 12.82 22.25
N ILE B 695 -12.27 11.72 22.58
CA ILE B 695 -12.03 10.37 21.98
C ILE B 695 -13.04 10.16 20.83
N ILE B 696 -12.52 9.95 19.62
CA ILE B 696 -13.40 9.81 18.41
C ILE B 696 -14.23 8.53 18.61
N PRO B 697 -15.59 8.60 18.58
CA PRO B 697 -16.42 7.42 18.89
C PRO B 697 -16.20 6.25 17.91
N ARG B 698 -16.14 5.02 18.44
CA ARG B 698 -15.81 3.80 17.64
C ARG B 698 -16.64 3.75 16.33
N THR B 699 -17.93 4.07 16.37
CA THR B 699 -18.82 4.17 15.16
C THR B 699 -18.14 4.92 14.00
N GLU B 700 -17.74 6.18 14.25
CA GLU B 700 -17.07 7.05 13.26
C GLU B 700 -15.80 6.35 12.78
N VAL B 701 -15.03 5.79 13.72
CA VAL B 701 -13.71 5.17 13.43
C VAL B 701 -13.98 3.99 12.50
N GLU B 702 -14.96 3.15 12.84
CA GLU B 702 -15.37 1.96 12.03
C GLU B 702 -15.67 2.44 10.58
N LYS B 703 -16.49 3.47 10.44
CA LYS B 703 -16.87 4.07 9.12
C LYS B 703 -15.61 4.54 8.38
N ALA B 704 -14.76 5.31 9.06
CA ALA B 704 -13.47 5.76 8.49
C ALA B 704 -12.68 4.54 7.97
N ILE B 705 -12.58 3.48 8.78
CA ILE B 705 -11.78 2.28 8.39
C ILE B 705 -12.43 1.72 7.13
N ARG B 706 -13.72 1.39 7.23
CA ARG B 706 -14.51 0.83 6.11
C ARG B 706 -14.14 1.60 4.83
N MET B 707 -14.23 2.92 4.90
CA MET B 707 -14.00 3.79 3.73
C MET B 707 -12.61 3.53 3.15
N SER B 708 -11.56 3.48 3.95
CA SER B 708 -10.16 3.36 3.44
C SER B 708 -9.55 1.96 3.67
N ARG B 709 -10.38 0.94 3.97
CA ARG B 709 -9.86 -0.39 4.41
C ARG B 709 -8.89 -0.93 3.34
N SER B 710 -9.32 -0.93 2.09
CA SER B 710 -8.53 -1.33 0.89
C SER B 710 -7.13 -0.73 0.94
N ARG B 711 -7.09 0.60 1.11
CA ARG B 711 -5.86 1.45 1.14
C ARG B 711 -4.93 0.93 2.25
N ILE B 712 -5.50 0.72 3.43
CA ILE B 712 -4.73 0.26 4.62
C ILE B 712 -4.16 -1.11 4.28
N ASN B 713 -5.02 -2.01 3.75
CA ASN B 713 -4.61 -3.40 3.38
C ASN B 713 -3.43 -3.28 2.41
N ASP B 714 -3.59 -2.40 1.40
CA ASP B 714 -2.54 -2.17 0.36
C ASP B 714 -1.22 -1.80 1.04
N ALA B 715 -1.26 -0.83 1.93
CA ALA B 715 -0.05 -0.33 2.63
C ALA B 715 0.71 -1.48 3.32
N PHE B 716 0.03 -2.46 3.91
CA PHE B 716 0.67 -3.62 4.60
C PHE B 716 0.62 -4.88 3.72
N ARG B 717 0.37 -4.77 2.41
CA ARG B 717 0.24 -5.96 1.51
C ARG B 717 -0.60 -7.06 2.21
N LEU B 718 -1.70 -6.65 2.82
CA LEU B 718 -2.58 -7.57 3.56
C LEU B 718 -3.94 -7.49 2.85
N ASN B 719 -4.95 -8.10 3.45
CA ASN B 719 -6.33 -8.17 2.92
C ASN B 719 -7.27 -8.25 4.11
N ASP B 720 -8.57 -7.99 3.91
CA ASP B 720 -9.56 -8.04 5.03
C ASP B 720 -9.26 -9.26 5.92
N ASN B 721 -9.05 -10.43 5.32
CA ASN B 721 -8.77 -11.69 6.07
C ASN B 721 -7.55 -11.51 6.97
N SER B 722 -6.39 -11.13 6.41
CA SER B 722 -5.13 -11.00 7.19
C SER B 722 -5.20 -9.79 8.11
N LEU B 723 -5.66 -8.63 7.60
CA LEU B 723 -5.84 -7.39 8.37
C LEU B 723 -7.22 -7.46 9.02
N GLU B 724 -7.33 -8.23 10.09
CA GLU B 724 -8.63 -8.43 10.81
C GLU B 724 -8.88 -7.17 11.68
N PHE B 725 -9.75 -6.28 11.22
CA PHE B 725 -10.25 -5.11 11.99
C PHE B 725 -11.47 -5.55 12.79
N LEU B 726 -11.29 -6.25 13.91
CA LEU B 726 -12.42 -6.94 14.63
C LEU B 726 -13.57 -5.92 14.78
N GLY B 727 -14.81 -6.30 14.43
CA GLY B 727 -15.96 -5.36 14.34
C GLY B 727 -16.20 -4.76 12.96
N ILE B 728 -15.21 -4.70 12.07
CA ILE B 728 -15.40 -4.26 10.65
C ILE B 728 -15.32 -5.53 9.80
N GLN B 729 -16.21 -5.68 8.82
CA GLN B 729 -16.30 -6.90 7.96
C GLN B 729 -16.64 -6.51 6.52
N PRO B 730 -16.13 -7.25 5.50
CA PRO B 730 -16.53 -7.03 4.11
C PRO B 730 -17.94 -7.55 3.81
N THR B 731 -18.53 -7.09 2.71
CA THR B 731 -19.93 -7.40 2.31
C THR B 731 -20.06 -7.24 0.78
N SER B 741 -26.65 -16.88 -20.39
CA SER B 741 -26.64 -18.31 -19.99
C SER B 741 -25.76 -19.15 -20.93
N ILE B 742 -24.45 -19.12 -20.69
CA ILE B 742 -23.41 -20.06 -21.23
C ILE B 742 -23.95 -21.50 -21.30
N TRP B 743 -24.55 -22.02 -20.23
CA TRP B 743 -25.16 -23.38 -20.23
C TRP B 743 -26.17 -23.49 -21.40
N LEU B 744 -27.07 -22.50 -21.52
CA LEU B 744 -28.10 -22.46 -22.59
C LEU B 744 -27.41 -22.39 -23.95
N ILE B 745 -26.40 -21.53 -24.12
CA ILE B 745 -25.69 -21.34 -25.43
C ILE B 745 -25.07 -22.70 -25.84
N VAL B 746 -24.43 -23.38 -24.90
CA VAL B 746 -23.80 -24.71 -25.16
C VAL B 746 -24.94 -25.68 -25.48
N PHE B 747 -25.94 -25.76 -24.61
CA PHE B 747 -27.18 -26.58 -24.82
C PHE B 747 -27.67 -26.42 -26.27
N GLY B 748 -27.90 -25.16 -26.67
CA GLY B 748 -28.33 -24.78 -28.02
C GLY B 748 -27.45 -25.42 -29.10
N VAL B 749 -26.13 -25.19 -29.00
CA VAL B 749 -25.13 -25.71 -29.97
C VAL B 749 -25.32 -27.22 -30.07
N VAL B 750 -25.29 -27.92 -28.93
CA VAL B 750 -25.39 -29.41 -28.87
C VAL B 750 -26.73 -29.78 -29.54
N MET B 751 -27.84 -29.26 -29.02
CA MET B 751 -29.19 -29.55 -29.59
C MET B 751 -29.16 -29.43 -31.12
N GLY B 752 -28.69 -28.28 -31.62
CA GLY B 752 -28.58 -27.99 -33.07
C GLY B 752 -27.87 -29.12 -33.80
N VAL B 753 -26.63 -29.41 -33.40
CA VAL B 753 -25.78 -30.39 -34.13
C VAL B 753 -26.43 -31.78 -34.04
N ILE B 754 -27.13 -32.08 -32.94
CA ILE B 754 -27.87 -33.37 -32.79
C ILE B 754 -29.03 -33.38 -33.78
N VAL B 755 -29.90 -32.37 -33.73
CA VAL B 755 -31.12 -32.25 -34.59
C VAL B 755 -30.71 -32.41 -36.06
N VAL B 756 -29.76 -31.59 -36.51
CA VAL B 756 -29.30 -31.61 -37.93
C VAL B 756 -28.70 -33.00 -38.23
N GLY B 757 -27.91 -33.57 -37.31
CA GLY B 757 -27.39 -34.95 -37.41
C GLY B 757 -28.52 -35.93 -37.71
N ILE B 758 -29.56 -35.91 -36.86
CA ILE B 758 -30.77 -36.78 -37.02
C ILE B 758 -31.38 -36.49 -38.40
N VAL B 759 -31.60 -35.21 -38.71
CA VAL B 759 -32.17 -34.75 -40.02
C VAL B 759 -31.39 -35.44 -41.15
N ILE B 760 -30.06 -35.25 -41.16
CA ILE B 760 -29.16 -35.85 -42.16
C ILE B 760 -29.38 -37.36 -42.13
N LEU B 761 -29.27 -37.98 -40.95
CA LEU B 761 -29.38 -39.46 -40.80
C LEU B 761 -30.68 -39.98 -41.42
N ILE B 762 -31.84 -39.47 -40.99
CA ILE B 762 -33.16 -39.93 -41.53
C ILE B 762 -33.19 -39.66 -43.05
N PHE B 763 -32.75 -38.48 -43.48
CA PHE B 763 -32.63 -38.14 -44.93
C PHE B 763 -31.71 -39.15 -45.63
N THR B 764 -30.57 -39.49 -45.02
CA THR B 764 -29.56 -40.42 -45.57
C THR B 764 -30.27 -41.76 -45.88
N GLY B 765 -31.04 -42.27 -44.92
CA GLY B 765 -31.82 -43.53 -45.07
C GLY B 765 -32.79 -43.41 -46.23
N ILE B 766 -33.50 -42.29 -46.30
CA ILE B 766 -34.49 -42.04 -47.39
C ILE B 766 -33.71 -42.02 -48.71
N ARG B 767 -32.57 -41.32 -48.71
CA ARG B 767 -31.65 -41.19 -49.88
C ARG B 767 -31.20 -42.59 -50.30
N ASP B 768 -30.88 -43.46 -49.33
CA ASP B 768 -30.51 -44.88 -49.60
C ASP B 768 -31.71 -45.61 -50.22
N ARG B 769 -31.63 -45.90 -51.51
CA ARG B 769 -32.68 -46.59 -52.30
C ARG B 769 -32.00 -47.46 -53.35
N VAL C 25 5.78 -25.82 -86.67
CA VAL C 25 5.80 -24.74 -87.73
C VAL C 25 7.21 -24.64 -88.35
N LEU C 26 8.25 -24.61 -87.50
CA LEU C 26 9.69 -24.74 -87.88
C LEU C 26 10.02 -26.21 -88.13
N PRO C 27 11.15 -26.57 -88.81
CA PRO C 27 11.52 -27.98 -89.06
C PRO C 27 11.59 -28.87 -87.80
N ASN C 28 10.69 -29.89 -87.75
CA ASN C 28 10.61 -30.94 -86.71
C ASN C 28 10.41 -32.30 -87.41
N PRO C 29 11.42 -32.84 -88.14
CA PRO C 29 11.27 -34.08 -88.91
C PRO C 29 11.43 -35.33 -88.02
N GLY C 30 10.41 -36.19 -87.98
CA GLY C 30 10.38 -37.40 -87.12
C GLY C 30 9.82 -37.15 -85.75
N LEU C 31 9.07 -36.07 -85.55
CA LEU C 31 8.39 -35.76 -84.26
C LEU C 31 7.52 -36.96 -83.85
N ASP C 32 6.86 -37.59 -84.82
CA ASP C 32 6.04 -38.82 -84.55
C ASP C 32 6.96 -39.94 -84.10
N ALA C 33 6.41 -41.00 -83.52
CA ALA C 33 7.15 -42.14 -82.90
C ALA C 33 7.85 -41.65 -81.63
N ARG C 34 8.58 -40.54 -81.70
CA ARG C 34 9.16 -39.88 -80.49
C ARG C 34 8.03 -39.65 -79.47
N ILE C 35 6.83 -39.34 -79.96
CA ILE C 35 5.68 -39.02 -79.08
C ILE C 35 4.61 -40.10 -79.23
N PRO C 36 3.90 -40.50 -78.13
CA PRO C 36 2.78 -41.44 -78.23
C PRO C 36 1.79 -41.00 -79.32
N SER C 37 1.36 -41.91 -80.18
CA SER C 37 0.29 -41.68 -81.20
C SER C 37 -1.07 -41.59 -80.48
N LEU C 38 -1.98 -40.73 -80.96
CA LEU C 38 -3.35 -40.52 -80.37
C LEU C 38 -4.15 -41.82 -80.41
N ALA C 39 -4.04 -42.62 -81.49
CA ALA C 39 -4.62 -43.98 -81.63
C ALA C 39 -4.14 -44.92 -80.50
N GLU C 40 -2.85 -44.87 -80.13
CA GLU C 40 -2.23 -45.70 -79.05
C GLU C 40 -2.60 -45.19 -77.64
N LEU C 41 -2.89 -43.88 -77.46
CA LEU C 41 -3.12 -43.25 -76.12
C LEU C 41 -4.28 -43.91 -75.35
N GLU C 42 -5.33 -44.37 -76.04
CA GLU C 42 -6.42 -45.18 -75.41
C GLU C 42 -5.84 -46.51 -74.90
N THR C 43 -4.99 -47.17 -75.70
CA THR C 43 -4.37 -48.49 -75.39
C THR C 43 -3.14 -48.35 -74.46
N ILE C 44 -2.70 -47.14 -74.04
CA ILE C 44 -1.51 -46.93 -73.14
C ILE C 44 -1.96 -46.66 -71.67
N GLU C 45 -3.26 -46.73 -71.33
CA GLU C 45 -3.84 -46.31 -70.02
C GLU C 45 -4.07 -47.54 -69.13
N GLN C 46 -4.84 -48.52 -69.61
CA GLN C 46 -5.21 -49.77 -68.87
C GLN C 46 -3.97 -50.67 -68.66
N GLU C 47 -3.05 -50.71 -69.62
CA GLU C 47 -1.78 -51.50 -69.56
C GLU C 47 -0.77 -50.87 -68.59
N GLU C 48 -0.67 -49.53 -68.53
CA GLU C 48 0.32 -48.77 -67.71
C GLU C 48 -0.24 -48.48 -66.29
N ALA C 49 -0.92 -49.46 -65.65
CA ALA C 49 -1.33 -49.42 -64.22
C ALA C 49 -0.09 -49.60 -63.33
N SER C 50 0.78 -50.57 -63.69
CA SER C 50 2.14 -50.78 -63.11
C SER C 50 3.19 -49.95 -63.87
N SER C 51 4.33 -49.67 -63.20
CA SER C 51 5.58 -49.02 -63.72
C SER C 51 5.47 -47.48 -63.83
N ARG C 52 4.29 -46.87 -63.71
CA ARG C 52 4.05 -45.41 -63.61
C ARG C 52 3.02 -45.17 -62.52
N PRO C 53 3.12 -44.12 -61.65
CA PRO C 53 2.20 -43.97 -60.53
C PRO C 53 0.87 -43.30 -60.94
N LYS C 54 -0.12 -43.32 -60.06
CA LYS C 54 -1.53 -42.92 -60.35
C LYS C 54 -2.13 -42.17 -59.14
N TRP C 55 -2.92 -41.12 -59.41
CA TRP C 55 -3.63 -40.34 -58.37
C TRP C 55 -4.75 -41.22 -57.81
N ASP C 56 -4.80 -41.37 -56.47
CA ASP C 56 -5.85 -42.15 -55.74
C ASP C 56 -7.23 -41.50 -55.96
N ASN C 57 -7.33 -40.18 -55.91
CA ASN C 57 -8.53 -39.36 -56.22
C ASN C 57 -8.20 -38.31 -57.30
N LYS C 58 -9.23 -37.61 -57.77
CA LYS C 58 -9.10 -36.34 -58.54
C LYS C 58 -8.68 -35.21 -57.59
N ALA C 59 -9.31 -35.13 -56.41
CA ALA C 59 -9.06 -34.10 -55.36
C ALA C 59 -7.60 -34.17 -54.84
N GLN C 60 -7.05 -35.38 -54.67
CA GLN C 60 -5.63 -35.65 -54.24
C GLN C 60 -4.62 -35.08 -55.25
N TYR C 61 -5.00 -34.89 -56.52
CA TYR C 61 -4.18 -34.17 -57.54
C TYR C 61 -4.43 -32.66 -57.45
N MET C 62 -5.70 -32.26 -57.45
CA MET C 62 -6.10 -30.83 -57.38
C MET C 62 -5.52 -30.19 -56.10
N LEU C 63 -5.76 -30.83 -54.94
CA LEU C 63 -5.18 -30.40 -53.64
C LEU C 63 -3.67 -30.26 -53.76
N THR C 64 -2.95 -31.26 -54.26
CA THR C 64 -1.47 -31.21 -54.40
C THR C 64 -1.10 -29.96 -55.19
N CYS C 65 -1.64 -29.77 -56.39
CA CYS C 65 -1.28 -28.61 -57.27
C CYS C 65 -1.54 -27.30 -56.51
N LEU C 66 -2.72 -27.18 -55.90
CA LEU C 66 -3.16 -25.95 -55.18
C LEU C 66 -2.14 -25.67 -54.08
N GLY C 67 -1.89 -26.64 -53.19
CA GLY C 67 -0.86 -26.58 -52.12
C GLY C 67 0.42 -25.98 -52.69
N PHE C 68 0.99 -26.65 -53.67
CA PHE C 68 2.29 -26.27 -54.27
C PHE C 68 2.23 -24.80 -54.66
N CYS C 69 1.35 -24.42 -55.58
CA CYS C 69 1.27 -23.02 -56.12
C CYS C 69 1.16 -22.01 -54.98
N VAL C 70 0.10 -22.12 -54.16
CA VAL C 70 -0.22 -21.14 -53.07
C VAL C 70 0.92 -21.22 -52.05
N GLY C 71 1.32 -22.42 -51.65
CA GLY C 71 2.49 -22.67 -50.78
C GLY C 71 3.79 -22.11 -51.28
N LEU C 72 3.96 -21.92 -52.58
CA LEU C 72 5.23 -21.44 -53.17
C LEU C 72 5.28 -19.91 -53.21
N GLY C 73 4.15 -19.22 -53.35
CA GLY C 73 4.08 -17.74 -53.49
C GLY C 73 3.74 -17.04 -52.18
N ASN C 74 2.64 -17.47 -51.57
CA ASN C 74 2.12 -16.85 -50.33
C ASN C 74 2.98 -17.23 -49.11
N VAL C 75 3.89 -18.19 -49.22
CA VAL C 75 4.79 -18.60 -48.09
C VAL C 75 5.66 -17.42 -47.65
N TRP C 76 6.01 -16.50 -48.57
CA TRP C 76 6.92 -15.38 -48.25
C TRP C 76 6.99 -14.35 -49.39
N ARG C 77 7.35 -14.77 -50.60
CA ARG C 77 7.57 -13.81 -51.72
C ARG C 77 6.36 -12.89 -51.91
N PHE C 78 5.18 -13.45 -52.18
CA PHE C 78 3.98 -12.62 -52.51
C PHE C 78 3.78 -11.59 -51.39
N PRO C 79 3.55 -12.02 -50.12
CA PRO C 79 3.31 -11.10 -49.00
C PRO C 79 4.38 -10.01 -48.85
N TYR C 80 5.64 -10.34 -49.16
CA TYR C 80 6.78 -9.39 -49.16
C TYR C 80 6.59 -8.28 -50.22
N LEU C 81 6.38 -8.65 -51.48
CA LEU C 81 6.37 -7.67 -52.60
C LEU C 81 5.15 -6.75 -52.48
N CYS C 82 4.01 -7.29 -52.03
CA CYS C 82 2.77 -6.52 -51.73
C CYS C 82 3.10 -5.35 -50.79
N GLN C 83 3.71 -5.67 -49.66
CA GLN C 83 4.11 -4.66 -48.64
C GLN C 83 5.33 -3.86 -49.12
N SER C 84 6.19 -4.42 -50.00
CA SER C 84 7.34 -3.68 -50.57
C SER C 84 6.91 -2.76 -51.73
N HIS C 85 5.69 -2.86 -52.25
CA HIS C 85 5.16 -1.95 -53.30
C HIS C 85 4.04 -1.07 -52.75
N GLY C 86 3.72 -1.15 -51.45
CA GLY C 86 2.65 -0.36 -50.81
C GLY C 86 1.24 -0.84 -51.12
N GLY C 87 1.05 -2.00 -51.78
CA GLY C 87 -0.27 -2.60 -52.01
C GLY C 87 -0.99 -1.96 -53.20
N GLY C 88 -1.71 -2.77 -53.99
CA GLY C 88 -2.45 -2.28 -55.17
C GLY C 88 -1.51 -1.93 -56.32
N ALA C 89 -0.56 -1.01 -56.09
CA ALA C 89 0.55 -0.70 -57.02
C ALA C 89 1.30 -1.97 -57.46
N PHE C 90 1.37 -3.01 -56.63
CA PHE C 90 1.95 -4.33 -57.02
C PHE C 90 0.87 -5.32 -57.45
N MET C 91 -0.20 -5.44 -56.66
CA MET C 91 -1.29 -6.41 -56.92
C MET C 91 -1.87 -6.18 -58.32
N ILE C 92 -2.18 -4.93 -58.68
CA ILE C 92 -2.81 -4.60 -59.99
C ILE C 92 -1.92 -5.19 -61.08
N PRO C 93 -0.64 -4.78 -61.23
CA PRO C 93 0.23 -5.35 -62.26
C PRO C 93 0.31 -6.89 -62.19
N PHE C 94 0.46 -7.42 -60.96
CA PHE C 94 0.56 -8.89 -60.71
C PHE C 94 -0.69 -9.58 -61.30
N LEU C 95 -1.88 -9.09 -60.95
CA LEU C 95 -3.17 -9.68 -61.43
C LEU C 95 -3.27 -9.56 -62.95
N ILE C 96 -2.88 -8.41 -63.52
CA ILE C 96 -2.90 -8.18 -65.01
C ILE C 96 -2.11 -9.33 -65.66
N LEU C 97 -0.90 -9.60 -65.18
CA LEU C 97 -0.01 -10.63 -65.78
C LEU C 97 -0.50 -12.03 -65.35
N LEU C 98 -1.18 -12.12 -64.18
CA LEU C 98 -1.74 -13.40 -63.66
C LEU C 98 -2.73 -14.01 -64.65
N VAL C 99 -3.44 -13.18 -65.42
CA VAL C 99 -4.47 -13.63 -66.41
C VAL C 99 -3.86 -13.73 -67.80
N LEU C 100 -3.16 -12.69 -68.26
CA LEU C 100 -2.67 -12.62 -69.66
C LEU C 100 -1.55 -13.64 -69.90
N GLU C 101 -0.57 -13.72 -68.98
CA GLU C 101 0.60 -14.63 -69.09
C GLU C 101 0.47 -15.83 -68.13
N GLY C 102 -0.36 -15.80 -67.07
CA GLY C 102 -0.46 -16.90 -66.09
C GLY C 102 -1.38 -17.99 -66.59
N ILE C 103 -2.69 -17.70 -66.70
CA ILE C 103 -3.76 -18.66 -67.11
C ILE C 103 -3.29 -19.44 -68.35
N PRO C 104 -2.85 -18.80 -69.47
CA PRO C 104 -2.37 -19.51 -70.67
C PRO C 104 -1.34 -20.58 -70.28
N LEU C 105 -0.23 -20.16 -69.69
CA LEU C 105 0.90 -21.09 -69.41
C LEU C 105 0.49 -22.16 -68.37
N LEU C 106 -0.50 -21.92 -67.49
CA LEU C 106 -0.99 -22.97 -66.55
C LEU C 106 -1.80 -24.02 -67.30
N TYR C 107 -2.57 -23.60 -68.32
CA TYR C 107 -3.35 -24.55 -69.17
C TYR C 107 -2.35 -25.32 -70.03
N LEU C 108 -1.44 -24.62 -70.73
CA LEU C 108 -0.42 -25.23 -71.63
C LEU C 108 0.28 -26.40 -70.92
N GLU C 109 0.80 -26.16 -69.71
CA GLU C 109 1.58 -27.15 -68.91
C GLU C 109 0.74 -28.38 -68.55
N PHE C 110 -0.46 -28.22 -68.00
CA PHE C 110 -1.33 -29.38 -67.70
C PHE C 110 -1.57 -30.19 -68.98
N ALA C 111 -2.07 -29.53 -70.01
CA ALA C 111 -2.38 -30.15 -71.32
C ALA C 111 -1.19 -30.94 -71.87
N ILE C 112 0.00 -30.35 -71.91
CA ILE C 112 1.19 -30.99 -72.57
C ILE C 112 1.70 -32.15 -71.71
N GLY C 113 1.50 -32.11 -70.39
CA GLY C 113 1.87 -33.23 -69.49
C GLY C 113 0.92 -34.42 -69.62
N GLN C 114 -0.38 -34.15 -69.73
CA GLN C 114 -1.43 -35.20 -69.88
C GLN C 114 -1.37 -35.88 -71.26
N ARG C 115 -0.87 -35.18 -72.29
CA ARG C 115 -0.79 -35.68 -73.70
C ARG C 115 0.46 -36.55 -73.88
N LEU C 116 1.63 -36.04 -73.46
CA LEU C 116 2.93 -36.71 -73.68
C LEU C 116 3.21 -37.74 -72.56
N ARG C 117 2.40 -37.83 -71.49
CA ARG C 117 2.55 -38.85 -70.41
C ARG C 117 4.03 -39.01 -70.00
N ARG C 118 4.73 -37.87 -69.88
CA ARG C 118 6.15 -37.79 -69.45
C ARG C 118 6.24 -36.62 -68.48
N GLY C 119 7.20 -36.65 -67.56
CA GLY C 119 7.57 -35.48 -66.73
C GLY C 119 8.20 -34.38 -67.57
N SER C 120 8.54 -33.24 -66.92
CA SER C 120 9.10 -32.03 -67.58
C SER C 120 10.21 -32.39 -68.57
N LEU C 121 11.19 -33.22 -68.18
CA LEU C 121 12.38 -33.55 -69.02
C LEU C 121 11.96 -34.40 -70.24
N GLY C 122 11.08 -35.37 -70.07
CA GLY C 122 10.53 -36.19 -71.17
C GLY C 122 9.73 -35.39 -72.18
N VAL C 123 8.89 -34.44 -71.72
CA VAL C 123 7.97 -33.61 -72.58
C VAL C 123 8.78 -32.80 -73.59
N TRP C 124 9.86 -32.16 -73.16
CA TRP C 124 10.70 -31.31 -74.04
C TRP C 124 11.66 -32.20 -74.86
N SER C 125 11.96 -33.43 -74.44
CA SER C 125 12.73 -34.43 -75.24
C SER C 125 11.88 -34.97 -76.40
N SER C 126 10.64 -35.38 -76.09
CA SER C 126 9.66 -35.93 -77.05
C SER C 126 9.30 -34.88 -78.11
N ILE C 127 8.85 -33.68 -77.68
CA ILE C 127 8.51 -32.52 -78.57
C ILE C 127 9.66 -32.29 -79.57
N HIS C 128 10.91 -32.23 -79.11
CA HIS C 128 12.10 -32.02 -79.98
C HIS C 128 13.37 -32.58 -79.32
N PRO C 129 14.28 -33.31 -80.04
CA PRO C 129 15.42 -33.97 -79.41
C PRO C 129 16.43 -32.99 -78.79
N ALA C 130 16.82 -31.94 -79.53
CA ALA C 130 17.74 -30.87 -79.07
C ALA C 130 17.09 -29.95 -78.02
N LEU C 131 15.77 -29.97 -77.79
CA LEU C 131 15.07 -29.23 -76.71
C LEU C 131 15.20 -29.98 -75.36
N LYS C 132 16.43 -30.30 -74.93
CA LYS C 132 16.72 -30.99 -73.64
C LYS C 132 16.96 -29.93 -72.54
N GLY C 133 17.70 -28.87 -72.87
CA GLY C 133 17.99 -27.71 -72.01
C GLY C 133 16.81 -27.23 -71.20
N LEU C 134 15.62 -27.14 -71.81
CA LEU C 134 14.35 -26.70 -71.14
C LEU C 134 14.11 -27.56 -69.89
N GLY C 135 13.94 -28.88 -70.06
CA GLY C 135 13.79 -29.87 -68.98
C GLY C 135 14.93 -29.86 -67.98
N LEU C 136 16.17 -29.73 -68.45
CA LEU C 136 17.40 -29.67 -67.59
C LEU C 136 17.37 -28.38 -66.75
N ALA C 137 17.25 -27.21 -67.38
CA ALA C 137 17.12 -25.88 -66.73
C ALA C 137 16.01 -25.91 -65.68
N SER C 138 14.83 -26.45 -66.03
CA SER C 138 13.66 -26.64 -65.12
C SER C 138 14.06 -27.45 -63.88
N MET C 139 14.89 -28.49 -64.04
CA MET C 139 15.42 -29.32 -62.94
C MET C 139 16.41 -28.51 -62.09
N LEU C 140 17.32 -27.74 -62.73
CA LEU C 140 18.32 -26.89 -62.00
C LEU C 140 17.59 -25.79 -61.20
N THR C 141 16.71 -25.04 -61.84
CA THR C 141 15.89 -23.97 -61.17
C THR C 141 15.10 -24.57 -60.03
N SER C 142 14.48 -25.73 -60.22
CA SER C 142 13.66 -26.42 -59.17
C SER C 142 14.55 -26.82 -57.98
N PHE C 143 15.74 -27.39 -58.25
CA PHE C 143 16.79 -27.71 -57.26
C PHE C 143 17.19 -26.44 -56.47
N MET C 144 17.57 -25.38 -57.19
CA MET C 144 18.14 -24.11 -56.64
C MET C 144 17.13 -23.42 -55.73
N VAL C 145 15.88 -23.27 -56.20
CA VAL C 145 14.81 -22.58 -55.42
C VAL C 145 14.47 -23.43 -54.20
N GLY C 146 14.38 -24.76 -54.33
CA GLY C 146 14.12 -25.67 -53.20
C GLY C 146 15.26 -25.72 -52.18
N LEU C 147 16.50 -25.45 -52.60
CA LEU C 147 17.72 -25.45 -51.72
C LEU C 147 17.52 -24.39 -50.64
N TYR C 148 17.30 -23.14 -51.03
CA TYR C 148 17.19 -21.99 -50.10
C TYR C 148 15.76 -21.85 -49.56
N TYR C 149 14.75 -22.48 -50.14
CA TYR C 149 13.37 -22.44 -49.57
C TYR C 149 13.27 -23.37 -48.37
N ASN C 150 14.13 -24.38 -48.22
CA ASN C 150 14.05 -25.31 -47.07
C ASN C 150 14.81 -24.70 -45.87
N THR C 151 15.76 -23.79 -46.11
CA THR C 151 16.37 -22.92 -45.07
C THR C 151 15.30 -22.01 -44.45
N ILE C 152 14.46 -21.37 -45.28
CA ILE C 152 13.33 -20.52 -44.82
C ILE C 152 12.37 -21.39 -44.00
N ILE C 153 12.18 -22.65 -44.38
CA ILE C 153 11.34 -23.61 -43.60
C ILE C 153 12.04 -23.92 -42.27
N SER C 154 13.37 -24.03 -42.26
CA SER C 154 14.17 -24.24 -41.02
C SER C 154 13.95 -23.04 -40.08
N TRP C 155 14.19 -21.84 -40.59
CA TRP C 155 13.94 -20.57 -39.86
C TRP C 155 12.50 -20.54 -39.33
N ILE C 156 11.51 -20.82 -40.18
CA ILE C 156 10.07 -20.86 -39.79
C ILE C 156 9.90 -21.82 -38.60
N MET C 157 10.52 -23.01 -38.65
CA MET C 157 10.27 -24.02 -37.58
C MET C 157 11.10 -23.63 -36.33
N TRP C 158 12.29 -23.00 -36.46
CA TRP C 158 13.00 -22.38 -35.31
C TRP C 158 12.01 -21.55 -34.49
N TYR C 159 11.38 -20.55 -35.11
CA TYR C 159 10.36 -19.67 -34.48
C TYR C 159 9.22 -20.52 -33.91
N LEU C 160 8.71 -21.48 -34.68
CA LEU C 160 7.61 -22.40 -34.26
C LEU C 160 8.03 -23.04 -32.93
N PHE C 161 9.21 -23.66 -32.87
CA PHE C 161 9.73 -24.28 -31.62
C PHE C 161 9.78 -23.23 -30.50
N ASN C 162 10.34 -22.05 -30.79
CA ASN C 162 10.50 -20.97 -29.77
C ASN C 162 9.13 -20.30 -29.50
N SER C 163 8.00 -20.76 -30.08
CA SER C 163 6.65 -20.14 -29.96
C SER C 163 5.80 -20.85 -28.89
N PHE C 164 6.39 -21.40 -27.81
CA PHE C 164 5.63 -22.12 -26.73
C PHE C 164 6.03 -21.56 -25.35
N GLN C 165 5.80 -20.26 -25.14
CA GLN C 165 6.14 -19.51 -23.90
C GLN C 165 5.20 -18.29 -23.76
N GLU C 166 4.55 -18.12 -22.60
CA GLU C 166 3.69 -16.92 -22.28
C GLU C 166 4.46 -15.62 -22.60
N PRO C 167 5.73 -15.42 -22.17
CA PRO C 167 6.59 -14.37 -22.72
C PRO C 167 7.33 -14.89 -23.96
N LEU C 168 6.82 -14.55 -25.16
CA LEU C 168 7.46 -14.93 -26.44
C LEU C 168 8.91 -14.45 -26.39
N PRO C 169 9.94 -15.29 -26.68
CA PRO C 169 11.35 -14.92 -26.50
C PRO C 169 11.86 -13.63 -27.21
N TRP C 170 11.10 -13.14 -28.18
CA TRP C 170 11.29 -11.86 -28.92
C TRP C 170 10.44 -10.72 -28.33
N SER C 171 9.72 -10.91 -27.20
CA SER C 171 8.82 -9.89 -26.59
C SER C 171 9.62 -8.91 -25.72
N ASP C 172 10.76 -9.32 -25.16
CA ASP C 172 11.63 -8.46 -24.31
C ASP C 172 13.11 -8.73 -24.59
N CYS C 173 13.95 -7.74 -24.29
CA CYS C 173 15.42 -7.82 -24.44
C CYS C 173 16.00 -8.74 -23.36
N PRO C 174 17.27 -9.22 -23.52
CA PRO C 174 18.02 -9.82 -22.42
C PRO C 174 18.78 -8.78 -21.57
N TYR C 182 19.52 -3.25 -20.10
CA TYR C 182 19.20 -3.81 -21.45
C TYR C 182 20.46 -3.79 -22.33
N VAL C 183 20.69 -4.86 -23.12
CA VAL C 183 21.80 -4.97 -24.13
C VAL C 183 21.76 -3.75 -25.06
N ASP C 184 22.91 -3.25 -25.51
CA ASP C 184 22.99 -2.04 -26.37
C ASP C 184 22.25 -2.28 -27.70
N GLU C 185 22.62 -3.34 -28.42
CA GLU C 185 22.06 -3.66 -29.76
C GLU C 185 20.53 -3.68 -29.63
N CYS C 186 20.02 -4.58 -28.79
CA CYS C 186 18.58 -4.74 -28.42
C CYS C 186 17.90 -3.42 -27.99
N ALA C 187 18.63 -2.42 -27.48
CA ALA C 187 18.10 -1.10 -27.10
C ALA C 187 17.94 -0.25 -28.37
N ARG C 188 19.00 -0.02 -29.14
CA ARG C 188 18.89 0.68 -30.45
C ARG C 188 17.91 -0.11 -31.34
N SER C 189 18.08 -1.44 -31.42
CA SER C 189 17.16 -2.35 -32.16
C SER C 189 15.89 -2.56 -31.31
N SER C 190 14.99 -3.45 -31.75
CA SER C 190 13.81 -3.91 -30.97
C SER C 190 14.06 -5.30 -30.38
N PRO C 191 13.36 -5.67 -29.28
CA PRO C 191 13.38 -7.04 -28.75
C PRO C 191 13.07 -8.08 -29.85
N VAL C 192 12.37 -7.67 -30.92
CA VAL C 192 12.14 -8.48 -32.13
C VAL C 192 13.38 -8.45 -33.03
N ASP C 193 13.93 -7.27 -33.37
CA ASP C 193 15.08 -7.18 -34.31
C ASP C 193 16.29 -7.92 -33.73
N TYR C 194 16.49 -7.84 -32.42
CA TYR C 194 17.57 -8.54 -31.69
C TYR C 194 17.39 -10.06 -31.78
N PHE C 195 16.19 -10.59 -31.52
CA PHE C 195 15.87 -12.05 -31.63
C PHE C 195 16.19 -12.56 -33.04
N TRP C 196 15.88 -11.78 -34.07
CA TRP C 196 16.12 -12.16 -35.49
C TRP C 196 17.63 -12.09 -35.78
N TYR C 197 18.25 -10.92 -35.65
CA TYR C 197 19.64 -10.74 -36.13
C TYR C 197 20.65 -11.37 -35.15
N ARG C 198 20.39 -11.37 -33.83
CA ARG C 198 21.37 -11.87 -32.84
C ARG C 198 21.00 -13.29 -32.39
N GLU C 199 19.84 -13.45 -31.73
CA GLU C 199 19.50 -14.71 -31.02
C GLU C 199 19.31 -15.85 -32.05
N THR C 200 18.81 -15.57 -33.26
CA THR C 200 18.52 -16.56 -34.35
C THR C 200 19.66 -16.60 -35.37
N LEU C 201 19.87 -15.52 -36.13
CA LEU C 201 20.88 -15.50 -37.23
C LEU C 201 22.29 -15.31 -36.70
N ASN C 202 22.50 -14.61 -35.57
CA ASN C 202 23.87 -14.27 -35.12
C ASN C 202 24.59 -13.58 -36.29
N ILE C 203 23.88 -12.75 -37.07
CA ILE C 203 24.34 -12.28 -38.41
C ILE C 203 25.69 -11.54 -38.23
N SER C 204 26.59 -11.68 -39.18
CA SER C 204 27.87 -10.91 -39.28
C SER C 204 27.62 -9.63 -40.09
N THR C 205 28.62 -8.76 -40.17
CA THR C 205 28.53 -7.43 -40.84
C THR C 205 28.52 -7.57 -42.37
N SER C 206 29.03 -8.67 -42.97
CA SER C 206 29.16 -8.82 -44.45
C SER C 206 29.14 -10.29 -44.88
N ILE C 207 28.81 -10.55 -46.15
CA ILE C 207 28.89 -11.90 -46.80
C ILE C 207 30.35 -12.41 -46.75
N SER C 208 31.33 -11.49 -46.83
CA SER C 208 32.79 -11.71 -46.63
C SER C 208 33.03 -12.40 -45.28
N ASP C 209 32.66 -11.74 -44.17
CA ASP C 209 32.84 -12.26 -42.78
C ASP C 209 31.85 -13.43 -42.57
N SER C 210 32.29 -14.66 -42.84
CA SER C 210 31.49 -15.91 -42.77
C SER C 210 32.01 -16.78 -41.62
N GLY C 211 31.34 -16.73 -40.45
CA GLY C 211 31.72 -17.47 -39.24
C GLY C 211 31.40 -18.95 -39.33
N SER C 212 31.36 -19.64 -38.18
CA SER C 212 31.13 -21.12 -38.09
C SER C 212 29.66 -21.46 -38.42
N ILE C 213 29.35 -22.77 -38.47
CA ILE C 213 27.98 -23.31 -38.71
C ILE C 213 27.21 -23.15 -37.38
N GLN C 214 26.36 -22.11 -37.28
CA GLN C 214 25.40 -21.89 -36.14
C GLN C 214 24.68 -23.23 -35.88
N TRP C 215 24.89 -23.82 -34.70
CA TRP C 215 24.54 -25.23 -34.41
C TRP C 215 23.01 -25.37 -34.30
N TRP C 216 22.35 -24.52 -33.52
CA TRP C 216 20.87 -24.48 -33.29
C TRP C 216 20.15 -24.28 -34.64
N MET C 217 20.75 -23.51 -35.57
CA MET C 217 20.28 -23.39 -36.99
C MET C 217 20.47 -24.71 -37.76
N LEU C 218 21.60 -25.41 -37.58
CA LEU C 218 21.83 -26.74 -38.23
C LEU C 218 20.76 -27.76 -37.75
N LEU C 219 20.46 -27.84 -36.46
CA LEU C 219 19.41 -28.76 -35.92
C LEU C 219 18.09 -28.54 -36.68
N CYS C 220 17.67 -27.28 -36.79
CA CYS C 220 16.41 -26.88 -37.47
C CYS C 220 16.48 -27.22 -38.97
N LEU C 221 17.64 -27.01 -39.60
CA LEU C 221 17.88 -27.35 -41.03
C LEU C 221 17.70 -28.85 -41.24
N ALA C 222 18.32 -29.66 -40.37
CA ALA C 222 18.19 -31.14 -40.33
C ALA C 222 16.71 -31.53 -40.17
N CYS C 223 16.01 -30.91 -39.24
CA CYS C 223 14.56 -31.16 -38.97
C CYS C 223 13.72 -30.89 -40.24
N ALA C 224 14.02 -29.81 -40.98
CA ALA C 224 13.32 -29.41 -42.23
C ALA C 224 13.52 -30.47 -43.33
N TRP C 225 14.77 -30.70 -43.76
CA TRP C 225 15.13 -31.70 -44.82
C TRP C 225 14.66 -33.12 -44.44
N SER C 226 14.61 -33.45 -43.14
CA SER C 226 14.15 -34.76 -42.59
C SER C 226 12.64 -34.96 -42.85
N VAL C 227 11.80 -34.04 -42.38
CA VAL C 227 10.31 -34.12 -42.55
C VAL C 227 9.96 -34.07 -44.05
N LEU C 228 10.80 -33.43 -44.87
CA LEU C 228 10.64 -33.46 -46.35
C LEU C 228 10.77 -34.90 -46.84
N TYR C 229 11.87 -35.58 -46.48
CA TYR C 229 12.11 -37.03 -46.79
C TYR C 229 10.92 -37.86 -46.30
N MET C 230 10.49 -37.66 -45.04
CA MET C 230 9.32 -38.37 -44.45
C MET C 230 8.10 -38.26 -45.37
N CYS C 231 7.85 -37.12 -46.03
CA CYS C 231 6.65 -36.86 -46.87
C CYS C 231 6.87 -37.15 -48.37
N THR C 232 8.11 -37.21 -48.90
CA THR C 232 8.40 -37.45 -50.35
C THR C 232 9.21 -38.74 -50.54
N ILE C 233 8.96 -39.76 -49.70
CA ILE C 233 9.73 -41.05 -49.63
C ILE C 233 9.50 -41.84 -50.94
N ARG C 234 8.26 -42.17 -51.31
CA ARG C 234 7.89 -42.90 -52.56
C ARG C 234 7.40 -41.94 -53.66
N GLY C 235 7.39 -40.62 -53.41
CA GLY C 235 6.91 -39.62 -54.38
C GLY C 235 5.42 -39.37 -54.19
N ILE C 236 4.63 -39.39 -55.28
CA ILE C 236 3.26 -38.76 -55.32
C ILE C 236 2.27 -39.51 -54.41
N GLU C 237 2.44 -40.83 -54.21
CA GLU C 237 1.55 -41.70 -53.38
C GLU C 237 1.58 -41.20 -51.93
N THR C 238 2.77 -41.17 -51.33
CA THR C 238 3.04 -40.70 -49.93
C THR C 238 2.72 -39.20 -49.77
N THR C 239 3.07 -38.34 -50.76
CA THR C 239 2.81 -36.87 -50.70
C THR C 239 1.31 -36.60 -50.81
N GLY C 240 0.61 -37.35 -51.68
CA GLY C 240 -0.85 -37.34 -51.85
C GLY C 240 -1.63 -37.45 -50.54
N LYS C 241 -1.14 -38.25 -49.58
CA LYS C 241 -1.72 -38.40 -48.21
C LYS C 241 -1.20 -37.28 -47.28
N ALA C 242 -0.04 -36.65 -47.55
CA ALA C 242 0.46 -35.43 -46.86
C ALA C 242 -0.37 -34.19 -47.25
N VAL C 243 -0.72 -34.00 -48.53
CA VAL C 243 -1.33 -32.74 -49.05
C VAL C 243 -2.77 -32.50 -48.53
N TYR C 244 -3.42 -33.44 -47.81
CA TYR C 244 -4.73 -33.20 -47.16
C TYR C 244 -4.55 -32.09 -46.12
N ILE C 245 -3.83 -32.35 -45.02
CA ILE C 245 -3.60 -31.37 -43.91
C ILE C 245 -2.76 -30.17 -44.43
N THR C 246 -1.72 -30.45 -45.22
CA THR C 246 -0.70 -29.45 -45.67
C THR C 246 -1.34 -28.43 -46.61
N SER C 247 -2.23 -28.82 -47.53
CA SER C 247 -2.91 -27.87 -48.45
C SER C 247 -4.18 -27.25 -47.84
N THR C 248 -4.69 -27.73 -46.69
CA THR C 248 -5.96 -27.24 -46.07
C THR C 248 -5.69 -26.34 -44.85
N LEU C 249 -4.72 -26.68 -43.97
CA LEU C 249 -4.35 -25.89 -42.75
C LEU C 249 -4.04 -24.44 -43.12
N PRO C 250 -3.11 -24.12 -44.07
CA PRO C 250 -2.81 -22.73 -44.45
C PRO C 250 -4.08 -21.88 -44.61
N TYR C 251 -5.08 -22.42 -45.32
CA TYR C 251 -6.42 -21.80 -45.52
C TYR C 251 -7.14 -21.64 -44.17
N VAL C 252 -7.53 -22.72 -43.48
CA VAL C 252 -8.31 -22.68 -42.19
C VAL C 252 -7.68 -21.57 -41.32
N VAL C 253 -6.36 -21.58 -41.14
CA VAL C 253 -5.58 -20.60 -40.33
C VAL C 253 -5.59 -19.21 -40.97
N LEU C 254 -5.49 -19.09 -42.30
CA LEU C 254 -5.53 -17.77 -42.99
C LEU C 254 -6.90 -17.08 -42.80
N THR C 255 -8.00 -17.84 -42.66
CA THR C 255 -9.37 -17.33 -42.41
C THR C 255 -9.50 -16.88 -40.95
N ILE C 256 -9.01 -17.68 -39.99
CA ILE C 256 -8.91 -17.31 -38.53
C ILE C 256 -8.20 -15.94 -38.42
N PHE C 257 -7.10 -15.77 -39.14
CA PHE C 257 -6.29 -14.52 -39.14
C PHE C 257 -7.00 -13.37 -39.88
N LEU C 258 -8.09 -13.60 -40.64
CA LEU C 258 -8.94 -12.50 -41.17
C LEU C 258 -9.87 -12.00 -40.06
N ILE C 259 -10.57 -12.88 -39.34
CA ILE C 259 -11.57 -12.48 -38.31
C ILE C 259 -10.84 -11.72 -37.19
N ARG C 260 -9.62 -12.15 -36.84
CA ARG C 260 -8.75 -11.47 -35.84
C ARG C 260 -8.13 -10.24 -36.50
N GLY C 261 -7.60 -10.36 -37.72
CA GLY C 261 -7.08 -9.26 -38.55
C GLY C 261 -7.98 -8.02 -38.51
N LEU C 262 -9.27 -8.19 -38.82
CA LEU C 262 -10.25 -7.08 -39.01
C LEU C 262 -10.80 -6.55 -37.67
N THR C 263 -10.67 -7.30 -36.56
CA THR C 263 -10.95 -6.83 -35.17
C THR C 263 -9.81 -5.93 -34.67
N LEU C 264 -8.59 -6.02 -35.24
CA LEU C 264 -7.45 -5.15 -34.86
C LEU C 264 -7.77 -3.70 -35.24
N LYS C 265 -7.53 -2.76 -34.29
CA LYS C 265 -7.79 -1.29 -34.42
C LYS C 265 -7.36 -0.79 -35.81
N GLY C 266 -6.09 -0.98 -36.14
CA GLY C 266 -5.50 -0.38 -37.36
C GLY C 266 -5.96 -1.01 -38.65
N ALA C 267 -6.53 -2.24 -38.64
CA ALA C 267 -7.19 -2.84 -39.85
C ALA C 267 -8.34 -1.93 -40.31
N THR C 268 -8.63 -1.88 -41.59
CA THR C 268 -9.66 -1.10 -42.29
C THR C 268 -9.15 0.35 -42.35
N ASN C 269 -7.96 0.69 -41.79
CA ASN C 269 -7.15 1.89 -42.08
C ASN C 269 -6.03 1.50 -43.06
N GLY C 270 -5.34 0.38 -42.77
CA GLY C 270 -4.40 -0.34 -43.64
C GLY C 270 -5.06 -1.02 -44.83
N ILE C 271 -6.27 -1.56 -44.65
CA ILE C 271 -7.02 -2.20 -45.78
C ILE C 271 -7.30 -1.13 -46.83
N VAL C 272 -7.91 -0.02 -46.41
CA VAL C 272 -8.12 1.16 -47.32
C VAL C 272 -6.74 1.52 -47.91
N PHE C 273 -5.69 1.51 -47.09
CA PHE C 273 -4.31 1.79 -47.53
C PHE C 273 -3.91 0.81 -48.64
N LEU C 274 -4.20 -0.47 -48.43
CA LEU C 274 -3.94 -1.54 -49.45
C LEU C 274 -4.73 -1.19 -50.72
N PHE C 275 -6.01 -0.82 -50.56
CA PHE C 275 -6.90 -0.50 -51.71
C PHE C 275 -6.52 0.84 -52.35
N THR C 276 -5.69 1.66 -51.72
CA THR C 276 -5.19 2.94 -52.30
C THR C 276 -3.82 2.69 -52.93
N PRO C 277 -3.74 2.35 -54.24
CA PRO C 277 -2.44 2.22 -54.91
C PRO C 277 -1.86 3.57 -55.36
N ASN C 278 -0.55 3.64 -55.54
CA ASN C 278 0.16 4.88 -55.95
C ASN C 278 0.68 4.67 -57.37
N VAL C 279 0.15 5.43 -58.33
CA VAL C 279 0.58 5.38 -59.77
C VAL C 279 2.10 5.56 -59.87
N THR C 280 2.72 6.32 -58.95
CA THR C 280 4.18 6.60 -58.95
C THR C 280 4.96 5.28 -59.00
N GLU C 281 4.63 4.31 -58.15
CA GLU C 281 5.26 2.96 -58.18
C GLU C 281 4.99 2.27 -59.53
N LEU C 282 3.75 2.36 -60.03
CA LEU C 282 3.35 1.74 -61.32
C LEU C 282 4.32 2.20 -62.41
N ALA C 283 4.59 3.50 -62.51
CA ALA C 283 5.48 4.04 -63.58
C ALA C 283 6.96 3.60 -63.42
N GLN C 284 7.29 2.68 -62.50
CA GLN C 284 8.64 2.08 -62.36
C GLN C 284 8.63 0.69 -62.98
N PRO C 285 9.49 0.39 -63.99
CA PRO C 285 9.46 -0.90 -64.69
C PRO C 285 9.66 -2.06 -63.71
N ASP C 286 10.48 -1.84 -62.66
CA ASP C 286 10.66 -2.77 -61.51
C ASP C 286 9.31 -3.32 -61.04
N THR C 287 8.32 -2.48 -60.76
CA THR C 287 7.04 -2.98 -60.17
C THR C 287 6.47 -4.04 -61.13
N TRP C 288 6.52 -3.79 -62.44
CA TRP C 288 6.06 -4.77 -63.48
C TRP C 288 6.96 -6.00 -63.53
N LEU C 289 8.30 -5.85 -63.42
CA LEU C 289 9.24 -7.01 -63.38
C LEU C 289 8.89 -7.90 -62.19
N ASP C 290 8.85 -7.36 -60.97
CA ASP C 290 8.53 -8.12 -59.71
C ASP C 290 7.13 -8.75 -59.80
N ALA C 291 6.15 -8.05 -60.39
CA ALA C 291 4.81 -8.59 -60.68
C ALA C 291 4.90 -9.75 -61.69
N GLY C 292 5.72 -9.60 -62.75
CA GLY C 292 5.99 -10.61 -63.80
C GLY C 292 6.52 -11.90 -63.18
N ALA C 293 7.69 -11.84 -62.56
CA ALA C 293 8.39 -12.97 -61.89
C ALA C 293 7.51 -13.63 -60.81
N GLN C 294 6.57 -12.90 -60.19
CA GLN C 294 5.66 -13.46 -59.17
C GLN C 294 4.55 -14.30 -59.79
N VAL C 295 4.12 -14.02 -61.02
CA VAL C 295 3.13 -14.86 -61.78
C VAL C 295 3.72 -16.27 -61.91
N PHE C 296 4.98 -16.39 -62.34
CA PHE C 296 5.66 -17.71 -62.50
C PHE C 296 5.95 -18.38 -61.15
N PHE C 297 5.88 -17.66 -60.02
CA PHE C 297 6.05 -18.19 -58.64
C PHE C 297 4.69 -18.60 -58.05
N SER C 298 3.69 -17.73 -58.14
CA SER C 298 2.32 -17.97 -57.63
C SER C 298 1.61 -19.07 -58.43
N PHE C 299 2.00 -19.32 -59.69
CA PHE C 299 1.44 -20.40 -60.55
C PHE C 299 2.39 -21.61 -60.67
N SER C 300 3.54 -21.65 -59.99
CA SER C 300 4.52 -22.77 -60.02
C SER C 300 4.89 -23.18 -61.46
N LEU C 301 4.91 -22.20 -62.38
CA LEU C 301 5.20 -22.43 -63.82
C LEU C 301 6.70 -22.39 -64.01
N ALA C 302 7.20 -23.08 -65.04
CA ALA C 302 8.63 -23.13 -65.44
C ALA C 302 9.52 -23.82 -64.37
N PHE C 303 8.94 -24.48 -63.35
CA PHE C 303 9.58 -25.42 -62.41
C PHE C 303 9.41 -26.85 -62.92
N GLY C 304 8.34 -27.11 -63.70
CA GLY C 304 8.11 -28.40 -64.38
C GLY C 304 7.57 -29.48 -63.45
N GLY C 305 7.24 -29.16 -62.19
CA GLY C 305 6.63 -30.09 -61.22
C GLY C 305 5.14 -30.27 -61.43
N LEU C 306 4.48 -29.38 -62.21
CA LEU C 306 3.04 -29.47 -62.55
C LEU C 306 2.83 -30.37 -63.77
N ILE C 307 3.74 -30.32 -64.76
CA ILE C 307 3.67 -31.18 -65.98
C ILE C 307 3.62 -32.64 -65.48
N SER C 308 4.58 -33.03 -64.64
CA SER C 308 4.66 -34.41 -64.09
C SER C 308 3.36 -34.76 -63.35
N PHE C 309 2.78 -33.81 -62.61
CA PHE C 309 1.52 -34.04 -61.87
C PHE C 309 0.40 -34.44 -62.82
N SER C 310 0.21 -33.66 -63.88
CA SER C 310 -0.85 -33.95 -64.89
C SER C 310 -0.52 -35.27 -65.61
N SER C 311 0.78 -35.57 -65.81
CA SER C 311 1.21 -36.81 -66.50
C SER C 311 0.65 -38.06 -65.82
N TYR C 312 0.11 -37.94 -64.59
CA TYR C 312 -0.51 -39.07 -63.87
C TYR C 312 -2.04 -39.04 -63.90
N ASN C 313 -2.68 -38.12 -64.63
CA ASN C 313 -4.16 -38.11 -64.80
C ASN C 313 -4.54 -39.13 -65.88
N SER C 314 -5.83 -39.45 -65.98
CA SER C 314 -6.46 -40.11 -67.16
C SER C 314 -6.19 -39.24 -68.40
N VAL C 315 -5.97 -39.88 -69.55
CA VAL C 315 -5.76 -39.23 -70.89
C VAL C 315 -7.00 -38.40 -71.27
N HIS C 316 -8.21 -38.79 -70.83
CA HIS C 316 -9.48 -38.06 -71.07
C HIS C 316 -9.89 -37.23 -69.83
N ASN C 317 -8.93 -36.68 -69.06
CA ASN C 317 -9.22 -35.82 -67.88
C ASN C 317 -9.24 -34.37 -68.38
N ASN C 318 -10.22 -33.58 -67.94
CA ASN C 318 -10.39 -32.18 -68.40
C ASN C 318 -9.37 -31.31 -67.65
N CYS C 319 -8.14 -31.20 -68.16
CA CYS C 319 -7.08 -30.30 -67.62
C CYS C 319 -7.52 -28.82 -67.71
N GLU C 320 -8.17 -28.42 -68.81
CA GLU C 320 -8.70 -27.03 -69.01
C GLU C 320 -9.47 -26.57 -67.78
N LYS C 321 -10.59 -27.25 -67.50
CA LYS C 321 -11.41 -26.97 -66.29
C LYS C 321 -10.46 -26.84 -65.09
N ASP C 322 -9.55 -27.81 -64.94
CA ASP C 322 -8.60 -27.87 -63.79
C ASP C 322 -7.76 -26.60 -63.73
N SER C 323 -7.15 -26.22 -64.87
CA SER C 323 -6.27 -25.02 -64.99
C SER C 323 -7.05 -23.77 -64.58
N VAL C 324 -8.27 -23.62 -65.12
CA VAL C 324 -9.14 -22.41 -64.83
C VAL C 324 -9.43 -22.37 -63.31
N ILE C 325 -9.85 -23.49 -62.71
CA ILE C 325 -10.18 -23.58 -61.25
C ILE C 325 -8.95 -23.13 -60.45
N VAL C 326 -7.77 -23.68 -60.77
CA VAL C 326 -6.49 -23.39 -60.05
C VAL C 326 -6.22 -21.88 -60.14
N SER C 327 -6.27 -21.30 -61.35
CA SER C 327 -6.09 -19.84 -61.58
C SER C 327 -7.05 -19.00 -60.72
N ILE C 328 -8.29 -19.45 -60.58
CA ILE C 328 -9.33 -18.73 -59.79
C ILE C 328 -8.91 -18.76 -58.31
N ILE C 329 -8.63 -19.95 -57.77
CA ILE C 329 -8.31 -20.15 -56.33
C ILE C 329 -7.02 -19.37 -56.01
N ASN C 330 -6.03 -19.38 -56.90
CA ASN C 330 -4.72 -18.68 -56.74
C ASN C 330 -4.97 -17.19 -56.53
N GLY C 331 -5.49 -16.47 -57.55
CA GLY C 331 -5.81 -15.03 -57.46
C GLY C 331 -6.54 -14.69 -56.17
N PHE C 332 -7.56 -15.49 -55.84
CA PHE C 332 -8.42 -15.33 -54.64
C PHE C 332 -7.53 -15.37 -53.38
N THR C 333 -6.75 -16.44 -53.20
CA THR C 333 -5.90 -16.63 -51.99
C THR C 333 -4.85 -15.50 -51.90
N SER C 334 -4.27 -15.05 -53.01
CA SER C 334 -3.27 -13.94 -53.01
C SER C 334 -3.92 -12.70 -52.40
N VAL C 335 -5.10 -12.32 -52.89
CA VAL C 335 -5.84 -11.11 -52.37
C VAL C 335 -6.19 -11.33 -50.88
N TYR C 336 -6.67 -12.52 -50.54
CA TYR C 336 -6.98 -12.93 -49.14
C TYR C 336 -5.76 -12.66 -48.24
N VAL C 337 -4.55 -13.09 -48.66
CA VAL C 337 -3.29 -12.94 -47.87
C VAL C 337 -2.99 -11.44 -47.78
N ALA C 338 -2.94 -10.73 -48.91
CA ALA C 338 -2.64 -9.28 -48.98
C ALA C 338 -3.48 -8.53 -47.93
N ILE C 339 -4.79 -8.82 -47.90
CA ILE C 339 -5.75 -8.22 -46.93
C ILE C 339 -5.27 -8.56 -45.50
N VAL C 340 -5.05 -9.83 -45.18
CA VAL C 340 -4.63 -10.30 -43.81
C VAL C 340 -3.32 -9.60 -43.41
N VAL C 341 -2.36 -9.48 -44.33
CA VAL C 341 -1.01 -8.88 -44.07
C VAL C 341 -1.21 -7.40 -43.72
N TYR C 342 -1.92 -6.66 -44.57
CA TYR C 342 -2.13 -5.19 -44.38
C TYR C 342 -3.00 -4.93 -43.13
N SER C 343 -3.91 -5.84 -42.76
CA SER C 343 -4.66 -5.76 -41.48
C SER C 343 -3.66 -5.61 -40.33
N VAL C 344 -2.77 -6.60 -40.17
CA VAL C 344 -1.73 -6.62 -39.10
C VAL C 344 -0.82 -5.39 -39.30
N ILE C 345 -0.39 -5.10 -40.52
CA ILE C 345 0.46 -3.90 -40.83
C ILE C 345 -0.20 -2.67 -40.22
N GLY C 346 -1.47 -2.42 -40.59
CA GLY C 346 -2.27 -1.27 -40.14
C GLY C 346 -2.33 -1.20 -38.64
N PHE C 347 -2.68 -2.32 -38.00
CA PHE C 347 -2.74 -2.47 -36.52
C PHE C 347 -1.42 -2.04 -35.88
N ARG C 348 -0.30 -2.63 -36.28
CA ARG C 348 1.03 -2.28 -35.69
C ARG C 348 1.33 -0.80 -35.98
N ALA C 349 1.03 -0.33 -37.19
CA ALA C 349 1.33 1.07 -37.58
C ALA C 349 0.56 2.04 -36.67
N THR C 350 -0.72 1.79 -36.48
CA THR C 350 -1.60 2.55 -35.55
C THR C 350 -1.02 2.46 -34.14
N GLN C 351 -0.59 1.27 -33.70
CA GLN C 351 0.03 1.05 -32.36
C GLN C 351 1.20 2.00 -32.19
N ARG C 352 2.11 2.05 -33.16
CA ARG C 352 3.33 2.91 -33.13
C ARG C 352 2.91 4.38 -33.14
N TYR C 353 1.91 4.74 -33.94
CA TYR C 353 1.34 6.12 -33.97
C TYR C 353 0.86 6.55 -32.59
N ASP C 354 0.10 5.70 -31.92
CA ASP C 354 -0.50 6.02 -30.59
C ASP C 354 0.58 5.99 -29.52
N ASP C 355 1.57 5.11 -29.62
CA ASP C 355 2.69 5.07 -28.63
C ASP C 355 3.54 6.31 -28.88
N CYS C 356 3.85 6.58 -30.14
CA CYS C 356 4.67 7.75 -30.56
C CYS C 356 4.04 9.03 -30.04
N PHE C 357 2.76 9.23 -30.35
CA PHE C 357 2.02 10.47 -29.99
C PHE C 357 1.95 10.59 -28.46
N SER C 358 1.79 9.48 -27.75
CA SER C 358 1.80 9.46 -26.26
C SER C 358 3.10 10.05 -25.73
N THR C 359 4.25 9.68 -26.30
CA THR C 359 5.57 10.18 -25.85
C THR C 359 5.64 11.69 -26.08
N ASN C 360 5.15 12.17 -27.22
CA ASN C 360 5.12 13.61 -27.54
C ASN C 360 4.25 14.33 -26.50
N ILE C 361 3.09 13.76 -26.15
CA ILE C 361 2.25 14.28 -25.03
C ILE C 361 3.06 14.26 -23.73
N LEU C 362 3.80 13.19 -23.46
CA LEU C 362 4.52 13.04 -22.17
C LEU C 362 5.56 14.15 -22.04
N THR C 363 6.39 14.40 -23.06
CA THR C 363 7.45 15.45 -23.05
C THR C 363 6.87 16.79 -22.58
N LEU C 364 5.79 17.25 -23.22
CA LEU C 364 5.16 18.56 -22.91
C LEU C 364 4.66 18.55 -21.48
N ILE C 365 3.83 17.55 -21.16
CA ILE C 365 3.16 17.45 -19.82
C ILE C 365 4.23 17.48 -18.72
N ASN C 366 5.42 16.90 -18.98
CA ASN C 366 6.54 16.84 -18.04
C ASN C 366 7.20 18.22 -17.93
N GLY C 367 7.72 18.77 -19.04
CA GLY C 367 8.42 20.08 -19.06
C GLY C 367 7.57 21.23 -18.58
N PHE C 368 6.26 21.04 -18.44
CA PHE C 368 5.31 22.10 -18.02
C PHE C 368 4.41 21.60 -16.89
N ASP C 369 4.69 20.42 -16.31
CA ASP C 369 3.95 19.90 -15.15
C ASP C 369 2.43 20.06 -15.38
N LEU C 370 1.94 19.78 -16.58
CA LEU C 370 0.50 19.88 -16.88
C LEU C 370 -0.23 18.75 -16.18
N PRO C 371 -1.49 18.93 -15.72
CA PRO C 371 -2.21 17.82 -15.09
C PRO C 371 -2.32 16.64 -16.07
N GLU C 372 -1.90 15.44 -15.65
CA GLU C 372 -1.90 14.20 -16.47
C GLU C 372 -3.27 14.06 -17.13
N GLY C 373 -3.31 13.90 -18.45
CA GLY C 373 -4.57 13.79 -19.20
C GLY C 373 -5.22 15.12 -19.57
N ASN C 374 -4.68 16.27 -19.13
CA ASN C 374 -5.15 17.59 -19.60
C ASN C 374 -4.88 17.73 -21.10
N VAL C 375 -3.72 17.30 -21.60
CA VAL C 375 -3.38 17.34 -23.06
C VAL C 375 -3.68 15.98 -23.70
N THR C 376 -4.46 15.96 -24.77
CA THR C 376 -4.81 14.75 -25.56
C THR C 376 -4.57 15.01 -27.05
N GLN C 377 -4.80 14.00 -27.90
CA GLN C 377 -4.83 14.14 -29.38
C GLN C 377 -5.78 15.27 -29.80
N GLU C 378 -6.88 15.44 -29.06
CA GLU C 378 -7.85 16.53 -29.34
C GLU C 378 -7.20 17.92 -29.14
N ASN C 379 -6.23 18.06 -28.23
CA ASN C 379 -5.65 19.40 -27.88
C ASN C 379 -4.13 19.29 -27.70
N PHE C 380 -3.41 18.77 -28.67
CA PHE C 380 -1.93 18.73 -28.60
C PHE C 380 -1.36 20.03 -29.16
N VAL C 381 -1.69 20.35 -30.41
CA VAL C 381 -0.96 21.39 -31.20
C VAL C 381 -1.27 22.77 -30.60
N ASP C 382 -2.51 23.01 -30.17
CA ASP C 382 -2.92 24.29 -29.51
C ASP C 382 -2.23 24.46 -28.14
N MET C 383 -2.06 23.38 -27.38
CA MET C 383 -1.30 23.39 -26.10
C MET C 383 0.22 23.38 -26.35
N GLN C 384 0.72 23.09 -27.56
CA GLN C 384 2.16 23.21 -27.91
C GLN C 384 2.54 24.69 -27.95
N GLN C 385 1.78 25.46 -28.72
CA GLN C 385 1.98 26.90 -28.94
C GLN C 385 1.57 27.66 -27.68
N ARG C 386 0.42 27.30 -27.08
CA ARG C 386 -0.06 27.93 -25.82
C ARG C 386 1.06 27.90 -24.81
N CYS C 387 1.49 26.70 -24.47
CA CYS C 387 2.60 26.47 -23.49
C CYS C 387 3.85 27.18 -24.00
N ASN C 388 4.09 27.16 -25.33
CA ASN C 388 5.20 27.94 -25.97
C ASN C 388 5.12 29.42 -25.56
N ALA C 389 3.94 30.03 -25.73
CA ALA C 389 3.71 31.45 -25.37
C ALA C 389 3.93 31.61 -23.87
N SER C 390 3.31 30.75 -23.05
CA SER C 390 3.44 30.75 -21.57
C SER C 390 4.92 30.79 -21.18
N ASP C 391 5.74 29.90 -21.74
CA ASP C 391 7.20 29.81 -21.43
C ASP C 391 7.94 29.24 -22.65
N PRO C 392 8.42 30.09 -23.61
CA PRO C 392 9.09 29.60 -24.82
C PRO C 392 10.48 29.04 -24.54
N ALA C 393 11.29 29.74 -23.73
CA ALA C 393 12.61 29.25 -23.24
C ALA C 393 12.46 27.87 -22.59
N ALA C 394 11.40 27.67 -21.81
CA ALA C 394 11.06 26.38 -21.18
C ALA C 394 10.15 25.51 -22.08
N TYR C 395 10.00 25.86 -23.36
CA TYR C 395 9.32 25.04 -24.41
C TYR C 395 10.28 24.58 -25.50
N ALA C 396 11.19 25.45 -25.95
CA ALA C 396 12.16 25.17 -27.04
C ALA C 396 12.94 23.89 -26.74
N GLN C 397 13.45 23.74 -25.51
CA GLN C 397 14.23 22.54 -25.08
C GLN C 397 13.41 21.25 -25.25
N LEU C 398 12.08 21.30 -25.23
CA LEU C 398 11.25 20.09 -25.50
C LEU C 398 11.51 19.61 -26.94
N VAL C 399 11.55 18.29 -27.09
CA VAL C 399 11.86 17.59 -28.37
C VAL C 399 10.64 16.75 -28.72
N PHE C 400 10.10 16.92 -29.93
CA PHE C 400 8.88 16.22 -30.37
C PHE C 400 9.18 15.46 -31.66
N GLN C 401 8.80 14.19 -31.71
CA GLN C 401 8.95 13.31 -32.90
C GLN C 401 7.82 13.65 -33.88
N THR C 402 7.99 13.29 -35.15
CA THR C 402 6.99 13.54 -36.22
C THR C 402 6.07 12.32 -36.28
N CYS C 403 5.16 12.21 -35.29
CA CYS C 403 4.22 11.08 -35.14
C CYS C 403 3.12 11.20 -36.20
N ASP C 404 3.34 10.59 -37.37
CA ASP C 404 2.36 10.54 -38.48
C ASP C 404 2.00 9.08 -38.78
N ILE C 405 0.73 8.71 -38.63
CA ILE C 405 0.21 7.32 -38.84
C ILE C 405 0.57 6.84 -40.26
N ASN C 406 0.37 7.71 -41.26
CA ASN C 406 0.52 7.38 -42.70
C ASN C 406 1.93 6.80 -42.93
N ALA C 407 2.96 7.49 -42.47
CA ALA C 407 4.38 7.06 -42.59
C ALA C 407 4.52 5.63 -42.05
N PHE C 408 3.94 5.34 -40.87
CA PHE C 408 3.99 4.00 -40.23
C PHE C 408 3.53 2.90 -41.19
N LEU C 409 2.59 3.19 -42.10
CA LEU C 409 2.13 2.24 -43.13
C LEU C 409 3.16 2.14 -44.25
N SER C 410 3.62 3.27 -44.81
CA SER C 410 4.67 3.25 -45.88
C SER C 410 6.01 2.70 -45.37
N GLU C 411 6.15 2.41 -44.07
CA GLU C 411 7.36 1.83 -43.46
C GLU C 411 7.45 0.34 -43.80
N ALA C 412 7.84 0.01 -45.04
CA ALA C 412 8.04 -1.40 -45.48
C ALA C 412 9.25 -2.04 -44.78
N VAL C 413 9.21 -3.35 -44.56
CA VAL C 413 10.31 -4.21 -44.02
C VAL C 413 10.93 -4.98 -45.19
N GLU C 414 12.26 -5.11 -45.20
CA GLU C 414 13.01 -5.87 -46.25
C GLU C 414 13.19 -7.34 -45.81
N GLY C 415 13.47 -8.23 -46.77
CA GLY C 415 13.83 -9.64 -46.56
C GLY C 415 12.66 -10.50 -46.10
N THR C 416 12.87 -11.30 -45.05
CA THR C 416 11.87 -12.19 -44.37
C THR C 416 11.18 -11.45 -43.21
N GLY C 417 11.40 -10.13 -43.08
CA GLY C 417 10.97 -9.35 -41.91
C GLY C 417 9.47 -9.32 -41.71
N LEU C 418 8.65 -9.49 -42.75
CA LEU C 418 7.17 -9.46 -42.57
C LEU C 418 6.72 -10.56 -41.61
N ALA C 419 7.39 -11.71 -41.53
CA ALA C 419 7.02 -12.83 -40.62
C ALA C 419 7.80 -12.75 -39.30
N PHE C 420 9.09 -12.42 -39.33
CA PHE C 420 9.97 -12.46 -38.15
C PHE C 420 10.15 -11.10 -37.49
N ILE C 421 9.63 -10.00 -38.04
CA ILE C 421 9.76 -8.64 -37.41
C ILE C 421 8.41 -7.93 -37.31
N VAL C 422 7.48 -8.08 -38.26
CA VAL C 422 6.19 -7.33 -38.27
C VAL C 422 5.12 -8.19 -37.61
N PHE C 423 4.89 -9.40 -38.09
CA PHE C 423 3.85 -10.31 -37.55
C PHE C 423 4.20 -10.73 -36.13
N THR C 424 5.45 -11.10 -35.88
CA THR C 424 5.91 -11.65 -34.58
C THR C 424 5.77 -10.59 -33.48
N GLU C 425 5.94 -9.29 -33.80
CA GLU C 425 5.78 -8.15 -32.87
C GLU C 425 4.31 -7.88 -32.62
N ALA C 426 3.53 -7.72 -33.69
CA ALA C 426 2.07 -7.48 -33.62
C ALA C 426 1.41 -8.58 -32.80
N ILE C 427 1.84 -9.83 -32.99
CA ILE C 427 1.34 -11.01 -32.19
C ILE C 427 1.54 -10.74 -30.70
N THR C 428 2.70 -10.21 -30.28
CA THR C 428 3.01 -9.96 -28.83
C THR C 428 2.07 -8.90 -28.23
N LYS C 429 1.47 -8.01 -29.03
CA LYS C 429 0.47 -6.99 -28.60
C LYS C 429 -0.97 -7.47 -28.86
N MET C 430 -1.20 -8.78 -29.08
CA MET C 430 -2.53 -9.40 -29.26
C MET C 430 -2.69 -10.46 -28.16
N PRO C 431 -3.76 -10.47 -27.32
CA PRO C 431 -3.96 -11.56 -26.34
C PRO C 431 -4.13 -12.91 -27.04
N LEU C 432 -3.66 -14.01 -26.44
CA LEU C 432 -3.34 -15.33 -27.06
C LEU C 432 -2.16 -15.19 -28.05
N SER C 433 -1.21 -14.27 -27.78
CA SER C 433 0.11 -14.14 -28.46
C SER C 433 0.73 -15.51 -28.77
N PRO C 434 0.91 -16.44 -27.77
CA PRO C 434 1.45 -17.78 -28.03
C PRO C 434 0.65 -18.57 -29.10
N LEU C 435 -0.67 -18.63 -28.99
CA LEU C 435 -1.56 -19.30 -29.99
C LEU C 435 -1.34 -18.62 -31.35
N TRP C 436 -1.54 -17.29 -31.40
CA TRP C 436 -1.28 -16.47 -32.62
C TRP C 436 0.12 -16.73 -33.18
N SER C 437 1.13 -16.99 -32.33
CA SER C 437 2.48 -17.41 -32.77
C SER C 437 2.45 -18.81 -33.40
N VAL C 438 1.81 -19.79 -32.76
CA VAL C 438 1.89 -21.22 -33.20
C VAL C 438 1.04 -21.39 -34.48
N LEU C 439 -0.19 -20.86 -34.48
CA LEU C 439 -1.09 -20.84 -35.69
C LEU C 439 -0.35 -20.23 -36.89
N PHE C 440 0.31 -19.08 -36.71
CA PHE C 440 0.96 -18.33 -37.80
C PHE C 440 2.17 -19.12 -38.36
N PHE C 441 2.98 -19.74 -37.51
CA PHE C 441 4.21 -20.46 -37.96
C PHE C 441 3.90 -21.91 -38.38
N ILE C 442 2.77 -22.51 -37.99
CA ILE C 442 2.27 -23.80 -38.58
C ILE C 442 1.79 -23.54 -40.01
N MET C 443 1.03 -22.47 -40.24
CA MET C 443 0.46 -22.13 -41.57
C MET C 443 1.57 -21.72 -42.54
N LEU C 444 2.70 -21.21 -42.03
CA LEU C 444 3.90 -20.86 -42.84
C LEU C 444 4.73 -22.11 -43.12
N PHE C 445 4.76 -23.08 -42.21
CA PHE C 445 5.45 -24.38 -42.43
C PHE C 445 4.70 -25.15 -43.53
N CYS C 446 3.42 -25.45 -43.27
CA CYS C 446 2.47 -26.12 -44.21
C CYS C 446 2.64 -25.53 -45.62
N LEU C 447 2.49 -24.20 -45.74
CA LEU C 447 2.70 -23.46 -47.02
C LEU C 447 4.08 -23.76 -47.61
N GLY C 448 5.14 -23.75 -46.80
CA GLY C 448 6.52 -24.02 -47.26
C GLY C 448 6.73 -25.48 -47.64
N LEU C 449 6.04 -26.38 -46.95
CA LEU C 449 6.19 -27.86 -47.10
C LEU C 449 5.51 -28.28 -48.41
N SER C 450 4.24 -27.89 -48.59
CA SER C 450 3.49 -28.11 -49.86
C SER C 450 4.25 -27.49 -51.05
N SER C 451 4.96 -26.37 -50.88
CA SER C 451 5.82 -25.79 -51.94
C SER C 451 6.99 -26.72 -52.25
N MET C 452 7.59 -27.32 -51.21
CA MET C 452 8.75 -28.24 -51.36
C MET C 452 8.34 -29.50 -52.13
N PHE C 453 7.14 -30.04 -51.90
CA PHE C 453 6.62 -31.25 -52.61
C PHE C 453 6.73 -31.08 -54.13
N GLY C 454 6.25 -29.97 -54.67
CA GLY C 454 6.38 -29.68 -56.11
C GLY C 454 7.80 -29.43 -56.55
N ASN C 455 8.63 -28.84 -55.69
CA ASN C 455 10.07 -28.57 -55.98
C ASN C 455 10.84 -29.89 -56.00
N MET C 456 10.51 -30.84 -55.12
CA MET C 456 11.13 -32.19 -55.05
C MET C 456 10.79 -33.02 -56.31
N GLU C 457 9.55 -32.92 -56.80
CA GLU C 457 9.05 -33.59 -58.04
C GLU C 457 9.78 -33.06 -59.29
N GLY C 458 10.24 -31.82 -59.32
CA GLY C 458 10.94 -31.21 -60.46
C GLY C 458 12.44 -31.48 -60.48
N VAL C 459 12.99 -32.24 -59.53
CA VAL C 459 14.42 -32.66 -59.43
C VAL C 459 14.54 -34.19 -59.39
N VAL C 460 13.65 -34.90 -58.65
CA VAL C 460 13.60 -36.39 -58.49
C VAL C 460 13.23 -37.04 -59.83
N VAL C 461 12.17 -36.54 -60.50
CA VAL C 461 11.61 -37.14 -61.74
C VAL C 461 12.63 -36.98 -62.87
N PRO C 462 13.14 -35.76 -63.21
CA PRO C 462 14.19 -35.61 -64.23
C PRO C 462 15.45 -36.47 -64.04
N LEU C 463 15.77 -36.82 -62.79
CA LEU C 463 16.83 -37.82 -62.42
C LEU C 463 16.41 -39.25 -62.79
N GLN C 464 15.19 -39.67 -62.45
CA GLN C 464 14.64 -41.03 -62.81
C GLN C 464 14.56 -41.22 -64.33
N ASP C 465 14.29 -40.14 -65.08
CA ASP C 465 14.20 -40.14 -66.57
C ASP C 465 15.61 -40.17 -67.19
N LEU C 466 16.61 -39.50 -66.60
CA LEU C 466 18.04 -39.66 -66.98
C LEU C 466 18.52 -41.04 -66.47
N GLU C 476 12.77 -43.60 -52.73
CA GLU C 476 13.27 -43.70 -51.32
C GLU C 476 14.79 -43.50 -51.32
N VAL C 477 15.55 -44.32 -52.08
CA VAL C 477 17.05 -44.24 -52.15
C VAL C 477 17.39 -42.90 -52.83
N LEU C 478 17.08 -42.75 -54.12
CA LEU C 478 17.34 -41.52 -54.93
C LEU C 478 16.82 -40.29 -54.18
N THR C 479 15.56 -40.33 -53.72
CA THR C 479 14.93 -39.31 -52.82
C THR C 479 15.93 -38.97 -51.69
N GLY C 480 16.39 -39.98 -50.96
CA GLY C 480 17.30 -39.85 -49.80
C GLY C 480 18.64 -39.23 -50.17
N LEU C 481 19.26 -39.72 -51.25
CA LEU C 481 20.50 -39.14 -51.85
C LEU C 481 20.30 -37.62 -52.08
N ILE C 482 19.18 -37.22 -52.69
CA ILE C 482 18.82 -35.78 -52.95
C ILE C 482 18.52 -35.07 -51.61
N CYS C 483 17.76 -35.68 -50.69
CA CYS C 483 17.41 -35.11 -49.34
C CYS C 483 18.67 -34.86 -48.48
N LEU C 484 19.76 -35.64 -48.64
CA LEU C 484 21.00 -35.53 -47.83
C LEU C 484 22.05 -34.67 -48.56
N GLY C 485 22.21 -34.82 -49.88
CA GLY C 485 23.11 -34.00 -50.73
C GLY C 485 22.82 -32.51 -50.60
N THR C 486 21.54 -32.15 -50.74
CA THR C 486 21.03 -30.76 -50.61
C THR C 486 21.22 -30.25 -49.18
N PHE C 487 20.79 -31.05 -48.18
CA PHE C 487 20.93 -30.75 -46.73
C PHE C 487 22.39 -30.35 -46.42
N LEU C 488 23.36 -31.10 -46.95
CA LEU C 488 24.82 -30.76 -46.89
C LEU C 488 25.09 -29.39 -47.56
N ILE C 489 24.54 -29.12 -48.75
CA ILE C 489 24.73 -27.81 -49.45
C ILE C 489 24.03 -26.68 -48.65
N GLY C 490 22.93 -26.98 -47.92
CA GLY C 490 22.22 -26.04 -47.03
C GLY C 490 23.03 -25.50 -45.85
N PHE C 491 24.23 -26.00 -45.56
CA PHE C 491 25.14 -25.53 -44.48
C PHE C 491 25.63 -24.09 -44.72
N ILE C 492 25.83 -23.66 -45.97
CA ILE C 492 26.19 -22.23 -46.33
C ILE C 492 25.21 -21.23 -45.66
N PHE C 493 23.94 -21.59 -45.46
CA PHE C 493 22.91 -20.71 -44.83
C PHE C 493 22.88 -20.83 -43.29
N THR C 494 23.58 -21.78 -42.66
CA THR C 494 23.74 -21.84 -41.18
C THR C 494 25.02 -21.09 -40.72
N LEU C 495 25.80 -20.50 -41.63
CA LEU C 495 26.93 -19.59 -41.28
C LEU C 495 26.40 -18.31 -40.63
N ASN C 496 27.31 -17.47 -40.13
CA ASN C 496 26.97 -16.09 -39.71
C ASN C 496 26.60 -15.25 -40.95
N SER C 497 27.28 -15.42 -42.08
CA SER C 497 26.92 -14.70 -43.35
C SER C 497 25.71 -15.35 -44.06
N GLY C 498 25.20 -16.48 -43.56
CA GLY C 498 24.18 -17.33 -44.22
C GLY C 498 22.94 -16.60 -44.69
N GLN C 499 22.53 -15.51 -44.05
CA GLN C 499 21.37 -14.69 -44.49
C GLN C 499 21.72 -13.87 -45.74
N TYR C 500 22.96 -13.40 -45.92
CA TYR C 500 23.32 -12.61 -47.13
C TYR C 500 23.43 -13.53 -48.34
N TRP C 501 23.87 -14.77 -48.12
CA TRP C 501 23.92 -15.86 -49.15
C TRP C 501 22.50 -16.18 -49.64
N LEU C 502 21.54 -16.31 -48.72
CA LEU C 502 20.11 -16.54 -49.07
C LEU C 502 19.58 -15.43 -50.00
N SER C 503 19.88 -14.17 -49.69
CA SER C 503 19.41 -12.98 -50.44
C SER C 503 19.77 -13.09 -51.93
N LEU C 504 21.01 -13.43 -52.26
CA LEU C 504 21.49 -13.59 -53.67
C LEU C 504 20.62 -14.64 -54.38
N LEU C 505 20.55 -15.86 -53.84
CA LEU C 505 19.78 -16.96 -54.48
C LEU C 505 18.34 -16.50 -54.71
N ASP C 506 17.71 -15.92 -53.68
CA ASP C 506 16.31 -15.44 -53.81
C ASP C 506 16.18 -14.38 -54.92
N SER C 507 17.18 -13.50 -55.08
CA SER C 507 17.19 -12.43 -56.10
C SER C 507 17.58 -12.94 -57.48
N TYR C 508 18.08 -14.17 -57.66
CA TYR C 508 18.55 -14.66 -58.98
C TYR C 508 17.94 -16.01 -59.34
N ALA C 509 18.11 -17.03 -58.48
CA ALA C 509 17.56 -18.39 -58.70
C ALA C 509 16.08 -18.30 -59.05
N GLY C 510 15.32 -17.53 -58.27
CA GLY C 510 13.90 -17.26 -58.50
C GLY C 510 13.65 -15.94 -59.20
N SER C 511 14.17 -15.72 -60.42
CA SER C 511 14.06 -14.41 -61.13
C SER C 511 13.97 -14.60 -62.64
N ILE C 512 14.91 -14.10 -63.44
CA ILE C 512 15.02 -14.29 -64.91
C ILE C 512 14.95 -15.77 -65.34
N PRO C 513 15.59 -16.76 -64.67
CA PRO C 513 15.54 -18.15 -65.15
C PRO C 513 14.10 -18.64 -65.42
N LEU C 514 13.20 -18.44 -64.44
CA LEU C 514 11.76 -18.80 -64.56
C LEU C 514 11.14 -18.15 -65.79
N LEU C 515 11.32 -16.84 -65.96
CA LEU C 515 10.75 -16.10 -67.12
C LEU C 515 11.21 -16.75 -68.45
N ILE C 516 12.51 -17.02 -68.60
CA ILE C 516 13.11 -17.59 -69.85
C ILE C 516 12.43 -18.95 -70.08
N ILE C 517 12.57 -19.87 -69.13
CA ILE C 517 11.96 -21.24 -69.21
C ILE C 517 10.47 -21.05 -69.56
N ALA C 518 9.77 -20.14 -68.86
CA ALA C 518 8.34 -19.84 -69.09
C ALA C 518 8.13 -19.41 -70.55
N PHE C 519 8.99 -18.52 -71.09
CA PHE C 519 8.91 -18.09 -72.51
C PHE C 519 9.05 -19.28 -73.47
N CYS C 520 10.07 -20.12 -73.23
CA CYS C 520 10.43 -21.24 -74.13
C CYS C 520 9.27 -22.21 -74.19
N GLU C 521 8.82 -22.72 -73.03
CA GLU C 521 7.71 -23.73 -72.95
C GLU C 521 6.56 -23.31 -73.90
N MET C 522 6.15 -22.03 -73.80
CA MET C 522 5.15 -21.39 -74.69
C MET C 522 5.59 -21.48 -76.16
N PHE C 523 6.83 -21.10 -76.48
CA PHE C 523 7.41 -21.11 -77.85
C PHE C 523 7.48 -22.53 -78.42
N SER C 524 8.04 -23.48 -77.67
CA SER C 524 8.31 -24.88 -78.14
C SER C 524 7.05 -25.74 -78.26
N VAL C 525 5.94 -25.44 -77.56
CA VAL C 525 4.61 -26.10 -77.71
C VAL C 525 3.85 -25.51 -78.92
N VAL C 526 4.05 -24.25 -79.29
CA VAL C 526 3.23 -23.56 -80.34
C VAL C 526 3.98 -23.54 -81.68
N TYR C 527 5.26 -23.20 -81.72
CA TYR C 527 6.07 -22.96 -82.95
C TYR C 527 7.00 -24.14 -83.28
N VAL C 528 7.27 -25.10 -82.37
CA VAL C 528 8.13 -26.30 -82.65
C VAL C 528 7.23 -27.54 -82.77
N TYR C 529 6.35 -27.77 -81.78
CA TYR C 529 5.36 -28.88 -81.77
C TYR C 529 4.15 -28.58 -82.66
N GLY C 530 3.87 -27.31 -82.97
CA GLY C 530 2.67 -26.86 -83.72
C GLY C 530 1.50 -26.70 -82.76
N VAL C 531 1.02 -25.47 -82.59
CA VAL C 531 -0.29 -25.13 -81.96
C VAL C 531 -1.45 -25.92 -82.63
N ASP C 532 -1.42 -26.08 -83.96
CA ASP C 532 -2.45 -26.81 -84.76
C ASP C 532 -2.51 -28.28 -84.31
N ARG C 533 -1.35 -28.95 -84.22
CA ARG C 533 -1.25 -30.33 -83.67
C ARG C 533 -1.78 -30.31 -82.23
N PHE C 534 -1.28 -29.36 -81.43
CA PHE C 534 -1.67 -29.16 -80.00
C PHE C 534 -3.19 -29.02 -79.86
N ASN C 535 -3.86 -28.32 -80.79
CA ASN C 535 -5.35 -28.16 -80.79
C ASN C 535 -6.06 -29.51 -81.02
N LYS C 536 -5.50 -30.37 -81.88
CA LYS C 536 -6.08 -31.71 -82.19
C LYS C 536 -6.07 -32.53 -80.90
N ASP C 537 -4.91 -32.65 -80.26
CA ASP C 537 -4.75 -33.45 -79.02
C ASP C 537 -5.61 -32.86 -77.89
N ILE C 538 -5.71 -31.53 -77.79
CA ILE C 538 -6.63 -30.84 -76.82
C ILE C 538 -8.03 -31.49 -76.97
N GLU C 539 -8.57 -31.51 -78.19
CA GLU C 539 -9.91 -32.07 -78.53
C GLU C 539 -9.96 -33.55 -78.14
N PHE C 540 -8.91 -34.31 -78.47
CA PHE C 540 -8.80 -35.75 -78.12
C PHE C 540 -8.83 -35.94 -76.59
N MET C 541 -8.30 -34.98 -75.81
CA MET C 541 -8.15 -35.08 -74.34
C MET C 541 -9.40 -34.52 -73.65
N ILE C 542 -9.56 -33.19 -73.64
CA ILE C 542 -10.68 -32.52 -72.90
C ILE C 542 -12.02 -32.78 -73.64
N GLY C 543 -12.02 -33.28 -74.90
CA GLY C 543 -13.28 -33.51 -75.64
C GLY C 543 -13.70 -32.28 -76.45
N HIS C 544 -12.93 -31.18 -76.43
CA HIS C 544 -13.23 -29.89 -77.08
C HIS C 544 -11.92 -29.11 -77.29
N LYS C 545 -12.03 -27.88 -77.79
CA LYS C 545 -10.89 -26.98 -78.10
C LYS C 545 -11.00 -25.69 -77.29
N PRO C 546 -9.88 -24.97 -77.08
CA PRO C 546 -9.90 -23.72 -76.30
C PRO C 546 -10.66 -22.61 -77.04
N ASN C 547 -11.25 -21.66 -76.30
CA ASN C 547 -11.86 -20.43 -76.91
C ASN C 547 -10.79 -19.75 -77.77
N ILE C 548 -11.20 -19.13 -78.88
CA ILE C 548 -10.27 -18.38 -79.80
C ILE C 548 -9.46 -17.34 -79.01
N PHE C 549 -10.11 -16.64 -78.07
CA PHE C 549 -9.51 -15.58 -77.22
C PHE C 549 -8.32 -16.21 -76.48
N TRP C 550 -8.59 -17.29 -75.77
CA TRP C 550 -7.57 -18.02 -74.96
C TRP C 550 -6.46 -18.55 -75.87
N GLN C 551 -6.80 -19.06 -77.06
CA GLN C 551 -5.81 -19.54 -78.07
C GLN C 551 -4.83 -18.39 -78.39
N VAL C 552 -5.38 -17.24 -78.78
CA VAL C 552 -4.61 -16.00 -79.12
C VAL C 552 -3.75 -15.60 -77.91
N THR C 553 -4.31 -15.68 -76.69
CA THR C 553 -3.63 -15.26 -75.43
C THR C 553 -2.27 -15.97 -75.32
N TRP C 554 -2.23 -17.31 -75.37
CA TRP C 554 -0.91 -18.02 -75.33
C TRP C 554 -0.24 -17.89 -76.71
N ARG C 555 -1.01 -17.57 -77.76
CA ARG C 555 -0.51 -17.44 -79.16
C ARG C 555 0.44 -16.24 -79.32
N VAL C 556 0.10 -15.06 -78.76
CA VAL C 556 0.87 -13.80 -78.99
C VAL C 556 1.17 -13.07 -77.67
N VAL C 557 0.16 -12.52 -77.00
CA VAL C 557 0.36 -11.63 -75.80
C VAL C 557 1.28 -12.30 -74.77
N SER C 558 0.91 -13.49 -74.30
CA SER C 558 1.66 -14.17 -73.19
C SER C 558 3.15 -14.22 -73.57
N PRO C 559 3.54 -14.79 -74.74
CA PRO C 559 4.93 -14.72 -75.21
C PRO C 559 5.47 -13.28 -75.15
N LEU C 560 4.69 -12.33 -75.68
CA LEU C 560 5.07 -10.89 -75.70
C LEU C 560 5.33 -10.40 -74.28
N LEU C 561 4.41 -10.65 -73.35
CA LEU C 561 4.53 -10.20 -71.93
C LEU C 561 5.84 -10.72 -71.33
N MET C 562 6.14 -12.00 -71.52
CA MET C 562 7.42 -12.61 -71.04
C MET C 562 8.61 -11.74 -71.50
N LEU C 563 8.61 -11.37 -72.79
CA LEU C 563 9.70 -10.54 -73.37
C LEU C 563 9.75 -9.18 -72.68
N ILE C 564 8.61 -8.61 -72.34
CA ILE C 564 8.51 -7.28 -71.67
C ILE C 564 9.20 -7.40 -70.30
N ILE C 565 8.86 -8.44 -69.53
CA ILE C 565 9.46 -8.68 -68.19
C ILE C 565 10.96 -8.90 -68.35
N PHE C 566 11.36 -9.58 -69.41
CA PHE C 566 12.80 -9.86 -69.75
C PHE C 566 13.53 -8.52 -69.88
N LEU C 567 12.98 -7.62 -70.70
CA LEU C 567 13.57 -6.27 -70.88
C LEU C 567 13.65 -5.58 -69.52
N PHE C 568 12.57 -5.62 -68.75
CA PHE C 568 12.50 -4.94 -67.43
C PHE C 568 13.65 -5.42 -66.54
N PHE C 569 13.87 -6.74 -66.51
CA PHE C 569 14.98 -7.34 -65.73
C PHE C 569 16.29 -6.74 -66.22
N PHE C 570 16.53 -6.78 -67.53
CA PHE C 570 17.82 -6.26 -68.08
C PHE C 570 18.02 -4.81 -67.59
N VAL C 571 16.98 -3.97 -67.73
CA VAL C 571 17.05 -2.51 -67.42
C VAL C 571 17.44 -2.33 -65.95
N VAL C 572 16.70 -2.94 -65.03
CA VAL C 572 16.93 -2.73 -63.56
C VAL C 572 18.35 -3.17 -63.19
N GLU C 573 18.80 -4.31 -63.72
CA GLU C 573 20.12 -4.87 -63.34
C GLU C 573 21.18 -3.87 -63.81
N VAL C 574 21.07 -3.38 -65.06
CA VAL C 574 22.08 -2.46 -65.65
C VAL C 574 21.94 -1.08 -65.00
N SER C 575 20.71 -0.59 -64.81
CA SER C 575 20.48 0.76 -64.23
C SER C 575 20.87 0.83 -62.76
N GLN C 576 21.00 -0.30 -62.05
CA GLN C 576 21.29 -0.31 -60.59
C GLN C 576 22.59 -1.06 -60.32
N GLU C 577 23.46 -0.53 -59.45
CA GLU C 577 24.72 -1.19 -59.03
C GLU C 577 24.37 -2.26 -57.98
N LEU C 578 24.87 -3.49 -58.14
CA LEU C 578 24.55 -4.61 -57.23
C LEU C 578 25.04 -4.28 -55.81
N THR C 579 24.13 -4.27 -54.84
CA THR C 579 24.45 -4.01 -53.41
C THR C 579 23.63 -4.92 -52.51
N TYR C 580 23.52 -4.57 -51.23
CA TYR C 580 22.74 -5.37 -50.24
C TYR C 580 22.75 -4.70 -48.86
N SER C 581 21.70 -4.96 -48.06
CA SER C 581 21.57 -4.39 -46.69
C SER C 581 22.37 -5.26 -45.72
N ILE C 582 23.06 -4.62 -44.79
CA ILE C 582 23.82 -5.27 -43.68
C ILE C 582 23.30 -4.73 -42.36
N TRP C 583 23.49 -5.51 -41.29
CA TRP C 583 23.14 -5.21 -39.89
C TRP C 583 24.46 -5.19 -39.10
N ASP C 584 25.14 -4.04 -39.06
CA ASP C 584 26.38 -3.87 -38.26
C ASP C 584 25.98 -3.23 -36.92
N PRO C 585 25.81 -3.99 -35.81
CA PRO C 585 25.58 -3.39 -34.48
C PRO C 585 26.73 -2.46 -34.08
N GLY C 586 26.41 -1.25 -33.62
CA GLY C 586 27.40 -0.23 -33.20
C GLY C 586 28.04 0.49 -34.38
N TYR C 587 27.22 1.04 -35.27
CA TYR C 587 27.66 1.98 -36.35
C TYR C 587 26.77 3.21 -36.36
N GLU C 588 27.25 4.30 -36.95
CA GLU C 588 26.52 5.61 -36.98
C GLU C 588 25.10 5.33 -37.50
N GLU C 589 24.07 5.74 -36.74
CA GLU C 589 22.65 5.45 -37.04
C GLU C 589 22.49 3.94 -37.24
N PHE C 590 22.76 3.14 -36.20
CA PHE C 590 22.68 1.65 -36.22
C PHE C 590 21.33 1.18 -36.76
N PRO C 591 20.17 1.62 -36.20
CA PRO C 591 18.85 1.22 -36.72
C PRO C 591 18.51 1.92 -38.06
N LYS C 592 19.37 1.78 -39.08
CA LYS C 592 19.17 2.25 -40.46
C LYS C 592 19.65 1.17 -41.45
N SER C 593 19.16 1.22 -42.69
CA SER C 593 19.62 0.40 -43.83
C SER C 593 21.01 0.88 -44.29
N GLN C 594 22.08 0.20 -43.83
CA GLN C 594 23.46 0.33 -44.36
C GLN C 594 23.54 -0.56 -45.60
N LYS C 595 23.56 0.04 -46.80
CA LYS C 595 23.49 -0.66 -48.12
C LYS C 595 24.87 -0.63 -48.78
N ILE C 596 25.75 -1.55 -48.36
CA ILE C 596 27.11 -1.75 -48.95
C ILE C 596 26.97 -2.52 -50.28
N SER C 597 27.91 -2.30 -51.20
CA SER C 597 28.04 -3.08 -52.46
C SER C 597 28.65 -4.45 -52.12
N TYR C 598 28.14 -5.53 -52.72
CA TYR C 598 28.77 -6.87 -52.74
C TYR C 598 30.24 -6.77 -53.21
N PRO C 599 31.17 -7.59 -52.67
CA PRO C 599 32.50 -7.77 -53.28
C PRO C 599 32.43 -8.20 -54.76
N ASN C 600 33.51 -7.99 -55.52
CA ASN C 600 33.61 -8.43 -56.95
C ASN C 600 33.28 -9.93 -57.08
N TRP C 601 33.77 -10.76 -56.14
CA TRP C 601 33.65 -12.25 -56.18
C TRP C 601 32.17 -12.69 -56.11
N VAL C 602 31.33 -12.01 -55.31
CA VAL C 602 29.86 -12.29 -55.22
C VAL C 602 29.25 -12.24 -56.64
N TYR C 603 29.69 -11.34 -57.49
CA TYR C 603 29.12 -11.11 -58.85
C TYR C 603 29.34 -12.40 -59.63
N VAL C 604 30.51 -13.05 -59.45
CA VAL C 604 30.79 -14.41 -60.01
C VAL C 604 29.65 -15.33 -59.55
N VAL C 605 29.44 -15.47 -58.23
CA VAL C 605 28.30 -16.28 -57.66
C VAL C 605 26.98 -15.86 -58.37
N VAL C 606 26.77 -14.57 -58.64
CA VAL C 606 25.53 -14.02 -59.27
C VAL C 606 25.45 -14.46 -60.73
N VAL C 607 26.51 -14.20 -61.52
CA VAL C 607 26.55 -14.56 -62.98
C VAL C 607 26.35 -16.08 -63.17
N ILE C 608 26.53 -16.90 -62.13
CA ILE C 608 26.35 -18.39 -62.15
C ILE C 608 24.89 -18.74 -61.83
N VAL C 609 24.40 -18.41 -60.63
CA VAL C 609 23.04 -18.80 -60.12
C VAL C 609 21.95 -18.41 -61.14
N ALA C 610 22.02 -17.22 -61.72
CA ALA C 610 21.02 -16.71 -62.70
C ALA C 610 21.38 -17.15 -64.14
N GLY C 611 22.55 -17.75 -64.38
CA GLY C 611 23.12 -17.99 -65.72
C GLY C 611 22.99 -19.45 -66.11
N VAL C 612 23.70 -20.33 -65.39
CA VAL C 612 23.88 -21.79 -65.69
C VAL C 612 22.57 -22.43 -66.19
N PRO C 613 21.42 -22.35 -65.46
CA PRO C 613 20.21 -23.07 -65.87
C PRO C 613 19.73 -22.54 -67.23
N SER C 614 19.58 -21.23 -67.35
CA SER C 614 19.09 -20.56 -68.61
C SER C 614 19.99 -20.94 -69.78
N LEU C 615 21.31 -20.89 -69.61
CA LEU C 615 22.32 -21.20 -70.68
C LEU C 615 22.20 -22.66 -71.16
N THR C 616 21.77 -23.59 -70.29
CA THR C 616 21.47 -25.02 -70.67
C THR C 616 20.50 -25.12 -71.86
N ILE C 617 19.60 -24.14 -72.06
CA ILE C 617 18.58 -24.15 -73.16
C ILE C 617 19.29 -23.89 -74.50
N PRO C 618 20.06 -22.79 -74.71
CA PRO C 618 20.87 -22.64 -75.92
C PRO C 618 22.01 -23.68 -75.97
N GLY C 619 22.78 -23.81 -74.88
CA GLY C 619 23.96 -24.69 -74.71
C GLY C 619 23.77 -26.11 -75.23
N TYR C 620 22.74 -26.82 -74.74
CA TYR C 620 22.39 -28.21 -75.16
C TYR C 620 21.94 -28.20 -76.63
N ALA C 621 21.06 -27.25 -77.03
CA ALA C 621 20.53 -27.11 -78.42
C ALA C 621 21.70 -27.08 -79.43
N ILE C 622 22.74 -26.27 -79.17
CA ILE C 622 23.97 -26.16 -80.02
C ILE C 622 24.72 -27.50 -79.97
N TYR C 623 25.00 -28.05 -78.77
CA TYR C 623 25.70 -29.35 -78.55
C TYR C 623 25.06 -30.49 -79.36
N LYS C 624 23.72 -30.54 -79.43
CA LYS C 624 22.96 -31.58 -80.17
C LYS C 624 23.07 -31.36 -81.69
N LEU C 625 23.12 -30.11 -82.19
CA LEU C 625 23.33 -29.80 -83.64
C LEU C 625 24.77 -30.12 -84.10
N ILE C 626 25.76 -30.24 -83.20
CA ILE C 626 27.20 -30.58 -83.53
C ILE C 626 27.56 -32.02 -83.09
N ARG C 627 26.64 -32.82 -82.53
CA ARG C 627 26.81 -34.28 -82.25
C ARG C 627 26.17 -35.09 -83.38
CA THR D 21 -25.79 78.31 6.74
C THR D 21 -25.21 76.95 7.17
N ILE D 22 -25.37 75.91 6.34
CA ILE D 22 -24.79 74.54 6.59
C ILE D 22 -23.27 74.67 6.81
N GLU D 23 -22.57 75.32 5.88
CA GLU D 23 -21.10 75.56 5.97
C GLU D 23 -20.80 76.36 7.25
N GLU D 24 -21.64 77.33 7.58
CA GLU D 24 -21.46 78.22 8.76
C GLU D 24 -21.65 77.38 10.03
N GLN D 25 -22.76 76.62 10.12
CA GLN D 25 -23.05 75.75 11.31
C GLN D 25 -21.96 74.67 11.42
N ALA D 26 -21.48 74.14 10.29
CA ALA D 26 -20.36 73.18 10.24
C ALA D 26 -19.12 73.82 10.90
N LYS D 27 -18.78 75.04 10.48
CA LYS D 27 -17.65 75.83 11.08
C LYS D 27 -17.94 75.99 12.59
N THR D 28 -19.16 76.36 12.94
CA THR D 28 -19.57 76.59 14.37
C THR D 28 -19.23 75.33 15.18
N PHE D 29 -19.71 74.16 14.72
CA PHE D 29 -19.43 72.85 15.36
C PHE D 29 -17.92 72.69 15.50
N LEU D 30 -17.17 72.80 14.40
CA LEU D 30 -15.70 72.63 14.40
C LEU D 30 -15.07 73.58 15.43
N ASP D 31 -15.45 74.86 15.43
CA ASP D 31 -14.90 75.88 16.39
C ASP D 31 -15.12 75.38 17.81
N LYS D 32 -16.37 75.06 18.16
CA LYS D 32 -16.76 74.57 19.52
C LYS D 32 -15.87 73.35 19.86
N PHE D 33 -15.83 72.37 18.94
CA PHE D 33 -15.01 71.14 19.07
C PHE D 33 -13.55 71.55 19.36
N ASN D 34 -12.97 72.39 18.51
CA ASN D 34 -11.53 72.76 18.61
C ASN D 34 -11.25 73.28 20.03
N HIS D 35 -12.04 74.25 20.51
CA HIS D 35 -11.84 74.88 21.85
C HIS D 35 -11.85 73.77 22.92
N GLU D 36 -12.96 73.05 23.00
CA GLU D 36 -13.20 71.96 24.00
C GLU D 36 -12.09 70.90 23.81
N ALA D 37 -11.85 70.46 22.57
CA ALA D 37 -10.86 69.42 22.22
C ALA D 37 -9.51 69.77 22.83
N GLU D 38 -8.99 70.96 22.52
CA GLU D 38 -7.66 71.45 22.99
C GLU D 38 -7.50 71.16 24.48
N ASP D 39 -8.47 71.54 25.32
CA ASP D 39 -8.41 71.32 26.79
C ASP D 39 -8.51 69.82 27.08
N LEU D 40 -9.59 69.18 26.65
CA LEU D 40 -9.82 67.72 26.87
C LEU D 40 -8.58 66.93 26.40
N PHE D 41 -8.09 67.23 25.20
CA PHE D 41 -6.83 66.64 24.66
C PHE D 41 -5.66 66.94 25.62
N TYR D 42 -5.49 68.20 26.02
CA TYR D 42 -4.39 68.60 26.95
C TYR D 42 -4.36 67.62 28.13
N GLN D 43 -5.50 67.43 28.80
CA GLN D 43 -5.63 66.51 29.96
C GLN D 43 -5.00 65.17 29.58
N SER D 44 -5.54 64.50 28.55
CA SER D 44 -5.05 63.18 28.05
C SER D 44 -3.53 63.24 27.90
N SER D 45 -3.02 64.16 27.06
CA SER D 45 -1.57 64.29 26.76
C SER D 45 -0.79 64.47 28.07
N LEU D 46 -1.14 65.49 28.86
CA LEU D 46 -0.50 65.78 30.18
C LEU D 46 -0.51 64.52 31.03
N ALA D 47 -1.70 63.94 31.24
CA ALA D 47 -1.89 62.73 32.07
C ALA D 47 -0.86 61.67 31.67
N SER D 48 -0.79 61.34 30.38
CA SER D 48 0.16 60.33 29.83
C SER D 48 1.59 60.76 30.13
N TRP D 49 1.95 62.02 29.82
CA TRP D 49 3.30 62.57 30.14
C TRP D 49 3.64 62.29 31.61
N ASN D 50 2.71 62.63 32.53
CA ASN D 50 2.90 62.43 34.00
C ASN D 50 3.23 60.97 34.25
N TYR D 51 2.37 60.05 33.82
CA TYR D 51 2.63 58.61 34.01
C TYR D 51 3.95 58.23 33.33
N ASN D 52 4.17 58.67 32.09
CA ASN D 52 5.39 58.27 31.33
C ASN D 52 6.65 58.63 32.13
N THR D 53 6.60 59.73 32.91
CA THR D 53 7.73 60.18 33.76
C THR D 53 7.60 59.61 35.18
N ASN D 54 6.44 59.05 35.56
CA ASN D 54 6.18 58.51 36.93
C ASN D 54 6.07 56.98 36.90
N ILE D 55 5.33 56.38 35.96
CA ILE D 55 5.17 54.89 35.87
C ILE D 55 4.60 54.39 37.21
N THR D 56 3.50 54.99 37.64
CA THR D 56 2.79 54.66 38.91
C THR D 56 1.37 54.19 38.57
N GLU D 57 0.91 53.13 39.25
CA GLU D 57 -0.45 52.57 39.03
C GLU D 57 -1.49 53.69 39.12
N GLU D 58 -1.35 54.58 40.11
CA GLU D 58 -2.23 55.78 40.27
C GLU D 58 -2.31 56.51 38.93
N ASN D 59 -1.14 56.85 38.37
CA ASN D 59 -1.06 57.60 37.09
C ASN D 59 -1.65 56.76 35.95
N VAL D 60 -1.53 55.42 36.02
CA VAL D 60 -2.13 54.49 35.01
C VAL D 60 -3.61 54.85 34.90
N GLN D 61 -4.33 54.80 36.01
CA GLN D 61 -5.78 55.09 36.04
C GLN D 61 -5.99 56.51 35.53
N ASN D 62 -5.19 57.47 36.00
CA ASN D 62 -5.34 58.91 35.63
C ASN D 62 -5.39 59.01 34.11
N MET D 63 -4.35 58.56 33.42
CA MET D 63 -4.28 58.66 31.93
C MET D 63 -5.44 57.87 31.29
N ASN D 64 -5.75 56.70 31.86
CA ASN D 64 -6.82 55.82 31.33
C ASN D 64 -8.12 56.63 31.32
N ASN D 65 -8.48 57.23 32.45
CA ASN D 65 -9.72 58.05 32.58
C ASN D 65 -9.68 59.17 31.54
N ALA D 66 -8.58 59.94 31.52
CA ALA D 66 -8.41 61.09 30.61
C ALA D 66 -8.62 60.64 29.15
N GLY D 67 -7.97 59.54 28.76
CA GLY D 67 -8.06 58.97 27.41
C GLY D 67 -9.51 58.65 27.05
N ASP D 68 -10.21 57.92 27.94
CA ASP D 68 -11.63 57.53 27.73
C ASP D 68 -12.46 58.79 27.51
N LYS D 69 -12.31 59.78 28.39
CA LYS D 69 -13.07 61.06 28.32
C LYS D 69 -12.77 61.71 26.97
N TRP D 70 -11.48 61.86 26.64
CA TRP D 70 -11.01 62.50 25.39
C TRP D 70 -11.57 61.74 24.16
N SER D 71 -11.38 60.43 24.12
CA SER D 71 -11.87 59.56 23.01
C SER D 71 -13.38 59.71 22.86
N ALA D 72 -14.13 59.60 23.98
CA ALA D 72 -15.61 59.72 23.99
C ALA D 72 -16.00 61.05 23.34
N PHE D 73 -15.37 62.15 23.76
CA PHE D 73 -15.64 63.51 23.22
C PHE D 73 -15.53 63.47 21.69
N LEU D 74 -14.40 63.00 21.19
CA LEU D 74 -14.12 62.90 19.72
C LEU D 74 -15.26 62.14 19.03
N LYS D 75 -15.64 60.97 19.58
CA LYS D 75 -16.75 60.14 19.04
C LYS D 75 -18.01 61.00 18.89
N GLU D 76 -18.45 61.62 19.99
CA GLU D 76 -19.65 62.49 20.02
C GLU D 76 -19.55 63.52 18.88
N GLN D 77 -18.41 64.19 18.77
CA GLN D 77 -18.16 65.24 17.74
C GLN D 77 -18.25 64.60 16.35
N SER D 78 -17.71 63.39 16.16
CA SER D 78 -17.77 62.66 14.86
C SER D 78 -19.23 62.62 14.37
N THR D 79 -20.16 62.23 15.26
CA THR D 79 -21.63 62.15 14.96
C THR D 79 -22.11 63.53 14.49
N LEU D 80 -21.73 64.57 15.22
CA LEU D 80 -22.14 65.98 14.93
C LEU D 80 -21.62 66.37 13.55
N ALA D 81 -20.38 65.98 13.22
CA ALA D 81 -19.73 66.27 11.92
C ALA D 81 -20.58 65.70 10.77
N GLN D 82 -21.05 64.45 10.94
CA GLN D 82 -21.84 63.71 9.92
C GLN D 82 -22.98 64.61 9.42
N MET D 83 -23.73 65.22 10.36
CA MET D 83 -24.89 66.10 10.04
C MET D 83 -24.52 67.02 8.86
N TYR D 84 -23.39 67.70 8.98
CA TYR D 84 -22.96 68.72 7.96
C TYR D 84 -22.19 67.95 6.89
N PRO D 85 -22.58 67.94 5.59
CA PRO D 85 -21.78 67.31 4.53
C PRO D 85 -20.47 68.06 4.23
N LEU D 86 -19.77 67.68 3.16
CA LEU D 86 -18.51 68.30 2.67
C LEU D 86 -18.70 68.95 1.29
N GLN D 87 -19.79 68.67 0.56
CA GLN D 87 -19.97 69.11 -0.84
C GLN D 87 -20.25 70.62 -0.81
N GLU D 88 -21.27 71.02 -0.06
CA GLU D 88 -21.66 72.44 0.13
C GLU D 88 -20.52 73.22 0.83
N ILE D 89 -19.62 72.54 1.56
CA ILE D 89 -18.44 73.18 2.20
C ILE D 89 -17.51 73.64 1.07
N GLN D 90 -17.11 74.91 1.04
CA GLN D 90 -16.20 75.51 0.03
C GLN D 90 -14.84 75.79 0.67
N ASN D 91 -14.83 76.37 1.87
CA ASN D 91 -13.58 76.65 2.61
C ASN D 91 -12.87 75.31 2.87
N LEU D 92 -11.60 75.20 2.46
CA LEU D 92 -10.81 73.96 2.61
C LEU D 92 -10.58 73.66 4.10
N THR D 93 -10.20 74.68 4.88
CA THR D 93 -9.86 74.52 6.33
C THR D 93 -10.99 73.75 7.01
N VAL D 94 -12.20 74.27 6.94
CA VAL D 94 -13.42 73.72 7.61
C VAL D 94 -13.66 72.32 7.00
N LYS D 95 -13.65 72.24 5.67
CA LYS D 95 -13.91 70.97 4.95
C LYS D 95 -12.97 69.88 5.49
N LEU D 96 -11.67 70.17 5.50
CA LEU D 96 -10.64 69.18 5.97
C LEU D 96 -10.97 68.73 7.39
N GLN D 97 -11.17 69.67 8.31
CA GLN D 97 -11.46 69.38 9.74
C GLN D 97 -12.72 68.51 9.81
N LEU D 98 -13.77 68.90 9.07
CA LEU D 98 -15.03 68.12 9.04
C LEU D 98 -14.79 66.67 8.61
N GLN D 99 -14.08 66.49 7.50
CA GLN D 99 -13.69 65.13 7.00
C GLN D 99 -12.94 64.37 8.09
N ALA D 100 -12.02 65.05 8.79
CA ALA D 100 -11.19 64.44 9.84
C ALA D 100 -12.05 63.99 11.05
N LEU D 101 -13.23 64.60 11.26
CA LEU D 101 -14.17 64.15 12.33
C LEU D 101 -15.20 63.18 11.78
N GLN D 102 -15.75 63.46 10.60
CA GLN D 102 -16.85 62.63 10.03
C GLN D 102 -16.43 61.15 9.84
N GLN D 103 -15.15 60.86 9.63
CA GLN D 103 -14.61 59.47 9.53
C GLN D 103 -15.26 58.56 10.58
N ASN D 104 -15.99 57.54 10.15
CA ASN D 104 -16.73 56.61 11.06
C ASN D 104 -15.77 55.49 11.49
N GLY D 105 -15.05 54.91 10.53
CA GLY D 105 -14.12 53.79 10.76
C GLY D 105 -14.85 52.53 11.19
N SER D 106 -14.31 51.77 12.15
CA SER D 106 -14.88 50.47 12.61
C SER D 106 -16.30 50.63 13.16
N SER D 107 -16.69 51.84 13.63
CA SER D 107 -18.08 52.15 14.01
C SER D 107 -19.08 51.71 12.92
N VAL D 108 -18.70 51.85 11.63
CA VAL D 108 -19.55 51.41 10.49
C VAL D 108 -19.88 49.91 10.61
N LEU D 109 -18.91 49.10 11.07
CA LEU D 109 -19.13 47.64 11.29
C LEU D 109 -20.04 47.44 12.51
N SER D 110 -20.83 46.36 12.49
CA SER D 110 -21.78 46.01 13.58
C SER D 110 -20.99 45.77 14.88
N GLU D 111 -21.61 46.04 16.03
CA GLU D 111 -21.01 45.85 17.38
C GLU D 111 -20.30 44.48 17.43
N ASP D 112 -21.00 43.41 17.08
CA ASP D 112 -20.43 42.03 17.07
C ASP D 112 -19.16 42.00 16.21
N LYS D 113 -19.24 42.48 14.97
CA LYS D 113 -18.11 42.49 14.02
C LYS D 113 -16.95 43.27 14.66
N SER D 114 -17.23 44.48 15.15
CA SER D 114 -16.19 45.36 15.76
C SER D 114 -15.52 44.59 16.91
N LYS D 115 -16.32 44.03 17.81
CA LYS D 115 -15.80 43.29 19.01
C LYS D 115 -14.90 42.15 18.55
N ARG D 116 -15.38 41.33 17.61
CA ARG D 116 -14.57 40.21 17.07
C ARG D 116 -13.23 40.76 16.53
N LEU D 117 -13.32 41.77 15.66
CA LEU D 117 -12.12 42.40 15.04
C LEU D 117 -11.17 42.83 16.16
N ASN D 118 -11.69 43.52 17.18
CA ASN D 118 -10.87 43.94 18.36
C ASN D 118 -10.21 42.72 18.99
N THR D 119 -10.98 41.67 19.23
CA THR D 119 -10.45 40.41 19.82
C THR D 119 -9.31 39.86 18.93
N ILE D 120 -9.52 39.81 17.61
CA ILE D 120 -8.51 39.32 16.62
C ILE D 120 -7.24 40.16 16.85
N LEU D 121 -7.38 41.48 16.87
CA LEU D 121 -6.26 42.41 17.05
C LEU D 121 -5.52 42.11 18.36
N ASN D 122 -6.26 41.98 19.44
CA ASN D 122 -5.68 41.75 20.78
C ASN D 122 -4.94 40.40 20.75
N THR D 123 -5.57 39.37 20.22
CA THR D 123 -4.97 38.02 20.17
C THR D 123 -3.67 38.10 19.39
N MET D 124 -3.72 38.69 18.18
CA MET D 124 -2.52 38.79 17.30
C MET D 124 -1.38 39.48 18.08
N SER D 125 -1.68 40.64 18.66
CA SER D 125 -0.68 41.43 19.44
C SER D 125 -0.15 40.61 20.61
N THR D 126 -1.03 39.98 21.36
CA THR D 126 -0.62 39.15 22.54
C THR D 126 0.34 38.03 22.07
N ILE D 127 -0.01 37.29 21.02
CA ILE D 127 0.82 36.16 20.50
C ILE D 127 2.21 36.72 20.16
N TYR D 128 2.25 37.80 19.40
CA TYR D 128 3.52 38.43 18.97
C TYR D 128 4.31 38.83 20.21
N SER D 129 3.69 39.52 21.14
CA SER D 129 4.36 40.07 22.34
C SER D 129 4.80 38.96 23.29
N THR D 130 3.98 37.95 23.50
CA THR D 130 4.27 36.88 24.50
C THR D 130 4.57 35.54 23.82
N GLY D 131 5.04 35.48 22.58
CA GLY D 131 5.34 34.16 21.97
C GLY D 131 6.76 33.72 22.28
N LYS D 132 6.93 32.46 22.61
CA LYS D 132 8.23 31.90 23.12
C LYS D 132 8.70 30.78 22.21
N VAL D 133 9.99 30.69 21.98
CA VAL D 133 10.63 29.60 21.18
C VAL D 133 11.54 28.84 22.13
N CYS D 134 11.16 27.63 22.48
CA CYS D 134 12.00 26.73 23.34
C CYS D 134 13.15 26.13 22.55
N ASN D 135 14.34 26.05 23.16
CA ASN D 135 15.53 25.43 22.54
C ASN D 135 15.27 23.95 22.31
N PRO D 136 15.58 23.38 21.12
CA PRO D 136 15.26 21.97 20.87
C PRO D 136 15.98 21.01 21.83
N ASP D 137 17.26 21.30 22.13
CA ASP D 137 18.08 20.52 23.08
C ASP D 137 17.42 20.52 24.47
N ASN D 138 17.03 21.67 25.01
CA ASN D 138 16.41 21.81 26.34
C ASN D 138 15.11 22.59 26.19
N PRO D 139 13.93 21.93 26.36
CA PRO D 139 12.64 22.61 26.27
C PRO D 139 12.41 23.62 27.39
N GLN D 140 13.09 23.43 28.50
CA GLN D 140 12.94 24.32 29.69
C GLN D 140 13.46 25.72 29.36
N GLU D 141 14.43 25.83 28.47
CA GLU D 141 14.97 27.13 27.97
C GLU D 141 14.12 27.57 26.76
N CYS D 142 13.31 28.63 26.93
CA CYS D 142 12.43 29.18 25.86
C CYS D 142 12.71 30.66 25.68
N LEU D 143 13.03 31.13 24.46
CA LEU D 143 13.36 32.55 24.19
C LEU D 143 12.17 33.26 23.56
N LEU D 144 11.80 34.41 24.09
CA LEU D 144 10.90 35.40 23.43
C LEU D 144 11.69 36.13 22.33
N LEU D 145 10.94 36.80 21.47
CA LEU D 145 11.56 37.48 20.31
C LEU D 145 12.48 38.63 20.74
N GLU D 146 11.94 39.58 21.50
CA GLU D 146 12.61 40.88 21.78
C GLU D 146 13.92 40.57 22.48
N PRO D 147 13.91 39.84 23.63
CA PRO D 147 15.15 39.62 24.37
C PRO D 147 16.10 38.59 23.70
N GLY D 148 15.62 37.40 23.27
CA GLY D 148 16.47 36.27 22.87
C GLY D 148 16.57 36.15 21.38
N LEU D 149 15.44 35.93 20.71
CA LEU D 149 15.48 35.70 19.25
C LEU D 149 16.18 36.90 18.56
N ASN D 150 15.94 38.11 19.02
CA ASN D 150 16.57 39.34 18.45
C ASN D 150 18.09 39.31 18.67
N GLU D 151 18.57 38.97 19.87
CA GLU D 151 20.04 38.91 20.14
C GLU D 151 20.71 37.80 19.32
N ILE D 152 19.94 36.84 18.80
CA ILE D 152 20.51 35.78 17.92
C ILE D 152 20.57 36.33 16.50
N MET D 153 19.41 36.75 15.97
CA MET D 153 19.29 37.21 14.56
C MET D 153 20.18 38.44 14.37
N ALA D 154 20.44 39.21 15.41
CA ALA D 154 21.32 40.42 15.35
C ALA D 154 22.78 40.13 15.66
N ASN D 155 23.10 39.10 16.43
CA ASN D 155 24.49 38.88 16.95
C ASN D 155 24.97 37.51 16.50
N SER D 156 24.27 36.43 16.88
CA SER D 156 24.66 35.05 16.50
C SER D 156 24.96 35.01 15.01
N LEU D 157 26.15 34.56 14.64
CA LEU D 157 26.53 34.32 13.22
C LEU D 157 26.52 32.83 12.87
N ASP D 158 26.04 31.94 13.74
CA ASP D 158 26.01 30.49 13.46
C ASP D 158 24.86 30.23 12.49
N TYR D 159 25.17 29.73 11.29
CA TYR D 159 24.15 29.38 10.27
C TYR D 159 23.04 28.56 10.93
N ASN D 160 23.40 27.52 11.69
CA ASN D 160 22.40 26.62 12.32
C ASN D 160 21.57 27.40 13.33
N GLU D 161 22.21 28.14 14.22
CA GLU D 161 21.50 28.91 15.29
C GLU D 161 20.54 29.94 14.63
N ARG D 162 21.05 30.68 13.65
CA ARG D 162 20.27 31.71 12.95
C ARG D 162 19.05 31.02 12.28
N LEU D 163 19.29 29.91 11.58
CA LEU D 163 18.20 29.15 10.91
C LEU D 163 17.16 28.71 11.95
N TRP D 164 17.64 28.16 13.05
CA TRP D 164 16.76 27.67 14.12
C TRP D 164 15.79 28.81 14.55
N ALA D 165 16.35 29.94 14.95
CA ALA D 165 15.54 31.08 15.47
C ALA D 165 14.56 31.54 14.39
N TRP D 166 15.06 31.75 13.16
CA TRP D 166 14.21 32.22 12.03
C TRP D 166 13.04 31.24 11.83
N GLU D 167 13.37 30.00 11.57
CA GLU D 167 12.33 28.97 11.26
C GLU D 167 11.36 28.83 12.45
N SER D 168 11.85 28.73 13.64
CA SER D 168 10.99 28.50 14.86
C SER D 168 10.01 29.67 15.04
N TRP D 169 10.51 30.92 14.88
CA TRP D 169 9.65 32.13 14.99
C TRP D 169 8.44 31.93 14.05
N ARG D 170 8.66 31.58 12.78
CA ARG D 170 7.54 31.46 11.81
C ARG D 170 6.75 30.16 12.08
N SER D 171 7.42 29.15 12.65
CA SER D 171 6.78 27.84 12.91
C SER D 171 5.91 27.88 14.16
N GLU D 172 5.91 28.98 14.93
CA GLU D 172 5.12 29.11 16.18
C GLU D 172 4.19 30.33 16.08
N VAL D 173 4.66 31.56 16.38
CA VAL D 173 3.78 32.76 16.41
C VAL D 173 3.11 32.85 15.02
N GLY D 174 3.90 32.71 13.96
CA GLY D 174 3.37 32.97 12.59
C GLY D 174 2.19 32.06 12.28
N LYS D 175 2.32 30.80 12.67
CA LYS D 175 1.22 29.81 12.47
C LYS D 175 -0.03 30.23 13.27
N GLN D 176 0.15 30.61 14.54
CA GLN D 176 -0.98 31.07 15.38
C GLN D 176 -1.65 32.31 14.77
N LEU D 177 -0.85 33.22 14.19
CA LEU D 177 -1.40 34.46 13.60
C LEU D 177 -2.12 34.13 12.28
N ARG D 178 -1.76 33.03 11.62
CA ARG D 178 -2.31 32.71 10.28
C ARG D 178 -3.86 32.84 10.25
N PRO D 179 -4.61 32.05 11.04
CA PRO D 179 -6.08 32.14 11.01
C PRO D 179 -6.60 33.53 11.44
N LEU D 180 -5.98 34.11 12.47
CA LEU D 180 -6.34 35.47 12.97
C LEU D 180 -6.24 36.47 11.82
N TYR D 181 -5.07 36.55 11.18
CA TYR D 181 -4.86 37.54 10.08
C TYR D 181 -5.97 37.36 9.04
N GLU D 182 -6.23 36.11 8.65
CA GLU D 182 -7.29 35.81 7.64
C GLU D 182 -8.60 36.52 8.03
N GLU D 183 -9.14 36.21 9.20
CA GLU D 183 -10.38 36.89 9.68
C GLU D 183 -10.16 38.41 9.74
N TYR D 184 -9.03 38.86 10.30
CA TYR D 184 -8.70 40.30 10.42
C TYR D 184 -8.90 40.98 9.04
N VAL D 185 -8.32 40.38 8.01
CA VAL D 185 -8.36 40.97 6.63
C VAL D 185 -9.83 41.15 6.20
N VAL D 186 -10.63 40.10 6.42
CA VAL D 186 -12.10 40.10 6.08
C VAL D 186 -12.80 41.26 6.79
N LEU D 187 -12.70 41.33 8.11
CA LEU D 187 -13.38 42.40 8.89
C LEU D 187 -12.86 43.78 8.45
N LYS D 188 -11.54 43.93 8.27
CA LYS D 188 -10.94 45.23 7.85
C LYS D 188 -11.53 45.65 6.50
N ASN D 189 -11.57 44.70 5.56
CA ASN D 189 -12.14 44.97 4.19
C ASN D 189 -13.61 45.39 4.33
N GLU D 190 -14.38 44.68 5.13
CA GLU D 190 -15.80 45.04 5.40
C GLU D 190 -15.85 46.50 5.86
N MET D 191 -15.11 46.83 6.91
CA MET D 191 -15.10 48.21 7.47
C MET D 191 -14.77 49.22 6.34
N ALA D 192 -13.71 48.98 5.58
CA ALA D 192 -13.25 49.92 4.52
C ALA D 192 -14.36 50.09 3.47
N ARG D 193 -14.89 48.95 2.99
CA ARG D 193 -16.00 48.96 1.98
C ARG D 193 -17.18 49.74 2.55
N ALA D 194 -17.53 49.45 3.80
CA ALA D 194 -18.63 50.15 4.51
C ALA D 194 -18.28 51.62 4.69
N ASN D 195 -17.00 51.97 4.81
CA ASN D 195 -16.53 53.39 4.82
C ASN D 195 -16.29 53.88 3.40
N HIS D 196 -16.91 53.26 2.38
CA HIS D 196 -16.77 53.69 0.95
C HIS D 196 -15.30 53.60 0.52
N TYR D 197 -14.72 52.40 0.54
CA TYR D 197 -13.31 52.18 0.11
C TYR D 197 -13.20 50.88 -0.67
N GLU D 198 -12.31 50.85 -1.66
CA GLU D 198 -12.12 49.67 -2.54
C GLU D 198 -11.79 48.45 -1.67
N ASP D 199 -10.82 48.57 -0.77
CA ASP D 199 -10.36 47.49 0.15
C ASP D 199 -9.70 48.16 1.37
N TYR D 200 -9.26 47.35 2.35
CA TYR D 200 -8.51 47.89 3.51
C TYR D 200 -7.20 48.55 3.02
N GLY D 201 -6.60 48.02 1.96
CA GLY D 201 -5.42 48.65 1.36
C GLY D 201 -5.77 50.02 0.79
N ASP D 202 -6.91 50.11 0.09
CA ASP D 202 -7.41 51.41 -0.43
C ASP D 202 -7.68 52.33 0.75
N TYR D 203 -8.26 51.81 1.83
CA TYR D 203 -8.48 52.57 3.08
C TYR D 203 -7.16 53.25 3.49
N TRP D 204 -6.06 52.47 3.55
CA TRP D 204 -4.71 52.99 3.93
C TRP D 204 -4.20 54.01 2.90
N ARG D 205 -4.37 53.75 1.60
CA ARG D 205 -3.84 54.64 0.53
C ARG D 205 -4.58 55.99 0.51
N GLY D 206 -5.72 56.13 1.22
CA GLY D 206 -6.45 57.39 1.40
C GLY D 206 -5.61 58.51 2.00
N ASP D 207 -4.58 58.16 2.80
CA ASP D 207 -3.70 59.15 3.48
C ASP D 207 -3.13 60.18 2.49
N TYR D 208 -2.52 59.74 1.40
CA TYR D 208 -1.86 60.64 0.41
C TYR D 208 -2.91 61.23 -0.54
N GLU D 209 -4.02 60.54 -0.78
CA GLU D 209 -5.04 60.97 -1.79
C GLU D 209 -5.47 62.40 -1.47
N VAL D 210 -5.47 63.28 -2.47
CA VAL D 210 -5.81 64.72 -2.32
C VAL D 210 -6.90 65.07 -3.34
N ASN D 211 -7.98 65.72 -2.91
CA ASN D 211 -9.15 66.05 -3.77
C ASN D 211 -9.57 67.50 -3.56
N GLY D 212 -10.12 68.12 -4.60
CA GLY D 212 -10.58 69.52 -4.60
C GLY D 212 -9.48 70.55 -4.46
N VAL D 213 -8.20 70.20 -4.63
CA VAL D 213 -7.07 71.18 -4.64
C VAL D 213 -6.40 71.06 -6.01
N ASP D 214 -6.80 71.92 -6.95
CA ASP D 214 -6.27 71.93 -8.33
C ASP D 214 -4.74 72.03 -8.31
N GLY D 215 -4.07 71.22 -9.13
CA GLY D 215 -2.60 71.15 -9.24
C GLY D 215 -1.91 70.50 -8.04
N TYR D 216 -2.66 69.94 -7.09
CA TYR D 216 -2.15 69.16 -5.95
C TYR D 216 -2.97 67.89 -5.74
N ASP D 217 -3.94 67.59 -6.61
CA ASP D 217 -4.90 66.49 -6.37
C ASP D 217 -4.11 65.17 -6.44
N TYR D 218 -4.29 64.28 -5.50
CA TYR D 218 -3.57 63.00 -5.40
C TYR D 218 -4.58 61.85 -5.33
N SER D 219 -4.19 60.65 -5.73
CA SER D 219 -5.08 59.46 -5.71
C SER D 219 -4.43 58.31 -4.94
N ARG D 220 -5.26 57.45 -4.33
CA ARG D 220 -4.74 56.28 -3.59
C ARG D 220 -3.96 55.38 -4.56
N GLY D 221 -4.57 55.03 -5.69
CA GLY D 221 -3.88 54.21 -6.71
C GLY D 221 -2.63 54.90 -7.25
N GLN D 222 -2.70 56.23 -7.40
CA GLN D 222 -1.52 57.04 -7.82
C GLN D 222 -0.34 56.76 -6.88
N LEU D 223 -0.57 56.69 -5.57
CA LEU D 223 0.50 56.36 -4.58
C LEU D 223 1.23 55.09 -5.04
N ILE D 224 0.46 54.07 -5.36
CA ILE D 224 0.97 52.73 -5.80
C ILE D 224 1.87 52.93 -7.01
N GLU D 225 1.36 53.64 -8.00
CA GLU D 225 2.09 53.89 -9.28
C GLU D 225 3.41 54.59 -8.97
N ASP D 226 3.34 55.66 -8.18
CA ASP D 226 4.53 56.46 -7.79
C ASP D 226 5.54 55.54 -7.10
N VAL D 227 5.11 54.75 -6.11
CA VAL D 227 6.05 53.92 -5.30
C VAL D 227 6.72 52.96 -6.27
N GLU D 228 5.93 52.32 -7.15
CA GLU D 228 6.45 51.28 -8.09
C GLU D 228 7.50 51.93 -9.01
N HIS D 229 7.15 53.06 -9.64
CA HIS D 229 8.06 53.79 -10.54
C HIS D 229 9.38 54.13 -9.83
N THR D 230 9.27 54.73 -8.66
CA THR D 230 10.46 55.14 -7.87
C THR D 230 11.28 53.90 -7.52
N PHE D 231 10.62 52.79 -7.17
CA PHE D 231 11.32 51.53 -6.81
C PHE D 231 12.22 51.08 -7.98
N GLU D 232 11.72 51.22 -9.19
CA GLU D 232 12.51 50.86 -10.41
C GLU D 232 13.79 51.71 -10.49
N GLU D 233 13.69 52.98 -10.11
CA GLU D 233 14.84 53.92 -10.14
C GLU D 233 15.92 53.45 -9.15
N ILE D 234 15.53 52.95 -7.96
CA ILE D 234 16.51 52.49 -6.92
C ILE D 234 16.95 51.05 -7.21
N LYS D 235 16.21 50.37 -8.06
CA LYS D 235 16.49 48.93 -8.39
C LYS D 235 17.99 48.69 -8.66
N PRO D 236 18.62 49.40 -9.61
CA PRO D 236 20.04 49.16 -9.91
C PRO D 236 21.00 49.32 -8.72
N LEU D 237 20.84 50.40 -7.95
CA LEU D 237 21.68 50.62 -6.74
C LEU D 237 21.51 49.45 -5.78
N TYR D 238 20.26 49.03 -5.50
CA TYR D 238 20.00 47.87 -4.62
C TYR D 238 20.69 46.62 -5.18
N GLU D 239 20.64 46.44 -6.50
CA GLU D 239 21.25 45.25 -7.17
C GLU D 239 22.75 45.17 -6.83
N HIS D 240 23.46 46.28 -6.96
CA HIS D 240 24.89 46.35 -6.62
C HIS D 240 25.08 46.12 -5.12
N LEU D 241 24.26 46.75 -4.27
CA LEU D 241 24.30 46.54 -2.80
C LEU D 241 24.11 45.02 -2.51
N HIS D 242 23.09 44.39 -3.10
CA HIS D 242 22.84 42.95 -2.91
C HIS D 242 24.11 42.16 -3.33
N ALA D 243 24.63 42.43 -4.52
CA ALA D 243 25.81 41.70 -5.09
C ALA D 243 27.00 41.82 -4.12
N TYR D 244 27.30 43.02 -3.68
CA TYR D 244 28.41 43.24 -2.70
C TYR D 244 28.15 42.46 -1.41
N VAL D 245 26.96 42.65 -0.83
CA VAL D 245 26.61 41.99 0.48
C VAL D 245 26.66 40.46 0.26
N ARG D 246 26.16 39.99 -0.89
CA ARG D 246 26.10 38.56 -1.25
C ARG D 246 27.51 37.98 -1.12
N ALA D 247 28.47 38.62 -1.77
CA ALA D 247 29.90 38.21 -1.70
C ALA D 247 30.38 38.10 -0.23
N LYS D 248 30.12 39.14 0.55
CA LYS D 248 30.49 39.17 2.00
C LYS D 248 29.72 38.06 2.77
N LEU D 249 28.43 37.90 2.52
CA LEU D 249 27.62 36.85 3.16
C LEU D 249 28.24 35.48 2.84
N MET D 250 28.69 35.31 1.59
CA MET D 250 29.36 34.05 1.14
C MET D 250 30.59 33.79 2.01
N ASN D 251 31.38 34.82 2.27
CA ASN D 251 32.62 34.71 3.10
C ASN D 251 32.21 34.39 4.55
N ALA D 252 31.26 35.14 5.11
CA ALA D 252 30.75 34.91 6.50
C ALA D 252 30.09 33.52 6.61
N TYR D 253 29.41 33.05 5.55
CA TYR D 253 28.63 31.79 5.55
C TYR D 253 29.03 30.98 4.31
N PRO D 254 30.21 30.29 4.34
CA PRO D 254 30.69 29.52 3.19
C PRO D 254 29.79 28.31 2.92
N SER D 255 29.64 27.96 1.64
CA SER D 255 28.69 26.92 1.17
C SER D 255 27.26 27.19 1.67
N TYR D 256 26.85 28.44 1.88
CA TYR D 256 25.47 28.80 2.29
C TYR D 256 24.87 29.83 1.34
N ILE D 257 25.66 30.60 0.60
CA ILE D 257 25.17 31.62 -0.36
C ILE D 257 25.76 31.29 -1.72
N SER D 258 24.93 31.19 -2.75
CA SER D 258 25.40 31.06 -4.16
C SER D 258 25.66 32.47 -4.73
N PRO D 259 26.76 32.68 -5.49
CA PRO D 259 27.08 34.00 -6.05
C PRO D 259 26.10 34.51 -7.12
N ILE D 260 25.23 33.64 -7.61
CA ILE D 260 24.21 34.01 -8.63
C ILE D 260 22.80 33.88 -8.06
N GLY D 261 22.63 33.32 -6.85
CA GLY D 261 21.31 33.09 -6.25
C GLY D 261 20.90 34.27 -5.36
N CYS D 262 19.76 34.12 -4.69
CA CYS D 262 19.25 35.10 -3.70
C CYS D 262 20.07 35.02 -2.39
N LEU D 263 19.55 35.57 -1.29
CA LEU D 263 20.22 35.56 0.04
C LEU D 263 19.31 34.82 1.01
N PRO D 264 19.83 33.80 1.73
CA PRO D 264 19.06 33.14 2.78
C PRO D 264 18.49 34.21 3.74
N ALA D 265 17.17 34.11 4.02
CA ALA D 265 16.41 35.11 4.80
C ALA D 265 16.96 35.17 6.25
N HIS D 266 17.47 34.04 6.81
CA HIS D 266 17.98 33.95 8.20
C HIS D 266 19.41 34.52 8.36
N LEU D 267 20.00 35.10 7.32
CA LEU D 267 21.39 35.65 7.38
C LEU D 267 21.39 37.14 7.07
N LEU D 268 20.24 37.84 7.17
CA LEU D 268 20.14 39.25 6.72
C LEU D 268 20.41 40.21 7.87
N GLY D 269 20.85 39.70 9.03
CA GLY D 269 21.20 40.51 10.20
C GLY D 269 20.06 40.79 11.18
N ASP D 270 18.84 40.37 10.87
CA ASP D 270 17.68 40.52 11.80
C ASP D 270 16.64 39.43 11.49
N MET D 271 15.57 39.38 12.29
CA MET D 271 14.59 38.29 12.19
C MET D 271 13.89 38.30 10.83
N TRP D 272 13.50 39.46 10.34
CA TRP D 272 12.77 39.62 9.07
C TRP D 272 13.68 40.13 7.96
N GLY D 273 14.96 40.42 8.22
CA GLY D 273 15.85 41.02 7.21
C GLY D 273 15.36 42.42 6.78
N ARG D 274 14.60 43.14 7.59
CA ARG D 274 14.13 44.50 7.26
C ARG D 274 15.33 45.43 7.04
N PHE D 275 16.31 45.47 7.94
CA PHE D 275 17.55 46.30 7.75
C PHE D 275 18.76 45.37 7.57
N TRP D 276 19.81 45.80 6.85
CA TRP D 276 21.07 45.00 6.67
C TRP D 276 22.17 45.55 7.59
N THR D 277 21.78 46.36 8.60
CA THR D 277 22.75 47.14 9.43
C THR D 277 23.76 46.21 10.14
N ASN D 278 23.25 45.14 10.70
CA ASN D 278 24.06 44.12 11.41
C ASN D 278 25.10 43.49 10.46
N LEU D 279 24.73 43.35 9.18
CA LEU D 279 25.66 42.81 8.14
C LEU D 279 26.86 43.75 7.98
N TYR D 280 26.73 45.03 8.38
CA TYR D 280 27.86 46.00 8.29
C TYR D 280 29.16 45.44 8.86
N SER D 281 29.04 44.75 10.01
CA SER D 281 30.18 44.06 10.66
C SER D 281 30.96 43.20 9.66
N LEU D 282 30.28 42.43 8.80
CA LEU D 282 30.89 41.52 7.83
C LEU D 282 30.97 42.17 6.45
N THR D 283 30.30 43.31 6.23
CA THR D 283 30.28 43.93 4.88
C THR D 283 31.02 45.28 4.89
N VAL D 284 31.78 45.57 5.93
CA VAL D 284 32.47 46.89 6.08
C VAL D 284 33.35 47.10 4.83
N PRO D 285 33.20 48.22 4.09
CA PRO D 285 34.00 48.49 2.87
C PRO D 285 35.50 48.54 3.20
N PHE D 286 35.87 49.15 4.31
CA PHE D 286 37.30 49.34 4.72
C PHE D 286 37.45 49.10 6.21
N GLY D 287 37.63 47.84 6.61
CA GLY D 287 37.77 47.43 8.02
C GLY D 287 38.73 48.31 8.79
N GLN D 288 39.91 48.57 8.22
CA GLN D 288 40.96 49.47 8.79
C GLN D 288 40.38 50.85 9.10
N LYS D 289 39.47 51.37 8.26
CA LYS D 289 38.84 52.71 8.47
C LYS D 289 37.68 52.56 9.45
N PRO D 290 37.75 53.18 10.66
CA PRO D 290 36.63 53.19 11.60
C PRO D 290 35.66 54.34 11.26
N ASN D 291 34.67 54.56 12.13
CA ASN D 291 33.65 55.63 11.97
C ASN D 291 33.84 56.65 13.09
N ILE D 292 33.54 57.92 12.79
CA ILE D 292 33.71 59.05 13.74
C ILE D 292 32.83 58.75 14.96
N ASP D 293 33.42 58.66 16.15
CA ASP D 293 32.68 58.44 17.41
C ASP D 293 33.08 59.52 18.41
N VAL D 294 32.27 60.58 18.50
CA VAL D 294 32.53 61.72 19.43
C VAL D 294 32.05 61.37 20.84
N THR D 295 31.45 60.18 21.06
CA THR D 295 30.98 59.74 22.38
C THR D 295 32.09 59.87 23.45
N ASP D 296 33.36 59.89 23.02
CA ASP D 296 34.53 60.02 23.92
C ASP D 296 34.89 61.48 24.10
N ALA D 297 35.03 62.24 23.01
CA ALA D 297 35.33 63.70 23.06
C ALA D 297 34.27 64.41 23.91
N MET D 298 32.99 64.05 23.73
CA MET D 298 31.84 64.59 24.52
C MET D 298 32.15 64.44 26.02
N VAL D 299 32.48 63.24 26.46
CA VAL D 299 32.81 62.92 27.88
C VAL D 299 34.04 63.73 28.27
N ASP D 300 35.06 63.81 27.41
CA ASP D 300 36.30 64.59 27.66
C ASP D 300 35.97 66.07 27.87
N GLN D 301 35.00 66.59 27.11
CA GLN D 301 34.53 68.01 27.25
C GLN D 301 33.42 68.09 28.30
N ALA D 302 33.18 67.04 29.10
CA ALA D 302 32.13 66.97 30.13
C ALA D 302 30.77 67.32 29.52
N TRP D 303 30.48 66.80 28.34
CA TRP D 303 29.15 66.94 27.66
C TRP D 303 28.08 66.23 28.52
N ASP D 304 26.84 66.67 28.39
CA ASP D 304 25.68 66.11 29.12
C ASP D 304 24.47 66.08 28.21
N ALA D 305 23.52 65.18 28.48
CA ALA D 305 22.22 65.13 27.76
C ALA D 305 21.66 66.56 27.58
N GLN D 306 21.63 67.35 28.65
CA GLN D 306 21.23 68.78 28.58
C GLN D 306 22.13 69.53 27.58
N ARG D 307 23.46 69.34 27.68
CA ARG D 307 24.43 69.97 26.75
C ARG D 307 24.04 69.65 25.30
N ILE D 308 23.86 68.37 24.98
CA ILE D 308 23.60 67.90 23.59
C ILE D 308 22.27 68.51 23.15
N PHE D 309 21.28 68.59 24.05
CA PHE D 309 19.96 69.21 23.75
C PHE D 309 20.13 70.69 23.40
N LYS D 310 20.93 71.40 24.20
CA LYS D 310 21.25 72.83 23.92
C LYS D 310 21.91 72.92 22.55
N GLU D 311 22.84 72.02 22.26
CA GLU D 311 23.53 71.97 20.95
C GLU D 311 22.50 71.77 19.83
N ALA D 312 21.55 70.83 20.02
CA ALA D 312 20.44 70.61 19.07
C ALA D 312 19.69 71.95 18.90
N GLU D 313 19.30 72.59 20.01
CA GLU D 313 18.59 73.90 19.99
C GLU D 313 19.40 74.90 19.16
N LYS D 314 20.71 75.02 19.44
CA LYS D 314 21.61 75.96 18.71
C LYS D 314 21.64 75.61 17.21
N PHE D 315 21.69 74.31 16.88
CA PHE D 315 21.64 73.84 15.47
C PHE D 315 20.44 74.46 14.75
N PHE D 316 19.27 74.36 15.36
CA PHE D 316 18.00 74.90 14.78
C PHE D 316 18.09 76.42 14.63
N VAL D 317 18.59 77.09 15.66
CA VAL D 317 18.72 78.58 15.64
C VAL D 317 19.70 78.97 14.54
N SER D 318 20.76 78.18 14.33
CA SER D 318 21.74 78.41 13.24
C SER D 318 21.03 78.45 11.87
N VAL D 319 20.01 77.61 11.68
CA VAL D 319 19.22 77.58 10.42
C VAL D 319 17.96 78.45 10.57
N GLY D 320 17.85 79.24 11.65
CA GLY D 320 16.73 80.17 11.88
C GLY D 320 15.60 79.55 12.68
N LEU D 321 15.43 78.22 12.65
CA LEU D 321 14.38 77.54 13.45
C LEU D 321 14.47 78.02 14.91
N PRO D 322 13.34 78.36 15.57
CA PRO D 322 13.38 79.00 16.89
C PRO D 322 13.98 78.15 18.03
N ASN D 323 14.41 78.80 19.11
CA ASN D 323 14.98 78.12 20.30
C ASN D 323 13.85 77.34 20.99
N MET D 324 14.16 76.25 21.66
CA MET D 324 13.20 75.45 22.47
C MET D 324 12.52 76.38 23.48
N THR D 325 11.19 76.30 23.56
CA THR D 325 10.37 77.08 24.54
C THR D 325 10.94 76.86 25.94
N GLN D 326 11.17 77.94 26.68
CA GLN D 326 11.69 77.88 28.08
C GLN D 326 10.88 76.85 28.89
N GLY D 327 9.55 76.90 28.76
CA GLY D 327 8.63 75.92 29.38
C GLY D 327 9.03 74.49 29.09
N PHE D 328 9.39 74.19 27.84
CA PHE D 328 9.87 72.84 27.40
C PHE D 328 11.04 72.45 28.31
N TRP D 329 12.04 73.33 28.44
CA TRP D 329 13.25 73.08 29.28
C TRP D 329 12.78 72.77 30.71
N GLU D 330 11.78 73.51 31.19
CA GLU D 330 11.21 73.32 32.56
C GLU D 330 10.57 71.93 32.68
N ASN D 331 9.86 71.44 31.67
CA ASN D 331 9.11 70.15 31.74
C ASN D 331 9.55 69.22 30.61
N SER D 332 10.75 68.64 30.68
CA SER D 332 11.24 67.68 29.65
C SER D 332 12.15 66.64 30.29
N MET D 333 11.83 65.34 30.22
CA MET D 333 12.71 64.26 30.71
C MET D 333 13.87 64.13 29.71
N LEU D 334 14.99 64.78 30.01
CA LEU D 334 16.18 64.81 29.11
C LEU D 334 17.26 63.90 29.68
N THR D 335 16.94 62.93 30.52
CA THR D 335 17.94 61.96 31.10
C THR D 335 17.20 60.85 31.85
N ASP D 336 17.94 59.86 32.37
CA ASP D 336 17.35 58.75 33.15
C ASP D 336 16.91 59.26 34.52
N PRO D 337 15.68 58.94 35.00
CA PRO D 337 15.26 59.31 36.35
C PRO D 337 16.19 58.69 37.40
N GLY D 338 16.51 57.40 37.25
CA GLY D 338 17.42 56.66 38.15
C GLY D 338 17.22 57.01 39.62
N ASN D 339 15.97 56.97 40.08
CA ASN D 339 15.57 57.27 41.48
C ASN D 339 14.52 56.24 41.93
N VAL D 340 13.90 56.46 43.09
CA VAL D 340 12.77 55.63 43.59
C VAL D 340 11.75 55.42 42.45
N GLN D 341 11.49 56.46 41.66
CA GLN D 341 10.56 56.40 40.50
C GLN D 341 11.35 56.12 39.21
N LYS D 342 10.70 55.47 38.24
CA LYS D 342 11.27 55.17 36.90
C LYS D 342 10.42 55.90 35.85
N ALA D 343 10.96 56.05 34.65
CA ALA D 343 10.29 56.71 33.51
C ALA D 343 10.67 56.02 32.21
N VAL D 344 9.78 56.04 31.21
CA VAL D 344 10.05 55.46 29.85
C VAL D 344 11.25 56.21 29.27
N CYS D 345 12.24 55.50 28.75
CA CYS D 345 13.50 56.11 28.23
C CYS D 345 13.40 56.34 26.73
N HIS D 346 12.40 55.77 26.05
CA HIS D 346 12.21 55.91 24.59
C HIS D 346 12.17 57.40 24.22
N PRO D 347 13.06 57.89 23.32
CA PRO D 347 13.01 59.27 22.84
C PRO D 347 11.60 59.61 22.33
N THR D 348 11.01 60.67 22.85
CA THR D 348 9.64 61.10 22.48
C THR D 348 9.54 62.63 22.52
N ALA D 349 9.18 63.25 21.39
CA ALA D 349 8.94 64.71 21.31
C ALA D 349 7.48 64.96 21.69
N TRP D 350 7.19 65.04 22.97
CA TRP D 350 5.80 65.27 23.48
C TRP D 350 5.27 66.64 23.05
N ASP D 351 4.00 66.68 22.62
CA ASP D 351 3.26 67.94 22.32
C ASP D 351 1.94 67.89 23.07
N LEU D 352 1.97 68.22 24.35
CA LEU D 352 0.74 68.20 25.21
C LEU D 352 -0.34 69.13 24.65
N GLY D 353 0.02 70.10 23.82
CA GLY D 353 -0.91 71.02 23.15
C GLY D 353 -1.17 72.23 24.01
N LYS D 354 -2.05 73.14 23.57
CA LYS D 354 -2.30 74.44 24.25
C LYS D 354 -0.93 75.11 24.57
N GLY D 355 -0.06 75.15 23.57
CA GLY D 355 1.32 75.68 23.64
C GLY D 355 2.23 74.93 24.58
N ASP D 356 2.09 73.61 24.73
CA ASP D 356 2.90 72.79 25.64
C ASP D 356 3.72 71.79 24.80
N PHE D 357 5.04 71.92 24.85
CA PHE D 357 6.01 71.05 24.12
C PHE D 357 7.01 70.46 25.08
N ARG D 358 7.26 69.15 25.01
CA ARG D 358 8.15 68.45 25.97
C ARG D 358 8.88 67.32 25.26
N ILE D 359 9.94 66.79 25.89
CA ILE D 359 10.72 65.64 25.34
C ILE D 359 11.01 64.68 26.48
N LEU D 360 10.58 63.41 26.36
CA LEU D 360 10.86 62.37 27.37
C LEU D 360 11.88 61.38 26.80
N MET D 361 13.03 61.25 27.46
CA MET D 361 14.04 60.21 27.10
C MET D 361 15.18 60.14 28.13
N CYS D 362 15.71 58.94 28.40
CA CYS D 362 16.85 58.75 29.31
C CYS D 362 18.15 58.92 28.52
N THR D 363 18.40 60.11 28.01
CA THR D 363 19.57 60.35 27.10
C THR D 363 20.84 60.40 27.94
N LYS D 364 21.98 60.06 27.34
CA LYS D 364 23.32 60.04 27.97
C LYS D 364 24.28 60.89 27.15
N VAL D 365 25.55 60.98 27.58
CA VAL D 365 26.62 61.71 26.84
C VAL D 365 27.16 60.74 25.79
N THR D 366 26.40 60.55 24.70
CA THR D 366 26.78 59.63 23.57
C THR D 366 26.53 60.32 22.24
N MET D 367 27.38 60.11 21.26
CA MET D 367 27.24 60.69 19.90
C MET D 367 25.83 60.39 19.36
N ASP D 368 25.38 59.14 19.51
CA ASP D 368 24.00 58.71 19.14
C ASP D 368 22.98 59.59 19.87
N ASP D 369 23.11 59.75 21.18
CA ASP D 369 22.18 60.60 21.97
C ASP D 369 22.24 62.03 21.45
N PHE D 370 23.43 62.53 21.11
CA PHE D 370 23.63 63.88 20.54
C PHE D 370 22.76 64.01 19.28
N LEU D 371 22.89 63.06 18.36
CA LEU D 371 22.12 63.03 17.08
C LEU D 371 20.64 62.85 17.36
N THR D 372 20.30 61.96 18.31
CA THR D 372 18.91 61.75 18.75
C THR D 372 18.29 63.06 19.27
N ALA D 373 19.06 63.86 20.01
CA ALA D 373 18.61 65.19 20.51
C ALA D 373 18.16 66.02 19.31
N HIS D 374 18.98 66.11 18.27
CA HIS D 374 18.68 66.90 17.04
C HIS D 374 17.38 66.32 16.43
N HIS D 375 17.31 64.99 16.33
CA HIS D 375 16.15 64.29 15.72
C HIS D 375 14.85 64.64 16.49
N GLU D 376 14.87 64.43 17.80
CA GLU D 376 13.67 64.65 18.65
C GLU D 376 13.30 66.14 18.61
N MET D 377 14.27 67.02 18.80
CA MET D 377 13.99 68.48 18.82
C MET D 377 13.52 68.94 17.43
N GLY D 378 13.99 68.30 16.36
CA GLY D 378 13.48 68.57 15.00
C GLY D 378 11.97 68.33 14.92
N HIS D 379 11.48 67.23 15.52
CA HIS D 379 10.03 66.93 15.59
C HIS D 379 9.33 68.07 16.35
N ILE D 380 9.88 68.47 17.49
CA ILE D 380 9.34 69.60 18.30
C ILE D 380 9.25 70.85 17.42
N GLN D 381 10.27 71.13 16.63
CA GLN D 381 10.28 72.28 15.68
C GLN D 381 9.03 72.20 14.79
N TYR D 382 8.79 71.04 14.17
CA TYR D 382 7.61 70.81 13.29
C TYR D 382 6.32 71.04 14.11
N ASP D 383 6.26 70.44 15.29
CA ASP D 383 5.08 70.58 16.19
C ASP D 383 4.82 72.07 16.47
N MET D 384 5.85 72.78 16.90
CA MET D 384 5.75 74.23 17.23
C MET D 384 5.32 75.01 15.99
N ALA D 385 5.86 74.68 14.82
CA ALA D 385 5.58 75.41 13.55
C ALA D 385 4.09 75.32 13.21
N TYR D 386 3.51 74.12 13.25
CA TYR D 386 2.06 73.94 12.88
C TYR D 386 1.19 74.07 14.13
N ALA D 387 1.75 74.48 15.28
CA ALA D 387 0.99 74.67 16.55
C ALA D 387 -0.12 75.72 16.39
N ALA D 388 0.09 76.75 15.57
CA ALA D 388 -0.92 77.79 15.30
C ALA D 388 -2.09 77.26 14.44
N GLN D 389 -1.92 76.13 13.74
CA GLN D 389 -2.95 75.58 12.81
C GLN D 389 -4.17 75.15 13.62
N PRO D 390 -5.37 74.96 13.00
CA PRO D 390 -6.52 74.40 13.73
C PRO D 390 -6.16 73.07 14.41
N PHE D 391 -6.74 72.78 15.57
CA PHE D 391 -6.54 71.51 16.32
C PHE D 391 -6.42 70.29 15.36
N LEU D 392 -7.29 70.18 14.35
CA LEU D 392 -7.31 69.04 13.42
C LEU D 392 -6.30 69.21 12.28
N LEU D 393 -5.72 70.40 12.11
CA LEU D 393 -4.71 70.67 11.07
C LEU D 393 -3.31 70.79 11.69
N ARG D 394 -3.13 70.44 12.96
CA ARG D 394 -1.81 70.44 13.64
C ARG D 394 -1.21 69.04 13.49
N ASN D 395 -0.59 68.75 12.34
CA ASN D 395 0.08 67.45 12.07
C ASN D 395 0.92 67.57 10.78
N GLY D 396 1.84 66.63 10.56
CA GLY D 396 2.65 66.58 9.33
C GLY D 396 1.78 66.49 8.07
N ALA D 397 2.18 67.16 6.99
CA ALA D 397 1.40 67.16 5.72
C ALA D 397 0.89 65.74 5.38
N ASN D 398 1.75 64.72 5.40
CA ASN D 398 1.35 63.30 5.27
C ASN D 398 2.06 62.50 6.38
N GLU D 399 1.78 61.20 6.45
CA GLU D 399 2.42 60.29 7.44
C GLU D 399 3.97 60.26 7.34
N GLY D 400 4.57 60.48 6.16
CA GLY D 400 6.02 60.37 5.96
C GLY D 400 6.71 61.71 6.03
N PHE D 401 5.98 62.79 6.42
CA PHE D 401 6.53 64.16 6.45
C PHE D 401 7.25 64.35 7.81
N HIS D 402 6.58 64.06 8.93
CA HIS D 402 7.12 64.41 10.29
C HIS D 402 8.43 63.67 10.56
N GLU D 403 8.45 62.35 10.37
CA GLU D 403 9.68 61.51 10.57
C GLU D 403 10.82 61.96 9.67
N ALA D 404 10.55 62.27 8.39
CA ALA D 404 11.57 62.77 7.43
C ALA D 404 12.24 64.02 8.00
N VAL D 405 11.45 64.92 8.59
CA VAL D 405 11.98 66.21 9.15
C VAL D 405 13.01 65.85 10.24
N GLY D 406 12.60 64.98 11.17
CA GLY D 406 13.49 64.48 12.24
C GLY D 406 14.79 63.91 11.69
N GLU D 407 14.67 63.11 10.64
CA GLU D 407 15.83 62.41 9.99
C GLU D 407 16.85 63.43 9.47
N ILE D 408 16.42 64.42 8.68
CA ILE D 408 17.37 65.42 8.11
C ILE D 408 18.10 66.18 9.24
N MET D 409 17.40 66.44 10.35
CA MET D 409 18.00 67.17 11.51
C MET D 409 19.21 66.36 12.02
N SER D 410 18.98 65.09 12.33
CA SER D 410 20.03 64.18 12.86
C SER D 410 21.16 64.07 11.82
N LEU D 411 20.80 63.96 10.55
CA LEU D 411 21.78 63.85 9.43
C LEU D 411 22.76 65.03 9.43
N SER D 412 22.21 66.26 9.47
CA SER D 412 23.02 67.52 9.45
C SER D 412 23.94 67.55 10.67
N ALA D 413 23.46 67.13 11.84
CA ALA D 413 24.25 67.10 13.10
C ALA D 413 25.35 66.03 12.98
N ALA D 414 25.04 64.89 12.37
CA ALA D 414 25.98 63.76 12.20
C ALA D 414 27.17 64.18 11.33
N THR D 415 26.97 65.14 10.42
CA THR D 415 28.01 65.59 9.47
C THR D 415 29.30 65.89 10.26
N PRO D 416 30.48 65.38 9.84
CA PRO D 416 31.74 65.63 10.55
C PRO D 416 31.99 67.13 10.73
N LYS D 417 31.70 67.93 9.70
CA LYS D 417 31.79 69.42 9.76
C LYS D 417 31.07 69.94 11.02
N HIS D 418 29.82 69.54 11.24
CA HIS D 418 29.01 69.98 12.42
C HIS D 418 29.79 69.61 13.69
N LEU D 419 30.22 68.36 13.80
CA LEU D 419 30.94 67.84 15.01
C LEU D 419 32.24 68.64 15.16
N LYS D 420 32.94 68.86 14.06
CA LYS D 420 34.23 69.58 14.06
C LYS D 420 34.04 71.00 14.55
N SER D 421 33.02 71.69 14.05
CA SER D 421 32.72 73.10 14.44
C SER D 421 32.24 73.15 15.89
N ILE D 422 31.45 72.15 16.31
CA ILE D 422 30.93 72.10 17.70
C ILE D 422 32.05 71.63 18.64
N GLY D 423 33.21 71.23 18.13
CA GLY D 423 34.37 70.79 18.92
C GLY D 423 34.35 69.29 19.17
N LEU D 424 33.22 68.60 18.96
CA LEU D 424 33.13 67.11 19.07
C LEU D 424 34.14 66.41 18.16
N LEU D 425 34.40 66.96 16.98
CA LEU D 425 35.41 66.42 16.04
C LEU D 425 36.61 67.37 16.00
N SER D 426 37.83 66.82 15.98
CA SER D 426 39.09 67.61 15.94
C SER D 426 39.08 68.45 14.67
N PRO D 427 39.44 69.77 14.72
CA PRO D 427 39.61 70.58 13.51
C PRO D 427 40.61 69.98 12.52
N ASP D 428 41.65 69.33 13.07
CA ASP D 428 42.72 68.66 12.26
C ASP D 428 42.18 67.37 11.64
N PHE D 429 40.97 66.91 11.97
CA PHE D 429 40.42 65.63 11.48
C PHE D 429 40.45 65.59 9.95
N GLN D 430 40.81 64.45 9.36
CA GLN D 430 40.82 64.25 7.89
C GLN D 430 39.89 63.08 7.56
N GLU D 431 38.84 63.35 6.79
CA GLU D 431 37.81 62.34 6.41
C GLU D 431 38.33 61.67 5.14
N ASP D 432 38.92 60.48 5.26
CA ASP D 432 39.41 59.70 4.09
C ASP D 432 38.20 59.25 3.26
N ASN D 433 38.35 59.23 1.94
CA ASN D 433 37.30 58.71 1.02
C ASN D 433 36.88 57.29 1.45
N GLU D 434 37.82 56.47 1.88
CA GLU D 434 37.56 55.08 2.39
C GLU D 434 36.61 55.14 3.60
N THR D 435 36.88 56.04 4.54
CA THR D 435 36.00 56.24 5.74
C THR D 435 34.61 56.69 5.23
N GLU D 436 34.57 57.54 4.21
CA GLU D 436 33.31 58.06 3.64
C GLU D 436 32.56 56.89 2.97
N ILE D 437 33.25 56.05 2.21
CA ILE D 437 32.62 54.82 1.64
C ILE D 437 32.09 53.96 2.80
N ASN D 438 32.84 53.84 3.87
CA ASN D 438 32.39 53.10 5.08
C ASN D 438 31.06 53.66 5.58
N PHE D 439 31.01 54.98 5.80
CA PHE D 439 29.79 55.72 6.26
C PHE D 439 28.65 55.42 5.30
N LEU D 440 28.90 55.63 4.01
CA LEU D 440 27.83 55.50 3.00
C LEU D 440 27.28 54.08 2.97
N LEU D 441 28.14 53.07 3.02
CA LEU D 441 27.69 51.67 2.96
C LEU D 441 26.82 51.36 4.19
N LYS D 442 27.27 51.79 5.37
CA LYS D 442 26.50 51.59 6.64
C LYS D 442 25.10 52.18 6.48
N GLN D 443 25.00 53.40 5.98
CA GLN D 443 23.70 54.06 5.68
C GLN D 443 22.89 53.29 4.63
N ALA D 444 23.52 52.81 3.57
CA ALA D 444 22.84 52.02 2.52
C ALA D 444 22.23 50.76 3.13
N LEU D 445 22.97 50.12 4.07
CA LEU D 445 22.47 48.93 4.78
C LEU D 445 21.18 49.23 5.54
N THR D 446 21.08 50.42 6.11
CA THR D 446 19.86 50.85 6.84
C THR D 446 18.78 51.40 5.88
N ILE D 447 19.15 52.00 4.76
CA ILE D 447 18.17 52.72 3.87
C ILE D 447 17.83 51.90 2.63
N VAL D 448 18.79 51.76 1.74
CA VAL D 448 18.57 51.05 0.43
C VAL D 448 18.13 49.61 0.77
N GLY D 449 18.63 49.07 1.88
CA GLY D 449 18.27 47.73 2.37
C GLY D 449 16.80 47.59 2.69
N THR D 450 16.21 48.58 3.32
CA THR D 450 14.78 48.47 3.75
C THR D 450 13.83 48.82 2.60
N LEU D 451 14.27 49.53 1.56
CA LEU D 451 13.37 49.95 0.45
C LEU D 451 12.68 48.75 -0.22
N PRO D 452 13.37 47.70 -0.74
CA PRO D 452 12.71 46.54 -1.32
C PRO D 452 11.81 45.82 -0.29
N PHE D 453 12.31 45.59 0.93
CA PHE D 453 11.51 44.92 1.99
C PHE D 453 10.19 45.70 2.13
N THR D 454 10.27 47.01 2.37
CA THR D 454 9.07 47.85 2.62
C THR D 454 8.13 47.78 1.40
N TYR D 455 8.68 47.99 0.20
CA TYR D 455 7.89 47.95 -1.06
C TYR D 455 7.18 46.60 -1.15
N MET D 456 7.90 45.51 -1.06
CA MET D 456 7.33 44.18 -1.27
C MET D 456 6.25 43.89 -0.18
N LEU D 457 6.48 44.23 1.07
CA LEU D 457 5.49 43.99 2.12
C LEU D 457 4.17 44.75 1.81
N GLU D 458 4.25 46.04 1.54
CA GLU D 458 3.02 46.83 1.24
C GLU D 458 2.34 46.30 -0.01
N LYS D 459 3.11 45.98 -1.07
CA LYS D 459 2.55 45.39 -2.31
C LYS D 459 1.75 44.13 -1.97
N TRP D 460 2.35 43.22 -1.19
CA TRP D 460 1.69 41.96 -0.78
C TRP D 460 0.39 42.24 -0.01
N ARG D 461 0.44 43.12 0.97
CA ARG D 461 -0.72 43.43 1.83
C ARG D 461 -1.81 44.06 0.96
N TRP D 462 -1.43 45.04 0.13
CA TRP D 462 -2.38 45.72 -0.78
C TRP D 462 -3.11 44.69 -1.65
N MET D 463 -2.36 43.80 -2.28
CA MET D 463 -2.93 42.73 -3.12
C MET D 463 -3.85 41.81 -2.30
N VAL D 464 -3.41 41.42 -1.10
CA VAL D 464 -4.19 40.54 -0.18
C VAL D 464 -5.51 41.25 0.15
N PHE D 465 -5.47 42.51 0.55
CA PHE D 465 -6.70 43.25 0.98
C PHE D 465 -7.64 43.38 -0.23
N LYS D 466 -7.11 43.65 -1.42
CA LYS D 466 -7.96 43.81 -2.62
C LYS D 466 -8.31 42.45 -3.24
N GLY D 467 -7.82 41.34 -2.72
CA GLY D 467 -8.15 39.99 -3.20
C GLY D 467 -7.34 39.56 -4.43
N GLU D 468 -6.38 40.37 -4.92
CA GLU D 468 -5.40 39.94 -5.96
C GLU D 468 -4.78 38.59 -5.54
N ILE D 469 -4.36 38.43 -4.28
CA ILE D 469 -3.69 37.17 -3.81
C ILE D 469 -4.77 36.36 -3.08
N PRO D 470 -5.21 35.20 -3.63
CA PRO D 470 -6.10 34.28 -2.90
C PRO D 470 -5.42 33.71 -1.65
N LYS D 471 -6.19 33.41 -0.60
CA LYS D 471 -5.65 32.86 0.68
C LYS D 471 -4.81 31.61 0.41
N ASP D 472 -5.23 30.75 -0.49
CA ASP D 472 -4.48 29.53 -0.88
C ASP D 472 -3.13 29.86 -1.53
N GLN D 473 -2.87 31.10 -1.93
CA GLN D 473 -1.58 31.51 -2.56
C GLN D 473 -0.86 32.58 -1.73
N TRP D 474 -1.28 32.87 -0.48
CA TRP D 474 -0.69 33.97 0.35
C TRP D 474 0.82 33.75 0.53
N MET D 475 1.19 32.62 1.11
CA MET D 475 2.59 32.24 1.33
C MET D 475 3.31 32.03 0.02
N LYS D 476 2.61 31.45 -0.94
CA LYS D 476 3.17 31.20 -2.30
C LYS D 476 3.68 32.53 -2.89
N LYS D 477 2.80 33.51 -2.96
CA LYS D 477 3.17 34.79 -3.60
C LYS D 477 4.14 35.56 -2.69
N TRP D 478 3.97 35.46 -1.37
CA TRP D 478 4.91 36.10 -0.43
C TRP D 478 6.37 35.75 -0.82
N TRP D 479 6.68 34.46 -0.91
CA TRP D 479 8.07 34.03 -1.18
C TRP D 479 8.46 34.24 -2.65
N GLU D 480 7.52 34.18 -3.59
CA GLU D 480 7.80 34.56 -4.99
C GLU D 480 8.26 36.02 -5.03
N MET D 481 7.51 36.90 -4.38
CA MET D 481 7.84 38.36 -4.38
C MET D 481 9.19 38.58 -3.66
N LYS D 482 9.42 37.84 -2.58
CA LYS D 482 10.67 37.96 -1.81
C LYS D 482 11.87 37.59 -2.68
N ARG D 483 11.71 36.52 -3.46
CA ARG D 483 12.81 36.03 -4.32
C ARG D 483 13.05 37.04 -5.44
N GLU D 484 12.00 37.67 -5.95
CA GLU D 484 12.11 38.58 -7.14
C GLU D 484 12.46 40.00 -6.72
N ILE D 485 11.58 40.67 -5.99
CA ILE D 485 11.75 42.11 -5.63
C ILE D 485 12.98 42.26 -4.73
N VAL D 486 13.07 41.46 -3.68
CA VAL D 486 14.06 41.69 -2.58
C VAL D 486 15.27 40.84 -2.87
N GLY D 487 15.13 39.82 -3.72
CA GLY D 487 16.30 38.92 -3.91
C GLY D 487 16.64 38.15 -2.64
N VAL D 488 15.64 37.69 -1.91
CA VAL D 488 15.88 36.93 -0.65
C VAL D 488 15.15 35.60 -0.76
N VAL D 489 15.81 34.52 -0.38
CA VAL D 489 15.23 33.14 -0.53
C VAL D 489 15.01 32.57 0.88
N GLU D 490 13.90 31.88 1.10
CA GLU D 490 13.53 31.22 2.38
C GLU D 490 14.50 30.06 2.59
N PRO D 491 15.13 29.93 3.79
CA PRO D 491 16.03 28.81 4.06
C PRO D 491 15.26 27.49 4.13
N VAL D 492 13.96 27.54 4.35
CA VAL D 492 13.07 26.34 4.36
C VAL D 492 11.72 26.74 3.75
N PRO D 493 11.12 25.86 2.92
CA PRO D 493 9.81 26.11 2.31
C PRO D 493 8.68 26.24 3.35
N HIS D 494 7.82 27.23 3.18
CA HIS D 494 6.72 27.60 4.10
C HIS D 494 5.42 27.58 3.32
N ASP D 495 4.53 26.62 3.64
CA ASP D 495 3.18 26.54 3.01
C ASP D 495 2.24 27.58 3.64
N GLU D 496 0.98 27.60 3.21
CA GLU D 496 -0.03 28.57 3.71
C GLU D 496 -0.30 28.39 5.23
N THR D 497 -0.01 27.24 5.84
CA THR D 497 -0.05 27.11 7.34
C THR D 497 0.83 28.19 8.01
N TYR D 498 1.92 28.56 7.33
CA TYR D 498 2.78 29.65 7.85
C TYR D 498 2.19 31.01 7.50
N CYS D 499 2.44 32.02 8.33
CA CYS D 499 2.05 33.43 8.05
C CYS D 499 3.24 34.40 8.31
N ASP D 500 4.28 34.22 7.52
CA ASP D 500 5.56 34.98 7.71
C ASP D 500 5.32 36.49 7.80
N PRO D 501 4.55 37.09 6.85
CA PRO D 501 4.21 38.51 6.95
C PRO D 501 3.65 38.84 8.35
N ALA D 502 2.68 38.07 8.83
CA ALA D 502 2.08 38.30 10.17
C ALA D 502 3.13 38.21 11.27
N SER D 503 4.14 37.36 11.10
CA SER D 503 5.29 37.25 12.06
C SER D 503 5.99 38.61 12.25
N LEU D 504 5.88 39.53 11.31
CA LEU D 504 6.38 40.95 11.51
C LEU D 504 5.41 41.73 12.41
N PHE D 505 5.92 42.67 13.19
CA PHE D 505 5.16 43.48 14.19
C PHE D 505 4.02 44.30 13.54
N HIS D 506 4.30 45.07 12.53
CA HIS D 506 3.35 46.07 11.91
C HIS D 506 2.17 45.32 11.31
N VAL D 507 2.46 44.18 10.68
CA VAL D 507 1.40 43.30 10.11
C VAL D 507 0.57 42.77 11.27
N SER D 508 1.19 42.20 12.28
CA SER D 508 0.48 41.56 13.43
C SER D 508 -0.25 42.64 14.23
N ASN D 509 0.26 43.88 14.24
CA ASN D 509 -0.34 45.00 15.04
C ASN D 509 -1.08 45.98 14.15
N ASP D 510 -1.47 45.60 12.94
CA ASP D 510 -2.30 46.44 12.06
C ASP D 510 -1.69 47.86 11.94
N TYR D 511 -0.59 48.00 11.24
CA TYR D 511 0.02 49.32 10.93
C TYR D 511 0.35 49.36 9.44
N SER D 512 0.35 50.57 8.88
CA SER D 512 0.78 50.72 7.46
C SER D 512 2.31 50.73 7.41
N PHE D 513 2.87 50.46 6.24
CA PHE D 513 4.35 50.42 6.05
C PHE D 513 4.79 51.40 4.97
N ILE D 514 3.93 51.76 4.01
CA ILE D 514 4.33 52.61 2.87
C ILE D 514 4.88 53.95 3.42
N ARG D 515 4.43 54.37 4.59
CA ARG D 515 4.95 55.55 5.35
C ARG D 515 6.50 55.54 5.29
N TYR D 516 7.14 54.42 5.62
CA TYR D 516 8.62 54.30 5.71
C TYR D 516 9.24 54.57 4.33
N TYR D 517 8.70 53.90 3.30
CA TYR D 517 9.17 54.09 1.90
C TYR D 517 9.09 55.59 1.55
N THR D 518 7.91 56.17 1.67
CA THR D 518 7.65 57.58 1.23
C THR D 518 8.54 58.49 2.06
N ARG D 519 8.59 58.24 3.38
CA ARG D 519 9.45 59.06 4.29
C ARG D 519 10.89 59.12 3.74
N THR D 520 11.47 57.96 3.40
CA THR D 520 12.86 57.89 2.91
C THR D 520 13.03 58.84 1.72
N LEU D 521 12.15 58.73 0.72
CA LEU D 521 12.20 59.63 -0.44
C LEU D 521 12.12 61.10 0.03
N TYR D 522 11.07 61.43 0.77
CA TYR D 522 10.81 62.81 1.25
C TYR D 522 12.09 63.34 1.93
N GLN D 523 12.64 62.56 2.85
CA GLN D 523 13.81 62.97 3.66
C GLN D 523 14.92 63.45 2.74
N PHE D 524 15.28 62.65 1.77
CA PHE D 524 16.39 62.99 0.84
C PHE D 524 16.02 64.21 -0.03
N GLN D 525 14.80 64.27 -0.52
CA GLN D 525 14.30 65.45 -1.26
C GLN D 525 14.49 66.69 -0.36
N PHE D 526 14.00 66.63 0.88
CA PHE D 526 14.09 67.75 1.85
C PHE D 526 15.57 68.12 2.02
N GLN D 527 16.41 67.15 2.36
CA GLN D 527 17.85 67.39 2.64
C GLN D 527 18.47 68.08 1.42
N GLU D 528 18.28 67.51 0.24
CA GLU D 528 18.86 68.05 -1.00
C GLU D 528 18.37 69.49 -1.23
N ALA D 529 17.08 69.73 -1.12
CA ALA D 529 16.48 71.08 -1.28
C ALA D 529 17.17 72.04 -0.32
N LEU D 530 17.24 71.67 0.96
CA LEU D 530 17.90 72.50 2.00
C LEU D 530 19.37 72.69 1.68
N CYS D 531 20.04 71.66 1.16
CA CYS D 531 21.45 71.76 0.71
C CYS D 531 21.59 72.81 -0.39
N GLN D 532 20.64 72.82 -1.33
CA GLN D 532 20.63 73.79 -2.46
C GLN D 532 20.56 75.19 -1.84
N ALA D 533 19.66 75.41 -0.89
CA ALA D 533 19.53 76.69 -0.14
C ALA D 533 20.81 76.98 0.62
N ALA D 534 21.37 75.95 1.27
CA ALA D 534 22.64 76.06 2.02
C ALA D 534 23.81 76.27 1.04
N LYS D 535 23.59 76.09 -0.28
CA LYS D 535 24.61 76.29 -1.32
C LYS D 535 25.77 75.31 -1.08
N HIS D 536 25.47 74.11 -0.56
CA HIS D 536 26.49 73.08 -0.27
C HIS D 536 27.20 72.71 -1.58
N GLU D 537 28.53 72.72 -1.57
CA GLU D 537 29.35 72.42 -2.77
C GLU D 537 29.93 71.01 -2.70
N GLY D 538 29.86 70.34 -1.55
CA GLY D 538 30.32 68.96 -1.34
C GLY D 538 29.28 67.92 -1.74
N PRO D 539 29.57 66.60 -1.67
CA PRO D 539 28.57 65.55 -1.89
C PRO D 539 27.37 65.69 -0.94
N LEU D 540 26.16 65.44 -1.43
CA LEU D 540 24.93 65.38 -0.60
C LEU D 540 25.14 64.43 0.60
N HIS D 541 25.89 63.33 0.43
CA HIS D 541 26.10 62.35 1.54
C HIS D 541 26.70 63.06 2.76
N LYS D 542 27.57 64.05 2.53
CA LYS D 542 28.25 64.85 3.58
C LYS D 542 27.75 66.29 3.53
N CYS D 543 26.52 66.52 3.06
CA CYS D 543 25.91 67.87 3.05
C CYS D 543 25.50 68.24 4.49
N ASP D 544 25.94 69.41 4.95
CA ASP D 544 25.53 69.91 6.30
C ASP D 544 24.64 71.13 6.13
N ILE D 545 23.35 70.98 6.41
CA ILE D 545 22.34 72.08 6.24
C ILE D 545 22.37 72.98 7.47
N SER D 546 23.27 72.77 8.44
CA SER D 546 23.43 73.67 9.61
C SER D 546 23.89 75.06 9.14
N ASN D 547 23.54 76.13 9.86
CA ASN D 547 23.89 77.54 9.50
C ASN D 547 23.23 77.95 8.18
N SER D 548 22.08 77.39 7.82
CA SER D 548 21.33 77.71 6.58
C SER D 548 19.93 78.23 6.96
N THR D 549 19.83 79.53 7.19
CA THR D 549 18.54 80.21 7.53
C THR D 549 17.52 80.00 6.38
N GLU D 550 17.96 80.23 5.14
CA GLU D 550 17.15 80.09 3.91
C GLU D 550 16.58 78.66 3.83
N ALA D 551 17.43 77.66 4.06
CA ALA D 551 17.01 76.24 4.07
C ALA D 551 15.96 76.06 5.17
N GLY D 552 16.22 76.60 6.38
CA GLY D 552 15.24 76.60 7.49
C GLY D 552 13.91 77.19 7.06
N GLN D 553 13.95 78.29 6.31
CA GLN D 553 12.72 78.95 5.76
C GLN D 553 11.91 77.94 4.93
N LYS D 554 12.56 77.28 3.99
CA LYS D 554 11.91 76.29 3.08
C LYS D 554 11.25 75.21 3.97
N LEU D 555 12.05 74.61 4.85
CA LEU D 555 11.58 73.56 5.79
C LEU D 555 10.39 74.13 6.58
N PHE D 556 10.57 75.33 7.14
CA PHE D 556 9.55 76.02 7.96
C PHE D 556 8.25 76.21 7.14
N ASN D 557 8.37 76.62 5.88
CA ASN D 557 7.20 76.84 4.98
C ASN D 557 6.27 75.63 5.12
N MET D 558 6.79 74.42 4.94
CA MET D 558 5.97 73.21 5.13
C MET D 558 5.73 72.98 6.64
N LEU D 559 6.72 73.27 7.49
CA LEU D 559 6.58 73.05 8.94
C LEU D 559 5.33 73.74 9.49
N ARG D 560 5.25 75.06 9.28
CA ARG D 560 4.11 75.89 9.79
C ARG D 560 2.82 75.49 9.07
N LEU D 561 2.92 75.04 7.82
CA LEU D 561 1.74 74.66 7.00
C LEU D 561 0.91 73.62 7.75
N GLY D 562 1.54 72.60 8.35
CA GLY D 562 0.88 71.47 9.02
C GLY D 562 0.03 70.68 8.02
N LYS D 563 -1.19 70.31 8.39
CA LYS D 563 -2.14 69.57 7.51
C LYS D 563 -3.13 70.54 6.86
N SER D 564 -3.01 71.84 7.07
CA SER D 564 -3.90 72.83 6.42
C SER D 564 -3.89 72.69 4.89
N GLU D 565 -2.75 72.41 4.28
CA GLU D 565 -2.62 72.28 2.80
C GLU D 565 -2.23 70.85 2.43
N PRO D 566 -2.40 70.44 1.14
CA PRO D 566 -1.98 69.09 0.70
C PRO D 566 -0.48 68.80 0.85
N TRP D 567 -0.12 67.53 1.07
CA TRP D 567 1.28 67.11 1.22
C TRP D 567 2.06 67.46 -0.05
N THR D 568 1.43 67.32 -1.22
CA THR D 568 2.09 67.64 -2.52
C THR D 568 2.50 69.12 -2.50
N LEU D 569 1.59 69.99 -2.06
CA LEU D 569 1.89 71.45 -1.92
C LEU D 569 3.00 71.65 -0.86
N ALA D 570 2.92 70.94 0.26
CA ALA D 570 3.96 70.98 1.32
C ALA D 570 5.33 70.56 0.74
N LEU D 571 5.35 69.55 -0.14
CA LEU D 571 6.60 69.16 -0.85
C LEU D 571 7.15 70.38 -1.62
N GLU D 572 6.27 71.06 -2.36
CA GLU D 572 6.64 72.31 -3.04
C GLU D 572 7.12 73.37 -2.02
N ASN D 573 6.53 73.41 -0.83
CA ASN D 573 6.95 74.34 0.26
C ASN D 573 8.45 74.21 0.54
N VAL D 574 9.01 72.99 0.48
CA VAL D 574 10.45 72.76 0.80
C VAL D 574 11.16 72.31 -0.48
N VAL D 575 10.90 71.08 -0.92
CA VAL D 575 11.56 70.41 -2.07
C VAL D 575 11.16 71.15 -3.34
N GLY D 576 10.00 71.80 -3.35
CA GLY D 576 9.52 72.51 -4.56
C GLY D 576 8.96 71.53 -5.58
N ALA D 577 8.48 70.34 -5.16
CA ALA D 577 7.88 69.35 -6.09
C ALA D 577 6.48 68.99 -5.58
N LYS D 578 5.78 68.10 -6.29
CA LYS D 578 4.44 67.61 -5.89
C LYS D 578 4.55 66.14 -5.46
N ASN D 579 5.03 65.25 -6.35
CA ASN D 579 5.21 63.81 -6.03
C ASN D 579 6.64 63.58 -5.53
N MET D 580 6.83 62.48 -4.81
CA MET D 580 8.12 62.03 -4.24
C MET D 580 9.06 61.64 -5.38
N ASN D 581 10.35 61.97 -5.29
CA ASN D 581 11.38 61.62 -6.31
C ASN D 581 12.52 60.94 -5.60
N VAL D 582 12.98 59.79 -6.12
CA VAL D 582 14.11 59.07 -5.46
C VAL D 582 15.48 59.57 -5.96
N ARG D 583 15.50 60.42 -6.98
CA ARG D 583 16.77 61.01 -7.53
C ARG D 583 17.68 61.52 -6.41
N PRO D 584 17.23 62.41 -5.49
CA PRO D 584 18.06 62.83 -4.35
C PRO D 584 18.64 61.68 -3.51
N LEU D 585 17.84 60.64 -3.22
CA LEU D 585 18.34 59.44 -2.50
C LEU D 585 19.52 58.86 -3.32
N LEU D 586 19.33 58.64 -4.62
CA LEU D 586 20.38 58.09 -5.51
C LEU D 586 21.61 59.01 -5.47
N ASN D 587 21.37 60.31 -5.59
CA ASN D 587 22.48 61.32 -5.53
C ASN D 587 23.28 61.17 -4.23
N TYR D 588 22.60 61.01 -3.11
CA TYR D 588 23.25 60.85 -1.77
C TYR D 588 24.17 59.62 -1.80
N PHE D 589 23.73 58.51 -2.41
CA PHE D 589 24.52 57.24 -2.43
C PHE D 589 25.36 57.12 -3.71
N GLU D 590 25.39 58.16 -4.54
CA GLU D 590 26.15 58.13 -5.84
C GLU D 590 27.63 57.74 -5.66
N PRO D 591 28.38 58.35 -4.72
CA PRO D 591 29.76 57.92 -4.42
C PRO D 591 29.87 56.44 -4.10
N LEU D 592 29.01 55.99 -3.18
CA LEU D 592 28.96 54.56 -2.79
C LEU D 592 28.64 53.72 -4.03
N PHE D 593 27.67 54.19 -4.83
CA PHE D 593 27.20 53.45 -6.01
C PHE D 593 28.39 53.14 -6.93
N THR D 594 29.15 54.18 -7.25
CA THR D 594 30.36 54.05 -8.11
C THR D 594 31.29 52.97 -7.51
N TRP D 595 31.60 53.10 -6.22
CA TRP D 595 32.44 52.12 -5.49
C TRP D 595 31.83 50.71 -5.62
N LEU D 596 30.53 50.58 -5.34
CA LEU D 596 29.84 49.26 -5.40
C LEU D 596 30.00 48.66 -6.79
N LYS D 597 29.71 49.44 -7.82
CA LYS D 597 29.82 48.95 -9.23
C LYS D 597 31.28 48.47 -9.45
N ASP D 598 32.27 49.25 -8.96
CA ASP D 598 33.72 48.88 -9.02
C ASP D 598 33.94 47.53 -8.33
N GLN D 599 33.43 47.35 -7.12
CA GLN D 599 33.59 46.09 -6.36
C GLN D 599 32.83 44.96 -7.07
N ASN D 600 31.73 45.25 -7.74
CA ASN D 600 30.90 44.21 -8.39
C ASN D 600 31.28 44.09 -9.88
N LYS D 601 32.42 44.66 -10.30
CA LYS D 601 32.90 44.53 -11.70
C LYS D 601 33.14 43.05 -12.03
N ASN D 602 33.91 42.35 -11.19
CA ASN D 602 34.18 40.89 -11.34
C ASN D 602 32.94 40.06 -10.98
N SER D 603 32.22 40.37 -9.90
CA SER D 603 31.10 39.54 -9.39
C SER D 603 29.88 39.68 -10.31
N PHE D 604 29.00 38.68 -10.29
CA PHE D 604 27.65 38.72 -10.90
C PHE D 604 26.76 39.67 -10.09
N VAL D 605 26.11 40.61 -10.75
CA VAL D 605 25.15 41.55 -10.12
C VAL D 605 23.76 41.06 -10.53
N GLY D 606 22.89 40.76 -9.56
CA GLY D 606 21.58 40.16 -9.79
C GLY D 606 21.31 39.05 -8.81
N TRP D 607 20.41 38.15 -9.17
CA TRP D 607 20.11 36.95 -8.36
C TRP D 607 19.22 36.02 -9.16
N SER D 608 19.23 34.73 -8.81
CA SER D 608 18.37 33.73 -9.47
C SER D 608 17.19 33.45 -8.54
N THR D 609 15.98 33.71 -9.05
CA THR D 609 14.72 33.41 -8.34
C THR D 609 14.51 31.90 -8.26
N ASP D 610 15.40 31.08 -8.82
CA ASP D 610 15.29 29.60 -8.81
C ASP D 610 16.19 29.00 -7.74
N TRP D 611 17.26 29.70 -7.34
CA TRP D 611 18.20 29.15 -6.32
C TRP D 611 17.46 28.99 -4.99
N SER D 612 17.66 27.84 -4.34
CA SER D 612 17.15 27.60 -2.98
C SER D 612 18.24 26.96 -2.13
N PRO D 613 18.37 27.31 -0.83
CA PRO D 613 19.33 26.65 0.05
C PRO D 613 19.07 25.15 0.26
N TYR D 614 17.89 24.66 -0.09
CA TYR D 614 17.48 23.25 0.12
C TYR D 614 17.31 22.51 -1.21
N ALA D 615 17.41 23.17 -2.36
CA ALA D 615 17.25 22.54 -3.69
C ALA D 615 18.24 21.39 -3.90
N ASP D 616 19.46 21.50 -3.39
CA ASP D 616 20.52 20.46 -3.61
C ASP D 616 20.03 19.10 -3.14
N GLN D 617 19.48 18.98 -1.95
CA GLN D 617 19.04 17.66 -1.40
C GLN D 617 17.55 17.41 -1.72
N SER D 618 16.94 18.23 -2.56
CA SER D 618 15.51 18.09 -2.88
C SER D 618 15.34 16.98 -3.94
N ILE D 619 14.49 15.97 -3.69
CA ILE D 619 14.21 14.89 -4.67
C ILE D 619 12.83 15.20 -5.30
N LYS D 620 12.82 15.47 -6.60
CA LYS D 620 11.56 15.65 -7.39
C LYS D 620 10.86 14.27 -7.52
N VAL D 621 9.55 14.26 -7.34
CA VAL D 621 8.71 13.05 -7.29
C VAL D 621 7.43 13.29 -8.09
N ARG D 622 7.33 12.67 -9.28
CA ARG D 622 6.09 12.75 -10.12
C ARG D 622 5.18 11.55 -9.84
N ILE D 623 3.90 11.82 -9.58
CA ILE D 623 2.90 10.76 -9.25
C ILE D 623 1.99 10.72 -10.48
N SER D 624 1.89 9.56 -11.12
CA SER D 624 1.01 9.32 -12.30
C SER D 624 -0.15 8.41 -11.89
N LEU D 625 -1.39 8.86 -12.08
CA LEU D 625 -2.60 8.08 -11.63
C LEU D 625 -3.40 7.58 -12.82
N LYS D 626 -3.80 8.49 -13.69
CA LYS D 626 -4.52 8.12 -14.95
C LYS D 626 -3.68 7.13 -15.79
N SER D 627 -2.35 7.27 -15.81
CA SER D 627 -1.46 6.29 -16.50
C SER D 627 -1.59 4.90 -15.89
N ALA D 628 -1.59 4.80 -14.56
CA ALA D 628 -1.59 3.50 -13.84
C ALA D 628 -3.03 3.13 -13.43
N LEU D 629 -3.59 3.88 -12.51
CA LEU D 629 -4.94 3.60 -11.95
C LEU D 629 -5.97 3.84 -13.04
N GLY D 630 -5.81 4.89 -13.87
CA GLY D 630 -6.77 5.20 -14.94
C GLY D 630 -8.18 5.40 -14.39
N ASP D 631 -9.10 4.51 -14.71
CA ASP D 631 -10.47 4.56 -14.14
C ASP D 631 -10.40 4.22 -12.65
N LYS D 632 -11.21 4.86 -11.82
CA LYS D 632 -11.19 4.68 -10.34
C LYS D 632 -9.82 5.14 -9.78
N ALA D 633 -9.15 6.10 -10.42
CA ALA D 633 -7.91 6.71 -9.90
C ALA D 633 -8.26 7.68 -8.76
N TYR D 634 -7.74 7.45 -7.55
CA TYR D 634 -7.95 8.33 -6.37
C TYR D 634 -7.40 9.73 -6.70
N GLU D 635 -8.09 10.78 -6.27
CA GLU D 635 -7.61 12.18 -6.40
C GLU D 635 -6.51 12.45 -5.35
N TRP D 636 -5.39 13.02 -5.76
CA TRP D 636 -4.28 13.40 -4.83
C TRP D 636 -4.72 14.66 -4.10
N ASN D 637 -4.98 14.61 -2.79
CA ASN D 637 -5.36 15.78 -1.94
C ASN D 637 -4.27 15.93 -0.87
N ASP D 638 -4.48 16.84 0.08
CA ASP D 638 -3.58 17.04 1.25
C ASP D 638 -3.43 15.74 2.05
N ASN D 639 -4.50 14.96 2.18
CA ASN D 639 -4.42 13.67 2.91
C ASN D 639 -3.48 12.70 2.14
N GLU D 640 -3.56 12.70 0.82
CA GLU D 640 -2.66 11.89 -0.05
C GLU D 640 -1.22 12.33 0.21
N MET D 641 -1.04 13.63 0.22
CA MET D 641 0.29 14.22 0.53
C MET D 641 0.73 13.84 1.98
N TYR D 642 -0.18 13.89 2.94
CA TYR D 642 0.05 13.44 4.33
C TYR D 642 0.56 12.00 4.36
N LEU D 643 -0.16 11.13 3.64
CA LEU D 643 0.25 9.70 3.51
C LEU D 643 1.67 9.60 2.92
N PHE D 644 1.95 10.43 1.90
CA PHE D 644 3.27 10.36 1.24
C PHE D 644 4.38 10.72 2.26
N ARG D 645 4.24 11.85 2.94
CA ARG D 645 5.31 12.27 3.90
C ARG D 645 5.45 11.15 4.94
N SER D 646 4.33 10.69 5.49
CA SER D 646 4.35 9.56 6.47
C SER D 646 5.12 8.36 5.88
N SER D 647 4.82 7.97 4.65
CA SER D 647 5.53 6.86 3.91
C SER D 647 7.04 7.11 3.82
N VAL D 648 7.43 8.34 3.48
CA VAL D 648 8.87 8.71 3.40
C VAL D 648 9.50 8.59 4.78
N ALA D 649 8.83 9.12 5.81
CA ALA D 649 9.32 9.04 7.21
C ALA D 649 9.55 7.57 7.57
N TYR D 650 8.56 6.73 7.24
CA TYR D 650 8.65 5.26 7.48
C TYR D 650 9.93 4.70 6.84
N ALA D 651 10.13 5.01 5.57
CA ALA D 651 11.33 4.53 4.84
C ALA D 651 12.63 5.01 5.50
N MET D 652 12.69 6.29 5.86
CA MET D 652 13.90 6.90 6.51
C MET D 652 14.17 6.11 7.81
N ARG D 653 13.14 5.93 8.63
CA ARG D 653 13.29 5.19 9.91
C ARG D 653 13.89 3.78 9.63
N GLN D 654 13.27 3.03 8.71
CA GLN D 654 13.71 1.65 8.35
C GLN D 654 15.17 1.71 7.91
N TYR D 655 15.45 2.59 6.96
CA TYR D 655 16.81 2.69 6.37
C TYR D 655 17.83 2.91 7.49
N PHE D 656 17.58 3.88 8.37
CA PHE D 656 18.52 4.23 9.46
C PHE D 656 18.63 3.04 10.43
N LEU D 657 17.51 2.52 10.88
CA LEU D 657 17.54 1.38 11.87
C LEU D 657 18.21 0.14 11.25
N LYS D 658 18.24 -0.04 9.93
CA LYS D 658 18.81 -1.26 9.30
C LYS D 658 20.24 -0.97 8.83
N VAL D 659 20.41 -0.06 7.87
CA VAL D 659 21.73 0.17 7.23
C VAL D 659 22.69 0.74 8.30
N LYS D 660 22.28 1.79 9.00
CA LYS D 660 23.12 2.45 10.03
C LYS D 660 22.75 1.92 11.42
N ASN D 661 21.78 1.01 11.53
CA ASN D 661 21.37 0.45 12.85
C ASN D 661 21.00 1.59 13.80
N GLN D 662 20.34 2.63 13.30
CA GLN D 662 19.95 3.83 14.08
C GLN D 662 18.42 3.97 14.03
N MET D 663 17.78 3.69 15.16
CA MET D 663 16.33 3.91 15.28
C MET D 663 16.04 5.43 15.43
N ILE D 664 15.99 6.17 14.33
CA ILE D 664 15.71 7.63 14.28
C ILE D 664 14.20 7.82 14.09
N LEU D 665 13.55 8.64 14.91
CA LEU D 665 12.07 8.83 14.84
C LEU D 665 11.71 9.85 13.76
N PHE D 666 11.97 9.52 12.49
CA PHE D 666 11.64 10.41 11.34
C PHE D 666 10.12 10.63 11.33
N GLY D 667 9.70 11.87 11.04
CA GLY D 667 8.26 12.19 10.99
C GLY D 667 7.89 12.93 9.71
N GLU D 668 6.64 12.83 9.28
CA GLU D 668 6.18 13.50 8.00
C GLU D 668 6.61 14.98 8.01
N GLU D 669 6.58 15.63 9.19
CA GLU D 669 7.03 17.03 9.36
C GLU D 669 8.51 17.21 8.96
N ASP D 670 9.35 16.20 9.21
CA ASP D 670 10.76 16.22 8.72
C ASP D 670 10.81 16.16 7.18
N VAL D 671 9.73 15.66 6.56
CA VAL D 671 9.62 15.56 5.08
C VAL D 671 9.19 16.95 4.58
N ARG D 672 10.17 17.73 4.10
CA ARG D 672 9.94 19.14 3.66
C ARG D 672 9.63 19.14 2.17
N VAL D 673 8.37 18.93 1.83
CA VAL D 673 7.88 18.90 0.39
C VAL D 673 7.82 20.34 -0.15
N ALA D 674 7.99 20.58 -1.43
CA ALA D 674 8.01 21.91 -2.11
C ALA D 674 7.67 21.83 -3.60
N ASN D 675 7.29 22.95 -4.22
CA ASN D 675 6.97 23.09 -5.67
C ASN D 675 5.89 22.06 -6.09
N LEU D 676 4.77 22.06 -5.39
CA LEU D 676 3.66 21.12 -5.70
C LEU D 676 2.97 21.57 -7.01
N LYS D 677 2.72 20.67 -7.96
CA LYS D 677 2.14 21.01 -9.28
C LYS D 677 0.94 20.11 -9.57
N PRO D 678 0.00 20.55 -10.44
CA PRO D 678 -1.16 19.73 -10.80
C PRO D 678 -0.80 18.40 -11.47
N ARG D 679 0.39 18.31 -12.09
CA ARG D 679 0.97 17.00 -12.54
C ARG D 679 1.23 16.06 -11.35
N ILE D 680 1.03 16.51 -10.12
CA ILE D 680 1.41 15.77 -8.90
C ILE D 680 2.94 15.59 -8.97
N SER D 681 3.66 16.63 -9.42
CA SER D 681 5.13 16.70 -9.21
C SER D 681 5.43 17.63 -8.01
N PHE D 682 6.40 17.25 -7.18
CA PHE D 682 6.93 18.07 -6.07
C PHE D 682 8.36 17.66 -5.77
N ASN D 683 9.06 18.49 -5.02
CA ASN D 683 10.47 18.25 -4.56
C ASN D 683 10.40 18.09 -3.05
N PHE D 684 11.07 17.06 -2.48
CA PHE D 684 11.05 16.90 -0.99
C PHE D 684 12.50 16.65 -0.55
N PHE D 685 12.86 17.15 0.65
CA PHE D 685 14.15 16.88 1.34
C PHE D 685 13.84 16.51 2.81
N VAL D 686 14.28 15.33 3.22
CA VAL D 686 14.14 14.81 4.62
C VAL D 686 15.12 15.60 5.49
N THR D 687 14.70 15.89 6.71
CA THR D 687 15.58 16.55 7.73
C THR D 687 15.58 15.73 9.02
N ALA D 688 16.43 16.10 9.97
CA ALA D 688 16.47 15.50 11.33
C ALA D 688 15.11 15.70 12.02
N PRO D 689 14.66 14.72 12.84
CA PRO D 689 13.43 14.80 13.62
C PRO D 689 13.21 16.13 14.35
N LYS D 690 14.24 16.69 14.98
CA LYS D 690 14.09 18.00 15.70
C LYS D 690 15.22 18.97 15.35
N ASN D 691 15.86 18.86 14.19
CA ASN D 691 16.97 19.77 13.78
C ASN D 691 16.76 20.15 12.31
N VAL D 692 16.12 21.30 12.08
CA VAL D 692 15.92 21.85 10.71
C VAL D 692 17.27 22.04 10.01
N SER D 693 18.28 22.43 10.74
CA SER D 693 19.67 22.59 10.21
C SER D 693 20.20 21.25 9.69
N ASP D 694 19.89 20.12 10.33
CA ASP D 694 20.34 18.79 9.87
C ASP D 694 19.39 18.30 8.76
N ILE D 695 19.75 18.45 7.49
CA ILE D 695 18.95 17.96 6.33
C ILE D 695 19.64 16.68 5.83
N ILE D 696 18.88 15.58 5.75
CA ILE D 696 19.44 14.24 5.38
C ILE D 696 19.91 14.33 3.93
N PRO D 697 21.18 13.93 3.59
CA PRO D 697 21.68 14.00 2.21
C PRO D 697 20.89 13.17 1.19
N ARG D 698 20.73 13.69 -0.03
CA ARG D 698 19.96 13.00 -1.13
C ARG D 698 20.41 11.52 -1.27
N THR D 699 21.72 11.26 -1.24
CA THR D 699 22.29 9.87 -1.36
C THR D 699 21.62 8.92 -0.37
N GLU D 700 21.66 9.26 0.90
CA GLU D 700 21.11 8.40 2.01
C GLU D 700 19.60 8.28 1.79
N VAL D 701 18.94 9.37 1.40
CA VAL D 701 17.47 9.41 1.20
C VAL D 701 17.13 8.46 0.06
N GLU D 702 17.90 8.53 -1.04
CA GLU D 702 17.69 7.64 -2.22
C GLU D 702 17.80 6.17 -1.80
N LYS D 703 18.77 5.84 -0.95
CA LYS D 703 18.95 4.47 -0.38
C LYS D 703 17.68 4.05 0.38
N ALA D 704 17.18 4.91 1.25
CA ALA D 704 15.92 4.67 1.99
C ALA D 704 14.79 4.45 0.98
N ILE D 705 14.70 5.31 -0.05
CA ILE D 705 13.60 5.28 -1.04
C ILE D 705 13.62 3.89 -1.68
N ARG D 706 14.79 3.52 -2.22
CA ARG D 706 14.97 2.23 -2.94
C ARG D 706 14.58 1.09 -2.00
N MET D 707 15.07 1.11 -0.77
CA MET D 707 14.76 0.05 0.23
C MET D 707 13.23 -0.17 0.33
N SER D 708 12.43 0.89 0.41
CA SER D 708 10.96 0.79 0.63
C SER D 708 10.15 1.19 -0.60
N ARG D 709 10.79 1.29 -1.80
CA ARG D 709 10.11 1.78 -3.02
C ARG D 709 8.82 0.97 -3.28
N SER D 710 8.95 -0.37 -3.21
CA SER D 710 7.82 -1.34 -3.33
C SER D 710 6.68 -0.95 -2.41
N ARG D 711 7.03 -0.80 -1.11
CA ARG D 711 6.06 -0.49 -0.02
C ARG D 711 5.40 0.85 -0.30
N ILE D 712 6.20 1.83 -0.73
CA ILE D 712 5.67 3.18 -1.06
C ILE D 712 4.65 3.03 -2.20
N ASN D 713 5.02 2.27 -3.25
CA ASN D 713 4.12 2.01 -4.42
C ASN D 713 2.83 1.39 -3.90
N ASP D 714 2.98 0.39 -3.01
CA ASP D 714 1.81 -0.30 -2.41
C ASP D 714 0.89 0.73 -1.73
N ALA D 715 1.45 1.63 -0.94
CA ALA D 715 0.68 2.64 -0.19
C ALA D 715 -0.21 3.47 -1.16
N PHE D 716 0.28 3.80 -2.36
CA PHE D 716 -0.48 4.61 -3.36
C PHE D 716 -1.02 3.75 -4.50
N ARG D 717 -0.97 2.42 -4.37
CA ARG D 717 -1.36 1.48 -5.46
C ARG D 717 -0.69 1.88 -6.77
N LEU D 718 0.52 2.41 -6.71
CA LEU D 718 1.24 2.92 -7.89
C LEU D 718 2.39 1.95 -8.16
N ASN D 719 3.34 2.34 -9.00
CA ASN D 719 4.48 1.50 -9.44
C ASN D 719 5.64 2.44 -9.78
N ASP D 720 6.80 1.87 -10.09
CA ASP D 720 8.03 2.68 -10.35
C ASP D 720 7.75 3.61 -11.55
N ASN D 721 7.10 3.10 -12.58
CA ASN D 721 6.74 3.90 -13.79
C ASN D 721 5.78 5.04 -13.38
N SER D 722 4.72 4.75 -12.64
CA SER D 722 3.72 5.78 -12.24
C SER D 722 4.31 6.69 -11.15
N LEU D 723 4.90 6.09 -10.12
CA LEU D 723 5.55 6.80 -9.00
C LEU D 723 7.01 7.05 -9.40
N GLU D 724 7.26 8.17 -10.09
CA GLU D 724 8.63 8.47 -10.58
C GLU D 724 9.38 9.27 -9.48
N PHE D 725 10.33 8.64 -8.81
CA PHE D 725 11.30 9.33 -7.92
C PHE D 725 12.48 9.76 -8.78
N LEU D 726 12.38 10.92 -9.45
CA LEU D 726 13.41 11.37 -10.43
C LEU D 726 14.80 11.20 -9.79
N GLY D 727 15.74 10.58 -10.50
CA GLY D 727 17.07 10.20 -9.96
C GLY D 727 17.10 8.81 -9.34
N ILE D 728 16.08 8.39 -8.61
CA ILE D 728 15.99 7.01 -8.05
C ILE D 728 15.55 6.15 -9.23
N GLN D 729 16.45 5.37 -9.80
CA GLN D 729 16.20 4.57 -11.02
C GLN D 729 15.77 3.17 -10.61
N PRO D 730 14.55 2.71 -11.01
CA PRO D 730 14.12 1.33 -10.72
C PRO D 730 14.92 0.32 -11.53
N THR D 731 15.20 -0.84 -10.95
CA THR D 731 16.03 -1.93 -11.57
C THR D 731 15.29 -3.26 -11.48
N SER D 741 15.77 -27.00 -22.96
CA SER D 741 15.22 -25.82 -23.66
C SER D 741 13.89 -26.18 -24.33
N ILE D 742 12.87 -25.36 -24.13
CA ILE D 742 11.52 -25.52 -24.78
C ILE D 742 11.69 -25.81 -26.29
N TRP D 743 12.42 -24.95 -27.00
CA TRP D 743 12.61 -25.12 -28.47
C TRP D 743 13.32 -26.46 -28.71
N LEU D 744 14.38 -26.73 -27.92
CA LEU D 744 15.16 -27.99 -28.05
C LEU D 744 14.23 -29.21 -27.81
N ILE D 745 13.47 -29.18 -26.72
CA ILE D 745 12.63 -30.36 -26.33
C ILE D 745 11.55 -30.55 -27.41
N VAL D 746 10.94 -29.47 -27.88
CA VAL D 746 9.92 -29.57 -28.96
C VAL D 746 10.60 -30.11 -30.22
N PHE D 747 11.76 -29.52 -30.58
CA PHE D 747 12.60 -30.00 -31.71
C PHE D 747 12.84 -31.50 -31.59
N GLY D 748 13.34 -31.95 -30.45
CA GLY D 748 13.61 -33.38 -30.15
C GLY D 748 12.38 -34.24 -30.43
N VAL D 749 11.25 -33.87 -29.84
CA VAL D 749 9.95 -34.59 -29.99
C VAL D 749 9.64 -34.69 -31.49
N VAL D 750 9.66 -33.56 -32.19
CA VAL D 750 9.32 -33.47 -33.64
C VAL D 750 10.28 -34.41 -34.39
N MET D 751 11.59 -34.22 -34.21
CA MET D 751 12.63 -35.07 -34.86
C MET D 751 12.27 -36.54 -34.64
N GLY D 752 12.07 -36.94 -33.37
CA GLY D 752 11.78 -38.33 -32.98
C GLY D 752 10.64 -38.88 -33.79
N VAL D 753 9.49 -38.20 -33.76
CA VAL D 753 8.25 -38.67 -34.45
C VAL D 753 8.54 -38.71 -35.96
N ILE D 754 9.25 -37.71 -36.51
CA ILE D 754 9.56 -37.64 -37.97
C ILE D 754 10.45 -38.85 -38.34
N VAL D 755 11.55 -39.04 -37.62
CA VAL D 755 12.52 -40.14 -37.91
C VAL D 755 11.80 -41.48 -37.72
N VAL D 756 11.00 -41.60 -36.65
CA VAL D 756 10.19 -42.83 -36.39
C VAL D 756 9.27 -43.07 -37.60
N GLY D 757 8.57 -42.02 -38.05
CA GLY D 757 7.73 -42.06 -39.26
C GLY D 757 8.53 -42.58 -40.44
N ILE D 758 9.69 -41.99 -40.69
CA ILE D 758 10.62 -42.38 -41.79
C ILE D 758 10.94 -43.87 -41.65
N VAL D 759 11.35 -44.28 -40.45
CA VAL D 759 11.75 -45.70 -40.16
C VAL D 759 10.54 -46.59 -40.47
N ILE D 760 9.37 -46.26 -39.94
CA ILE D 760 8.11 -47.02 -40.18
C ILE D 760 7.88 -47.08 -41.71
N LEU D 761 7.97 -45.92 -42.38
CA LEU D 761 7.69 -45.82 -43.83
C LEU D 761 8.65 -46.73 -44.62
N ILE D 762 9.95 -46.61 -44.39
CA ILE D 762 10.97 -47.46 -45.10
C ILE D 762 10.67 -48.94 -44.77
N PHE D 763 10.40 -49.26 -43.50
CA PHE D 763 10.05 -50.64 -43.07
C PHE D 763 8.77 -51.09 -43.76
N THR D 764 7.77 -50.19 -43.88
CA THR D 764 6.50 -50.48 -44.59
C THR D 764 6.80 -50.94 -46.02
N GLY D 765 7.72 -50.27 -46.70
CA GLY D 765 8.18 -50.62 -48.07
C GLY D 765 8.82 -51.99 -48.08
N ILE D 766 9.64 -52.26 -47.07
CA ILE D 766 10.30 -53.58 -46.89
C ILE D 766 9.19 -54.62 -46.74
N ARG D 767 8.17 -54.29 -45.91
CA ARG D 767 6.97 -55.15 -45.70
C ARG D 767 6.28 -55.41 -47.04
N ASP D 768 6.16 -54.38 -47.90
CA ASP D 768 5.54 -54.53 -49.25
C ASP D 768 6.41 -55.47 -50.11
N ARG D 769 5.96 -56.72 -50.27
CA ARG D 769 6.64 -57.76 -51.07
C ARG D 769 5.58 -58.58 -51.78
#